data_2LUC
#
_entry.id   2LUC
#
_entity_poly.entity_id   1
_entity_poly.type   'polypeptide(L)'
_entity_poly.pdbx_seq_one_letter_code
;MAKISSPTETERCIESLIAVFQKYAGKDGYNYTLSKTEFLSFMNTELAAFTKNQKDPGVLDRMMKKLDTNSDGQLDFSEF
LNLIGGLAMACHDSFLKAVPSQKRT
;
_entity_poly.pdbx_strand_id   A,B
#
# COMPACT_ATOMS: atom_id res chain seq x y z
N MET A 1 7.11 21.22 18.28
CA MET A 1 6.38 19.96 18.04
C MET A 1 7.09 19.10 17.01
N ALA A 2 7.76 18.05 17.47
CA ALA A 2 8.50 17.17 16.59
C ALA A 2 7.59 16.10 16.02
N LYS A 3 6.67 15.61 16.84
CA LYS A 3 5.76 14.55 16.44
C LYS A 3 4.49 15.13 15.83
N ILE A 4 4.63 15.73 14.65
CA ILE A 4 3.49 16.30 13.94
C ILE A 4 2.77 15.23 13.14
N SER A 5 3.47 14.16 12.83
CA SER A 5 2.90 13.06 12.09
C SER A 5 2.65 11.87 13.01
N SER A 6 1.41 11.74 13.46
CA SER A 6 1.00 10.57 14.23
C SER A 6 1.25 9.29 13.43
N PRO A 7 0.83 9.23 12.13
CA PRO A 7 1.21 8.14 11.25
C PRO A 7 2.54 8.41 10.58
N THR A 8 3.25 7.36 10.23
CA THR A 8 4.48 7.50 9.49
C THR A 8 4.18 7.52 8.01
N GLU A 9 5.21 7.53 7.19
CA GLU A 9 5.03 7.60 5.75
C GLU A 9 4.28 6.38 5.21
N THR A 10 4.51 5.22 5.82
CA THR A 10 3.81 4.01 5.42
C THR A 10 2.41 3.99 6.02
N GLU A 11 2.28 4.46 7.23
CA GLU A 11 1.00 4.45 7.90
C GLU A 11 0.06 5.46 7.24
N ARG A 12 0.59 6.61 6.88
CA ARG A 12 -0.19 7.61 6.19
C ARG A 12 -0.51 7.13 4.79
N CYS A 13 0.37 6.31 4.23
CA CYS A 13 0.14 5.69 2.93
C CYS A 13 -1.08 4.80 3.04
N ILE A 14 -1.12 4.11 4.15
CA ILE A 14 -2.15 3.15 4.44
C ILE A 14 -3.50 3.82 4.67
N GLU A 15 -3.47 4.98 5.32
CA GLU A 15 -4.69 5.71 5.58
C GLU A 15 -5.11 6.43 4.33
N SER A 16 -4.14 6.67 3.45
CA SER A 16 -4.42 7.21 2.14
C SER A 16 -5.24 6.20 1.35
N LEU A 17 -4.82 4.95 1.41
CA LEU A 17 -5.54 3.88 0.76
C LEU A 17 -6.93 3.75 1.36
N ILE A 18 -7.03 3.97 2.66
CA ILE A 18 -8.31 4.01 3.33
C ILE A 18 -9.19 5.11 2.73
N ALA A 19 -8.60 6.30 2.62
CA ALA A 19 -9.30 7.46 2.10
C ALA A 19 -9.78 7.21 0.67
N VAL A 20 -8.87 6.84 -0.21
CA VAL A 20 -9.20 6.68 -1.62
C VAL A 20 -10.09 5.47 -1.84
N PHE A 21 -9.80 4.39 -1.13
CA PHE A 21 -10.59 3.17 -1.27
C PHE A 21 -12.02 3.41 -0.82
N GLN A 22 -12.19 3.92 0.38
CA GLN A 22 -13.50 4.02 1.01
C GLN A 22 -14.34 5.13 0.41
N LYS A 23 -13.72 6.08 -0.31
CA LYS A 23 -14.48 7.11 -0.96
C LYS A 23 -15.09 6.61 -2.27
N TYR A 24 -14.34 5.78 -3.01
CA TYR A 24 -14.84 5.22 -4.27
C TYR A 24 -15.65 3.95 -4.02
N ALA A 25 -15.15 3.08 -3.17
CA ALA A 25 -15.87 1.86 -2.82
C ALA A 25 -17.14 2.22 -2.06
N GLY A 26 -17.11 3.37 -1.41
CA GLY A 26 -18.26 3.85 -0.68
C GLY A 26 -19.33 4.42 -1.58
N LYS A 27 -19.09 4.40 -2.89
CA LYS A 27 -20.07 4.86 -3.86
C LYS A 27 -21.06 3.75 -4.18
N ASP A 28 -20.58 2.51 -4.18
CA ASP A 28 -21.43 1.38 -4.53
C ASP A 28 -22.25 0.94 -3.33
N GLY A 29 -21.71 1.21 -2.14
CA GLY A 29 -22.44 0.99 -0.90
C GLY A 29 -22.73 -0.47 -0.58
N TYR A 30 -22.01 -1.38 -1.24
CA TYR A 30 -22.19 -2.81 -0.98
C TYR A 30 -21.61 -3.19 0.38
N ASN A 31 -20.33 -3.54 0.41
CA ASN A 31 -19.64 -3.88 1.65
C ASN A 31 -18.34 -3.11 1.71
N TYR A 32 -18.40 -1.86 1.26
CA TYR A 32 -17.20 -1.06 1.04
C TYR A 32 -16.26 -1.79 0.09
N THR A 33 -16.79 -2.07 -1.09
CA THR A 33 -16.06 -2.77 -2.13
C THR A 33 -16.08 -1.92 -3.38
N LEU A 34 -14.97 -1.86 -4.08
CA LEU A 34 -14.83 -0.98 -5.22
C LEU A 34 -15.36 -1.67 -6.46
N SER A 35 -16.55 -1.24 -6.85
CA SER A 35 -17.28 -1.86 -7.92
C SER A 35 -16.62 -1.54 -9.26
N LYS A 36 -17.05 -2.24 -10.31
CA LYS A 36 -16.43 -2.12 -11.62
C LYS A 36 -16.33 -0.67 -12.04
N THR A 37 -17.47 -0.01 -12.20
CA THR A 37 -17.50 1.38 -12.67
C THR A 37 -16.83 2.32 -11.67
N GLU A 38 -16.93 2.00 -10.40
CA GLU A 38 -16.31 2.81 -9.36
C GLU A 38 -14.80 2.72 -9.48
N PHE A 39 -14.34 1.55 -9.87
CA PHE A 39 -12.92 1.29 -10.04
C PHE A 39 -12.45 1.88 -11.34
N LEU A 40 -13.33 1.86 -12.33
CA LEU A 40 -13.05 2.47 -13.62
C LEU A 40 -12.81 3.96 -13.42
N SER A 41 -13.74 4.60 -12.74
CA SER A 41 -13.62 6.01 -12.40
C SER A 41 -12.40 6.22 -11.53
N PHE A 42 -12.24 5.35 -10.53
CA PHE A 42 -11.08 5.39 -9.63
C PHE A 42 -9.79 5.37 -10.43
N MET A 43 -9.58 4.34 -11.20
CA MET A 43 -8.33 4.18 -11.91
C MET A 43 -8.10 5.28 -12.94
N ASN A 44 -9.16 5.82 -13.54
CA ASN A 44 -8.97 6.89 -14.51
C ASN A 44 -8.70 8.23 -13.82
N THR A 45 -8.98 8.30 -12.53
CA THR A 45 -8.72 9.55 -11.78
C THR A 45 -7.50 9.41 -10.89
N GLU A 46 -7.61 8.49 -9.95
CA GLU A 46 -6.62 8.31 -8.91
C GLU A 46 -5.42 7.54 -9.45
N LEU A 47 -5.56 6.87 -10.57
CA LEU A 47 -4.45 6.13 -11.14
C LEU A 47 -4.31 6.40 -12.62
N ALA A 48 -4.74 7.58 -13.04
CA ALA A 48 -4.64 7.99 -14.42
C ALA A 48 -3.20 7.96 -14.90
N ALA A 49 -2.27 8.11 -13.97
CA ALA A 49 -0.84 8.00 -14.26
C ALA A 49 -0.53 6.65 -14.89
N PHE A 50 -1.14 5.61 -14.34
CA PHE A 50 -0.97 4.26 -14.83
C PHE A 50 -1.94 3.97 -15.97
N THR A 51 -3.20 4.26 -15.71
CA THR A 51 -4.30 3.95 -16.62
C THR A 51 -4.11 4.60 -17.99
N LYS A 52 -3.81 5.88 -18.00
CA LYS A 52 -3.70 6.62 -19.26
C LYS A 52 -2.37 6.32 -19.94
N ASN A 53 -1.44 5.76 -19.18
CA ASN A 53 -0.12 5.44 -19.69
C ASN A 53 -0.13 4.06 -20.33
N GLN A 54 -1.20 3.31 -20.08
CA GLN A 54 -1.33 1.97 -20.65
C GLN A 54 -1.66 2.07 -22.14
N LYS A 55 -2.94 2.28 -22.46
CA LYS A 55 -3.40 2.46 -23.84
C LYS A 55 -4.91 2.57 -23.90
N ASP A 56 -5.60 1.65 -23.24
CA ASP A 56 -7.06 1.61 -23.28
C ASP A 56 -7.61 1.17 -21.93
N PRO A 57 -8.81 1.66 -21.56
CA PRO A 57 -9.44 1.39 -20.25
C PRO A 57 -9.78 -0.09 -20.05
N GLY A 58 -9.59 -0.90 -21.09
CA GLY A 58 -9.80 -2.32 -20.96
C GLY A 58 -8.82 -2.93 -19.99
N VAL A 59 -7.76 -2.21 -19.69
CA VAL A 59 -6.79 -2.64 -18.70
C VAL A 59 -7.41 -2.67 -17.32
N LEU A 60 -8.25 -1.69 -17.01
CA LEU A 60 -8.90 -1.63 -15.71
C LEU A 60 -9.77 -2.86 -15.53
N ASP A 61 -10.20 -3.39 -16.67
CA ASP A 61 -11.00 -4.59 -16.71
C ASP A 61 -10.17 -5.79 -16.32
N ARG A 62 -8.93 -5.76 -16.78
CA ARG A 62 -7.97 -6.82 -16.50
C ARG A 62 -7.53 -6.74 -15.04
N MET A 63 -7.35 -5.52 -14.56
CA MET A 63 -6.99 -5.28 -13.16
C MET A 63 -8.07 -5.85 -12.28
N MET A 64 -9.29 -5.36 -12.49
CA MET A 64 -10.45 -5.78 -11.71
C MET A 64 -10.51 -7.29 -11.60
N LYS A 65 -10.55 -7.99 -12.72
CA LYS A 65 -10.77 -9.43 -12.70
C LYS A 65 -9.57 -10.19 -12.15
N LYS A 66 -8.40 -9.58 -12.19
CA LYS A 66 -7.20 -10.17 -11.59
C LYS A 66 -7.29 -10.06 -10.07
N LEU A 67 -7.76 -8.92 -9.61
CA LEU A 67 -7.77 -8.60 -8.19
C LEU A 67 -9.05 -9.10 -7.53
N ASP A 68 -10.13 -9.13 -8.32
CA ASP A 68 -11.44 -9.62 -7.89
C ASP A 68 -11.35 -11.09 -7.53
N THR A 69 -10.75 -11.32 -6.40
CA THR A 69 -10.54 -12.64 -5.86
C THR A 69 -11.79 -13.10 -5.13
N ASN A 70 -12.62 -12.12 -4.79
CA ASN A 70 -13.91 -12.37 -4.17
C ASN A 70 -14.90 -12.83 -5.24
N SER A 71 -14.49 -12.58 -6.48
CA SER A 71 -15.22 -13.01 -7.66
C SER A 71 -16.63 -12.46 -7.68
N ASP A 72 -16.77 -11.22 -7.27
CA ASP A 72 -18.06 -10.56 -7.24
C ASP A 72 -18.09 -9.45 -8.28
N GLY A 73 -16.91 -9.03 -8.71
CA GLY A 73 -16.82 -7.96 -9.69
C GLY A 73 -16.52 -6.64 -9.01
N GLN A 74 -15.98 -6.73 -7.80
CA GLN A 74 -15.61 -5.57 -7.03
C GLN A 74 -14.30 -5.87 -6.32
N LEU A 75 -13.64 -4.82 -5.87
CA LEU A 75 -12.39 -5.00 -5.15
C LEU A 75 -12.52 -4.58 -3.72
N ASP A 76 -12.37 -5.53 -2.84
CA ASP A 76 -12.44 -5.27 -1.42
C ASP A 76 -11.14 -4.71 -0.92
N PHE A 77 -11.13 -4.44 0.35
CA PHE A 77 -9.99 -3.93 1.08
C PHE A 77 -8.67 -4.56 0.61
N SER A 78 -8.58 -5.88 0.68
CA SER A 78 -7.36 -6.60 0.30
C SER A 78 -7.19 -6.66 -1.21
N GLU A 79 -8.29 -6.71 -1.96
CA GLU A 79 -8.21 -6.81 -3.41
C GLU A 79 -7.69 -5.50 -4.01
N PHE A 80 -8.11 -4.40 -3.41
CA PHE A 80 -7.61 -3.08 -3.77
C PHE A 80 -6.15 -2.95 -3.39
N LEU A 81 -5.78 -3.60 -2.31
CA LEU A 81 -4.40 -3.56 -1.84
C LEU A 81 -3.52 -4.48 -2.64
N ASN A 82 -4.10 -5.55 -3.15
CA ASN A 82 -3.41 -6.39 -4.11
C ASN A 82 -3.01 -5.55 -5.30
N LEU A 83 -3.97 -4.74 -5.72
CA LEU A 83 -3.74 -3.74 -6.76
C LEU A 83 -2.59 -2.83 -6.39
N ILE A 84 -2.70 -2.22 -5.22
CA ILE A 84 -1.69 -1.32 -4.70
C ILE A 84 -0.31 -2.00 -4.71
N GLY A 85 -0.32 -3.31 -4.48
CA GLY A 85 0.89 -4.08 -4.57
C GLY A 85 1.50 -4.05 -5.96
N GLY A 86 0.66 -4.25 -6.98
CA GLY A 86 1.15 -4.28 -8.34
C GLY A 86 1.53 -2.90 -8.82
N LEU A 87 0.76 -1.92 -8.36
CA LEU A 87 1.01 -0.52 -8.65
C LEU A 87 2.35 -0.11 -8.07
N ALA A 88 2.51 -0.38 -6.79
CA ALA A 88 3.73 -0.04 -6.08
C ALA A 88 4.91 -0.72 -6.70
N MET A 89 4.72 -1.96 -7.09
CA MET A 89 5.78 -2.74 -7.69
C MET A 89 6.16 -2.17 -9.05
N ALA A 90 5.19 -1.57 -9.72
CA ALA A 90 5.44 -0.95 -11.02
C ALA A 90 6.26 0.33 -10.84
N CYS A 91 5.89 1.13 -9.85
CA CYS A 91 6.60 2.37 -9.55
C CYS A 91 7.96 2.07 -8.93
N HIS A 92 8.01 1.02 -8.12
CA HIS A 92 9.27 0.54 -7.57
C HIS A 92 10.18 0.13 -8.71
N ASP A 93 9.66 -0.71 -9.59
CA ASP A 93 10.39 -1.16 -10.77
C ASP A 93 10.86 0.01 -11.61
N SER A 94 10.06 1.07 -11.65
CA SER A 94 10.43 2.29 -12.33
C SER A 94 11.70 2.86 -11.71
N PHE A 95 11.71 2.90 -10.38
CA PHE A 95 12.85 3.40 -9.62
C PHE A 95 14.03 2.47 -9.78
N LEU A 96 13.78 1.17 -9.80
CA LEU A 96 14.85 0.20 -9.95
C LEU A 96 15.47 0.30 -11.33
N LYS A 97 14.67 0.75 -12.28
CA LYS A 97 15.13 0.97 -13.64
C LYS A 97 15.56 2.43 -13.84
N ALA A 98 15.67 3.16 -12.73
CA ALA A 98 16.04 4.58 -12.78
C ALA A 98 17.06 4.92 -11.69
N VAL A 99 16.60 4.98 -10.46
CA VAL A 99 17.44 5.29 -9.32
C VAL A 99 16.74 4.88 -8.02
N PRO A 100 16.96 3.63 -7.57
CA PRO A 100 16.28 3.09 -6.40
C PRO A 100 17.01 3.43 -5.10
N SER A 101 18.03 4.25 -5.21
CA SER A 101 18.80 4.66 -4.04
C SER A 101 18.07 5.78 -3.28
N GLN A 102 16.80 5.52 -2.97
CA GLN A 102 15.98 6.46 -2.21
C GLN A 102 16.32 6.36 -0.72
N LYS A 103 17.60 6.53 -0.42
CA LYS A 103 18.09 6.43 0.94
C LYS A 103 18.03 7.78 1.64
N ARG A 104 16.81 8.27 1.82
CA ARG A 104 16.59 9.57 2.44
C ARG A 104 17.16 9.60 3.85
N THR A 105 18.13 10.49 4.05
CA THR A 105 18.77 10.64 5.34
C THR A 105 17.90 11.45 6.30
N MET B 1 -2.60 27.06 -9.76
CA MET B 1 -2.12 25.69 -10.00
C MET B 1 -3.02 24.68 -9.28
N ALA B 2 -3.84 23.99 -10.06
CA ALA B 2 -4.76 23.00 -9.51
C ALA B 2 -4.07 21.65 -9.36
N LYS B 3 -3.22 21.32 -10.32
CA LYS B 3 -2.54 20.04 -10.34
C LYS B 3 -1.20 20.14 -9.61
N ILE B 4 -1.27 20.32 -8.29
CA ILE B 4 -0.07 20.41 -7.47
C ILE B 4 0.42 19.02 -7.10
N SER B 5 -0.47 18.05 -7.17
CA SER B 5 -0.13 16.68 -6.86
C SER B 5 -0.06 15.85 -8.13
N SER B 6 1.15 15.66 -8.64
CA SER B 6 1.36 14.76 -9.76
C SER B 6 0.87 13.35 -9.44
N PRO B 7 1.23 12.79 -8.25
CA PRO B 7 0.64 11.55 -7.78
C PRO B 7 -0.65 11.81 -7.01
N THR B 8 -1.55 10.85 -7.02
CA THR B 8 -2.75 10.95 -6.25
C THR B 8 -2.51 10.41 -4.85
N GLU B 9 -3.54 10.33 -4.04
CA GLU B 9 -3.40 9.87 -2.66
C GLU B 9 -2.90 8.42 -2.61
N THR B 10 -3.32 7.60 -3.56
CA THR B 10 -2.85 6.22 -3.63
C THR B 10 -1.47 6.16 -4.23
N GLU B 11 -1.21 6.99 -5.22
CA GLU B 11 0.07 6.97 -5.88
C GLU B 11 1.15 7.50 -4.96
N ARG B 12 0.82 8.54 -4.21
CA ARG B 12 1.75 9.09 -3.25
C ARG B 12 1.94 8.12 -2.10
N CYS B 13 0.89 7.33 -1.82
CA CYS B 13 0.98 6.27 -0.82
C CYS B 13 2.02 5.27 -1.26
N ILE B 14 1.97 4.99 -2.54
CA ILE B 14 2.82 4.03 -3.17
C ILE B 14 4.27 4.49 -3.20
N GLU B 15 4.48 5.77 -3.42
CA GLU B 15 5.81 6.34 -3.46
C GLU B 15 6.32 6.50 -2.05
N SER B 16 5.39 6.59 -1.12
CA SER B 16 5.71 6.59 0.29
C SER B 16 6.31 5.25 0.67
N LEU B 17 5.67 4.19 0.20
CA LEU B 17 6.17 2.84 0.43
C LEU B 17 7.53 2.68 -0.22
N ILE B 18 7.71 3.31 -1.37
CA ILE B 18 9.00 3.34 -2.02
C ILE B 18 10.03 3.99 -1.11
N ALA B 19 9.68 5.16 -0.61
CA ALA B 19 10.55 5.92 0.26
C ALA B 19 10.94 5.14 1.51
N VAL B 20 9.95 4.66 2.24
CA VAL B 20 10.19 3.97 3.50
C VAL B 20 10.84 2.61 3.27
N PHE B 21 10.39 1.92 2.24
CA PHE B 21 10.95 0.61 1.93
C PHE B 21 12.41 0.72 1.56
N GLN B 22 12.70 1.56 0.59
CA GLN B 22 14.02 1.63 0.00
C GLN B 22 15.04 2.31 0.91
N LYS B 23 14.57 3.05 1.92
CA LYS B 23 15.49 3.65 2.87
C LYS B 23 15.94 2.62 3.91
N TYR B 24 15.04 1.75 4.34
CA TYR B 24 15.39 0.71 5.31
C TYR B 24 15.97 -0.53 4.65
N ALA B 25 15.36 -0.95 3.55
CA ALA B 25 15.85 -2.08 2.78
C ALA B 25 17.19 -1.73 2.15
N GLY B 26 17.39 -0.44 1.94
CA GLY B 26 18.63 0.05 1.37
C GLY B 26 19.76 0.07 2.39
N LYS B 27 19.47 -0.34 3.61
CA LYS B 27 20.49 -0.41 4.65
C LYS B 27 21.25 -1.73 4.55
N ASP B 28 20.56 -2.79 4.14
CA ASP B 28 21.19 -4.11 4.06
C ASP B 28 21.95 -4.25 2.75
N GLY B 29 21.51 -3.50 1.74
CA GLY B 29 22.23 -3.40 0.48
C GLY B 29 22.25 -4.70 -0.32
N TYR B 30 21.36 -5.63 0.01
CA TYR B 30 21.28 -6.89 -0.71
C TYR B 30 20.69 -6.68 -2.11
N ASN B 31 19.37 -6.78 -2.22
CA ASN B 31 18.68 -6.55 -3.48
C ASN B 31 17.53 -5.58 -3.24
N TYR B 32 17.80 -4.58 -2.40
CA TYR B 32 16.76 -3.71 -1.88
C TYR B 32 15.67 -4.53 -1.21
N THR B 33 16.10 -5.29 -0.21
CA THR B 33 15.23 -6.16 0.56
C THR B 33 15.37 -5.81 2.03
N LEU B 34 14.26 -5.78 2.73
CA LEU B 34 14.24 -5.33 4.10
C LEU B 34 14.60 -6.49 5.02
N SER B 35 15.84 -6.44 5.49
CA SER B 35 16.40 -7.50 6.28
C SER B 35 15.77 -7.55 7.66
N LYS B 36 16.03 -8.62 8.40
CA LYS B 36 15.41 -8.85 9.69
C LYS B 36 15.56 -7.63 10.59
N THR B 37 16.79 -7.28 10.91
CA THR B 37 17.05 -6.17 11.82
C THR B 37 16.59 -4.83 11.24
N GLU B 38 16.67 -4.72 9.93
CA GLU B 38 16.24 -3.50 9.25
C GLU B 38 14.74 -3.35 9.38
N PHE B 39 14.05 -4.48 9.36
CA PHE B 39 12.61 -4.53 9.47
C PHE B 39 12.21 -4.35 10.91
N LEU B 40 13.04 -4.85 11.81
CA LEU B 40 12.85 -4.67 13.23
C LEU B 40 12.88 -3.20 13.56
N SER B 41 13.94 -2.54 13.11
CA SER B 41 14.08 -1.10 13.27
C SER B 41 12.94 -0.38 12.56
N PHE B 42 12.66 -0.82 11.33
CA PHE B 42 11.55 -0.28 10.55
C PHE B 42 10.26 -0.33 11.32
N MET B 43 9.85 -1.51 11.70
CA MET B 43 8.56 -1.67 12.35
C MET B 43 8.50 -0.97 13.70
N ASN B 44 9.62 -0.86 14.41
CA ASN B 44 9.59 -0.16 15.69
C ASN B 44 9.59 1.35 15.51
N THR B 45 9.92 1.81 14.31
CA THR B 45 9.91 3.25 14.04
C THR B 45 8.72 3.65 13.20
N GLU B 46 8.69 3.10 12.00
CA GLU B 46 7.72 3.46 11.00
C GLU B 46 6.38 2.79 11.26
N LEU B 47 6.36 1.76 12.09
CA LEU B 47 5.12 1.08 12.41
C LEU B 47 4.98 0.86 13.90
N ALA B 48 5.60 1.74 14.67
CA ALA B 48 5.53 1.66 16.11
C ALA B 48 4.09 1.72 16.61
N ALA B 49 3.23 2.34 15.80
CA ALA B 49 1.80 2.39 16.09
C ALA B 49 1.24 0.99 16.23
N PHE B 50 1.67 0.10 15.34
CA PHE B 50 1.24 -1.28 15.35
C PHE B 50 2.11 -2.10 16.29
N THR B 51 3.40 -1.97 16.11
CA THR B 51 4.40 -2.75 16.83
C THR B 51 4.29 -2.60 18.35
N LYS B 52 4.21 -1.35 18.81
CA LYS B 52 4.21 -1.09 20.24
C LYS B 52 2.82 -1.35 20.82
N ASN B 53 1.84 -1.44 19.94
CA ASN B 53 0.46 -1.68 20.35
C ASN B 53 0.20 -3.17 20.50
N GLN B 54 1.12 -3.98 19.96
CA GLN B 54 1.00 -5.42 20.05
C GLN B 54 1.30 -5.89 21.46
N LYS B 55 2.58 -6.06 21.79
CA LYS B 55 3.01 -6.43 23.14
C LYS B 55 4.52 -6.62 23.19
N ASP B 56 5.06 -7.36 22.23
CA ASP B 56 6.49 -7.66 22.21
C ASP B 56 6.99 -7.71 20.77
N PRO B 57 8.28 -7.37 20.56
CA PRO B 57 8.89 -7.29 19.22
C PRO B 57 8.97 -8.63 18.51
N GLY B 58 8.59 -9.70 19.22
CA GLY B 58 8.55 -11.01 18.61
C GLY B 58 7.50 -11.08 17.52
N VAL B 59 6.60 -10.11 17.52
CA VAL B 59 5.60 -9.99 16.48
C VAL B 59 6.25 -9.68 15.14
N LEU B 60 7.26 -8.82 15.16
CA LEU B 60 7.96 -8.43 13.95
C LEU B 60 8.60 -9.67 13.33
N ASP B 61 8.89 -10.61 14.21
CA ASP B 61 9.46 -11.88 13.82
C ASP B 61 8.44 -12.70 13.06
N ARG B 62 7.21 -12.62 13.54
CA ARG B 62 6.09 -13.33 12.95
C ARG B 62 5.72 -12.68 11.62
N MET B 63 5.77 -11.36 11.59
CA MET B 63 5.50 -10.60 10.36
C MET B 63 6.49 -11.01 9.30
N MET B 64 7.78 -10.85 9.63
CA MET B 64 8.86 -11.18 8.71
C MET B 64 8.66 -12.55 8.10
N LYS B 65 8.54 -13.58 8.92
CA LYS B 65 8.50 -14.95 8.40
C LYS B 65 7.20 -15.25 7.66
N LYS B 66 6.15 -14.49 7.95
CA LYS B 66 4.89 -14.62 7.21
C LYS B 66 5.04 -14.02 5.82
N LEU B 67 5.72 -12.89 5.76
CA LEU B 67 5.85 -12.11 4.54
C LEU B 67 7.03 -12.59 3.71
N ASP B 68 8.05 -13.07 4.40
CA ASP B 68 9.27 -13.61 3.78
C ASP B 68 8.93 -14.84 2.96
N THR B 69 8.34 -14.55 1.83
CA THR B 69 7.91 -15.55 0.90
C THR B 69 9.09 -15.95 0.02
N ASN B 70 10.08 -15.08 0.00
CA ASN B 70 11.33 -15.33 -0.71
C ASN B 70 12.19 -16.29 0.10
N SER B 71 11.79 -16.41 1.36
CA SER B 71 12.39 -17.35 2.31
C SER B 71 13.88 -17.10 2.47
N ASP B 72 14.25 -15.83 2.50
CA ASP B 72 15.64 -15.44 2.66
C ASP B 72 15.84 -14.77 4.02
N GLY B 73 14.74 -14.33 4.61
CA GLY B 73 14.81 -13.65 5.88
C GLY B 73 14.78 -12.16 5.70
N GLN B 74 14.26 -11.73 4.55
CA GLN B 74 14.13 -10.33 4.22
C GLN B 74 12.82 -10.12 3.50
N LEU B 75 12.36 -8.90 3.45
CA LEU B 75 11.13 -8.59 2.76
C LEU B 75 11.38 -7.73 1.55
N ASP B 76 11.10 -8.30 0.40
CA ASP B 76 11.25 -7.58 -0.84
C ASP B 76 10.07 -6.67 -1.09
N PHE B 77 10.16 -5.98 -2.19
CA PHE B 77 9.16 -5.06 -2.66
C PHE B 77 7.73 -5.56 -2.39
N SER B 78 7.41 -6.74 -2.91
CA SER B 78 6.08 -7.31 -2.75
C SER B 78 5.84 -7.86 -1.35
N GLU B 79 6.89 -8.35 -0.69
CA GLU B 79 6.74 -8.91 0.65
C GLU B 79 6.46 -7.82 1.65
N PHE B 80 7.09 -6.67 1.46
CA PHE B 80 6.82 -5.49 2.26
C PHE B 80 5.41 -4.98 1.99
N LEU B 81 4.96 -5.15 0.77
CA LEU B 81 3.64 -4.70 0.38
C LEU B 81 2.58 -5.66 0.84
N ASN B 82 2.94 -6.93 0.95
CA ASN B 82 2.09 -7.91 1.58
C ASN B 82 1.80 -7.47 3.00
N LEU B 83 2.87 -7.03 3.65
CA LEU B 83 2.80 -6.42 4.96
C LEU B 83 1.84 -5.25 4.96
N ILE B 84 2.09 -4.31 4.07
CA ILE B 84 1.27 -3.13 3.92
C ILE B 84 -0.20 -3.51 3.73
N GLY B 85 -0.42 -4.64 3.07
CA GLY B 85 -1.76 -5.17 2.93
C GLY B 85 -2.38 -5.49 4.28
N GLY B 86 -1.63 -6.18 5.14
CA GLY B 86 -2.17 -6.58 6.42
C GLY B 86 -2.30 -5.40 7.36
N LEU B 87 -1.35 -4.48 7.23
CA LEU B 87 -1.37 -3.24 7.99
C LEU B 87 -2.58 -2.42 7.63
N ALA B 88 -2.75 -2.20 6.33
CA ALA B 88 -3.87 -1.43 5.82
C ALA B 88 -5.17 -2.06 6.20
N MET B 89 -5.21 -3.37 6.15
CA MET B 89 -6.42 -4.09 6.47
C MET B 89 -6.73 -3.97 7.96
N ALA B 90 -5.70 -3.82 8.76
CA ALA B 90 -5.87 -3.64 10.20
C ALA B 90 -6.44 -2.25 10.50
N CYS B 91 -5.91 -1.24 9.82
CA CYS B 91 -6.37 0.13 9.99
C CYS B 91 -7.73 0.31 9.34
N HIS B 92 -7.96 -0.38 8.22
CA HIS B 92 -9.26 -0.41 7.58
C HIS B 92 -10.27 -1.02 8.54
N ASP B 93 -9.93 -2.18 9.07
CA ASP B 93 -10.77 -2.87 10.05
C ASP B 93 -11.06 -1.98 11.24
N SER B 94 -10.08 -1.17 11.63
CA SER B 94 -10.25 -0.20 12.70
C SER B 94 -11.37 0.76 12.34
N PHE B 95 -11.33 1.26 11.11
CA PHE B 95 -12.33 2.17 10.59
C PHE B 95 -13.68 1.47 10.47
N LEU B 96 -13.65 0.23 10.04
CA LEU B 96 -14.87 -0.54 9.88
C LEU B 96 -15.52 -0.80 11.22
N LYS B 97 -14.69 -0.85 12.25
CA LYS B 97 -15.14 -1.02 13.62
C LYS B 97 -15.30 0.33 14.30
N ALA B 98 -15.25 1.41 13.52
CA ALA B 98 -15.36 2.76 14.06
C ALA B 98 -16.28 3.63 13.20
N VAL B 99 -15.77 4.02 12.05
CA VAL B 99 -16.51 4.84 11.09
C VAL B 99 -15.83 4.77 9.71
N PRO B 100 -16.27 3.83 8.87
CA PRO B 100 -15.66 3.60 7.57
C PRO B 100 -16.27 4.48 6.48
N SER B 101 -17.13 5.40 6.89
CA SER B 101 -17.78 6.31 5.96
C SER B 101 -16.84 7.46 5.60
N GLN B 102 -15.62 7.10 5.17
CA GLN B 102 -14.62 8.07 4.76
C GLN B 102 -14.94 8.55 3.33
N LYS B 103 -16.14 9.05 3.15
CA LYS B 103 -16.61 9.50 1.85
C LYS B 103 -16.28 10.97 1.66
N ARG B 104 -14.98 11.27 1.62
CA ARG B 104 -14.51 12.63 1.46
C ARG B 104 -15.03 13.24 0.17
N THR B 105 -15.81 14.30 0.30
CA THR B 105 -16.37 15.00 -0.83
C THR B 105 -15.34 15.91 -1.48
N MET A 1 9.57 9.31 23.01
CA MET A 1 8.18 8.91 22.75
C MET A 1 7.69 7.93 23.79
N ALA A 2 6.38 7.71 23.83
CA ALA A 2 5.78 6.80 24.80
C ALA A 2 4.43 6.31 24.31
N LYS A 3 3.46 7.21 24.29
CA LYS A 3 2.12 6.88 23.82
C LYS A 3 2.04 7.03 22.31
N ILE A 4 2.50 6.01 21.59
CA ILE A 4 2.53 6.05 20.14
C ILE A 4 1.12 6.14 19.57
N SER A 5 0.83 7.26 18.94
CA SER A 5 -0.46 7.46 18.30
C SER A 5 -0.31 8.32 17.05
N SER A 6 0.93 8.67 16.73
CA SER A 6 1.22 9.46 15.54
C SER A 6 1.67 8.53 14.42
N PRO A 7 1.06 8.65 13.23
CA PRO A 7 1.36 7.78 12.11
C PRO A 7 2.64 8.18 11.38
N THR A 8 3.26 7.21 10.75
CA THR A 8 4.45 7.48 9.95
C THR A 8 4.06 7.61 8.49
N GLU A 9 5.06 7.70 7.62
CA GLU A 9 4.82 7.83 6.19
C GLU A 9 3.94 6.67 5.70
N THR A 10 4.32 5.45 6.04
CA THR A 10 3.59 4.27 5.61
C THR A 10 2.21 4.22 6.23
N GLU A 11 2.12 4.56 7.51
CA GLU A 11 0.86 4.45 8.23
C GLU A 11 -0.16 5.44 7.70
N ARG A 12 0.29 6.67 7.48
CA ARG A 12 -0.60 7.69 6.94
C ARG A 12 -0.95 7.34 5.50
N CYS A 13 0.00 6.73 4.82
CA CYS A 13 -0.17 6.32 3.43
C CYS A 13 -1.17 5.19 3.37
N ILE A 14 -1.09 4.33 4.36
CA ILE A 14 -2.04 3.26 4.54
C ILE A 14 -3.45 3.81 4.69
N GLU A 15 -3.58 4.88 5.48
CA GLU A 15 -4.86 5.47 5.75
C GLU A 15 -5.35 6.24 4.55
N SER A 16 -4.40 6.64 3.73
CA SER A 16 -4.70 7.37 2.54
C SER A 16 -5.26 6.42 1.49
N LEU A 17 -4.74 5.21 1.46
CA LEU A 17 -5.33 4.16 0.63
C LEU A 17 -6.73 3.87 1.15
N ILE A 18 -6.87 3.88 2.47
CA ILE A 18 -8.17 3.77 3.11
C ILE A 18 -9.11 4.87 2.63
N ALA A 19 -8.57 6.08 2.55
CA ALA A 19 -9.34 7.24 2.12
C ALA A 19 -9.75 7.14 0.65
N VAL A 20 -8.77 6.91 -0.23
CA VAL A 20 -9.04 6.83 -1.65
C VAL A 20 -9.95 5.65 -1.95
N PHE A 21 -9.72 4.56 -1.24
CA PHE A 21 -10.56 3.39 -1.36
C PHE A 21 -11.99 3.73 -0.95
N GLN A 22 -12.13 4.33 0.23
CA GLN A 22 -13.43 4.59 0.82
C GLN A 22 -14.22 5.60 0.00
N LYS A 23 -13.54 6.61 -0.53
CA LYS A 23 -14.23 7.66 -1.26
C LYS A 23 -14.82 7.12 -2.55
N TYR A 24 -14.10 6.24 -3.22
CA TYR A 24 -14.58 5.68 -4.48
C TYR A 24 -15.46 4.45 -4.26
N ALA A 25 -15.14 3.66 -3.25
CA ALA A 25 -15.97 2.51 -2.89
C ALA A 25 -17.25 2.97 -2.22
N GLY A 26 -17.24 4.23 -1.79
CA GLY A 26 -18.39 4.80 -1.14
C GLY A 26 -19.22 5.64 -2.09
N LYS A 27 -19.06 5.41 -3.38
CA LYS A 27 -19.84 6.13 -4.39
C LYS A 27 -21.19 5.46 -4.57
N ASP A 28 -21.17 4.17 -4.85
CA ASP A 28 -22.39 3.38 -4.97
C ASP A 28 -22.94 3.11 -3.59
N GLY A 29 -22.04 3.13 -2.61
CA GLY A 29 -22.43 2.97 -1.22
C GLY A 29 -22.04 1.63 -0.65
N TYR A 30 -20.90 1.10 -1.07
CA TYR A 30 -20.43 -0.18 -0.57
C TYR A 30 -19.46 0.00 0.60
N ASN A 31 -18.44 0.82 0.38
CA ASN A 31 -17.41 1.13 1.39
C ASN A 31 -16.47 -0.07 1.60
N TYR A 32 -17.05 -1.25 1.66
CA TYR A 32 -16.28 -2.48 1.79
C TYR A 32 -15.64 -2.84 0.45
N THR A 33 -16.34 -2.55 -0.63
CA THR A 33 -15.90 -2.93 -1.96
C THR A 33 -16.00 -1.77 -2.95
N LEU A 34 -14.97 -1.67 -3.77
CA LEU A 34 -14.93 -0.74 -4.87
C LEU A 34 -15.52 -1.43 -6.09
N SER A 35 -16.75 -1.04 -6.42
CA SER A 35 -17.50 -1.68 -7.47
C SER A 35 -16.81 -1.53 -8.81
N LYS A 36 -17.27 -2.29 -9.81
CA LYS A 36 -16.65 -2.30 -11.12
C LYS A 36 -16.47 -0.89 -11.66
N THR A 37 -17.57 -0.19 -11.84
CA THR A 37 -17.55 1.16 -12.40
C THR A 37 -16.87 2.15 -11.46
N GLU A 38 -16.95 1.88 -10.15
CA GLU A 38 -16.30 2.75 -9.18
C GLU A 38 -14.80 2.65 -9.35
N PHE A 39 -14.35 1.43 -9.64
CA PHE A 39 -12.95 1.14 -9.83
C PHE A 39 -12.50 1.68 -11.17
N LEU A 40 -13.40 1.62 -12.14
CA LEU A 40 -13.14 2.17 -13.45
C LEU A 40 -12.89 3.67 -13.34
N SER A 41 -13.79 4.34 -12.64
CA SER A 41 -13.66 5.76 -12.39
C SER A 41 -12.40 6.02 -11.57
N PHE A 42 -12.20 5.21 -10.53
CA PHE A 42 -11.03 5.29 -9.67
C PHE A 42 -9.75 5.23 -10.48
N MET A 43 -9.57 4.15 -11.21
CA MET A 43 -8.33 3.95 -11.93
C MET A 43 -8.09 5.02 -12.98
N ASN A 44 -9.15 5.50 -13.62
CA ASN A 44 -8.98 6.54 -14.63
C ASN A 44 -8.70 7.89 -14.00
N THR A 45 -8.96 8.04 -12.71
CA THR A 45 -8.70 9.30 -12.02
C THR A 45 -7.47 9.22 -11.14
N GLU A 46 -7.55 8.36 -10.14
CA GLU A 46 -6.55 8.24 -9.11
C GLU A 46 -5.35 7.43 -9.60
N LEU A 47 -5.51 6.75 -10.73
CA LEU A 47 -4.40 6.00 -11.30
C LEU A 47 -4.29 6.28 -12.78
N ALA A 48 -4.76 7.45 -13.19
CA ALA A 48 -4.71 7.86 -14.57
C ALA A 48 -3.29 7.84 -15.12
N ALA A 49 -2.32 8.00 -14.22
CA ALA A 49 -0.91 7.90 -14.57
C ALA A 49 -0.61 6.55 -15.21
N PHE A 50 -1.14 5.50 -14.61
CA PHE A 50 -0.94 4.15 -15.08
C PHE A 50 -1.98 3.80 -16.15
N THR A 51 -3.23 4.06 -15.81
CA THR A 51 -4.37 3.70 -16.64
C THR A 51 -4.30 4.28 -18.04
N LYS A 52 -4.12 5.60 -18.12
CA LYS A 52 -4.18 6.29 -19.39
C LYS A 52 -2.89 6.08 -20.18
N ASN A 53 -1.90 5.53 -19.51
CA ASN A 53 -0.62 5.29 -20.12
C ASN A 53 -0.72 4.07 -21.04
N GLN A 54 -1.67 3.20 -20.75
CA GLN A 54 -2.00 2.10 -21.64
C GLN A 54 -3.28 2.45 -22.39
N LYS A 55 -3.23 2.39 -23.71
CA LYS A 55 -4.34 2.84 -24.54
C LYS A 55 -5.38 1.75 -24.70
N ASP A 56 -5.88 1.23 -23.59
CA ASP A 56 -6.88 0.17 -23.60
C ASP A 56 -7.56 0.05 -22.23
N PRO A 57 -8.85 0.43 -22.15
CA PRO A 57 -9.61 0.40 -20.88
C PRO A 57 -9.86 -1.01 -20.38
N GLY A 58 -9.54 -2.01 -21.19
CA GLY A 58 -9.73 -3.39 -20.80
C GLY A 58 -8.80 -3.79 -19.68
N VAL A 59 -7.79 -2.98 -19.42
CA VAL A 59 -6.81 -3.27 -18.39
C VAL A 59 -7.43 -3.21 -17.01
N LEU A 60 -8.27 -2.22 -16.77
CA LEU A 60 -8.90 -2.08 -15.47
C LEU A 60 -9.82 -3.28 -15.24
N ASP A 61 -10.25 -3.84 -16.35
CA ASP A 61 -11.10 -5.03 -16.34
C ASP A 61 -10.28 -6.22 -15.91
N ARG A 62 -9.05 -6.25 -16.38
CA ARG A 62 -8.10 -7.29 -16.04
C ARG A 62 -7.70 -7.16 -14.58
N MET A 63 -7.48 -5.92 -14.13
CA MET A 63 -7.18 -5.66 -12.73
C MET A 63 -8.29 -6.19 -11.87
N MET A 64 -9.50 -5.74 -12.16
CA MET A 64 -10.68 -6.15 -11.42
C MET A 64 -10.69 -7.65 -11.22
N LYS A 65 -10.63 -8.40 -12.31
CA LYS A 65 -10.78 -9.86 -12.20
C LYS A 65 -9.52 -10.53 -11.67
N LYS A 66 -8.37 -9.88 -11.84
CA LYS A 66 -7.12 -10.36 -11.26
C LYS A 66 -7.18 -10.23 -9.74
N LEU A 67 -7.62 -9.07 -9.31
CA LEU A 67 -7.60 -8.72 -7.90
C LEU A 67 -8.81 -9.27 -7.18
N ASP A 68 -9.97 -9.27 -7.86
CA ASP A 68 -11.24 -9.74 -7.31
C ASP A 68 -11.14 -11.20 -6.93
N THR A 69 -10.50 -11.41 -5.82
CA THR A 69 -10.28 -12.73 -5.28
C THR A 69 -11.48 -13.13 -4.45
N ASN A 70 -12.30 -12.14 -4.14
CA ASN A 70 -13.55 -12.37 -3.43
C ASN A 70 -14.58 -12.93 -4.40
N SER A 71 -14.24 -12.78 -5.69
CA SER A 71 -15.05 -13.27 -6.79
C SER A 71 -16.44 -12.66 -6.75
N ASP A 72 -16.49 -11.39 -6.37
CA ASP A 72 -17.75 -10.69 -6.22
C ASP A 72 -17.94 -9.72 -7.39
N GLY A 73 -16.84 -9.41 -8.06
CA GLY A 73 -16.89 -8.47 -9.16
C GLY A 73 -16.58 -7.07 -8.69
N GLN A 74 -16.07 -6.99 -7.47
CA GLN A 74 -15.66 -5.74 -6.86
C GLN A 74 -14.33 -5.97 -6.20
N LEU A 75 -13.67 -4.90 -5.83
CA LEU A 75 -12.42 -5.03 -5.11
C LEU A 75 -12.54 -4.47 -3.72
N ASP A 76 -12.35 -5.33 -2.76
CA ASP A 76 -12.41 -4.93 -1.37
C ASP A 76 -11.09 -4.33 -0.97
N PHE A 77 -10.96 -4.03 0.29
CA PHE A 77 -9.79 -3.36 0.79
C PHE A 77 -8.51 -4.13 0.48
N SER A 78 -8.51 -5.42 0.75
CA SER A 78 -7.37 -6.26 0.44
C SER A 78 -7.18 -6.38 -1.07
N GLU A 79 -8.28 -6.41 -1.81
CA GLU A 79 -8.23 -6.55 -3.26
C GLU A 79 -7.63 -5.30 -3.89
N PHE A 80 -8.07 -4.16 -3.40
CA PHE A 80 -7.56 -2.86 -3.83
C PHE A 80 -6.08 -2.73 -3.50
N LEU A 81 -5.70 -3.29 -2.36
CA LEU A 81 -4.33 -3.19 -1.91
C LEU A 81 -3.44 -4.17 -2.65
N ASN A 82 -4.03 -5.23 -3.18
CA ASN A 82 -3.29 -6.13 -4.06
C ASN A 82 -2.94 -5.39 -5.34
N LEU A 83 -3.85 -4.51 -5.74
CA LEU A 83 -3.61 -3.58 -6.82
C LEU A 83 -2.48 -2.62 -6.46
N ILE A 84 -2.68 -1.93 -5.34
CA ILE A 84 -1.70 -0.98 -4.83
C ILE A 84 -0.32 -1.63 -4.75
N GLY A 85 -0.32 -2.91 -4.42
CA GLY A 85 0.89 -3.68 -4.42
C GLY A 85 1.50 -3.75 -5.80
N GLY A 86 0.72 -4.16 -6.80
CA GLY A 86 1.26 -4.38 -8.13
C GLY A 86 1.71 -3.08 -8.75
N LEU A 87 1.05 -2.02 -8.35
CA LEU A 87 1.40 -0.67 -8.76
C LEU A 87 2.74 -0.28 -8.17
N ALA A 88 2.81 -0.29 -6.85
CA ALA A 88 4.01 0.08 -6.13
C ALA A 88 5.18 -0.76 -6.54
N MET A 89 4.90 -2.03 -6.74
CA MET A 89 5.90 -3.00 -7.12
C MET A 89 6.54 -2.60 -8.43
N ALA A 90 5.73 -2.19 -9.38
CA ALA A 90 6.20 -1.80 -10.69
C ALA A 90 6.97 -0.48 -10.59
N CYS A 91 6.52 0.38 -9.70
CA CYS A 91 7.13 1.68 -9.51
C CYS A 91 8.49 1.56 -8.81
N HIS A 92 8.57 0.71 -7.78
CA HIS A 92 9.82 0.46 -7.09
C HIS A 92 10.76 -0.29 -8.02
N ASP A 93 10.19 -1.21 -8.79
CA ASP A 93 10.95 -1.94 -9.79
C ASP A 93 11.55 -0.96 -10.79
N SER A 94 10.73 -0.02 -11.25
CA SER A 94 11.18 1.02 -12.18
C SER A 94 12.27 1.86 -11.55
N PHE A 95 12.09 2.19 -10.28
CA PHE A 95 13.07 2.97 -9.53
C PHE A 95 14.41 2.23 -9.51
N LEU A 96 14.32 0.92 -9.40
CA LEU A 96 15.51 0.06 -9.39
C LEU A 96 16.10 -0.06 -10.80
N LYS A 97 15.22 -0.16 -11.78
CA LYS A 97 15.62 -0.27 -13.17
C LYS A 97 16.19 1.05 -13.67
N ALA A 98 15.69 2.14 -13.11
CA ALA A 98 16.07 3.47 -13.55
C ALA A 98 17.28 3.99 -12.79
N VAL A 99 17.10 4.27 -11.50
CA VAL A 99 18.14 4.86 -10.69
C VAL A 99 17.70 4.92 -9.22
N PRO A 100 18.04 3.88 -8.46
CA PRO A 100 17.63 3.76 -7.07
C PRO A 100 18.72 4.17 -6.09
N SER A 101 19.73 4.85 -6.58
CA SER A 101 20.86 5.23 -5.76
C SER A 101 20.54 6.49 -4.93
N GLN A 102 19.55 7.25 -5.40
CA GLN A 102 19.16 8.53 -4.77
C GLN A 102 20.32 9.51 -4.73
N LYS A 103 21.13 9.43 -3.68
CA LYS A 103 22.28 10.31 -3.52
C LYS A 103 23.44 9.52 -2.95
N ARG A 104 24.61 9.71 -3.54
CA ARG A 104 25.80 8.98 -3.12
C ARG A 104 26.70 9.88 -2.27
N THR A 105 26.41 9.93 -0.98
CA THR A 105 27.21 10.69 -0.05
C THR A 105 27.31 9.96 1.28
N MET B 1 -7.02 18.12 -18.17
CA MET B 1 -5.72 17.40 -18.10
C MET B 1 -5.39 16.76 -19.44
N ALA B 2 -4.14 16.33 -19.60
CA ALA B 2 -3.69 15.72 -20.83
C ALA B 2 -2.46 14.86 -20.59
N LYS B 3 -1.34 15.50 -20.28
CA LYS B 3 -0.11 14.80 -20.00
C LYS B 3 -0.05 14.42 -18.53
N ILE B 4 -0.70 13.32 -18.19
CA ILE B 4 -0.77 12.87 -16.81
C ILE B 4 0.62 12.51 -16.29
N SER B 5 1.09 13.27 -15.32
CA SER B 5 2.36 13.00 -14.69
C SER B 5 2.33 13.41 -13.22
N SER B 6 1.17 13.84 -12.76
CA SER B 6 0.99 14.22 -11.38
C SER B 6 0.34 13.06 -10.63
N PRO B 7 0.92 12.66 -9.48
CA PRO B 7 0.44 11.51 -8.71
C PRO B 7 -0.77 11.87 -7.86
N THR B 8 -1.58 10.89 -7.57
CA THR B 8 -2.72 11.07 -6.69
C THR B 8 -2.37 10.63 -5.28
N GLU B 9 -3.36 10.60 -4.40
CA GLU B 9 -3.14 10.18 -3.02
C GLU B 9 -2.51 8.80 -2.98
N THR B 10 -3.09 7.85 -3.70
CA THR B 10 -2.59 6.48 -3.71
C THR B 10 -1.22 6.40 -4.36
N GLU B 11 -1.03 7.13 -5.45
CA GLU B 11 0.21 7.05 -6.19
C GLU B 11 1.37 7.61 -5.40
N ARG B 12 1.15 8.74 -4.76
CA ARG B 12 2.18 9.35 -3.93
C ARG B 12 2.42 8.48 -2.72
N CYS B 13 1.35 7.85 -2.25
CA CYS B 13 1.41 6.97 -1.09
C CYS B 13 2.19 5.72 -1.45
N ILE B 14 1.98 5.27 -2.66
CA ILE B 14 2.74 4.18 -3.23
C ILE B 14 4.23 4.50 -3.23
N GLU B 15 4.56 5.72 -3.61
CA GLU B 15 5.95 6.14 -3.71
C GLU B 15 6.51 6.34 -2.33
N SER B 16 5.62 6.61 -1.40
CA SER B 16 6.02 6.82 -0.04
C SER B 16 6.37 5.50 0.61
N LEU B 17 5.64 4.45 0.25
CA LEU B 17 6.00 3.09 0.65
C LEU B 17 7.34 2.75 0.02
N ILE B 18 7.53 3.18 -1.23
CA ILE B 18 8.81 3.06 -1.91
C ILE B 18 9.91 3.75 -1.11
N ALA B 19 9.61 4.93 -0.60
CA ALA B 19 10.56 5.73 0.17
C ALA B 19 10.89 5.07 1.50
N VAL B 20 9.86 4.72 2.27
CA VAL B 20 10.06 4.12 3.59
C VAL B 20 10.73 2.77 3.44
N PHE B 21 10.33 2.05 2.41
CA PHE B 21 10.95 0.77 2.10
C PHE B 21 12.42 0.96 1.76
N GLN B 22 12.71 1.91 0.87
CA GLN B 22 14.06 2.10 0.37
C GLN B 22 14.99 2.63 1.45
N LYS B 23 14.48 3.49 2.31
CA LYS B 23 15.32 4.10 3.33
C LYS B 23 15.76 3.06 4.35
N TYR B 24 14.88 2.13 4.70
CA TYR B 24 15.20 1.10 5.67
C TYR B 24 15.85 -0.12 5.03
N ALA B 25 15.45 -0.44 3.81
CA ALA B 25 16.06 -1.53 3.06
C ALA B 25 17.43 -1.10 2.54
N GLY B 26 17.65 0.20 2.56
CA GLY B 26 18.91 0.75 2.12
C GLY B 26 19.86 1.05 3.27
N LYS B 27 19.60 0.42 4.42
CA LYS B 27 20.47 0.61 5.59
C LYS B 27 21.68 -0.30 5.49
N ASP B 28 21.42 -1.60 5.31
CA ASP B 28 22.47 -2.58 5.11
C ASP B 28 23.00 -2.45 3.70
N GLY B 29 22.15 -1.94 2.81
CA GLY B 29 22.55 -1.70 1.45
C GLY B 29 21.93 -2.67 0.47
N TYR B 30 20.71 -3.10 0.72
CA TYR B 30 20.04 -4.02 -0.17
C TYR B 30 19.16 -3.29 -1.18
N ASN B 31 18.29 -2.42 -0.66
CA ASN B 31 17.37 -1.61 -1.48
C ASN B 31 16.23 -2.47 -2.04
N TYR B 32 16.59 -3.65 -2.53
CA TYR B 32 15.62 -4.61 -3.03
C TYR B 32 14.89 -5.28 -1.88
N THR B 33 15.59 -5.49 -0.79
CA THR B 33 15.05 -6.21 0.35
C THR B 33 15.32 -5.50 1.67
N LEU B 34 14.31 -5.50 2.50
CA LEU B 34 14.40 -5.02 3.86
C LEU B 34 14.82 -6.17 4.74
N SER B 35 16.08 -6.14 5.15
CA SER B 35 16.69 -7.22 5.90
C SER B 35 15.98 -7.42 7.24
N LYS B 36 16.27 -8.54 7.90
CA LYS B 36 15.60 -8.89 9.15
C LYS B 36 15.66 -7.73 10.14
N THR B 37 16.87 -7.35 10.52
CA THR B 37 17.08 -6.28 11.50
C THR B 37 16.61 -4.93 10.96
N GLU B 38 16.68 -4.75 9.65
CA GLU B 38 16.24 -3.50 9.05
C GLU B 38 14.74 -3.38 9.23
N PHE B 39 14.07 -4.52 9.10
CA PHE B 39 12.62 -4.61 9.23
C PHE B 39 12.23 -4.48 10.68
N LEU B 40 13.08 -5.02 11.54
CA LEU B 40 12.88 -4.91 12.97
C LEU B 40 12.91 -3.45 13.38
N SER B 41 13.94 -2.75 12.93
CA SER B 41 14.07 -1.33 13.17
C SER B 41 12.91 -0.59 12.53
N PHE B 42 12.60 -0.96 11.29
CA PHE B 42 11.48 -0.37 10.54
C PHE B 42 10.20 -0.47 11.32
N MET B 43 9.79 -1.68 11.64
CA MET B 43 8.51 -1.89 12.29
C MET B 43 8.44 -1.22 13.66
N ASN B 44 9.55 -1.18 14.38
CA ASN B 44 9.53 -0.54 15.69
C ASN B 44 9.52 0.99 15.57
N THR B 45 9.85 1.50 14.39
CA THR B 45 9.83 2.94 14.18
C THR B 45 8.64 3.39 13.35
N GLU B 46 8.60 2.92 12.13
CA GLU B 46 7.62 3.34 11.15
C GLU B 46 6.28 2.64 11.39
N LEU B 47 6.28 1.60 12.20
CA LEU B 47 5.04 0.92 12.53
C LEU B 47 4.94 0.69 14.02
N ALA B 48 5.60 1.55 14.77
CA ALA B 48 5.58 1.46 16.23
C ALA B 48 4.16 1.51 16.77
N ALA B 49 3.27 2.14 16.02
CA ALA B 49 1.86 2.18 16.35
C ALA B 49 1.29 0.77 16.50
N PHE B 50 1.64 -0.08 15.56
CA PHE B 50 1.19 -1.46 15.56
C PHE B 50 2.11 -2.33 16.41
N THR B 51 3.40 -2.20 16.14
CA THR B 51 4.44 -3.02 16.76
C THR B 51 4.42 -2.93 18.28
N LYS B 52 4.49 -1.72 18.81
CA LYS B 52 4.62 -1.53 20.24
C LYS B 52 3.30 -1.75 20.94
N ASN B 53 2.24 -1.85 20.16
CA ASN B 53 0.92 -2.05 20.70
C ASN B 53 0.77 -3.51 21.14
N GLN B 54 1.57 -4.38 20.54
CA GLN B 54 1.67 -5.76 20.99
C GLN B 54 2.96 -5.92 21.78
N LYS B 55 2.86 -6.41 22.99
CA LYS B 55 4.00 -6.47 23.89
C LYS B 55 4.83 -7.74 23.65
N ASP B 56 5.26 -7.92 22.41
CA ASP B 56 6.05 -9.09 22.03
C ASP B 56 6.74 -8.86 20.69
N PRO B 57 8.08 -8.70 20.69
CA PRO B 57 8.86 -8.43 19.47
C PRO B 57 8.88 -9.61 18.50
N GLY B 58 8.35 -10.75 18.94
CA GLY B 58 8.31 -11.92 18.09
C GLY B 58 7.34 -11.74 16.93
N VAL B 59 6.51 -10.73 17.01
CA VAL B 59 5.53 -10.48 15.97
C VAL B 59 6.19 -10.06 14.66
N LEU B 60 7.21 -9.22 14.75
CA LEU B 60 7.90 -8.77 13.55
C LEU B 60 8.59 -9.96 12.91
N ASP B 61 8.88 -10.94 13.75
CA ASP B 61 9.50 -12.17 13.31
C ASP B 61 8.49 -12.99 12.53
N ARG B 62 7.26 -12.94 13.00
CA ARG B 62 6.15 -13.62 12.35
C ARG B 62 5.82 -12.94 11.03
N MET B 63 5.84 -11.61 11.03
CA MET B 63 5.64 -10.83 9.82
C MET B 63 6.66 -11.23 8.80
N MET B 64 7.94 -11.12 9.18
CA MET B 64 9.04 -11.46 8.31
C MET B 64 8.79 -12.79 7.62
N LYS B 65 8.56 -13.84 8.38
CA LYS B 65 8.45 -15.17 7.78
C LYS B 65 7.10 -15.39 7.10
N LYS B 66 6.08 -14.64 7.52
CA LYS B 66 4.79 -14.67 6.84
C LYS B 66 4.92 -14.05 5.45
N LEU B 67 5.57 -12.90 5.42
CA LEU B 67 5.66 -12.10 4.23
C LEU B 67 6.78 -12.58 3.32
N ASP B 68 7.89 -13.01 3.93
CA ASP B 68 9.08 -13.49 3.21
C ASP B 68 8.73 -14.70 2.37
N THR B 69 8.10 -14.41 1.27
CA THR B 69 7.66 -15.39 0.33
C THR B 69 8.79 -15.70 -0.64
N ASN B 70 9.79 -14.82 -0.62
CA ASN B 70 10.99 -15.02 -1.40
C ASN B 70 11.87 -16.05 -0.71
N SER B 71 11.53 -16.28 0.56
CA SER B 71 12.21 -17.25 1.41
C SER B 71 13.68 -16.92 1.52
N ASP B 72 13.97 -15.64 1.60
CA ASP B 72 15.35 -15.17 1.66
C ASP B 72 15.66 -14.69 3.08
N GLY B 73 14.62 -14.44 3.85
CA GLY B 73 14.81 -13.95 5.21
C GLY B 73 14.76 -12.44 5.25
N GLN B 74 14.33 -11.87 4.14
CA GLN B 74 14.16 -10.44 4.01
C GLN B 74 12.82 -10.18 3.34
N LEU B 75 12.38 -8.96 3.38
CA LEU B 75 11.14 -8.60 2.71
C LEU B 75 11.41 -7.64 1.59
N ASP B 76 11.11 -8.08 0.39
CA ASP B 76 11.28 -7.25 -0.77
C ASP B 76 10.10 -6.33 -0.91
N PHE B 77 10.06 -5.59 -1.99
CA PHE B 77 9.05 -4.59 -2.19
C PHE B 77 7.64 -5.17 -2.12
N SER B 78 7.43 -6.28 -2.81
CA SER B 78 6.14 -6.97 -2.77
C SER B 78 5.88 -7.55 -1.38
N GLU B 79 6.93 -8.02 -0.74
CA GLU B 79 6.82 -8.63 0.57
C GLU B 79 6.43 -7.58 1.62
N PHE B 80 7.09 -6.44 1.53
CA PHE B 80 6.80 -5.30 2.39
C PHE B 80 5.38 -4.81 2.16
N LEU B 81 4.94 -4.86 0.92
CA LEU B 81 3.61 -4.38 0.58
C LEU B 81 2.54 -5.37 0.96
N ASN B 82 2.92 -6.64 1.10
CA ASN B 82 2.01 -7.63 1.63
C ASN B 82 1.76 -7.32 3.10
N LEU B 83 2.80 -6.81 3.74
CA LEU B 83 2.69 -6.28 5.09
C LEU B 83 1.77 -5.06 5.11
N ILE B 84 2.11 -4.08 4.28
CA ILE B 84 1.34 -2.86 4.16
C ILE B 84 -0.13 -3.18 3.90
N GLY B 85 -0.35 -4.25 3.16
CA GLY B 85 -1.68 -4.75 2.93
C GLY B 85 -2.33 -5.16 4.22
N GLY B 86 -1.66 -6.02 4.99
CA GLY B 86 -2.28 -6.57 6.19
C GLY B 86 -2.51 -5.51 7.23
N LEU B 87 -1.65 -4.51 7.20
CA LEU B 87 -1.77 -3.34 8.06
C LEU B 87 -3.01 -2.55 7.68
N ALA B 88 -3.03 -2.09 6.43
CA ALA B 88 -4.12 -1.28 5.91
C ALA B 88 -5.44 -2.00 6.06
N MET B 89 -5.39 -3.29 5.80
CA MET B 89 -6.56 -4.14 5.87
C MET B 89 -7.17 -4.10 7.25
N ALA B 90 -6.31 -4.19 8.26
CA ALA B 90 -6.76 -4.18 9.63
C ALA B 90 -7.28 -2.80 10.02
N CYS B 91 -6.65 -1.78 9.46
CA CYS B 91 -7.02 -0.39 9.73
C CYS B 91 -8.35 -0.03 9.08
N HIS B 92 -8.53 -0.46 7.82
CA HIS B 92 -9.80 -0.23 7.13
C HIS B 92 -10.87 -1.07 7.78
N ASP B 93 -10.51 -2.29 8.18
CA ASP B 93 -11.43 -3.16 8.90
C ASP B 93 -11.87 -2.49 10.18
N SER B 94 -10.91 -1.92 10.91
CA SER B 94 -11.19 -1.19 12.14
C SER B 94 -12.11 -0.01 11.87
N PHE B 95 -11.82 0.69 10.79
CA PHE B 95 -12.62 1.84 10.38
C PHE B 95 -14.07 1.41 10.15
N LEU B 96 -14.22 0.21 9.60
CA LEU B 96 -15.53 -0.36 9.34
C LEU B 96 -16.18 -0.85 10.63
N LYS B 97 -15.37 -1.42 11.50
CA LYS B 97 -15.82 -1.93 12.78
C LYS B 97 -16.17 -0.78 13.72
N ALA B 98 -15.47 0.33 13.55
CA ALA B 98 -15.61 1.48 14.42
C ALA B 98 -16.68 2.45 13.94
N VAL B 99 -16.42 3.09 12.80
CA VAL B 99 -17.31 4.11 12.26
C VAL B 99 -16.82 4.58 10.89
N PRO B 100 -17.31 3.94 9.83
CA PRO B 100 -16.89 4.22 8.47
C PRO B 100 -17.85 5.14 7.72
N SER B 101 -18.75 5.78 8.45
CA SER B 101 -19.76 6.62 7.85
C SER B 101 -19.19 7.98 7.48
N GLN B 102 -18.09 8.36 8.15
CA GLN B 102 -17.47 9.68 7.97
C GLN B 102 -18.44 10.81 8.31
N LYS B 103 -19.21 11.23 7.33
CA LYS B 103 -20.17 12.31 7.50
C LYS B 103 -21.44 11.99 6.74
N ARG B 104 -22.58 12.16 7.39
CA ARG B 104 -23.86 11.85 6.78
C ARG B 104 -24.56 13.12 6.32
N THR B 105 -24.24 13.56 5.12
CA THR B 105 -24.85 14.72 4.52
C THR B 105 -25.04 14.51 3.03
N MET A 1 7.11 6.51 26.50
CA MET A 1 8.10 7.46 25.97
C MET A 1 7.45 8.42 24.97
N ALA A 2 6.81 9.47 25.49
CA ALA A 2 6.16 10.48 24.68
C ALA A 2 5.10 9.88 23.75
N LYS A 3 3.93 9.61 24.31
CA LYS A 3 2.84 9.04 23.52
C LYS A 3 2.25 10.10 22.59
N ILE A 4 2.13 9.74 21.31
CA ILE A 4 1.56 10.63 20.32
C ILE A 4 0.63 9.86 19.40
N SER A 5 -0.18 10.60 18.64
CA SER A 5 -1.07 9.98 17.68
C SER A 5 -0.72 10.46 16.27
N SER A 6 0.53 10.26 15.89
CA SER A 6 1.02 10.68 14.60
C SER A 6 1.46 9.46 13.79
N PRO A 7 0.94 9.32 12.57
CA PRO A 7 1.29 8.20 11.70
C PRO A 7 2.61 8.46 10.98
N THR A 8 3.27 7.39 10.57
CA THR A 8 4.47 7.51 9.78
C THR A 8 4.10 7.60 8.32
N GLU A 9 5.09 7.60 7.46
CA GLU A 9 4.85 7.67 6.02
C GLU A 9 3.96 6.52 5.57
N THR A 10 4.31 5.30 5.96
CA THR A 10 3.56 4.13 5.53
C THR A 10 2.21 4.08 6.22
N GLU A 11 2.14 4.53 7.46
CA GLU A 11 0.91 4.49 8.21
C GLU A 11 -0.12 5.46 7.64
N ARG A 12 0.33 6.69 7.41
CA ARG A 12 -0.54 7.70 6.82
C ARG A 12 -0.93 7.26 5.42
N CYS A 13 0.01 6.61 4.75
CA CYS A 13 -0.19 6.15 3.40
C CYS A 13 -1.21 5.03 3.37
N ILE A 14 -1.15 4.21 4.41
CA ILE A 14 -2.10 3.16 4.62
C ILE A 14 -3.51 3.72 4.80
N GLU A 15 -3.62 4.79 5.57
CA GLU A 15 -4.91 5.40 5.87
C GLU A 15 -5.40 6.16 4.67
N SER A 16 -4.47 6.55 3.85
CA SER A 16 -4.81 7.26 2.65
C SER A 16 -5.38 6.30 1.62
N LEU A 17 -4.90 5.05 1.65
CA LEU A 17 -5.52 4.00 0.85
C LEU A 17 -6.91 3.77 1.36
N ILE A 18 -7.06 3.81 2.69
CA ILE A 18 -8.35 3.76 3.33
C ILE A 18 -9.25 4.87 2.79
N ALA A 19 -8.69 6.08 2.72
CA ALA A 19 -9.42 7.24 2.24
C ALA A 19 -9.85 7.08 0.77
N VAL A 20 -8.89 6.81 -0.10
CA VAL A 20 -9.16 6.70 -1.53
C VAL A 20 -10.10 5.54 -1.81
N PHE A 21 -9.89 4.44 -1.09
CA PHE A 21 -10.76 3.30 -1.21
C PHE A 21 -12.18 3.66 -0.76
N GLN A 22 -12.29 4.25 0.42
CA GLN A 22 -13.57 4.51 1.05
C GLN A 22 -14.39 5.54 0.28
N LYS A 23 -13.71 6.44 -0.41
CA LYS A 23 -14.43 7.47 -1.15
C LYS A 23 -14.99 6.92 -2.46
N TYR A 24 -14.26 6.03 -3.13
CA TYR A 24 -14.74 5.46 -4.38
C TYR A 24 -15.64 4.27 -4.14
N ALA A 25 -15.21 3.37 -3.27
CA ALA A 25 -16.03 2.24 -2.89
C ALA A 25 -17.28 2.73 -2.18
N GLY A 26 -17.17 3.95 -1.64
CA GLY A 26 -18.28 4.58 -0.96
C GLY A 26 -19.40 4.97 -1.89
N LYS A 27 -19.10 5.07 -3.19
CA LYS A 27 -20.12 5.40 -4.18
C LYS A 27 -21.18 4.31 -4.24
N ASP A 28 -20.78 3.09 -3.91
CA ASP A 28 -21.68 1.95 -3.97
C ASP A 28 -22.21 1.62 -2.58
N GLY A 29 -21.91 2.49 -1.62
CA GLY A 29 -22.40 2.29 -0.27
C GLY A 29 -21.33 1.81 0.68
N TYR A 30 -20.09 1.68 0.18
CA TYR A 30 -18.94 1.21 0.95
C TYR A 30 -19.25 -0.02 1.81
N ASN A 31 -18.38 -0.28 2.79
CA ASN A 31 -18.57 -1.36 3.76
C ASN A 31 -18.19 -2.72 3.18
N TYR A 32 -17.71 -2.75 1.93
CA TYR A 32 -17.27 -4.01 1.34
C TYR A 32 -16.31 -3.84 0.15
N THR A 33 -16.76 -3.27 -0.96
CA THR A 33 -16.01 -3.36 -2.20
C THR A 33 -16.07 -2.12 -3.06
N LEU A 34 -15.03 -1.97 -3.86
CA LEU A 34 -14.94 -0.97 -4.91
C LEU A 34 -15.53 -1.57 -6.18
N SER A 35 -16.74 -1.13 -6.51
CA SER A 35 -17.50 -1.71 -7.58
C SER A 35 -16.80 -1.52 -8.93
N LYS A 36 -17.23 -2.28 -9.93
CA LYS A 36 -16.59 -2.27 -11.24
C LYS A 36 -16.44 -0.84 -11.75
N THR A 37 -17.56 -0.15 -11.92
CA THR A 37 -17.54 1.21 -12.42
C THR A 37 -16.81 2.16 -11.47
N GLU A 38 -16.86 1.84 -10.18
CA GLU A 38 -16.23 2.68 -9.17
C GLU A 38 -14.73 2.55 -9.29
N PHE A 39 -14.29 1.38 -9.72
CA PHE A 39 -12.89 1.10 -9.92
C PHE A 39 -12.44 1.71 -11.23
N LEU A 40 -13.34 1.71 -12.20
CA LEU A 40 -13.10 2.35 -13.47
C LEU A 40 -12.88 3.84 -13.25
N SER A 41 -13.77 4.43 -12.46
CA SER A 41 -13.66 5.82 -12.08
C SER A 41 -12.38 6.03 -11.29
N PHE A 42 -12.13 5.15 -10.31
CA PHE A 42 -10.94 5.21 -9.49
C PHE A 42 -9.69 5.22 -10.34
N MET A 43 -9.47 4.15 -11.09
CA MET A 43 -8.23 3.99 -11.84
C MET A 43 -8.02 5.10 -12.86
N ASN A 44 -9.09 5.62 -13.45
CA ASN A 44 -8.93 6.69 -14.43
C ASN A 44 -8.64 8.02 -13.76
N THR A 45 -8.93 8.13 -12.47
CA THR A 45 -8.69 9.37 -11.76
C THR A 45 -7.47 9.27 -10.85
N GLU A 46 -7.57 8.38 -9.88
CA GLU A 46 -6.56 8.22 -8.85
C GLU A 46 -5.37 7.42 -9.37
N LEU A 47 -5.50 6.83 -10.54
CA LEU A 47 -4.38 6.14 -11.16
C LEU A 47 -4.27 6.52 -12.63
N ALA A 48 -4.72 7.72 -12.95
CA ALA A 48 -4.66 8.23 -14.30
C ALA A 48 -3.23 8.23 -14.84
N ALA A 49 -2.25 8.27 -13.95
CA ALA A 49 -0.85 8.14 -14.33
C ALA A 49 -0.64 6.82 -15.06
N PHE A 50 -1.16 5.77 -14.46
CA PHE A 50 -0.96 4.41 -14.96
C PHE A 50 -1.98 4.07 -16.03
N THR A 51 -3.20 4.56 -15.85
CA THR A 51 -4.31 4.21 -16.71
C THR A 51 -4.35 5.03 -17.99
N LYS A 52 -4.28 6.36 -17.86
CA LYS A 52 -4.58 7.25 -18.98
C LYS A 52 -3.54 7.21 -20.08
N ASN A 53 -2.40 6.60 -19.81
CA ASN A 53 -1.36 6.50 -20.83
C ASN A 53 -1.65 5.31 -21.75
N GLN A 54 -2.69 4.57 -21.44
CA GLN A 54 -3.17 3.51 -22.29
C GLN A 54 -4.67 3.71 -22.55
N LYS A 55 -5.00 4.17 -23.74
CA LYS A 55 -6.38 4.50 -24.08
C LYS A 55 -7.18 3.24 -24.40
N ASP A 56 -7.51 2.48 -23.37
CA ASP A 56 -8.35 1.30 -23.51
C ASP A 56 -8.98 0.97 -22.17
N PRO A 57 -10.31 1.11 -22.05
CA PRO A 57 -11.02 0.89 -20.78
C PRO A 57 -10.96 -0.57 -20.32
N GLY A 58 -10.47 -1.44 -21.19
CA GLY A 58 -10.40 -2.85 -20.87
C GLY A 58 -9.24 -3.19 -19.97
N VAL A 59 -8.34 -2.24 -19.77
CA VAL A 59 -7.18 -2.47 -18.92
C VAL A 59 -7.59 -2.60 -17.46
N LEU A 60 -8.51 -1.76 -17.05
CA LEU A 60 -8.99 -1.79 -15.67
C LEU A 60 -9.79 -3.06 -15.46
N ASP A 61 -10.23 -3.62 -16.58
CA ASP A 61 -10.96 -4.87 -16.59
C ASP A 61 -10.00 -6.00 -16.27
N ARG A 62 -8.83 -5.91 -16.86
CA ARG A 62 -7.78 -6.88 -16.62
C ARG A 62 -7.31 -6.80 -15.18
N MET A 63 -7.23 -5.57 -14.67
CA MET A 63 -6.90 -5.34 -13.26
C MET A 63 -7.98 -5.93 -12.38
N MET A 64 -9.21 -5.59 -12.71
CA MET A 64 -10.37 -6.08 -11.99
C MET A 64 -10.26 -7.58 -11.76
N LYS A 65 -10.09 -8.34 -12.84
CA LYS A 65 -10.20 -9.79 -12.77
C LYS A 65 -9.17 -10.44 -11.85
N LYS A 66 -7.91 -10.04 -11.97
CA LYS A 66 -6.85 -10.58 -11.09
C LYS A 66 -7.14 -10.26 -9.65
N LEU A 67 -7.46 -9.02 -9.41
CA LEU A 67 -7.66 -8.50 -8.08
C LEU A 67 -8.95 -9.00 -7.50
N ASP A 68 -9.95 -9.13 -8.37
CA ASP A 68 -11.25 -9.71 -8.01
C ASP A 68 -11.05 -11.19 -7.73
N THR A 69 -10.26 -11.43 -6.72
CA THR A 69 -9.79 -12.74 -6.39
C THR A 69 -10.83 -13.50 -5.59
N ASN A 70 -11.77 -12.76 -5.03
CA ASN A 70 -12.91 -13.37 -4.37
C ASN A 70 -14.02 -13.62 -5.37
N SER A 71 -13.85 -12.98 -6.54
CA SER A 71 -14.71 -13.18 -7.69
C SER A 71 -16.12 -12.69 -7.43
N ASP A 72 -16.22 -11.51 -6.84
CA ASP A 72 -17.51 -10.91 -6.56
C ASP A 72 -17.82 -9.86 -7.63
N GLY A 73 -16.79 -9.42 -8.33
CA GLY A 73 -16.97 -8.45 -9.39
C GLY A 73 -16.57 -7.07 -8.94
N GLN A 74 -15.98 -7.01 -7.77
CA GLN A 74 -15.53 -5.76 -7.20
C GLN A 74 -14.20 -6.02 -6.52
N LEU A 75 -13.58 -4.97 -6.02
CA LEU A 75 -12.33 -5.13 -5.29
C LEU A 75 -12.48 -4.70 -3.86
N ASP A 76 -12.32 -5.65 -2.98
CA ASP A 76 -12.36 -5.37 -1.56
C ASP A 76 -11.01 -4.79 -1.16
N PHE A 77 -10.88 -4.31 0.05
CA PHE A 77 -9.69 -3.58 0.46
C PHE A 77 -8.41 -4.38 0.18
N SER A 78 -8.42 -5.65 0.52
CA SER A 78 -7.27 -6.53 0.27
C SER A 78 -7.01 -6.68 -1.23
N GLU A 79 -8.07 -6.61 -2.02
CA GLU A 79 -7.96 -6.76 -3.47
C GLU A 79 -7.52 -5.45 -4.10
N PHE A 80 -8.00 -4.37 -3.51
CA PHE A 80 -7.57 -3.02 -3.88
C PHE A 80 -6.10 -2.83 -3.53
N LEU A 81 -5.72 -3.31 -2.37
CA LEU A 81 -4.33 -3.24 -1.95
C LEU A 81 -3.47 -4.20 -2.72
N ASN A 82 -4.08 -5.27 -3.19
CA ASN A 82 -3.41 -6.20 -4.07
C ASN A 82 -2.99 -5.45 -5.32
N LEU A 83 -3.89 -4.56 -5.76
CA LEU A 83 -3.62 -3.64 -6.85
C LEU A 83 -2.47 -2.72 -6.51
N ILE A 84 -2.58 -2.05 -5.36
CA ILE A 84 -1.54 -1.15 -4.89
C ILE A 84 -0.20 -1.85 -4.87
N GLY A 85 -0.21 -3.15 -4.57
CA GLY A 85 0.98 -3.95 -4.64
C GLY A 85 1.55 -3.96 -6.05
N GLY A 86 0.73 -4.29 -7.04
CA GLY A 86 1.21 -4.42 -8.40
C GLY A 86 1.59 -3.08 -8.97
N LEU A 87 0.92 -2.05 -8.50
CA LEU A 87 1.20 -0.68 -8.87
C LEU A 87 2.54 -0.27 -8.33
N ALA A 88 2.67 -0.36 -7.01
CA ALA A 88 3.88 0.04 -6.32
C ALA A 88 5.07 -0.73 -6.83
N MET A 89 4.86 -2.01 -7.04
CA MET A 89 5.90 -2.89 -7.52
C MET A 89 6.41 -2.44 -8.88
N ALA A 90 5.49 -2.00 -9.73
CA ALA A 90 5.85 -1.53 -11.06
C ALA A 90 6.61 -0.21 -10.98
N CYS A 91 6.14 0.66 -10.11
CA CYS A 91 6.75 1.97 -9.91
C CYS A 91 8.10 1.83 -9.21
N HIS A 92 8.20 0.86 -8.32
CA HIS A 92 9.43 0.59 -7.60
C HIS A 92 10.44 -0.03 -8.55
N ASP A 93 9.94 -0.97 -9.36
CA ASP A 93 10.75 -1.59 -10.40
C ASP A 93 11.27 -0.51 -11.35
N SER A 94 10.43 0.49 -11.59
CA SER A 94 10.80 1.64 -12.40
C SER A 94 11.84 2.49 -11.70
N PHE A 95 11.64 2.71 -10.41
CA PHE A 95 12.55 3.49 -9.59
C PHE A 95 13.93 2.84 -9.57
N LEU A 96 13.93 1.51 -9.54
CA LEU A 96 15.16 0.74 -9.59
C LEU A 96 15.81 0.85 -10.96
N LYS A 97 14.99 1.00 -11.98
CA LYS A 97 15.47 1.18 -13.35
C LYS A 97 15.67 2.66 -13.66
N ALA A 98 15.58 3.49 -12.64
CA ALA A 98 15.75 4.92 -12.80
C ALA A 98 16.90 5.44 -11.95
N VAL A 99 16.69 5.46 -10.64
CA VAL A 99 17.69 5.94 -9.71
C VAL A 99 17.27 5.63 -8.27
N PRO A 100 17.53 4.40 -7.82
CA PRO A 100 17.12 3.92 -6.51
C PRO A 100 18.17 4.21 -5.46
N SER A 101 19.27 4.79 -5.89
CA SER A 101 20.33 5.19 -4.98
C SER A 101 20.04 6.58 -4.41
N GLN A 102 18.86 6.73 -3.82
CA GLN A 102 18.48 8.00 -3.21
C GLN A 102 19.40 8.33 -2.04
N LYS A 103 19.90 9.56 -2.03
CA LYS A 103 20.77 10.05 -0.97
C LYS A 103 22.05 9.23 -0.88
N ARG A 104 22.64 8.95 -2.04
CA ARG A 104 23.87 8.16 -2.09
C ARG A 104 25.10 9.03 -1.86
N THR A 105 24.91 10.34 -1.87
CA THR A 105 26.00 11.26 -1.65
C THR A 105 25.95 11.81 -0.22
N MET B 1 -4.93 16.32 -22.47
CA MET B 1 -5.76 17.20 -21.61
C MET B 1 -4.98 17.62 -20.37
N ALA B 2 -4.15 18.65 -20.54
CA ALA B 2 -3.36 19.20 -19.43
C ALA B 2 -2.46 18.14 -18.80
N LYS B 3 -1.34 17.86 -19.45
CA LYS B 3 -0.39 16.88 -18.94
C LYS B 3 0.35 17.41 -17.72
N ILE B 4 0.36 16.64 -16.65
CA ILE B 4 1.04 17.03 -15.43
C ILE B 4 1.79 15.83 -14.85
N SER B 5 2.69 16.10 -13.93
CA SER B 5 3.43 15.04 -13.26
C SER B 5 3.13 15.07 -11.76
N SER B 6 1.85 14.99 -11.44
CA SER B 6 1.40 15.02 -10.05
C SER B 6 0.73 13.70 -9.70
N PRO B 7 1.17 13.06 -8.62
CA PRO B 7 0.59 11.79 -8.17
C PRO B 7 -0.68 12.02 -7.38
N THR B 8 -1.53 11.01 -7.33
CA THR B 8 -2.71 11.07 -6.51
C THR B 8 -2.39 10.60 -5.11
N GLU B 9 -3.40 10.48 -4.27
CA GLU B 9 -3.20 10.02 -2.91
C GLU B 9 -2.53 8.64 -2.90
N THR B 10 -3.08 7.72 -3.66
CA THR B 10 -2.56 6.35 -3.68
C THR B 10 -1.22 6.30 -4.39
N GLU B 11 -1.04 7.12 -5.40
CA GLU B 11 0.19 7.11 -6.17
C GLU B 11 1.35 7.64 -5.34
N ARG B 12 1.13 8.77 -4.69
CA ARG B 12 2.14 9.35 -3.81
C ARG B 12 2.40 8.39 -2.66
N CYS B 13 1.34 7.74 -2.22
CA CYS B 13 1.41 6.82 -1.10
C CYS B 13 2.21 5.59 -1.50
N ILE B 14 2.03 5.20 -2.74
CA ILE B 14 2.80 4.12 -3.34
C ILE B 14 4.29 4.45 -3.35
N GLU B 15 4.61 5.68 -3.71
CA GLU B 15 5.99 6.11 -3.84
C GLU B 15 6.58 6.32 -2.47
N SER B 16 5.70 6.56 -1.52
CA SER B 16 6.12 6.76 -0.17
C SER B 16 6.48 5.41 0.46
N LEU B 17 5.79 4.36 0.02
CA LEU B 17 6.18 3.01 0.39
C LEU B 17 7.53 2.71 -0.22
N ILE B 18 7.72 3.18 -1.45
CA ILE B 18 9.01 3.12 -2.11
C ILE B 18 10.07 3.81 -1.26
N ALA B 19 9.73 4.99 -0.75
CA ALA B 19 10.65 5.77 0.08
C ALA B 19 10.99 5.05 1.37
N VAL B 20 9.96 4.66 2.14
CA VAL B 20 10.17 4.04 3.43
C VAL B 20 10.87 2.69 3.27
N PHE B 21 10.50 1.97 2.23
CA PHE B 21 11.15 0.71 1.92
C PHE B 21 12.61 0.94 1.59
N GLN B 22 12.86 1.88 0.68
CA GLN B 22 14.20 2.09 0.12
C GLN B 22 15.16 2.64 1.17
N LYS B 23 14.63 3.35 2.16
CA LYS B 23 15.49 3.93 3.18
C LYS B 23 15.91 2.87 4.21
N TYR B 24 15.01 1.95 4.55
CA TYR B 24 15.34 0.92 5.52
C TYR B 24 16.01 -0.27 4.86
N ALA B 25 15.46 -0.72 3.75
CA ALA B 25 16.08 -1.78 2.98
C ALA B 25 17.41 -1.30 2.43
N GLY B 26 17.55 0.01 2.36
CA GLY B 26 18.78 0.63 1.89
C GLY B 26 19.91 0.47 2.87
N LYS B 27 19.59 0.18 4.13
CA LYS B 27 20.62 -0.04 5.15
C LYS B 27 21.47 -1.25 4.79
N ASP B 28 20.87 -2.20 4.09
CA ASP B 28 21.55 -3.43 3.74
C ASP B 28 22.05 -3.36 2.29
N GLY B 29 21.95 -2.18 1.69
CA GLY B 29 22.43 -1.99 0.34
C GLY B 29 21.33 -1.93 -0.68
N TYR B 30 20.07 -1.99 -0.22
CA TYR B 30 18.86 -1.94 -1.07
C TYR B 30 18.98 -2.85 -2.30
N ASN B 31 18.13 -2.61 -3.28
CA ASN B 31 18.14 -3.30 -4.57
C ASN B 31 17.51 -4.70 -4.47
N TYR B 32 16.99 -5.05 -3.30
CA TYR B 32 16.31 -6.34 -3.15
C TYR B 32 15.36 -6.41 -1.96
N THR B 33 15.87 -6.35 -0.74
CA THR B 33 15.07 -6.71 0.42
C THR B 33 15.33 -5.87 1.66
N LEU B 34 14.30 -5.82 2.49
CA LEU B 34 14.36 -5.24 3.82
C LEU B 34 14.78 -6.33 4.79
N SER B 35 16.04 -6.25 5.21
CA SER B 35 16.66 -7.29 6.01
C SER B 35 15.96 -7.43 7.35
N LYS B 36 16.21 -8.56 8.02
CA LYS B 36 15.55 -8.88 9.28
C LYS B 36 15.64 -7.71 10.25
N THR B 37 16.86 -7.33 10.61
CA THR B 37 17.07 -6.23 11.55
C THR B 37 16.55 -4.91 10.99
N GLU B 38 16.59 -4.76 9.67
CA GLU B 38 16.14 -3.54 9.03
C GLU B 38 14.63 -3.44 9.14
N PHE B 39 13.99 -4.58 9.16
CA PHE B 39 12.55 -4.67 9.30
C PHE B 39 12.18 -4.47 10.76
N LEU B 40 13.03 -4.96 11.63
CA LEU B 40 12.87 -4.76 13.05
C LEU B 40 12.92 -3.26 13.35
N SER B 41 13.94 -2.61 12.79
CA SER B 41 14.09 -1.18 12.90
C SER B 41 12.89 -0.48 12.28
N PHE B 42 12.53 -0.91 11.07
CA PHE B 42 11.38 -0.37 10.36
C PHE B 42 10.13 -0.43 11.19
N MET B 43 9.70 -1.63 11.53
CA MET B 43 8.44 -1.80 12.22
C MET B 43 8.39 -1.09 13.58
N ASN B 44 9.52 -1.00 14.28
CA ASN B 44 9.53 -0.32 15.56
C ASN B 44 9.49 1.19 15.39
N THR B 45 9.84 1.67 14.21
CA THR B 45 9.84 3.11 13.97
C THR B 45 8.66 3.54 13.12
N GLU B 46 8.63 3.03 11.90
CA GLU B 46 7.65 3.41 10.92
C GLU B 46 6.31 2.72 11.17
N LEU B 47 6.30 1.75 12.06
CA LEU B 47 5.05 1.10 12.45
C LEU B 47 4.96 0.97 13.95
N ALA B 48 5.61 1.90 14.65
CA ALA B 48 5.60 1.91 16.09
C ALA B 48 4.19 1.99 16.64
N ALA B 49 3.25 2.51 15.85
CA ALA B 49 1.84 2.51 16.21
C ALA B 49 1.36 1.08 16.45
N PHE B 50 1.70 0.21 15.52
CA PHE B 50 1.26 -1.17 15.53
C PHE B 50 2.17 -2.03 16.39
N THR B 51 3.46 -1.74 16.34
CA THR B 51 4.46 -2.55 17.00
C THR B 51 4.60 -2.23 18.49
N LYS B 52 4.77 -0.96 18.82
CA LYS B 52 5.19 -0.56 20.17
C LYS B 52 4.12 -0.79 21.22
N ASN B 53 2.89 -1.07 20.79
CA ASN B 53 1.82 -1.32 21.74
C ASN B 53 1.86 -2.77 22.20
N GLN B 54 2.77 -3.53 21.61
CA GLN B 54 3.03 -4.89 22.05
C GLN B 54 4.52 -5.07 22.30
N LYS B 55 4.90 -5.10 23.58
CA LYS B 55 6.30 -5.16 23.96
C LYS B 55 6.85 -6.57 23.82
N ASP B 56 7.07 -6.98 22.58
CA ASP B 56 7.68 -8.27 22.28
C ASP B 56 8.29 -8.24 20.88
N PRO B 57 9.62 -8.31 20.79
CA PRO B 57 10.32 -8.22 19.49
C PRO B 57 10.02 -9.39 18.57
N GLY B 58 9.34 -10.40 19.10
CA GLY B 58 9.03 -11.58 18.33
C GLY B 58 7.85 -11.38 17.39
N VAL B 59 7.15 -10.27 17.56
CA VAL B 59 6.00 -10.00 16.71
C VAL B 59 6.43 -9.69 15.29
N LEU B 60 7.50 -8.93 15.16
CA LEU B 60 8.01 -8.58 13.84
C LEU B 60 8.58 -9.82 13.19
N ASP B 61 8.88 -10.80 14.03
CA ASP B 61 9.37 -12.09 13.60
C ASP B 61 8.25 -12.86 12.94
N ARG B 62 7.08 -12.76 13.55
CA ARG B 62 5.87 -13.38 13.04
C ARG B 62 5.48 -12.73 11.72
N MET B 63 5.63 -11.41 11.66
CA MET B 63 5.39 -10.66 10.43
C MET B 63 6.38 -11.10 9.37
N MET B 64 7.64 -11.12 9.76
CA MET B 64 8.71 -11.55 8.88
C MET B 64 8.35 -12.82 8.16
N LYS B 65 8.02 -13.86 8.91
CA LYS B 65 7.87 -15.21 8.35
C LYS B 65 6.76 -15.30 7.30
N LYS B 66 5.59 -14.74 7.59
CA LYS B 66 4.49 -14.75 6.62
C LYS B 66 4.87 -14.02 5.35
N LEU B 67 5.41 -12.85 5.54
CA LEU B 67 5.74 -11.96 4.47
C LEU B 67 6.95 -12.45 3.70
N ASP B 68 7.88 -13.06 4.45
CA ASP B 68 9.06 -13.69 3.88
C ASP B 68 8.61 -14.92 3.11
N THR B 69 7.82 -14.67 2.10
CA THR B 69 7.13 -15.67 1.37
C THR B 69 8.05 -16.30 0.34
N ASN B 70 9.13 -15.59 0.03
CA ASN B 70 10.16 -16.13 -0.85
C ASN B 70 11.17 -16.90 -0.01
N SER B 71 11.07 -16.68 1.30
CA SER B 71 11.85 -17.41 2.29
C SER B 71 13.34 -17.12 2.17
N ASP B 72 13.67 -15.85 2.02
CA ASP B 72 15.05 -15.43 1.92
C ASP B 72 15.51 -14.89 3.26
N GLY B 73 14.55 -14.53 4.11
CA GLY B 73 14.86 -14.03 5.42
C GLY B 73 14.75 -12.54 5.49
N GLN B 74 14.21 -11.96 4.43
CA GLN B 74 14.01 -10.54 4.32
C GLN B 74 12.67 -10.31 3.64
N LEU B 75 12.26 -9.06 3.54
CA LEU B 75 11.03 -8.74 2.85
C LEU B 75 11.30 -7.88 1.65
N ASP B 76 11.02 -8.43 0.49
CA ASP B 76 11.14 -7.70 -0.74
C ASP B 76 9.94 -6.78 -0.88
N PHE B 77 9.93 -5.90 -1.85
CA PHE B 77 8.90 -4.87 -1.95
C PHE B 77 7.50 -5.48 -1.91
N SER B 78 7.28 -6.54 -2.66
CA SER B 78 5.99 -7.22 -2.70
C SER B 78 5.66 -7.84 -1.34
N GLU B 79 6.69 -8.22 -0.60
CA GLU B 79 6.50 -8.83 0.71
C GLU B 79 6.29 -7.76 1.77
N PHE B 80 6.96 -6.64 1.57
CA PHE B 80 6.78 -5.45 2.38
C PHE B 80 5.39 -4.89 2.17
N LEU B 81 4.95 -4.87 0.93
CA LEU B 81 3.62 -4.41 0.59
C LEU B 81 2.58 -5.41 1.03
N ASN B 82 2.97 -6.67 1.07
CA ASN B 82 2.12 -7.70 1.61
C ASN B 82 1.79 -7.36 3.05
N LEU B 83 2.81 -6.85 3.74
CA LEU B 83 2.68 -6.33 5.08
C LEU B 83 1.73 -5.14 5.11
N ILE B 84 2.00 -4.16 4.26
CA ILE B 84 1.17 -2.98 4.15
C ILE B 84 -0.29 -3.38 3.93
N GLY B 85 -0.49 -4.48 3.22
CA GLY B 85 -1.81 -5.03 3.05
C GLY B 85 -2.42 -5.41 4.38
N GLY B 86 -1.70 -6.20 5.17
CA GLY B 86 -2.24 -6.70 6.43
C GLY B 86 -2.41 -5.59 7.43
N LEU B 87 -1.54 -4.60 7.32
CA LEU B 87 -1.58 -3.41 8.15
C LEU B 87 -2.82 -2.60 7.81
N ALA B 88 -2.91 -2.22 6.55
CA ALA B 88 -4.01 -1.40 6.06
C ALA B 88 -5.32 -2.08 6.32
N MET B 89 -5.35 -3.37 6.08
CA MET B 89 -6.56 -4.14 6.27
C MET B 89 -7.03 -4.09 7.71
N ALA B 90 -6.07 -4.14 8.63
CA ALA B 90 -6.39 -4.11 10.05
C ALA B 90 -6.89 -2.72 10.45
N CYS B 91 -6.24 -1.70 9.91
CA CYS B 91 -6.60 -0.31 10.18
C CYS B 91 -7.92 0.04 9.52
N HIS B 92 -8.16 -0.53 8.36
CA HIS B 92 -9.40 -0.32 7.63
C HIS B 92 -10.53 -1.04 8.35
N ASP B 93 -10.25 -2.27 8.77
CA ASP B 93 -11.19 -3.04 9.57
C ASP B 93 -11.53 -2.27 10.84
N SER B 94 -10.54 -1.59 11.38
CA SER B 94 -10.72 -0.74 12.54
C SER B 94 -11.58 0.48 12.20
N PHE B 95 -11.29 1.08 11.05
CA PHE B 95 -12.02 2.25 10.58
C PHE B 95 -13.49 1.90 10.39
N LEU B 96 -13.73 0.68 9.91
CA LEU B 96 -15.08 0.17 9.72
C LEU B 96 -15.75 -0.07 11.08
N LYS B 97 -14.94 -0.43 12.06
CA LYS B 97 -15.43 -0.65 13.42
C LYS B 97 -15.36 0.65 14.22
N ALA B 98 -15.10 1.75 13.54
CA ALA B 98 -15.00 3.04 14.18
C ALA B 98 -16.01 4.01 13.60
N VAL B 99 -15.76 4.45 12.38
CA VAL B 99 -16.64 5.39 11.69
C VAL B 99 -16.22 5.51 10.21
N PRO B 100 -16.69 4.57 9.39
CA PRO B 100 -16.33 4.50 7.98
C PRO B 100 -17.28 5.32 7.12
N SER B 101 -18.27 5.92 7.75
CA SER B 101 -19.21 6.77 7.07
C SER B 101 -18.66 8.20 7.00
N GLN B 102 -17.44 8.33 6.46
CA GLN B 102 -16.83 9.63 6.31
C GLN B 102 -17.63 10.50 5.34
N LYS B 103 -17.91 11.73 5.77
CA LYS B 103 -18.64 12.71 4.97
C LYS B 103 -20.05 12.21 4.64
N ARG B 104 -20.72 11.66 5.64
CA ARG B 104 -22.07 11.14 5.47
C ARG B 104 -23.11 12.24 5.59
N THR B 105 -22.69 13.41 6.05
CA THR B 105 -23.59 14.54 6.18
C THR B 105 -23.38 15.53 5.04
N MET A 1 6.56 12.12 24.89
CA MET A 1 6.30 11.06 25.88
C MET A 1 5.51 9.91 25.26
N ALA A 2 5.82 9.60 23.99
CA ALA A 2 5.15 8.52 23.27
C ALA A 2 3.67 8.79 23.09
N LYS A 3 2.94 7.77 22.63
CA LYS A 3 1.49 7.86 22.44
C LYS A 3 1.15 8.97 21.44
N ILE A 4 1.96 9.08 20.41
CA ILE A 4 1.75 10.06 19.36
C ILE A 4 0.86 9.48 18.28
N SER A 5 -0.37 9.96 18.21
CA SER A 5 -1.33 9.47 17.23
C SER A 5 -1.11 10.14 15.87
N SER A 6 0.10 10.04 15.37
CA SER A 6 0.46 10.58 14.07
C SER A 6 1.13 9.50 13.24
N PRO A 7 0.62 9.25 12.03
CA PRO A 7 1.09 8.14 11.18
C PRO A 7 2.43 8.44 10.52
N THR A 8 3.16 7.39 10.23
CA THR A 8 4.41 7.51 9.52
C THR A 8 4.20 7.38 8.03
N GLU A 9 5.29 7.38 7.28
CA GLU A 9 5.27 7.28 5.82
C GLU A 9 4.34 6.16 5.35
N THR A 10 4.52 4.99 5.91
CA THR A 10 3.74 3.82 5.53
C THR A 10 2.34 3.89 6.12
N GLU A 11 2.22 4.38 7.34
CA GLU A 11 0.93 4.42 7.98
C GLU A 11 0.01 5.41 7.30
N ARG A 12 0.56 6.56 6.91
CA ARG A 12 -0.22 7.56 6.20
C ARG A 12 -0.51 7.07 4.79
N CYS A 13 0.36 6.23 4.26
CA CYS A 13 0.13 5.61 2.97
C CYS A 13 -1.07 4.70 3.09
N ILE A 14 -1.11 4.03 4.21
CA ILE A 14 -2.12 3.05 4.48
C ILE A 14 -3.49 3.71 4.67
N GLU A 15 -3.52 4.83 5.37
CA GLU A 15 -4.77 5.50 5.63
C GLU A 15 -5.21 6.23 4.39
N SER A 16 -4.27 6.58 3.54
CA SER A 16 -4.59 7.26 2.32
C SER A 16 -5.30 6.30 1.38
N LEU A 17 -4.95 5.02 1.50
CA LEU A 17 -5.63 3.99 0.76
C LEU A 17 -7.04 3.83 1.30
N ILE A 18 -7.19 3.96 2.61
CA ILE A 18 -8.50 3.98 3.23
C ILE A 18 -9.30 5.17 2.71
N ALA A 19 -8.63 6.30 2.55
CA ALA A 19 -9.25 7.51 2.03
C ALA A 19 -9.77 7.31 0.61
N VAL A 20 -8.88 6.95 -0.31
CA VAL A 20 -9.27 6.75 -1.70
C VAL A 20 -10.22 5.56 -1.86
N PHE A 21 -9.92 4.47 -1.18
CA PHE A 21 -10.76 3.29 -1.27
C PHE A 21 -12.19 3.62 -0.87
N GLN A 22 -12.34 4.29 0.26
CA GLN A 22 -13.65 4.52 0.84
C GLN A 22 -14.44 5.60 0.10
N LYS A 23 -13.76 6.48 -0.63
CA LYS A 23 -14.49 7.49 -1.37
C LYS A 23 -15.04 6.94 -2.68
N TYR A 24 -14.30 6.02 -3.30
CA TYR A 24 -14.75 5.40 -4.55
C TYR A 24 -15.63 4.19 -4.30
N ALA A 25 -15.24 3.36 -3.35
CA ALA A 25 -16.02 2.17 -3.00
C ALA A 25 -17.33 2.59 -2.36
N GLY A 26 -17.29 3.74 -1.69
CA GLY A 26 -18.47 4.26 -1.03
C GLY A 26 -19.51 4.78 -2.01
N LYS A 27 -19.12 4.86 -3.29
CA LYS A 27 -20.03 5.33 -4.33
C LYS A 27 -21.18 4.36 -4.54
N ASP A 28 -20.89 3.06 -4.43
CA ASP A 28 -21.89 2.05 -4.76
C ASP A 28 -22.95 1.95 -3.67
N GLY A 29 -22.55 2.30 -2.44
CA GLY A 29 -23.50 2.38 -1.32
C GLY A 29 -23.98 1.02 -0.82
N TYR A 30 -24.21 0.09 -1.75
CA TYR A 30 -24.70 -1.24 -1.42
C TYR A 30 -23.68 -1.96 -0.54
N ASN A 31 -22.41 -1.73 -0.82
CA ASN A 31 -21.32 -2.31 -0.05
C ASN A 31 -20.16 -1.32 -0.06
N TYR A 32 -19.19 -1.55 0.83
CA TYR A 32 -18.01 -0.70 0.91
C TYR A 32 -16.90 -1.28 0.03
N THR A 33 -17.32 -1.97 -1.00
CA THR A 33 -16.44 -2.62 -1.96
C THR A 33 -16.48 -1.84 -3.27
N LEU A 34 -15.35 -1.75 -3.94
CA LEU A 34 -15.19 -0.84 -5.07
C LEU A 34 -15.70 -1.50 -6.33
N SER A 35 -16.88 -1.08 -6.74
CA SER A 35 -17.57 -1.70 -7.84
C SER A 35 -16.90 -1.35 -9.16
N LYS A 36 -17.33 -2.05 -10.21
CA LYS A 36 -16.67 -1.97 -11.52
C LYS A 36 -16.47 -0.52 -11.95
N THR A 37 -17.55 0.21 -12.13
CA THR A 37 -17.49 1.58 -12.62
C THR A 37 -16.78 2.50 -11.63
N GLU A 38 -16.86 2.16 -10.36
CA GLU A 38 -16.27 2.97 -9.31
C GLU A 38 -14.77 2.79 -9.31
N PHE A 39 -14.36 1.63 -9.78
CA PHE A 39 -12.95 1.30 -9.91
C PHE A 39 -12.43 1.88 -11.21
N LEU A 40 -13.31 1.94 -12.19
CA LEU A 40 -13.00 2.56 -13.47
C LEU A 40 -12.70 4.03 -13.25
N SER A 41 -13.58 4.72 -12.54
CA SER A 41 -13.35 6.11 -12.19
C SER A 41 -12.10 6.23 -11.35
N PHE A 42 -12.00 5.43 -10.28
CA PHE A 42 -10.80 5.37 -9.43
C PHE A 42 -9.54 5.31 -10.26
N MET A 43 -9.43 4.31 -11.11
CA MET A 43 -8.22 4.13 -11.88
C MET A 43 -8.03 5.20 -12.94
N ASN A 44 -9.10 5.73 -13.48
CA ASN A 44 -8.98 6.77 -14.50
C ASN A 44 -8.66 8.12 -13.87
N THR A 45 -8.89 8.26 -12.57
CA THR A 45 -8.63 9.51 -11.88
C THR A 45 -7.38 9.41 -11.03
N GLU A 46 -7.43 8.51 -10.08
CA GLU A 46 -6.39 8.35 -9.08
C GLU A 46 -5.21 7.59 -9.65
N LEU A 47 -5.43 6.77 -10.67
CA LEU A 47 -4.33 6.02 -11.27
C LEU A 47 -4.24 6.25 -12.75
N ALA A 48 -4.66 7.42 -13.19
CA ALA A 48 -4.59 7.78 -14.60
C ALA A 48 -3.16 7.72 -15.11
N ALA A 49 -2.21 7.88 -14.19
CA ALA A 49 -0.80 7.71 -14.50
C ALA A 49 -0.53 6.32 -15.05
N PHE A 50 -1.14 5.34 -14.41
CA PHE A 50 -0.99 3.94 -14.80
C PHE A 50 -1.94 3.59 -15.93
N THR A 51 -3.21 3.92 -15.71
CA THR A 51 -4.29 3.61 -16.62
C THR A 51 -4.02 4.07 -18.05
N LYS A 52 -3.70 5.35 -18.19
CA LYS A 52 -3.54 5.95 -19.50
C LYS A 52 -2.20 5.56 -20.11
N ASN A 53 -1.38 4.88 -19.33
CA ASN A 53 -0.09 4.44 -19.80
C ASN A 53 -0.16 2.97 -20.23
N GLN A 54 -1.27 2.33 -19.91
CA GLN A 54 -1.47 0.93 -20.24
C GLN A 54 -2.41 0.77 -21.44
N LYS A 55 -2.16 1.56 -22.47
CA LYS A 55 -2.89 1.46 -23.75
C LYS A 55 -4.33 1.97 -23.63
N ASP A 56 -5.21 1.12 -23.12
CA ASP A 56 -6.63 1.41 -23.12
C ASP A 56 -7.26 0.96 -21.80
N PRO A 57 -8.41 1.56 -21.43
CA PRO A 57 -9.08 1.32 -20.13
C PRO A 57 -9.54 -0.12 -19.93
N GLY A 58 -9.37 -0.95 -20.96
CA GLY A 58 -9.67 -2.35 -20.83
C GLY A 58 -8.74 -3.03 -19.86
N VAL A 59 -7.64 -2.35 -19.55
CA VAL A 59 -6.70 -2.83 -18.57
C VAL A 59 -7.32 -2.86 -17.19
N LEU A 60 -8.12 -1.85 -16.89
CA LEU A 60 -8.78 -1.75 -15.59
C LEU A 60 -9.69 -2.95 -15.40
N ASP A 61 -10.13 -3.48 -16.53
CA ASP A 61 -10.99 -4.65 -16.56
C ASP A 61 -10.19 -5.88 -16.16
N ARG A 62 -8.96 -5.90 -16.60
CA ARG A 62 -8.05 -6.99 -16.32
C ARG A 62 -7.56 -6.89 -14.88
N MET A 63 -7.38 -5.66 -14.41
CA MET A 63 -7.04 -5.42 -13.01
C MET A 63 -8.19 -5.91 -12.15
N MET A 64 -9.38 -5.45 -12.51
CA MET A 64 -10.59 -5.76 -11.78
C MET A 64 -10.69 -7.24 -11.51
N LYS A 65 -10.64 -8.06 -12.55
CA LYS A 65 -10.83 -9.50 -12.37
C LYS A 65 -9.61 -10.18 -11.74
N LYS A 66 -8.45 -9.55 -11.83
CA LYS A 66 -7.27 -10.04 -11.13
C LYS A 66 -7.46 -9.88 -9.62
N LEU A 67 -8.05 -8.75 -9.26
CA LEU A 67 -8.19 -8.37 -7.87
C LEU A 67 -9.49 -8.86 -7.27
N ASP A 68 -10.54 -8.91 -8.10
CA ASP A 68 -11.87 -9.39 -7.71
C ASP A 68 -11.78 -10.87 -7.36
N THR A 69 -11.18 -11.10 -6.23
CA THR A 69 -10.97 -12.43 -5.71
C THR A 69 -12.22 -12.87 -4.96
N ASN A 70 -13.02 -11.87 -4.60
CA ASN A 70 -14.31 -12.10 -3.96
C ASN A 70 -15.31 -12.59 -5.00
N SER A 71 -14.91 -12.38 -6.27
CA SER A 71 -15.68 -12.78 -7.42
C SER A 71 -17.07 -12.17 -7.38
N ASP A 72 -17.13 -10.95 -6.87
CA ASP A 72 -18.40 -10.27 -6.69
C ASP A 72 -18.55 -9.19 -7.74
N GLY A 73 -17.45 -8.82 -8.36
CA GLY A 73 -17.46 -7.77 -9.35
C GLY A 73 -17.16 -6.44 -8.72
N GLN A 74 -16.56 -6.52 -7.53
CA GLN A 74 -16.14 -5.34 -6.80
C GLN A 74 -14.81 -5.64 -6.13
N LEU A 75 -14.10 -4.60 -5.75
CA LEU A 75 -12.81 -4.77 -5.10
C LEU A 75 -12.84 -4.26 -3.69
N ASP A 76 -12.73 -5.19 -2.78
CA ASP A 76 -12.79 -4.88 -1.37
C ASP A 76 -11.40 -4.52 -0.88
N PHE A 77 -11.28 -4.35 0.42
CA PHE A 77 -10.09 -3.80 1.04
C PHE A 77 -8.80 -4.47 0.57
N SER A 78 -8.70 -5.78 0.75
CA SER A 78 -7.48 -6.50 0.38
C SER A 78 -7.32 -6.57 -1.13
N GLU A 79 -8.44 -6.51 -1.85
CA GLU A 79 -8.40 -6.63 -3.30
C GLU A 79 -7.87 -5.35 -3.92
N PHE A 80 -8.33 -4.23 -3.36
CA PHE A 80 -7.82 -2.91 -3.72
C PHE A 80 -6.35 -2.80 -3.38
N LEU A 81 -5.97 -3.40 -2.27
CA LEU A 81 -4.59 -3.35 -1.81
C LEU A 81 -3.71 -4.30 -2.60
N ASN A 82 -4.29 -5.38 -3.09
CA ASN A 82 -3.57 -6.29 -3.96
C ASN A 82 -3.14 -5.54 -5.20
N LEU A 83 -4.02 -4.63 -5.61
CA LEU A 83 -3.74 -3.72 -6.69
C LEU A 83 -2.58 -2.80 -6.34
N ILE A 84 -2.67 -2.17 -5.18
CA ILE A 84 -1.61 -1.29 -4.69
C ILE A 84 -0.28 -2.03 -4.67
N GLY A 85 -0.35 -3.33 -4.40
CA GLY A 85 0.82 -4.17 -4.49
C GLY A 85 1.42 -4.17 -5.89
N GLY A 86 0.56 -4.38 -6.89
CA GLY A 86 1.05 -4.45 -8.26
C GLY A 86 1.50 -3.10 -8.76
N LEU A 87 0.75 -2.08 -8.36
CA LEU A 87 1.07 -0.71 -8.67
C LEU A 87 2.43 -0.33 -8.11
N ALA A 88 2.56 -0.48 -6.80
CA ALA A 88 3.77 -0.12 -6.10
C ALA A 88 4.95 -0.87 -6.63
N MET A 89 4.72 -2.11 -7.00
CA MET A 89 5.78 -2.94 -7.52
C MET A 89 6.28 -2.40 -8.84
N ALA A 90 5.34 -1.95 -9.67
CA ALA A 90 5.67 -1.39 -10.97
C ALA A 90 6.45 -0.10 -10.82
N CYS A 91 6.20 0.61 -9.73
CA CYS A 91 6.88 1.85 -9.45
C CYS A 91 8.23 1.57 -8.81
N HIS A 92 8.25 0.62 -7.89
CA HIS A 92 9.46 0.19 -7.24
C HIS A 92 10.49 -0.23 -8.26
N ASP A 93 10.08 -1.08 -9.19
CA ASP A 93 11.00 -1.55 -10.21
C ASP A 93 11.46 -0.41 -11.08
N SER A 94 10.52 0.44 -11.44
CA SER A 94 10.83 1.70 -12.15
C SER A 94 11.98 2.43 -11.47
N PHE A 95 11.86 2.64 -10.17
CA PHE A 95 12.88 3.35 -9.41
C PHE A 95 14.21 2.61 -9.46
N LEU A 96 14.15 1.29 -9.42
CA LEU A 96 15.34 0.47 -9.40
C LEU A 96 15.93 0.32 -10.80
N LYS A 97 15.12 0.64 -11.79
CA LYS A 97 15.54 0.61 -13.18
C LYS A 97 15.72 2.05 -13.70
N ALA A 98 15.70 2.99 -12.76
CA ALA A 98 15.85 4.40 -13.09
C ALA A 98 16.71 5.10 -12.05
N VAL A 99 16.12 5.38 -10.90
CA VAL A 99 16.81 6.02 -9.79
C VAL A 99 15.99 5.87 -8.51
N PRO A 100 16.47 5.03 -7.59
CA PRO A 100 15.81 4.82 -6.31
C PRO A 100 15.82 6.09 -5.46
N SER A 101 14.69 6.40 -4.86
CA SER A 101 14.58 7.51 -3.93
C SER A 101 15.17 7.11 -2.59
N GLN A 102 16.15 6.22 -2.66
CA GLN A 102 16.83 5.71 -1.48
C GLN A 102 17.75 6.77 -0.91
N LYS A 103 17.28 7.48 0.10
CA LYS A 103 18.06 8.54 0.71
C LYS A 103 18.52 8.12 2.09
N ARG A 104 19.20 6.98 2.15
CA ARG A 104 19.75 6.49 3.40
C ARG A 104 21.08 7.18 3.68
N THR A 105 21.75 7.59 2.61
CA THR A 105 22.98 8.33 2.72
C THR A 105 22.68 9.83 2.63
N MET B 1 -3.55 20.80 -19.06
CA MET B 1 -3.46 20.11 -20.37
C MET B 1 -2.91 18.69 -20.20
N ALA B 2 -3.30 18.04 -19.11
CA ALA B 2 -2.87 16.68 -18.81
C ALA B 2 -1.35 16.60 -18.61
N LYS B 3 -0.84 15.37 -18.54
CA LYS B 3 0.60 15.13 -18.37
C LYS B 3 1.10 15.75 -17.07
N ILE B 4 0.29 15.65 -16.03
CA ILE B 4 0.66 16.17 -14.73
C ILE B 4 1.39 15.10 -13.93
N SER B 5 2.68 15.29 -13.75
CA SER B 5 3.51 14.33 -13.03
C SER B 5 3.38 14.54 -11.52
N SER B 6 2.15 14.49 -11.04
CA SER B 6 1.85 14.62 -9.62
C SER B 6 0.98 13.45 -9.18
N PRO B 7 1.40 12.72 -8.14
CA PRO B 7 0.71 11.49 -7.71
C PRO B 7 -0.57 11.78 -6.94
N THR B 8 -1.48 10.85 -6.99
CA THR B 8 -2.72 10.96 -6.25
C THR B 8 -2.57 10.28 -4.89
N GLU B 9 -3.68 10.22 -4.16
CA GLU B 9 -3.71 9.63 -2.82
C GLU B 9 -3.01 8.28 -2.79
N THR B 10 -3.39 7.40 -3.72
CA THR B 10 -2.83 6.06 -3.76
C THR B 10 -1.43 6.07 -4.34
N GLU B 11 -1.20 6.92 -5.33
CA GLU B 11 0.11 6.94 -5.97
C GLU B 11 1.17 7.46 -5.02
N ARG B 12 0.82 8.49 -4.26
CA ARG B 12 1.74 9.04 -3.27
C ARG B 12 1.90 8.06 -2.11
N CYS B 13 0.87 7.26 -1.87
CA CYS B 13 0.95 6.20 -0.89
C CYS B 13 1.97 5.20 -1.34
N ILE B 14 1.92 4.94 -2.62
CA ILE B 14 2.75 3.95 -3.24
C ILE B 14 4.22 4.38 -3.25
N GLU B 15 4.47 5.64 -3.52
CA GLU B 15 5.83 6.13 -3.58
C GLU B 15 6.37 6.31 -2.19
N SER B 16 5.47 6.51 -1.24
CA SER B 16 5.87 6.66 0.14
C SER B 16 6.36 5.33 0.67
N LEU B 17 5.80 4.25 0.14
CA LEU B 17 6.27 2.92 0.46
C LEU B 17 7.64 2.71 -0.15
N ILE B 18 7.85 3.25 -1.34
CA ILE B 18 9.15 3.25 -1.96
C ILE B 18 10.15 4.02 -1.10
N ALA B 19 9.68 5.13 -0.54
CA ALA B 19 10.50 5.97 0.33
C ALA B 19 10.93 5.20 1.58
N VAL B 20 9.95 4.72 2.36
CA VAL B 20 10.27 3.99 3.59
C VAL B 20 10.97 2.67 3.31
N PHE B 21 10.50 1.95 2.31
CA PHE B 21 11.12 0.67 1.96
C PHE B 21 12.60 0.86 1.65
N GLN B 22 12.91 1.83 0.81
CA GLN B 22 14.25 2.01 0.30
C GLN B 22 15.19 2.61 1.33
N LYS B 23 14.67 3.30 2.34
CA LYS B 23 15.54 3.86 3.36
C LYS B 23 15.94 2.80 4.37
N TYR B 24 15.03 1.87 4.67
CA TYR B 24 15.32 0.80 5.62
C TYR B 24 15.98 -0.40 4.94
N ALA B 25 15.47 -0.78 3.78
CA ALA B 25 16.04 -1.88 3.04
C ALA B 25 17.42 -1.52 2.52
N GLY B 26 17.61 -0.22 2.28
CA GLY B 26 18.88 0.27 1.80
C GLY B 26 19.96 0.23 2.86
N LYS B 27 19.56 -0.05 4.11
CA LYS B 27 20.51 -0.14 5.22
C LYS B 27 21.46 -1.31 5.04
N ASP B 28 20.96 -2.42 4.52
CA ASP B 28 21.74 -3.64 4.45
C ASP B 28 22.79 -3.56 3.35
N GLY B 29 22.51 -2.75 2.32
CA GLY B 29 23.49 -2.47 1.28
C GLY B 29 23.74 -3.63 0.33
N TYR B 30 23.76 -4.84 0.88
CA TYR B 30 24.00 -6.06 0.10
C TYR B 30 22.90 -6.24 -0.93
N ASN B 31 21.68 -5.89 -0.55
CA ASN B 31 20.54 -5.98 -1.44
C ASN B 31 19.57 -4.86 -1.07
N TYR B 32 18.61 -4.60 -1.94
CA TYR B 32 17.59 -3.57 -1.69
C TYR B 32 16.38 -4.21 -1.01
N THR B 33 16.64 -5.28 -0.29
CA THR B 33 15.62 -6.04 0.43
C THR B 33 15.77 -5.77 1.91
N LEU B 34 14.65 -5.70 2.61
CA LEU B 34 14.62 -5.23 3.98
C LEU B 34 14.96 -6.35 4.94
N SER B 35 16.19 -6.31 5.42
CA SER B 35 16.73 -7.38 6.22
C SER B 35 16.10 -7.39 7.60
N LYS B 36 16.36 -8.46 8.35
CA LYS B 36 15.69 -8.72 9.61
C LYS B 36 15.73 -7.49 10.53
N THR B 37 16.93 -7.07 10.90
CA THR B 37 17.10 -5.96 11.82
C THR B 37 16.58 -4.65 11.23
N GLU B 38 16.65 -4.55 9.92
CA GLU B 38 16.25 -3.32 9.23
C GLU B 38 14.73 -3.23 9.22
N PHE B 39 14.10 -4.39 9.27
CA PHE B 39 12.66 -4.49 9.34
C PHE B 39 12.22 -4.29 10.77
N LEU B 40 13.06 -4.73 11.68
CA LEU B 40 12.83 -4.54 13.11
C LEU B 40 12.80 -3.05 13.41
N SER B 41 13.82 -2.33 12.94
CA SER B 41 13.86 -0.89 13.10
C SER B 41 12.66 -0.26 12.39
N PHE B 42 12.46 -0.62 11.12
CA PHE B 42 11.30 -0.18 10.33
C PHE B 42 10.02 -0.29 11.14
N MET B 43 9.70 -1.48 11.60
CA MET B 43 8.46 -1.69 12.30
C MET B 43 8.43 -1.02 13.66
N ASN B 44 9.57 -0.90 14.32
CA ASN B 44 9.60 -0.28 15.63
C ASN B 44 9.55 1.25 15.52
N THR B 45 9.84 1.77 14.34
CA THR B 45 9.83 3.21 14.11
C THR B 45 8.61 3.63 13.33
N GLU B 46 8.53 3.12 12.11
CA GLU B 46 7.50 3.49 11.17
C GLU B 46 6.18 2.80 11.49
N LEU B 47 6.23 1.66 12.16
CA LEU B 47 5.00 0.96 12.49
C LEU B 47 4.90 0.68 13.98
N ALA B 48 5.51 1.54 14.77
CA ALA B 48 5.47 1.41 16.21
C ALA B 48 4.03 1.43 16.72
N ALA B 49 3.15 2.06 15.95
CA ALA B 49 1.72 2.06 16.23
C ALA B 49 1.20 0.62 16.29
N PHE B 50 1.64 -0.18 15.34
CA PHE B 50 1.23 -1.56 15.22
C PHE B 50 2.08 -2.45 16.13
N THR B 51 3.38 -2.29 16.01
CA THR B 51 4.36 -3.08 16.72
C THR B 51 4.14 -3.08 18.22
N LYS B 52 4.04 -1.89 18.80
CA LYS B 52 3.95 -1.75 20.24
C LYS B 52 2.56 -2.07 20.73
N ASN B 53 1.65 -2.31 19.79
CA ASN B 53 0.29 -2.63 20.12
C ASN B 53 0.07 -4.15 20.02
N GLN B 54 1.07 -4.83 19.47
CA GLN B 54 1.00 -6.28 19.31
C GLN B 54 1.86 -7.00 20.34
N LYS B 55 1.73 -6.58 21.60
CA LYS B 55 2.39 -7.22 22.74
C LYS B 55 3.89 -6.98 22.75
N ASP B 56 4.63 -7.74 21.96
CA ASP B 56 6.09 -7.73 22.01
C ASP B 56 6.66 -7.80 20.60
N PRO B 57 7.91 -7.33 20.41
CA PRO B 57 8.56 -7.24 19.09
C PRO B 57 8.76 -8.58 18.39
N GLY B 58 8.42 -9.66 19.09
CA GLY B 58 8.46 -10.97 18.48
C GLY B 58 7.45 -11.11 17.36
N VAL B 59 6.51 -10.18 17.34
CA VAL B 59 5.52 -10.11 16.29
C VAL B 59 6.16 -9.78 14.96
N LEU B 60 7.15 -8.89 15.00
CA LEU B 60 7.85 -8.48 13.79
C LEU B 60 8.53 -9.68 13.16
N ASP B 61 8.83 -10.63 14.03
CA ASP B 61 9.47 -11.87 13.64
C ASP B 61 8.48 -12.74 12.87
N ARG B 62 7.24 -12.68 13.34
CA ARG B 62 6.16 -13.43 12.73
C ARG B 62 5.74 -12.77 11.42
N MET B 63 5.81 -11.44 11.40
CA MET B 63 5.56 -10.68 10.18
C MET B 63 6.62 -11.05 9.16
N MET B 64 7.86 -10.96 9.62
CA MET B 64 9.02 -11.22 8.78
C MET B 64 8.86 -12.51 8.02
N LYS B 65 8.63 -13.61 8.72
CA LYS B 65 8.56 -14.91 8.06
C LYS B 65 7.27 -15.11 7.28
N LYS B 66 6.23 -14.35 7.62
CA LYS B 66 5.01 -14.35 6.84
C LYS B 66 5.26 -13.72 5.48
N LEU B 67 6.06 -12.68 5.49
CA LEU B 67 6.30 -11.87 4.30
C LEU B 67 7.51 -12.36 3.53
N ASP B 68 8.50 -12.87 4.27
CA ASP B 68 9.74 -13.42 3.68
C ASP B 68 9.40 -14.65 2.86
N THR B 69 8.80 -14.37 1.73
CA THR B 69 8.37 -15.38 0.80
C THR B 69 9.54 -15.76 -0.09
N ASN B 70 10.53 -14.86 -0.13
CA ASN B 70 11.77 -15.09 -0.84
C ASN B 70 12.62 -16.07 -0.06
N SER B 71 12.24 -16.23 1.21
CA SER B 71 12.89 -17.13 2.14
C SER B 71 14.36 -16.81 2.27
N ASP B 72 14.67 -15.52 2.18
CA ASP B 72 16.04 -15.05 2.20
C ASP B 72 16.35 -14.45 3.56
N GLY B 73 15.30 -14.12 4.29
CA GLY B 73 15.49 -13.48 5.59
C GLY B 73 15.45 -11.98 5.45
N GLN B 74 14.88 -11.54 4.34
CA GLN B 74 14.70 -10.13 4.05
C GLN B 74 13.35 -9.94 3.37
N LEU B 75 12.85 -8.73 3.38
CA LEU B 75 11.58 -8.43 2.76
C LEU B 75 11.74 -7.49 1.61
N ASP B 76 11.49 -8.03 0.43
CA ASP B 76 11.65 -7.27 -0.79
C ASP B 76 10.36 -6.52 -1.08
N PHE B 77 10.32 -5.90 -2.23
CA PHE B 77 9.26 -4.98 -2.59
C PHE B 77 7.85 -5.52 -2.35
N SER B 78 7.52 -6.65 -2.94
CA SER B 78 6.19 -7.23 -2.81
C SER B 78 5.97 -7.77 -1.39
N GLU B 79 7.05 -8.15 -0.74
CA GLU B 79 6.97 -8.76 0.58
C GLU B 79 6.66 -7.68 1.62
N PHE B 80 7.31 -6.55 1.46
CA PHE B 80 7.05 -5.35 2.26
C PHE B 80 5.62 -4.88 2.02
N LEU B 81 5.18 -4.99 0.79
CA LEU B 81 3.84 -4.55 0.43
C LEU B 81 2.78 -5.53 0.88
N ASN B 82 3.15 -6.80 0.95
CA ASN B 82 2.25 -7.80 1.48
C ASN B 82 1.93 -7.46 2.92
N LEU B 83 2.93 -6.91 3.59
CA LEU B 83 2.79 -6.38 4.92
C LEU B 83 1.83 -5.21 4.94
N ILE B 84 2.07 -4.24 4.05
CA ILE B 84 1.20 -3.08 3.93
C ILE B 84 -0.24 -3.53 3.70
N GLY B 85 -0.40 -4.64 3.01
CA GLY B 85 -1.71 -5.23 2.84
C GLY B 85 -2.33 -5.61 4.18
N GLY B 86 -1.56 -6.29 5.03
CA GLY B 86 -2.09 -6.73 6.31
C GLY B 86 -2.31 -5.58 7.24
N LEU B 87 -1.38 -4.63 7.19
CA LEU B 87 -1.44 -3.41 7.97
C LEU B 87 -2.69 -2.62 7.61
N ALA B 88 -2.82 -2.30 6.32
CA ALA B 88 -3.92 -1.51 5.83
C ALA B 88 -5.24 -2.17 6.12
N MET B 89 -5.24 -3.48 6.03
CA MET B 89 -6.44 -4.24 6.28
C MET B 89 -6.88 -4.10 7.72
N ALA B 90 -5.90 -4.12 8.62
CA ALA B 90 -6.17 -4.00 10.05
C ALA B 90 -6.70 -2.61 10.37
N CYS B 91 -6.29 -1.64 9.58
CA CYS B 91 -6.72 -0.27 9.76
C CYS B 91 -8.08 -0.07 9.11
N HIS B 92 -8.24 -0.64 7.92
CA HIS B 92 -9.50 -0.59 7.20
C HIS B 92 -10.62 -1.14 8.06
N ASP B 93 -10.39 -2.32 8.63
CA ASP B 93 -11.41 -2.94 9.45
C ASP B 93 -11.68 -2.09 10.68
N SER B 94 -10.62 -1.59 11.27
CA SER B 94 -10.71 -0.63 12.37
C SER B 94 -11.69 0.48 12.02
N PHE B 95 -11.50 1.10 10.87
CA PHE B 95 -12.34 2.20 10.43
C PHE B 95 -13.79 1.73 10.27
N LEU B 96 -13.96 0.52 9.79
CA LEU B 96 -15.30 -0.02 9.53
C LEU B 96 -15.94 -0.54 10.81
N LYS B 97 -15.12 -0.71 11.83
CA LYS B 97 -15.57 -1.13 13.14
C LYS B 97 -15.50 0.05 14.11
N ALA B 98 -15.29 1.24 13.55
CA ALA B 98 -15.20 2.46 14.34
C ALA B 98 -15.88 3.62 13.63
N VAL B 99 -15.22 4.16 12.61
CA VAL B 99 -15.75 5.25 11.82
C VAL B 99 -14.95 5.40 10.53
N PRO B 100 -15.53 5.02 9.40
CA PRO B 100 -14.87 5.14 8.10
C PRO B 100 -14.65 6.59 7.74
N SER B 101 -13.46 6.88 7.24
CA SER B 101 -13.11 8.20 6.75
C SER B 101 -13.74 8.40 5.36
N GLN B 102 -14.85 7.72 5.15
CA GLN B 102 -15.59 7.77 3.90
C GLN B 102 -16.28 9.11 3.75
N LYS B 103 -15.66 10.02 3.03
CA LYS B 103 -16.22 11.35 2.84
C LYS B 103 -16.72 11.52 1.41
N ARG B 104 -17.57 10.60 1.00
CA ARG B 104 -18.18 10.66 -0.33
C ARG B 104 -19.34 11.65 -0.31
N THR B 105 -19.96 11.77 0.85
CA THR B 105 -21.03 12.72 1.05
C THR B 105 -20.47 14.01 1.64
N MET A 1 6.22 6.08 22.74
CA MET A 1 6.22 5.59 24.14
C MET A 1 4.81 5.22 24.58
N ALA A 2 3.92 6.21 24.63
CA ALA A 2 2.54 5.96 25.00
C ALA A 2 1.61 6.36 23.86
N LYS A 3 1.86 7.53 23.30
CA LYS A 3 1.06 8.04 22.19
C LYS A 3 1.81 7.91 20.88
N ILE A 4 1.07 7.58 19.83
CA ILE A 4 1.64 7.51 18.50
C ILE A 4 1.67 8.90 17.88
N SER A 5 0.67 9.70 18.26
CA SER A 5 0.52 11.09 17.83
C SER A 5 0.56 11.24 16.30
N SER A 6 1.74 11.50 15.76
CA SER A 6 1.92 11.64 14.33
C SER A 6 2.35 10.32 13.71
N PRO A 7 1.68 9.87 12.65
CA PRO A 7 2.02 8.63 11.96
C PRO A 7 3.25 8.79 11.09
N THR A 8 3.76 7.69 10.58
CA THR A 8 4.91 7.74 9.71
C THR A 8 4.47 7.88 8.27
N GLU A 9 5.39 7.73 7.34
CA GLU A 9 5.05 7.81 5.95
C GLU A 9 4.14 6.65 5.54
N THR A 10 4.49 5.44 5.95
CA THR A 10 3.72 4.26 5.58
C THR A 10 2.38 4.28 6.29
N GLU A 11 2.38 4.70 7.54
CA GLU A 11 1.17 4.71 8.34
C GLU A 11 0.14 5.66 7.77
N ARG A 12 0.58 6.86 7.45
CA ARG A 12 -0.30 7.86 6.87
C ARG A 12 -0.74 7.40 5.49
N CYS A 13 0.18 6.72 4.80
CA CYS A 13 -0.07 6.26 3.44
C CYS A 13 -1.09 5.14 3.46
N ILE A 14 -0.98 4.31 4.49
CA ILE A 14 -1.94 3.27 4.75
C ILE A 14 -3.34 3.85 4.92
N GLU A 15 -3.46 4.88 5.76
CA GLU A 15 -4.74 5.45 6.09
C GLU A 15 -5.30 6.19 4.90
N SER A 16 -4.39 6.59 4.04
CA SER A 16 -4.78 7.28 2.84
C SER A 16 -5.34 6.30 1.82
N LEU A 17 -4.85 5.06 1.87
CA LEU A 17 -5.45 4.00 1.08
C LEU A 17 -6.84 3.70 1.62
N ILE A 18 -6.99 3.85 2.93
CA ILE A 18 -8.29 3.79 3.58
C ILE A 18 -9.18 4.89 3.01
N ALA A 19 -8.62 6.08 2.91
CA ALA A 19 -9.35 7.24 2.39
C ALA A 19 -9.80 7.01 0.94
N VAL A 20 -8.84 6.74 0.05
CA VAL A 20 -9.13 6.61 -1.37
C VAL A 20 -10.03 5.40 -1.63
N PHE A 21 -9.74 4.30 -0.94
CA PHE A 21 -10.57 3.11 -1.07
C PHE A 21 -11.99 3.39 -0.64
N GLN A 22 -12.14 3.95 0.55
CA GLN A 22 -13.44 4.12 1.17
C GLN A 22 -14.27 5.21 0.51
N LYS A 23 -13.64 6.11 -0.24
CA LYS A 23 -14.39 7.13 -0.93
C LYS A 23 -15.00 6.59 -2.22
N TYR A 24 -14.26 5.75 -2.94
CA TYR A 24 -14.78 5.17 -4.19
C TYR A 24 -15.61 3.93 -3.91
N ALA A 25 -15.17 3.10 -2.99
CA ALA A 25 -15.96 1.96 -2.56
C ALA A 25 -17.14 2.45 -1.74
N GLY A 26 -17.02 3.67 -1.25
CA GLY A 26 -18.08 4.30 -0.49
C GLY A 26 -19.14 4.90 -1.40
N LYS A 27 -18.96 4.73 -2.71
CA LYS A 27 -19.98 5.15 -3.66
C LYS A 27 -21.21 4.27 -3.52
N ASP A 28 -20.97 3.01 -3.20
CA ASP A 28 -22.04 2.06 -2.93
C ASP A 28 -22.71 2.40 -1.61
N GLY A 29 -21.95 3.07 -0.75
CA GLY A 29 -22.48 3.61 0.50
C GLY A 29 -22.45 2.62 1.64
N TYR A 30 -22.74 1.36 1.38
CA TYR A 30 -22.76 0.35 2.42
C TYR A 30 -22.08 -0.92 1.92
N ASN A 31 -20.82 -0.78 1.55
CA ASN A 31 -20.08 -1.89 0.96
C ASN A 31 -18.59 -1.71 1.19
N TYR A 32 -17.90 -2.80 1.45
CA TYR A 32 -16.45 -2.77 1.69
C TYR A 32 -15.70 -3.18 0.43
N THR A 33 -16.34 -2.98 -0.71
CA THR A 33 -15.79 -3.44 -1.97
C THR A 33 -16.00 -2.40 -3.05
N LEU A 34 -14.98 -2.20 -3.85
CA LEU A 34 -14.99 -1.25 -4.94
C LEU A 34 -15.55 -1.92 -6.18
N SER A 35 -16.75 -1.51 -6.56
CA SER A 35 -17.47 -2.14 -7.65
C SER A 35 -16.79 -1.86 -8.99
N LYS A 36 -17.18 -2.61 -10.02
CA LYS A 36 -16.53 -2.56 -11.33
C LYS A 36 -16.35 -1.12 -11.79
N THR A 37 -17.46 -0.43 -11.96
CA THR A 37 -17.44 0.93 -12.45
C THR A 37 -16.78 1.87 -11.44
N GLU A 38 -16.81 1.49 -10.18
CA GLU A 38 -16.30 2.34 -9.13
C GLU A 38 -14.77 2.37 -9.16
N PHE A 39 -14.14 1.25 -9.50
CA PHE A 39 -12.68 1.27 -9.63
C PHE A 39 -12.29 1.72 -11.01
N LEU A 40 -13.20 1.59 -11.95
CA LEU A 40 -12.97 2.15 -13.26
C LEU A 40 -12.72 3.66 -13.14
N SER A 41 -13.64 4.34 -12.47
CA SER A 41 -13.52 5.76 -12.23
C SER A 41 -12.33 6.03 -11.31
N PHE A 42 -12.16 5.18 -10.30
CA PHE A 42 -11.01 5.25 -9.41
C PHE A 42 -9.72 5.22 -10.21
N MET A 43 -9.51 4.12 -10.90
CA MET A 43 -8.30 3.90 -11.69
C MET A 43 -7.99 5.06 -12.62
N ASN A 44 -8.97 5.56 -13.35
CA ASN A 44 -8.71 6.63 -14.31
C ASN A 44 -8.39 7.94 -13.62
N THR A 45 -8.81 8.10 -12.37
CA THR A 45 -8.58 9.36 -11.66
C THR A 45 -7.45 9.24 -10.66
N GLU A 46 -7.65 8.37 -9.67
CA GLU A 46 -6.72 8.19 -8.58
C GLU A 46 -5.51 7.36 -9.02
N LEU A 47 -5.57 6.77 -10.20
CA LEU A 47 -4.44 6.03 -10.73
C LEU A 47 -4.19 6.40 -12.18
N ALA A 48 -4.54 7.62 -12.53
CA ALA A 48 -4.36 8.09 -13.89
C ALA A 48 -2.89 8.06 -14.32
N ALA A 49 -1.98 8.08 -13.35
CA ALA A 49 -0.57 7.92 -13.65
C ALA A 49 -0.35 6.60 -14.39
N PHE A 50 -1.00 5.58 -13.89
CA PHE A 50 -0.89 4.24 -14.43
C PHE A 50 -1.90 4.02 -15.56
N THR A 51 -3.15 4.30 -15.29
CA THR A 51 -4.25 4.00 -16.19
C THR A 51 -4.13 4.72 -17.53
N LYS A 52 -3.70 5.98 -17.49
CA LYS A 52 -3.64 6.79 -18.69
C LYS A 52 -2.39 6.48 -19.49
N ASN A 53 -1.55 5.64 -18.90
CA ASN A 53 -0.34 5.20 -19.56
C ASN A 53 -0.67 4.07 -20.53
N GLN A 54 -1.75 3.35 -20.22
CA GLN A 54 -2.30 2.37 -21.13
C GLN A 54 -3.31 3.05 -22.05
N LYS A 55 -3.51 2.48 -23.22
CA LYS A 55 -4.28 3.15 -24.27
C LYS A 55 -5.72 2.66 -24.32
N ASP A 56 -5.99 1.48 -23.79
CA ASP A 56 -7.33 0.91 -23.85
C ASP A 56 -7.87 0.67 -22.44
N PRO A 57 -9.19 0.91 -22.25
CA PRO A 57 -9.86 0.76 -20.95
C PRO A 57 -9.94 -0.68 -20.47
N GLY A 58 -9.54 -1.60 -21.34
CA GLY A 58 -9.56 -3.01 -20.99
C GLY A 58 -8.56 -3.33 -19.89
N VAL A 59 -7.64 -2.40 -19.66
CA VAL A 59 -6.62 -2.59 -18.63
C VAL A 59 -7.23 -2.65 -17.25
N LEU A 60 -8.19 -1.79 -16.99
CA LEU A 60 -8.84 -1.77 -15.68
C LEU A 60 -9.62 -3.05 -15.50
N ASP A 61 -9.96 -3.65 -16.62
CA ASP A 61 -10.63 -4.94 -16.65
C ASP A 61 -9.65 -6.03 -16.28
N ARG A 62 -8.43 -5.86 -16.75
CA ARG A 62 -7.35 -6.80 -16.46
C ARG A 62 -6.93 -6.69 -15.00
N MET A 63 -6.97 -5.46 -14.46
CA MET A 63 -6.75 -5.26 -13.04
C MET A 63 -7.86 -5.92 -12.26
N MET A 64 -9.10 -5.64 -12.70
CA MET A 64 -10.29 -6.21 -12.10
C MET A 64 -10.13 -7.69 -11.84
N LYS A 65 -9.90 -8.45 -12.90
CA LYS A 65 -9.96 -9.89 -12.82
C LYS A 65 -8.76 -10.47 -12.08
N LYS A 66 -7.67 -9.71 -12.05
CA LYS A 66 -6.51 -10.07 -11.27
C LYS A 66 -6.83 -9.97 -9.78
N LEU A 67 -7.45 -8.85 -9.42
CA LEU A 67 -7.66 -8.49 -8.03
C LEU A 67 -8.98 -9.04 -7.51
N ASP A 68 -9.94 -9.19 -8.41
CA ASP A 68 -11.26 -9.75 -8.08
C ASP A 68 -11.10 -11.22 -7.75
N THR A 69 -10.48 -11.45 -6.62
CA THR A 69 -10.07 -12.75 -6.17
C THR A 69 -11.27 -13.61 -5.78
N ASN A 70 -12.41 -12.97 -5.55
CA ASN A 70 -13.61 -13.67 -5.13
C ASN A 70 -14.54 -13.89 -6.31
N SER A 71 -14.16 -13.29 -7.44
CA SER A 71 -14.90 -13.40 -8.68
C SER A 71 -16.31 -12.83 -8.50
N ASP A 72 -16.40 -11.73 -7.77
CA ASP A 72 -17.68 -11.09 -7.50
C ASP A 72 -17.84 -9.88 -8.40
N GLY A 73 -16.73 -9.42 -8.94
CA GLY A 73 -16.76 -8.29 -9.84
C GLY A 73 -16.44 -6.99 -9.14
N GLN A 74 -15.87 -7.11 -7.94
CA GLN A 74 -15.52 -5.95 -7.13
C GLN A 74 -14.16 -6.19 -6.49
N LEU A 75 -13.55 -5.12 -6.01
CA LEU A 75 -12.25 -5.22 -5.37
C LEU A 75 -12.34 -4.83 -3.92
N ASP A 76 -11.99 -5.76 -3.06
CA ASP A 76 -12.13 -5.52 -1.64
C ASP A 76 -10.87 -4.95 -1.06
N PHE A 77 -10.89 -4.74 0.23
CA PHE A 77 -9.84 -4.03 0.92
C PHE A 77 -8.45 -4.60 0.65
N SER A 78 -8.31 -5.91 0.75
CA SER A 78 -7.03 -6.55 0.53
C SER A 78 -6.67 -6.52 -0.95
N GLU A 79 -7.67 -6.65 -1.80
CA GLU A 79 -7.42 -6.80 -3.23
C GLU A 79 -7.13 -5.46 -3.86
N PHE A 80 -7.74 -4.41 -3.32
CA PHE A 80 -7.40 -3.06 -3.65
C PHE A 80 -5.95 -2.78 -3.27
N LEU A 81 -5.54 -3.40 -2.19
CA LEU A 81 -4.19 -3.23 -1.69
C LEU A 81 -3.23 -4.15 -2.43
N ASN A 82 -3.75 -5.24 -2.98
CA ASN A 82 -2.99 -6.05 -3.91
C ASN A 82 -2.71 -5.23 -5.15
N LEU A 83 -3.73 -4.49 -5.54
CA LEU A 83 -3.62 -3.50 -6.59
C LEU A 83 -2.53 -2.50 -6.27
N ILE A 84 -2.68 -1.83 -5.13
CA ILE A 84 -1.69 -0.89 -4.63
C ILE A 84 -0.31 -1.53 -4.63
N GLY A 85 -0.28 -2.82 -4.30
CA GLY A 85 0.94 -3.58 -4.36
C GLY A 85 1.51 -3.64 -5.76
N GLY A 86 0.66 -3.99 -6.73
CA GLY A 86 1.13 -4.18 -8.09
C GLY A 86 1.55 -2.87 -8.71
N LEU A 87 0.85 -1.84 -8.30
CA LEU A 87 1.15 -0.49 -8.70
C LEU A 87 2.51 -0.07 -8.15
N ALA A 88 2.64 -0.19 -6.84
CA ALA A 88 3.86 0.18 -6.15
C ALA A 88 5.04 -0.62 -6.64
N MET A 89 4.77 -1.86 -6.98
CA MET A 89 5.81 -2.76 -7.44
C MET A 89 6.41 -2.27 -8.74
N ALA A 90 5.56 -1.69 -9.58
CA ALA A 90 6.02 -1.13 -10.84
C ALA A 90 6.92 0.08 -10.58
N CYS A 91 6.53 0.91 -9.63
CA CYS A 91 7.31 2.08 -9.23
C CYS A 91 8.63 1.64 -8.61
N HIS A 92 8.56 0.63 -7.72
CA HIS A 92 9.77 0.04 -7.16
C HIS A 92 10.69 -0.44 -8.28
N ASP A 93 10.16 -1.31 -9.12
CA ASP A 93 10.91 -1.92 -10.22
C ASP A 93 11.47 -0.86 -11.16
N SER A 94 10.76 0.26 -11.26
CA SER A 94 11.22 1.40 -12.04
C SER A 94 12.55 1.88 -11.49
N PHE A 95 12.59 2.07 -10.18
CA PHE A 95 13.78 2.57 -9.50
C PHE A 95 14.86 1.50 -9.46
N LEU A 96 14.45 0.24 -9.41
CA LEU A 96 15.39 -0.87 -9.32
C LEU A 96 16.11 -1.07 -10.64
N LYS A 97 15.59 -0.46 -11.70
CA LYS A 97 16.24 -0.48 -12.99
C LYS A 97 16.73 0.91 -13.34
N ALA A 98 16.78 1.79 -12.34
CA ALA A 98 17.17 3.17 -12.54
C ALA A 98 18.14 3.65 -11.47
N VAL A 99 17.61 3.82 -10.25
CA VAL A 99 18.38 4.35 -9.14
C VAL A 99 17.54 4.33 -7.85
N PRO A 100 17.62 3.24 -7.07
CA PRO A 100 16.85 3.10 -5.84
C PRO A 100 17.49 3.81 -4.68
N SER A 101 17.10 5.09 -4.52
CA SER A 101 17.69 5.99 -3.53
C SER A 101 19.13 6.32 -3.90
N GLN A 102 19.72 5.46 -4.72
CA GLN A 102 21.09 5.61 -5.20
C GLN A 102 21.43 4.42 -6.09
N LYS A 103 22.34 4.64 -7.03
CA LYS A 103 22.68 3.61 -7.99
C LYS A 103 23.97 2.90 -7.59
N ARG A 104 24.98 3.67 -7.23
CA ARG A 104 26.24 3.11 -6.77
C ARG A 104 27.12 4.19 -6.14
N THR A 105 26.53 4.94 -5.23
CA THR A 105 27.24 6.02 -4.55
C THR A 105 27.03 5.91 -3.04
N MET B 1 -4.30 14.44 -19.13
CA MET B 1 -4.34 14.46 -20.60
C MET B 1 -3.00 14.02 -21.19
N ALA B 2 -1.96 14.79 -20.92
CA ALA B 2 -0.62 14.45 -21.39
C ALA B 2 0.32 14.27 -20.21
N LYS B 3 0.27 15.20 -19.28
CA LYS B 3 1.12 15.16 -18.10
C LYS B 3 0.32 14.73 -16.89
N ILE B 4 0.94 13.92 -16.04
CA ILE B 4 0.33 13.51 -14.79
C ILE B 4 0.52 14.59 -13.74
N SER B 5 1.67 15.28 -13.86
CA SER B 5 2.05 16.39 -12.97
C SER B 5 1.99 16.01 -11.49
N SER B 6 0.85 16.28 -10.87
CA SER B 6 0.66 15.96 -9.46
C SER B 6 -0.02 14.60 -9.32
N PRO B 7 0.53 13.72 -8.50
CA PRO B 7 -0.05 12.39 -8.25
C PRO B 7 -1.26 12.47 -7.35
N THR B 8 -1.98 11.38 -7.22
CA THR B 8 -3.13 11.32 -6.35
C THR B 8 -2.71 10.88 -4.97
N GLU B 9 -3.68 10.60 -4.11
CA GLU B 9 -3.37 10.14 -2.77
C GLU B 9 -2.69 8.77 -2.83
N THR B 10 -3.24 7.86 -3.61
CA THR B 10 -2.70 6.51 -3.68
C THR B 10 -1.36 6.51 -4.39
N GLU B 11 -1.25 7.33 -5.42
CA GLU B 11 -0.04 7.39 -6.21
C GLU B 11 1.13 7.89 -5.38
N ARG B 12 0.91 8.97 -4.67
CA ARG B 12 1.93 9.54 -3.80
C ARG B 12 2.23 8.55 -2.67
N CYS B 13 1.20 7.87 -2.23
CA CYS B 13 1.30 6.93 -1.12
C CYS B 13 2.10 5.73 -1.55
N ILE B 14 1.88 5.34 -2.79
CA ILE B 14 2.65 4.29 -3.42
C ILE B 14 4.14 4.63 -3.42
N GLU B 15 4.46 5.84 -3.86
CA GLU B 15 5.85 6.25 -4.02
C GLU B 15 6.48 6.43 -2.67
N SER B 16 5.63 6.67 -1.70
CA SER B 16 6.09 6.83 -0.36
C SER B 16 6.43 5.47 0.26
N LEU B 17 5.74 4.44 -0.20
CA LEU B 17 6.11 3.08 0.16
C LEU B 17 7.44 2.74 -0.48
N ILE B 18 7.65 3.30 -1.67
CA ILE B 18 8.94 3.22 -2.34
C ILE B 18 9.99 3.88 -1.47
N ALA B 19 9.66 5.06 -0.94
CA ALA B 19 10.57 5.81 -0.09
C ALA B 19 10.92 5.04 1.19
N VAL B 20 9.91 4.66 1.95
CA VAL B 20 10.13 4.00 3.24
C VAL B 20 10.78 2.64 3.05
N PHE B 21 10.32 1.91 2.03
CA PHE B 21 10.92 0.61 1.73
C PHE B 21 12.38 0.76 1.36
N GLN B 22 12.66 1.66 0.44
CA GLN B 22 14.00 1.80 -0.13
C GLN B 22 14.99 2.44 0.84
N LYS B 23 14.49 3.11 1.87
CA LYS B 23 15.40 3.70 2.85
C LYS B 23 15.86 2.64 3.87
N TYR B 24 14.95 1.75 4.27
CA TYR B 24 15.33 0.71 5.22
C TYR B 24 15.93 -0.50 4.52
N ALA B 25 15.37 -0.87 3.38
CA ALA B 25 15.95 -1.92 2.57
C ALA B 25 17.24 -1.40 1.93
N GLY B 26 17.36 -0.08 1.89
CA GLY B 26 18.53 0.56 1.36
C GLY B 26 19.65 0.61 2.37
N LYS B 27 19.42 0.05 3.55
CA LYS B 27 20.46 -0.07 4.56
C LYS B 27 21.51 -1.06 4.09
N ASP B 28 21.06 -2.07 3.37
CA ASP B 28 21.95 -3.05 2.77
C ASP B 28 22.72 -2.39 1.61
N GLY B 29 22.12 -1.35 1.06
CA GLY B 29 22.78 -0.53 0.05
C GLY B 29 22.60 -1.04 -1.37
N TYR B 30 22.65 -2.35 -1.53
CA TYR B 30 22.53 -2.94 -2.87
C TYR B 30 21.61 -4.15 -2.81
N ASN B 31 20.39 -3.93 -2.37
CA ASN B 31 19.44 -5.02 -2.18
C ASN B 31 18.01 -4.50 -2.28
N TYR B 32 17.14 -5.30 -2.87
CA TYR B 32 15.74 -4.92 -3.04
C TYR B 32 14.89 -5.59 -1.98
N THR B 33 15.51 -5.92 -0.86
CA THR B 33 14.86 -6.68 0.19
C THR B 33 15.21 -6.11 1.55
N LEU B 34 14.22 -6.02 2.40
CA LEU B 34 14.36 -5.51 3.75
C LEU B 34 14.76 -6.66 4.67
N SER B 35 15.99 -6.62 5.13
CA SER B 35 16.55 -7.70 5.92
C SER B 35 15.89 -7.77 7.29
N LYS B 36 16.10 -8.90 7.99
CA LYS B 36 15.44 -9.17 9.26
C LYS B 36 15.50 -7.97 10.19
N THR B 37 16.71 -7.58 10.55
CA THR B 37 16.92 -6.48 11.47
C THR B 37 16.46 -5.16 10.87
N GLU B 38 16.47 -5.09 9.55
CA GLU B 38 16.15 -3.86 8.86
C GLU B 38 14.66 -3.57 8.96
N PHE B 39 13.82 -4.61 8.92
CA PHE B 39 12.39 -4.37 9.09
C PHE B 39 12.05 -4.35 10.54
N LEU B 40 12.88 -4.95 11.36
CA LEU B 40 12.72 -4.83 12.79
C LEU B 40 12.74 -3.36 13.20
N SER B 41 13.80 -2.67 12.77
CA SER B 41 13.93 -1.25 13.03
C SER B 41 12.84 -0.48 12.30
N PHE B 42 12.56 -0.89 11.06
CA PHE B 42 11.46 -0.32 10.28
C PHE B 42 10.16 -0.40 11.07
N MET B 43 9.74 -1.61 11.35
CA MET B 43 8.48 -1.85 12.04
C MET B 43 8.35 -1.05 13.33
N ASN B 44 9.39 -1.01 14.15
CA ASN B 44 9.30 -0.30 15.43
C ASN B 44 9.25 1.21 15.24
N THR B 45 9.72 1.70 14.10
CA THR B 45 9.74 3.15 13.87
C THR B 45 8.64 3.58 12.92
N GLU B 46 8.71 3.07 11.70
CA GLU B 46 7.80 3.45 10.64
C GLU B 46 6.46 2.75 10.80
N LEU B 47 6.37 1.79 11.71
CA LEU B 47 5.10 1.13 12.00
C LEU B 47 4.88 1.02 13.49
N ALA B 48 5.44 1.97 14.23
CA ALA B 48 5.29 1.97 15.67
C ALA B 48 3.84 2.06 16.10
N ALA B 49 2.97 2.57 15.23
CA ALA B 49 1.54 2.57 15.50
C ALA B 49 1.06 1.16 15.76
N PHE B 50 1.53 0.26 14.92
CA PHE B 50 1.18 -1.14 14.98
C PHE B 50 2.08 -1.91 15.94
N THR B 51 3.38 -1.78 15.73
CA THR B 51 4.38 -2.56 16.44
C THR B 51 4.35 -2.32 17.95
N LYS B 52 4.15 -1.08 18.34
CA LYS B 52 4.20 -0.72 19.75
C LYS B 52 2.89 -1.07 20.43
N ASN B 53 1.93 -1.48 19.63
CA ASN B 53 0.64 -1.90 20.14
C ASN B 53 0.73 -3.33 20.66
N GLN B 54 1.67 -4.08 20.10
CA GLN B 54 2.02 -5.39 20.61
C GLN B 54 3.10 -5.26 21.66
N LYS B 55 3.16 -6.21 22.57
CA LYS B 55 4.00 -6.10 23.74
C LYS B 55 5.34 -6.82 23.58
N ASP B 56 5.38 -7.78 22.68
CA ASP B 56 6.60 -8.57 22.49
C ASP B 56 7.14 -8.41 21.08
N PRO B 57 8.48 -8.37 20.93
CA PRO B 57 9.16 -8.17 19.65
C PRO B 57 8.99 -9.35 18.71
N GLY B 58 8.42 -10.44 19.21
CA GLY B 58 8.19 -11.61 18.41
C GLY B 58 7.18 -11.35 17.31
N VAL B 59 6.45 -10.26 17.43
CA VAL B 59 5.45 -9.90 16.44
C VAL B 59 6.08 -9.60 15.09
N LEU B 60 7.19 -8.89 15.11
CA LEU B 60 7.88 -8.54 13.87
C LEU B 60 8.42 -9.81 13.23
N ASP B 61 8.60 -10.80 14.08
CA ASP B 61 9.05 -12.12 13.65
C ASP B 61 7.89 -12.84 12.96
N ARG B 62 6.71 -12.61 13.49
CA ARG B 62 5.48 -13.19 12.93
C ARG B 62 5.14 -12.51 11.61
N MET B 63 5.42 -11.22 11.53
CA MET B 63 5.27 -10.49 10.27
C MET B 63 6.28 -11.04 9.28
N MET B 64 7.52 -11.16 9.74
CA MET B 64 8.62 -11.69 8.95
C MET B 64 8.20 -12.93 8.20
N LYS B 65 7.81 -13.94 8.95
CA LYS B 65 7.61 -15.27 8.38
C LYS B 65 6.35 -15.34 7.53
N LYS B 66 5.43 -14.43 7.79
CA LYS B 66 4.24 -14.29 6.96
C LYS B 66 4.63 -13.75 5.59
N LEU B 67 5.43 -12.70 5.61
CA LEU B 67 5.75 -11.94 4.42
C LEU B 67 6.97 -12.50 3.71
N ASP B 68 7.87 -13.12 4.48
CA ASP B 68 9.07 -13.76 3.93
C ASP B 68 8.65 -14.98 3.13
N THR B 69 8.03 -14.69 2.01
CA THR B 69 7.42 -15.68 1.15
C THR B 69 8.47 -16.55 0.46
N ASN B 70 9.70 -16.08 0.43
CA ASN B 70 10.77 -16.80 -0.24
C ASN B 70 11.60 -17.58 0.77
N SER B 71 11.30 -17.34 2.04
CA SER B 71 11.98 -17.99 3.14
C SER B 71 13.48 -17.65 3.13
N ASP B 72 13.78 -16.41 2.81
CA ASP B 72 15.16 -15.96 2.74
C ASP B 72 15.52 -15.17 3.98
N GLY B 73 14.48 -14.72 4.69
CA GLY B 73 14.68 -13.99 5.91
C GLY B 73 14.60 -12.49 5.70
N GLN B 74 14.09 -12.10 4.55
CA GLN B 74 13.97 -10.70 4.20
C GLN B 74 12.61 -10.45 3.55
N LEU B 75 12.21 -9.20 3.50
CA LEU B 75 10.94 -8.83 2.90
C LEU B 75 11.14 -8.00 1.66
N ASP B 76 10.66 -8.50 0.55
CA ASP B 76 10.89 -7.83 -0.71
C ASP B 76 9.77 -6.88 -1.03
N PHE B 77 9.87 -6.25 -2.16
CA PHE B 77 8.98 -5.17 -2.54
C PHE B 77 7.51 -5.54 -2.43
N SER B 78 7.14 -6.68 -2.98
CA SER B 78 5.76 -7.13 -2.94
C SER B 78 5.36 -7.53 -1.53
N GLU B 79 6.29 -8.13 -0.80
CA GLU B 79 5.98 -8.70 0.50
C GLU B 79 5.91 -7.62 1.55
N PHE B 80 6.72 -6.59 1.37
CA PHE B 80 6.62 -5.39 2.17
C PHE B 80 5.26 -4.75 1.95
N LEU B 81 4.78 -4.86 0.73
CA LEU B 81 3.49 -4.31 0.36
C LEU B 81 2.36 -5.23 0.77
N ASN B 82 2.66 -6.51 0.91
CA ASN B 82 1.73 -7.44 1.53
C ASN B 82 1.56 -7.06 2.98
N LEU B 83 2.69 -6.69 3.57
CA LEU B 83 2.73 -6.11 4.89
C LEU B 83 1.84 -4.88 4.96
N ILE B 84 2.15 -3.91 4.11
CA ILE B 84 1.36 -2.70 4.00
C ILE B 84 -0.11 -3.04 3.83
N GLY B 85 -0.36 -4.11 3.07
CA GLY B 85 -1.70 -4.61 2.91
C GLY B 85 -2.32 -5.05 4.22
N GLY B 86 -1.58 -5.85 4.99
CA GLY B 86 -2.13 -6.41 6.22
C GLY B 86 -2.32 -5.33 7.26
N LEU B 87 -1.43 -4.37 7.21
CA LEU B 87 -1.50 -3.19 8.05
C LEU B 87 -2.73 -2.37 7.71
N ALA B 88 -2.85 -2.02 6.44
CA ALA B 88 -3.96 -1.22 5.96
C ALA B 88 -5.27 -1.92 6.18
N MET B 89 -5.25 -3.23 6.07
CA MET B 89 -6.45 -4.03 6.23
C MET B 89 -6.98 -3.91 7.64
N ALA B 90 -6.08 -3.80 8.60
CA ALA B 90 -6.47 -3.63 9.99
C ALA B 90 -7.13 -2.27 10.19
N CYS B 91 -6.56 -1.26 9.56
CA CYS B 91 -7.11 0.09 9.62
C CYS B 91 -8.46 0.14 8.91
N HIS B 92 -8.55 -0.50 7.75
CA HIS B 92 -9.83 -0.65 7.04
C HIS B 92 -10.84 -1.29 7.97
N ASP B 93 -10.51 -2.49 8.44
CA ASP B 93 -11.40 -3.28 9.28
C ASP B 93 -11.78 -2.52 10.55
N SER B 94 -10.89 -1.66 11.01
CA SER B 94 -11.17 -0.78 12.14
C SER B 94 -12.37 0.10 11.83
N PHE B 95 -12.33 0.72 10.66
CA PHE B 95 -13.39 1.61 10.23
C PHE B 95 -14.64 0.84 9.86
N LEU B 96 -14.46 -0.38 9.37
CA LEU B 96 -15.58 -1.20 8.95
C LEU B 96 -16.38 -1.69 10.14
N LYS B 97 -15.79 -1.60 11.32
CA LYS B 97 -16.47 -1.94 12.55
C LYS B 97 -16.72 -0.68 13.37
N ALA B 98 -16.57 0.47 12.72
CA ALA B 98 -16.72 1.74 13.41
C ALA B 98 -17.54 2.73 12.58
N VAL B 99 -16.96 3.21 11.49
CA VAL B 99 -17.57 4.21 10.64
C VAL B 99 -16.72 4.48 9.40
N PRO B 100 -16.97 3.75 8.29
CA PRO B 100 -16.20 3.90 7.07
C PRO B 100 -16.65 5.08 6.24
N SER B 101 -16.05 6.23 6.51
CA SER B 101 -16.43 7.51 5.90
C SER B 101 -17.80 7.95 6.42
N GLN B 102 -18.57 6.99 6.90
CA GLN B 102 -19.90 7.21 7.45
C GLN B 102 -20.48 5.86 7.89
N LYS B 103 -21.36 5.90 8.88
CA LYS B 103 -21.91 4.69 9.44
C LYS B 103 -23.30 4.39 8.87
N ARG B 104 -24.14 5.41 8.82
CA ARG B 104 -25.47 5.28 8.24
C ARG B 104 -26.11 6.65 8.04
N THR B 105 -25.36 7.55 7.42
CA THR B 105 -25.84 8.90 7.17
C THR B 105 -25.59 9.28 5.71
N MET A 1 2.25 6.05 22.44
CA MET A 1 2.36 6.92 23.63
C MET A 1 3.61 7.78 23.55
N ALA A 2 3.47 9.03 23.99
CA ALA A 2 4.59 9.98 24.03
C ALA A 2 5.16 10.26 22.64
N LYS A 3 6.18 11.12 22.60
CA LYS A 3 6.88 11.48 21.37
C LYS A 3 5.96 12.18 20.38
N ILE A 4 5.27 11.41 19.56
CA ILE A 4 4.36 11.95 18.56
C ILE A 4 3.11 11.09 18.43
N SER A 5 1.98 11.74 18.22
CA SER A 5 0.75 11.04 17.89
C SER A 5 0.54 11.08 16.38
N SER A 6 1.58 11.51 15.68
CA SER A 6 1.56 11.62 14.24
C SER A 6 1.96 10.29 13.61
N PRO A 7 1.37 9.96 12.45
CA PRO A 7 1.71 8.75 11.70
C PRO A 7 3.01 8.93 10.92
N THR A 8 3.55 7.83 10.44
CA THR A 8 4.73 7.86 9.61
C THR A 8 4.29 7.88 8.16
N GLU A 9 5.23 7.74 7.24
CA GLU A 9 4.90 7.65 5.82
C GLU A 9 3.91 6.53 5.60
N THR A 10 4.31 5.33 5.96
CA THR A 10 3.54 4.14 5.66
C THR A 10 2.21 4.18 6.36
N GLU A 11 2.20 4.68 7.59
CA GLU A 11 0.98 4.73 8.36
C GLU A 11 -0.04 5.65 7.71
N ARG A 12 0.39 6.87 7.38
CA ARG A 12 -0.49 7.85 6.75
C ARG A 12 -0.88 7.38 5.37
N CYS A 13 0.06 6.71 4.72
CA CYS A 13 -0.11 6.25 3.35
C CYS A 13 -1.06 5.07 3.31
N ILE A 14 -1.17 4.40 4.44
CA ILE A 14 -2.07 3.28 4.59
C ILE A 14 -3.50 3.73 4.89
N GLU A 15 -3.62 4.82 5.63
CA GLU A 15 -4.91 5.32 6.05
C GLU A 15 -5.51 6.17 4.96
N SER A 16 -4.65 6.75 4.17
CA SER A 16 -5.10 7.52 3.06
C SER A 16 -5.70 6.59 2.01
N LEU A 17 -5.20 5.36 1.97
CA LEU A 17 -5.85 4.32 1.19
C LEU A 17 -7.26 4.12 1.71
N ILE A 18 -7.44 4.17 3.03
CA ILE A 18 -8.77 4.08 3.63
C ILE A 18 -9.67 5.16 3.06
N ALA A 19 -9.10 6.35 2.85
CA ALA A 19 -9.87 7.48 2.34
C ALA A 19 -10.28 7.27 0.89
N VAL A 20 -9.31 6.96 0.04
CA VAL A 20 -9.56 6.81 -1.39
C VAL A 20 -10.38 5.57 -1.67
N PHE A 21 -10.11 4.53 -0.90
CA PHE A 21 -10.87 3.29 -1.02
C PHE A 21 -12.34 3.57 -0.70
N GLN A 22 -12.57 4.19 0.44
CA GLN A 22 -13.91 4.35 0.97
C GLN A 22 -14.73 5.34 0.13
N LYS A 23 -14.07 6.33 -0.46
CA LYS A 23 -14.78 7.34 -1.21
C LYS A 23 -15.29 6.77 -2.53
N TYR A 24 -14.52 5.87 -3.14
CA TYR A 24 -14.97 5.24 -4.37
C TYR A 24 -15.82 4.03 -4.11
N ALA A 25 -15.37 3.18 -3.21
CA ALA A 25 -16.08 1.96 -2.89
C ALA A 25 -17.47 2.28 -2.32
N GLY A 26 -17.51 3.36 -1.55
CA GLY A 26 -18.75 3.78 -0.91
C GLY A 26 -19.81 4.20 -1.91
N LYS A 27 -19.41 4.41 -3.16
CA LYS A 27 -20.34 4.80 -4.22
C LYS A 27 -21.34 3.70 -4.50
N ASP A 28 -20.93 2.46 -4.26
CA ASP A 28 -21.79 1.31 -4.50
C ASP A 28 -22.74 1.11 -3.34
N GLY A 29 -22.46 1.80 -2.24
CA GLY A 29 -23.31 1.69 -1.07
C GLY A 29 -22.58 1.04 0.08
N TYR A 30 -21.72 0.09 -0.24
CA TYR A 30 -20.95 -0.61 0.77
C TYR A 30 -19.55 -0.01 0.88
N ASN A 31 -19.23 0.54 2.03
CA ASN A 31 -17.91 1.12 2.28
C ASN A 31 -16.89 0.02 2.56
N TYR A 32 -16.92 -1.03 1.74
CA TYR A 32 -16.08 -2.20 1.95
C TYR A 32 -15.49 -2.69 0.64
N THR A 33 -16.31 -2.70 -0.41
CA THR A 33 -15.90 -3.25 -1.69
C THR A 33 -16.10 -2.25 -2.81
N LEU A 34 -15.04 -2.04 -3.57
CA LEU A 34 -15.02 -1.12 -4.69
C LEU A 34 -15.48 -1.85 -5.94
N SER A 35 -16.69 -1.52 -6.36
CA SER A 35 -17.31 -2.19 -7.48
C SER A 35 -16.52 -1.91 -8.76
N LYS A 36 -16.74 -2.73 -9.78
CA LYS A 36 -15.93 -2.68 -10.99
C LYS A 36 -15.85 -1.27 -11.56
N THR A 37 -17.00 -0.65 -11.83
CA THR A 37 -17.02 0.68 -12.41
C THR A 37 -16.39 1.71 -11.48
N GLU A 38 -16.50 1.48 -10.19
CA GLU A 38 -15.92 2.38 -9.20
C GLU A 38 -14.41 2.25 -9.26
N PHE A 39 -13.94 1.06 -9.59
CA PHE A 39 -12.54 0.77 -9.77
C PHE A 39 -12.05 1.39 -11.06
N LEU A 40 -12.88 1.26 -12.09
CA LEU A 40 -12.59 1.82 -13.39
C LEU A 40 -12.41 3.33 -13.28
N SER A 41 -13.34 3.96 -12.60
CA SER A 41 -13.26 5.39 -12.35
C SER A 41 -12.04 5.71 -11.52
N PHE A 42 -11.89 5.00 -10.39
CA PHE A 42 -10.76 5.17 -9.49
C PHE A 42 -9.45 5.11 -10.24
N MET A 43 -9.25 4.04 -10.99
CA MET A 43 -8.00 3.87 -11.72
C MET A 43 -7.75 4.97 -12.74
N ASN A 44 -8.79 5.54 -13.32
CA ASN A 44 -8.60 6.59 -14.31
C ASN A 44 -8.49 7.97 -13.65
N THR A 45 -8.88 8.06 -12.40
CA THR A 45 -8.80 9.32 -11.68
C THR A 45 -7.59 9.34 -10.77
N GLU A 46 -7.60 8.42 -9.84
CA GLU A 46 -6.60 8.36 -8.80
C GLU A 46 -5.37 7.59 -9.26
N LEU A 47 -5.46 6.92 -10.40
CA LEU A 47 -4.32 6.16 -10.90
C LEU A 47 -4.08 6.39 -12.39
N ALA A 48 -4.57 7.51 -12.90
CA ALA A 48 -4.33 7.88 -14.28
C ALA A 48 -2.84 7.91 -14.63
N ALA A 49 -2.00 8.05 -13.60
CA ALA A 49 -0.55 7.95 -13.78
C ALA A 49 -0.18 6.60 -14.37
N PHE A 50 -0.82 5.57 -13.85
CA PHE A 50 -0.60 4.20 -14.30
C PHE A 50 -1.49 3.89 -15.49
N THR A 51 -2.78 4.11 -15.31
CA THR A 51 -3.80 3.75 -16.27
C THR A 51 -3.57 4.39 -17.64
N LYS A 52 -3.38 5.70 -17.65
CA LYS A 52 -3.26 6.43 -18.91
C LYS A 52 -1.88 6.26 -19.49
N ASN A 53 -1.03 5.58 -18.74
CA ASN A 53 0.31 5.24 -19.18
C ASN A 53 0.30 3.89 -19.88
N GLN A 54 -0.77 3.12 -19.65
CA GLN A 54 -0.89 1.80 -20.25
C GLN A 54 -1.32 1.93 -21.70
N LYS A 55 -2.64 1.98 -21.94
CA LYS A 55 -3.17 2.13 -23.29
C LYS A 55 -4.70 2.13 -23.29
N ASP A 56 -5.28 0.95 -23.11
CA ASP A 56 -6.73 0.78 -23.22
C ASP A 56 -7.33 0.48 -21.85
N PRO A 57 -8.58 0.93 -21.61
CA PRO A 57 -9.30 0.76 -20.34
C PRO A 57 -9.59 -0.71 -20.00
N GLY A 58 -9.28 -1.59 -20.94
CA GLY A 58 -9.41 -3.00 -20.69
C GLY A 58 -8.42 -3.47 -19.65
N VAL A 59 -7.38 -2.68 -19.44
CA VAL A 59 -6.37 -3.00 -18.44
C VAL A 59 -6.96 -3.03 -17.06
N LEU A 60 -7.85 -2.09 -16.78
CA LEU A 60 -8.46 -2.01 -15.46
C LEU A 60 -9.26 -3.28 -15.21
N ASP A 61 -9.68 -3.89 -16.30
CA ASP A 61 -10.43 -5.14 -16.24
C ASP A 61 -9.47 -6.28 -15.90
N ARG A 62 -8.28 -6.18 -16.47
CA ARG A 62 -7.24 -7.16 -16.28
C ARG A 62 -6.67 -7.05 -14.86
N MET A 63 -6.70 -5.84 -14.32
CA MET A 63 -6.37 -5.62 -12.92
C MET A 63 -7.48 -6.21 -12.08
N MET A 64 -8.71 -5.77 -12.39
CA MET A 64 -9.91 -6.16 -11.66
C MET A 64 -9.95 -7.65 -11.40
N LYS A 65 -9.84 -8.45 -12.45
CA LYS A 65 -9.98 -9.90 -12.32
C LYS A 65 -8.88 -10.52 -11.46
N LYS A 66 -7.69 -9.94 -11.51
CA LYS A 66 -6.57 -10.42 -10.70
C LYS A 66 -6.85 -10.14 -9.23
N LEU A 67 -7.43 -8.99 -8.98
CA LEU A 67 -7.65 -8.51 -7.63
C LEU A 67 -8.94 -9.08 -7.05
N ASP A 68 -9.97 -9.17 -7.90
CA ASP A 68 -11.27 -9.75 -7.55
C ASP A 68 -11.09 -11.22 -7.24
N THR A 69 -10.46 -11.45 -6.12
CA THR A 69 -10.12 -12.77 -5.67
C THR A 69 -11.35 -13.45 -5.09
N ASN A 70 -12.32 -12.64 -4.72
CA ASN A 70 -13.60 -13.12 -4.25
C ASN A 70 -14.47 -13.53 -5.43
N SER A 71 -14.01 -13.10 -6.61
CA SER A 71 -14.68 -13.36 -7.88
C SER A 71 -16.15 -12.94 -7.82
N ASP A 72 -16.39 -11.81 -7.18
CA ASP A 72 -17.73 -11.29 -7.00
C ASP A 72 -17.95 -10.11 -7.95
N GLY A 73 -16.85 -9.55 -8.42
CA GLY A 73 -16.93 -8.43 -9.34
C GLY A 73 -16.72 -7.12 -8.64
N GLN A 74 -16.12 -7.18 -7.46
CA GLN A 74 -15.78 -6.00 -6.69
C GLN A 74 -14.42 -6.20 -6.04
N LEU A 75 -13.83 -5.12 -5.58
CA LEU A 75 -12.54 -5.21 -4.92
C LEU A 75 -12.61 -4.74 -3.50
N ASP A 76 -12.46 -5.67 -2.60
CA ASP A 76 -12.47 -5.37 -1.19
C ASP A 76 -11.17 -4.73 -0.78
N PHE A 77 -11.15 -4.27 0.45
CA PHE A 77 -10.00 -3.64 1.05
C PHE A 77 -8.69 -4.32 0.64
N SER A 78 -8.60 -5.62 0.88
CA SER A 78 -7.39 -6.37 0.58
C SER A 78 -7.17 -6.52 -0.93
N GLU A 79 -8.25 -6.69 -1.69
CA GLU A 79 -8.15 -6.86 -3.14
C GLU A 79 -7.66 -5.57 -3.78
N PHE A 80 -8.10 -4.45 -3.22
CA PHE A 80 -7.68 -3.14 -3.69
C PHE A 80 -6.27 -2.83 -3.21
N LEU A 81 -5.86 -3.49 -2.15
CA LEU A 81 -4.49 -3.37 -1.66
C LEU A 81 -3.56 -4.26 -2.45
N ASN A 82 -4.09 -5.35 -2.97
CA ASN A 82 -3.35 -6.16 -3.93
C ASN A 82 -3.06 -5.32 -5.16
N LEU A 83 -4.02 -4.47 -5.47
CA LEU A 83 -3.87 -3.46 -6.49
C LEU A 83 -2.74 -2.52 -6.15
N ILE A 84 -2.86 -1.89 -4.99
CA ILE A 84 -1.85 -0.97 -4.48
C ILE A 84 -0.47 -1.63 -4.51
N GLY A 85 -0.44 -2.93 -4.27
CA GLY A 85 0.79 -3.68 -4.37
C GLY A 85 1.32 -3.72 -5.79
N GLY A 86 0.45 -4.01 -6.76
CA GLY A 86 0.88 -4.14 -8.14
C GLY A 86 1.26 -2.80 -8.72
N LEU A 87 0.56 -1.78 -8.27
CA LEU A 87 0.86 -0.41 -8.59
C LEU A 87 2.22 -0.03 -8.03
N ALA A 88 2.37 -0.26 -6.73
CA ALA A 88 3.58 0.08 -6.02
C ALA A 88 4.76 -0.62 -6.61
N MET A 89 4.57 -1.89 -6.93
CA MET A 89 5.64 -2.69 -7.47
C MET A 89 6.16 -2.12 -8.77
N ALA A 90 5.26 -1.55 -9.56
CA ALA A 90 5.62 -0.94 -10.81
C ALA A 90 6.38 0.37 -10.57
N CYS A 91 5.94 1.12 -9.56
CA CYS A 91 6.58 2.39 -9.20
C CYS A 91 7.95 2.16 -8.57
N HIS A 92 8.03 1.16 -7.69
CA HIS A 92 9.30 0.72 -7.11
C HIS A 92 10.26 0.35 -8.23
N ASP A 93 9.84 -0.59 -9.06
CA ASP A 93 10.66 -1.05 -10.17
C ASP A 93 11.07 0.10 -11.08
N SER A 94 10.14 1.02 -11.28
CA SER A 94 10.37 2.21 -12.09
C SER A 94 11.49 3.04 -11.48
N PHE A 95 11.36 3.30 -10.18
CA PHE A 95 12.30 4.17 -9.48
C PHE A 95 13.69 3.53 -9.45
N LEU A 96 13.72 2.22 -9.35
CA LEU A 96 14.96 1.47 -9.30
C LEU A 96 15.68 1.49 -10.64
N LYS A 97 14.90 1.47 -11.72
CA LYS A 97 15.47 1.53 -13.06
C LYS A 97 15.77 2.97 -13.44
N ALA A 98 15.01 3.89 -12.88
CA ALA A 98 15.18 5.32 -13.16
C ALA A 98 16.36 5.90 -12.38
N VAL A 99 16.20 6.00 -11.07
CA VAL A 99 17.23 6.57 -10.21
C VAL A 99 16.79 6.50 -8.74
N PRO A 100 17.14 5.40 -8.07
CA PRO A 100 16.74 5.16 -6.69
C PRO A 100 17.74 5.70 -5.68
N SER A 101 18.41 6.77 -6.06
CA SER A 101 19.39 7.40 -5.18
C SER A 101 18.71 8.41 -4.26
N GLN A 102 17.59 8.96 -4.74
CA GLN A 102 16.85 10.02 -4.04
C GLN A 102 17.65 11.32 -4.00
N LYS A 103 16.93 12.43 -3.99
CA LYS A 103 17.56 13.74 -3.90
C LYS A 103 17.62 14.17 -2.45
N ARG A 104 18.80 14.05 -1.85
CA ARG A 104 18.95 14.35 -0.43
C ARG A 104 20.19 15.18 -0.20
N THR A 105 20.13 16.06 0.80
CA THR A 105 21.25 16.90 1.15
C THR A 105 21.84 16.48 2.48
N MET B 1 -0.48 13.59 -18.98
CA MET B 1 -0.39 14.82 -19.79
C MET B 1 -1.45 15.82 -19.37
N ALA B 2 -1.08 17.10 -19.37
CA ALA B 2 -2.00 18.19 -19.05
C ALA B 2 -2.55 18.08 -17.64
N LYS B 3 -3.41 19.03 -17.28
CA LYS B 3 -4.07 19.08 -15.98
C LYS B 3 -3.06 19.22 -14.83
N ILE B 4 -2.55 18.10 -14.33
CA ILE B 4 -1.59 18.12 -13.25
C ILE B 4 -0.53 17.05 -13.44
N SER B 5 0.70 17.37 -13.07
CA SER B 5 1.77 16.40 -13.04
C SER B 5 1.94 15.89 -11.61
N SER B 6 0.98 16.23 -10.78
CA SER B 6 0.97 15.84 -9.38
C SER B 6 0.32 14.47 -9.22
N PRO B 7 0.81 13.66 -8.27
CA PRO B 7 0.23 12.35 -7.98
C PRO B 7 -1.03 12.48 -7.14
N THR B 8 -1.78 11.40 -7.04
CA THR B 8 -2.96 11.36 -6.20
C THR B 8 -2.56 10.80 -4.85
N GLU B 9 -3.55 10.54 -4.01
CA GLU B 9 -3.27 9.91 -2.71
C GLU B 9 -2.51 8.63 -2.92
N THR B 10 -3.11 7.72 -3.65
CA THR B 10 -2.58 6.37 -3.79
C THR B 10 -1.24 6.40 -4.48
N GLU B 11 -1.10 7.29 -5.46
CA GLU B 11 0.13 7.38 -6.21
C GLU B 11 1.27 7.83 -5.32
N ARG B 12 1.06 8.91 -4.59
CA ARG B 12 2.09 9.44 -3.70
C ARG B 12 2.35 8.47 -2.56
N CYS B 13 1.28 7.80 -2.16
CA CYS B 13 1.32 6.89 -1.04
C CYS B 13 2.05 5.61 -1.42
N ILE B 14 2.06 5.35 -2.71
CA ILE B 14 2.75 4.21 -3.26
C ILE B 14 4.25 4.48 -3.43
N GLU B 15 4.58 5.71 -3.78
CA GLU B 15 5.95 6.08 -4.04
C GLU B 15 6.66 6.38 -2.74
N SER B 16 5.90 6.80 -1.78
CA SER B 16 6.44 7.06 -0.48
C SER B 16 6.84 5.74 0.16
N LEU B 17 6.12 4.68 -0.20
CA LEU B 17 6.55 3.34 0.16
C LEU B 17 7.93 3.08 -0.44
N ILE B 18 8.14 3.55 -1.67
CA ILE B 18 9.45 3.42 -2.31
C ILE B 18 10.51 4.07 -1.44
N ALA B 19 10.17 5.20 -0.81
CA ALA B 19 11.10 5.93 0.02
C ALA B 19 11.43 5.17 1.30
N VAL B 20 10.39 4.77 2.03
CA VAL B 20 10.57 4.11 3.31
C VAL B 20 11.15 2.72 3.12
N PHE B 21 10.72 2.06 2.05
CA PHE B 21 11.25 0.75 1.73
C PHE B 21 12.74 0.85 1.46
N GLN B 22 13.11 1.77 0.59
CA GLN B 22 14.48 1.85 0.11
C GLN B 22 15.44 2.33 1.20
N LYS B 23 14.96 3.16 2.11
CA LYS B 23 15.82 3.71 3.14
C LYS B 23 16.17 2.65 4.18
N TYR B 24 15.24 1.76 4.47
CA TYR B 24 15.52 0.67 5.40
C TYR B 24 16.15 -0.52 4.71
N ALA B 25 15.58 -0.91 3.59
CA ALA B 25 16.07 -2.06 2.86
C ALA B 25 17.50 -1.81 2.38
N GLY B 26 17.76 -0.57 2.03
CA GLY B 26 19.08 -0.17 1.53
C GLY B 26 20.17 -0.31 2.57
N LYS B 27 19.77 -0.47 3.84
CA LYS B 27 20.73 -0.64 4.93
C LYS B 27 21.50 -1.94 4.78
N ASP B 28 20.88 -2.92 4.15
CA ASP B 28 21.51 -4.22 3.97
C ASP B 28 22.45 -4.19 2.77
N GLY B 29 22.34 -3.12 1.98
CA GLY B 29 23.18 -2.97 0.81
C GLY B 29 22.37 -3.04 -0.46
N TYR B 30 21.36 -3.89 -0.46
CA TYR B 30 20.50 -4.06 -1.62
C TYR B 30 19.24 -3.22 -1.47
N ASN B 31 19.05 -2.26 -2.37
CA ASN B 31 17.87 -1.41 -2.36
C ASN B 31 16.68 -2.15 -2.95
N TYR B 32 16.49 -3.40 -2.54
CA TYR B 32 15.46 -4.26 -3.11
C TYR B 32 14.75 -5.05 -2.02
N THR B 33 15.53 -5.56 -1.06
CA THR B 33 14.98 -6.42 -0.03
C THR B 33 15.33 -5.92 1.35
N LEU B 34 14.31 -5.79 2.18
CA LEU B 34 14.42 -5.32 3.54
C LEU B 34 14.71 -6.49 4.45
N SER B 35 15.93 -6.56 4.92
CA SER B 35 16.40 -7.67 5.73
C SER B 35 15.63 -7.70 7.05
N LYS B 36 15.67 -8.84 7.73
CA LYS B 36 14.85 -9.06 8.91
C LYS B 36 15.00 -7.93 9.93
N THR B 37 16.23 -7.66 10.34
CA THR B 37 16.48 -6.64 11.34
C THR B 37 16.07 -5.26 10.84
N GLU B 38 16.17 -5.05 9.54
CA GLU B 38 15.80 -3.79 8.93
C GLU B 38 14.28 -3.64 9.01
N PHE B 39 13.60 -4.77 8.92
CA PHE B 39 12.16 -4.85 9.04
C PHE B 39 11.75 -4.63 10.48
N LEU B 40 12.52 -5.24 11.38
CA LEU B 40 12.30 -5.11 12.81
C LEU B 40 12.39 -3.66 13.22
N SER B 41 13.45 -3.01 12.75
CA SER B 41 13.63 -1.59 13.01
C SER B 41 12.51 -0.79 12.36
N PHE B 42 12.27 -1.04 11.07
CA PHE B 42 11.21 -0.38 10.32
C PHE B 42 9.88 -0.45 11.06
N MET B 43 9.49 -1.66 11.41
CA MET B 43 8.21 -1.85 12.08
C MET B 43 8.12 -1.12 13.41
N ASN B 44 9.24 -0.98 14.12
CA ASN B 44 9.20 -0.32 15.41
C ASN B 44 9.36 1.20 15.26
N THR B 45 9.80 1.63 14.10
CA THR B 45 9.97 3.06 13.86
C THR B 45 8.81 3.62 13.05
N GLU B 46 8.68 3.08 11.86
CA GLU B 46 7.73 3.55 10.89
C GLU B 46 6.36 2.90 11.10
N LEU B 47 6.29 1.88 11.95
CA LEU B 47 5.02 1.21 12.20
C LEU B 47 4.78 0.98 13.69
N ALA B 48 5.45 1.74 14.53
CA ALA B 48 5.24 1.65 15.97
C ALA B 48 3.76 1.84 16.34
N ALA B 49 2.99 2.46 15.46
CA ALA B 49 1.55 2.57 15.63
C ALA B 49 0.93 1.18 15.75
N PHE B 50 1.38 0.29 14.89
CA PHE B 50 0.91 -1.08 14.86
C PHE B 50 1.69 -1.94 15.85
N THR B 51 3.00 -1.89 15.70
CA THR B 51 3.91 -2.74 16.45
C THR B 51 3.77 -2.57 17.96
N LYS B 52 3.81 -1.33 18.43
CA LYS B 52 3.79 -1.06 19.86
C LYS B 52 2.37 -1.16 20.39
N ASN B 53 1.44 -1.39 19.48
CA ASN B 53 0.04 -1.61 19.82
C ASN B 53 -0.19 -3.10 20.03
N GLN B 54 0.71 -3.92 19.52
CA GLN B 54 0.59 -5.36 19.63
C GLN B 54 0.99 -5.84 21.02
N LYS B 55 2.29 -6.07 21.22
CA LYS B 55 2.80 -6.50 22.52
C LYS B 55 4.30 -6.78 22.47
N ASP B 56 4.67 -7.91 21.89
CA ASP B 56 6.05 -8.36 21.88
C ASP B 56 6.63 -8.28 20.47
N PRO B 57 7.95 -8.01 20.37
CA PRO B 57 8.65 -7.87 19.07
C PRO B 57 8.68 -9.16 18.27
N GLY B 58 8.19 -10.23 18.86
CA GLY B 58 8.07 -11.49 18.14
C GLY B 58 7.05 -11.39 17.03
N VAL B 59 6.18 -10.40 17.12
CA VAL B 59 5.16 -10.18 16.11
C VAL B 59 5.77 -9.83 14.78
N LEU B 60 6.82 -9.03 14.81
CA LEU B 60 7.49 -8.62 13.58
C LEU B 60 8.05 -9.85 12.89
N ASP B 61 8.32 -10.86 13.70
CA ASP B 61 8.83 -12.13 13.19
C ASP B 61 7.70 -12.89 12.53
N ARG B 62 6.53 -12.78 13.14
CA ARG B 62 5.33 -13.44 12.65
C ARG B 62 4.84 -12.75 11.38
N MET B 63 5.11 -11.45 11.28
CA MET B 63 4.85 -10.72 10.05
C MET B 63 5.87 -11.17 9.01
N MET B 64 7.14 -11.09 9.41
CA MET B 64 8.28 -11.42 8.56
C MET B 64 8.05 -12.71 7.80
N LYS B 65 7.76 -13.79 8.52
CA LYS B 65 7.65 -15.11 7.90
C LYS B 65 6.49 -15.19 6.93
N LYS B 66 5.41 -14.46 7.21
CA LYS B 66 4.26 -14.43 6.32
C LYS B 66 4.63 -13.73 5.01
N LEU B 67 5.41 -12.68 5.16
CA LEU B 67 5.76 -11.81 4.05
C LEU B 67 6.94 -12.38 3.27
N ASP B 68 7.90 -12.94 4.01
CA ASP B 68 9.09 -13.58 3.44
C ASP B 68 8.66 -14.80 2.65
N THR B 69 8.04 -14.53 1.54
CA THR B 69 7.47 -15.53 0.68
C THR B 69 8.59 -16.20 -0.14
N ASN B 70 9.69 -15.49 -0.24
CA ASN B 70 10.88 -16.00 -0.90
C ASN B 70 11.63 -16.93 0.05
N SER B 71 11.23 -16.86 1.32
CA SER B 71 11.80 -17.66 2.39
C SER B 71 13.31 -17.52 2.44
N ASP B 72 13.76 -16.29 2.22
CA ASP B 72 15.18 -15.99 2.19
C ASP B 72 15.58 -15.26 3.45
N GLY B 73 14.58 -14.70 4.13
CA GLY B 73 14.85 -14.00 5.36
C GLY B 73 14.89 -12.50 5.16
N GLN B 74 14.32 -12.05 4.06
CA GLN B 74 14.22 -10.64 3.75
C GLN B 74 12.88 -10.37 3.12
N LEU B 75 12.50 -9.11 3.06
CA LEU B 75 11.24 -8.73 2.46
C LEU B 75 11.43 -7.83 1.28
N ASP B 76 11.13 -8.35 0.12
CA ASP B 76 11.25 -7.60 -1.10
C ASP B 76 10.10 -6.64 -1.23
N PHE B 77 10.20 -5.79 -2.22
CA PHE B 77 9.20 -4.80 -2.55
C PHE B 77 7.78 -5.32 -2.35
N SER B 78 7.46 -6.43 -3.00
CA SER B 78 6.13 -7.02 -2.94
C SER B 78 5.84 -7.63 -1.56
N GLU B 79 6.85 -8.24 -0.94
CA GLU B 79 6.68 -8.87 0.36
C GLU B 79 6.41 -7.80 1.42
N PHE B 80 7.06 -6.65 1.26
CA PHE B 80 6.87 -5.53 2.16
C PHE B 80 5.55 -4.84 1.86
N LEU B 81 5.06 -5.01 0.66
CA LEU B 81 3.75 -4.49 0.28
C LEU B 81 2.65 -5.40 0.76
N ASN B 82 2.96 -6.69 0.86
CA ASN B 82 2.06 -7.63 1.50
C ASN B 82 1.88 -7.21 2.95
N LEU B 83 2.98 -6.71 3.50
CA LEU B 83 2.98 -6.10 4.82
C LEU B 83 2.04 -4.91 4.85
N ILE B 84 2.32 -3.95 3.96
CA ILE B 84 1.50 -2.75 3.83
C ILE B 84 0.03 -3.13 3.69
N GLY B 85 -0.24 -4.24 3.03
CA GLY B 85 -1.59 -4.74 2.90
C GLY B 85 -2.16 -5.18 4.23
N GLY B 86 -1.37 -5.91 5.02
CA GLY B 86 -1.86 -6.43 6.29
C GLY B 86 -2.02 -5.32 7.30
N LEU B 87 -1.13 -4.36 7.20
CA LEU B 87 -1.19 -3.14 7.97
C LEU B 87 -2.44 -2.36 7.62
N ALA B 88 -2.59 -2.10 6.33
CA ALA B 88 -3.70 -1.33 5.81
C ALA B 88 -5.01 -1.97 6.17
N MET B 89 -5.05 -3.28 6.04
CA MET B 89 -6.26 -4.02 6.31
C MET B 89 -6.70 -3.84 7.75
N ALA B 90 -5.74 -3.74 8.65
CA ALA B 90 -6.03 -3.53 10.05
C ALA B 90 -6.53 -2.11 10.29
N CYS B 91 -5.94 -1.15 9.58
CA CYS B 91 -6.32 0.25 9.69
C CYS B 91 -7.69 0.50 9.07
N HIS B 92 -7.93 -0.10 7.90
CA HIS B 92 -9.23 -0.09 7.26
C HIS B 92 -10.29 -0.63 8.21
N ASP B 93 -10.07 -1.86 8.65
CA ASP B 93 -10.98 -2.53 9.56
C ASP B 93 -11.20 -1.70 10.83
N SER B 94 -10.13 -1.07 11.30
CA SER B 94 -10.17 -0.20 12.47
C SER B 94 -11.10 0.97 12.21
N PHE B 95 -10.90 1.64 11.08
CA PHE B 95 -11.63 2.84 10.74
C PHE B 95 -13.11 2.51 10.55
N LEU B 96 -13.38 1.33 10.00
CA LEU B 96 -14.74 0.88 9.75
C LEU B 96 -15.47 0.57 11.04
N LYS B 97 -14.75 0.06 12.02
CA LYS B 97 -15.34 -0.24 13.32
C LYS B 97 -15.39 1.00 14.19
N ALA B 98 -14.46 1.92 13.94
CA ALA B 98 -14.38 3.15 14.69
C ALA B 98 -15.40 4.17 14.20
N VAL B 99 -15.19 4.68 13.00
CA VAL B 99 -16.08 5.69 12.41
C VAL B 99 -15.61 6.03 10.99
N PRO B 100 -16.14 5.32 9.99
CA PRO B 100 -15.73 5.48 8.61
C PRO B 100 -16.59 6.51 7.87
N SER B 101 -17.08 7.49 8.61
CA SER B 101 -17.90 8.54 8.03
C SER B 101 -17.02 9.66 7.48
N GLN B 102 -15.83 9.81 8.08
CA GLN B 102 -14.89 10.90 7.76
C GLN B 102 -15.44 12.25 8.20
N LYS B 103 -14.54 13.16 8.53
CA LYS B 103 -14.92 14.50 8.91
C LYS B 103 -14.86 15.40 7.69
N ARG B 104 -16.01 15.72 7.13
CA ARG B 104 -16.07 16.50 5.91
C ARG B 104 -17.15 17.57 6.01
N THR B 105 -16.89 18.71 5.38
CA THR B 105 -17.84 19.80 5.37
C THR B 105 -18.45 19.98 3.98
N MET A 1 10.32 10.53 23.57
CA MET A 1 9.53 9.79 22.55
C MET A 1 8.26 10.55 22.23
N ALA A 2 8.09 10.91 20.96
CA ALA A 2 6.92 11.66 20.52
C ALA A 2 5.76 10.72 20.21
N LYS A 3 5.20 10.13 21.25
CA LYS A 3 4.08 9.23 21.08
C LYS A 3 2.76 10.00 21.17
N ILE A 4 2.36 10.57 20.04
CA ILE A 4 1.16 11.40 19.98
C ILE A 4 0.17 10.85 18.96
N SER A 5 0.30 9.55 18.66
CA SER A 5 -0.57 8.86 17.71
C SER A 5 -0.37 9.42 16.30
N SER A 6 0.88 9.77 16.00
CA SER A 6 1.24 10.30 14.69
C SER A 6 1.58 9.14 13.74
N PRO A 7 1.01 9.16 12.52
CA PRO A 7 1.28 8.13 11.52
C PRO A 7 2.59 8.38 10.80
N THR A 8 3.18 7.33 10.28
CA THR A 8 4.41 7.45 9.54
C THR A 8 4.16 7.40 8.05
N GLU A 9 5.22 7.38 7.28
CA GLU A 9 5.14 7.39 5.82
C GLU A 9 4.28 6.24 5.29
N THR A 10 4.51 5.05 5.83
CA THR A 10 3.76 3.88 5.40
C THR A 10 2.37 3.88 6.00
N GLU A 11 2.24 4.32 7.23
CA GLU A 11 0.94 4.31 7.89
C GLU A 11 0.01 5.32 7.25
N ARG A 12 0.55 6.48 6.91
CA ARG A 12 -0.22 7.50 6.24
C ARG A 12 -0.55 7.05 4.82
N CYS A 13 0.34 6.25 4.26
CA CYS A 13 0.12 5.64 2.95
C CYS A 13 -1.10 4.76 3.02
N ILE A 14 -1.15 4.04 4.12
CA ILE A 14 -2.21 3.09 4.39
C ILE A 14 -3.53 3.80 4.63
N GLU A 15 -3.48 4.93 5.30
CA GLU A 15 -4.68 5.69 5.59
C GLU A 15 -5.13 6.42 4.35
N SER A 16 -4.19 6.61 3.44
CA SER A 16 -4.50 7.14 2.14
C SER A 16 -5.30 6.14 1.35
N LEU A 17 -4.90 4.87 1.46
CA LEU A 17 -5.62 3.78 0.84
C LEU A 17 -6.99 3.65 1.48
N ILE A 18 -7.04 3.87 2.78
CA ILE A 18 -8.31 3.95 3.49
C ILE A 18 -9.17 5.03 2.86
N ALA A 19 -8.61 6.22 2.74
CA ALA A 19 -9.32 7.36 2.21
C ALA A 19 -9.82 7.10 0.79
N VAL A 20 -8.92 6.75 -0.13
CA VAL A 20 -9.32 6.50 -1.51
C VAL A 20 -10.28 5.32 -1.62
N PHE A 21 -10.01 4.24 -0.90
CA PHE A 21 -10.91 3.10 -0.93
C PHE A 21 -12.29 3.50 -0.45
N GLN A 22 -12.32 4.21 0.66
CA GLN A 22 -13.56 4.59 1.32
C GLN A 22 -14.36 5.57 0.47
N LYS A 23 -13.68 6.48 -0.22
CA LYS A 23 -14.36 7.50 -0.98
C LYS A 23 -14.95 6.94 -2.27
N TYR A 24 -14.30 5.95 -2.88
CA TYR A 24 -14.82 5.33 -4.09
C TYR A 24 -15.76 4.17 -3.79
N ALA A 25 -15.32 3.26 -2.94
CA ALA A 25 -16.13 2.10 -2.59
C ALA A 25 -17.33 2.52 -1.77
N GLY A 26 -17.27 3.73 -1.25
CA GLY A 26 -18.37 4.29 -0.49
C GLY A 26 -19.58 4.60 -1.35
N LYS A 27 -19.39 4.56 -2.67
CA LYS A 27 -20.46 4.85 -3.62
C LYS A 27 -21.45 3.69 -3.70
N ASP A 28 -21.03 2.51 -3.24
CA ASP A 28 -21.85 1.31 -3.35
C ASP A 28 -22.48 0.95 -2.00
N GLY A 29 -22.64 1.92 -1.12
CA GLY A 29 -23.24 1.63 0.17
C GLY A 29 -22.30 1.85 1.34
N TYR A 30 -21.73 3.04 1.41
CA TYR A 30 -20.88 3.47 2.54
C TYR A 30 -19.47 2.89 2.43
N ASN A 31 -19.37 1.56 2.40
CA ASN A 31 -18.08 0.90 2.23
C ASN A 31 -18.23 -0.61 2.31
N TYR A 32 -17.46 -1.32 1.48
CA TYR A 32 -17.40 -2.78 1.50
C TYR A 32 -16.54 -3.26 0.34
N THR A 33 -16.96 -2.89 -0.86
CA THR A 33 -16.28 -3.28 -2.09
C THR A 33 -16.36 -2.18 -3.12
N LEU A 34 -15.27 -1.97 -3.82
CA LEU A 34 -15.18 -1.00 -4.88
C LEU A 34 -15.62 -1.66 -6.17
N SER A 35 -16.83 -1.33 -6.59
CA SER A 35 -17.42 -1.97 -7.75
C SER A 35 -16.61 -1.69 -9.00
N LYS A 36 -16.77 -2.52 -10.02
CA LYS A 36 -15.96 -2.44 -11.22
C LYS A 36 -15.93 -1.01 -11.76
N THR A 37 -17.09 -0.43 -12.03
CA THR A 37 -17.18 0.92 -12.56
C THR A 37 -16.63 1.95 -11.58
N GLU A 38 -16.76 1.68 -10.29
CA GLU A 38 -16.26 2.59 -9.26
C GLU A 38 -14.75 2.53 -9.23
N PHE A 39 -14.21 1.36 -9.56
CA PHE A 39 -12.78 1.17 -9.61
C PHE A 39 -12.27 1.76 -10.91
N LEU A 40 -13.11 1.69 -11.94
CA LEU A 40 -12.81 2.36 -13.20
C LEU A 40 -12.66 3.85 -12.95
N SER A 41 -13.58 4.38 -12.15
CA SER A 41 -13.51 5.76 -11.71
C SER A 41 -12.20 5.99 -10.95
N PHE A 42 -12.00 5.20 -9.89
CA PHE A 42 -10.74 5.21 -9.11
C PHE A 42 -9.53 5.20 -10.03
N MET A 43 -9.50 4.23 -10.91
CA MET A 43 -8.33 4.02 -11.76
C MET A 43 -8.09 5.14 -12.76
N ASN A 44 -9.12 5.83 -13.21
CA ASN A 44 -8.90 6.89 -14.19
C ASN A 44 -8.62 8.22 -13.52
N THR A 45 -8.93 8.30 -12.24
CA THR A 45 -8.72 9.52 -11.50
C THR A 45 -7.50 9.42 -10.60
N GLU A 46 -7.55 8.45 -9.72
CA GLU A 46 -6.50 8.22 -8.76
C GLU A 46 -5.34 7.43 -9.39
N LEU A 47 -5.56 6.80 -10.53
CA LEU A 47 -4.47 6.11 -11.20
C LEU A 47 -4.36 6.51 -12.65
N ALA A 48 -4.88 7.68 -12.97
CA ALA A 48 -4.73 8.29 -14.28
C ALA A 48 -3.28 8.19 -14.79
N ALA A 49 -2.33 8.31 -13.87
CA ALA A 49 -0.91 8.21 -14.20
C ALA A 49 -0.59 6.90 -14.91
N PHE A 50 -1.21 5.84 -14.43
CA PHE A 50 -1.03 4.52 -15.01
C PHE A 50 -2.00 4.32 -16.17
N THR A 51 -3.27 4.55 -15.88
CA THR A 51 -4.35 4.29 -16.81
C THR A 51 -4.21 5.06 -18.11
N LYS A 52 -4.04 6.37 -17.99
CA LYS A 52 -4.09 7.25 -19.15
C LYS A 52 -2.81 7.18 -19.96
N ASN A 53 -1.75 6.74 -19.32
CA ASN A 53 -0.45 6.66 -19.99
C ASN A 53 -0.29 5.35 -20.74
N GLN A 54 -0.95 4.30 -20.25
CA GLN A 54 -0.95 3.03 -20.94
C GLN A 54 -2.10 2.98 -21.94
N LYS A 55 -3.20 3.65 -21.57
CA LYS A 55 -4.38 3.79 -22.42
C LYS A 55 -5.13 2.47 -22.57
N ASP A 56 -6.22 2.51 -23.35
CA ASP A 56 -7.06 1.35 -23.62
C ASP A 56 -7.77 0.89 -22.35
N PRO A 57 -9.07 1.24 -22.20
CA PRO A 57 -9.85 0.97 -20.98
C PRO A 57 -9.88 -0.51 -20.60
N GLY A 58 -9.53 -1.38 -21.55
CA GLY A 58 -9.48 -2.80 -21.29
C GLY A 58 -8.45 -3.18 -20.25
N VAL A 59 -7.49 -2.30 -20.01
CA VAL A 59 -6.48 -2.57 -18.99
C VAL A 59 -7.09 -2.55 -17.61
N LEU A 60 -7.99 -1.62 -17.38
CA LEU A 60 -8.66 -1.50 -16.10
C LEU A 60 -9.51 -2.72 -15.87
N ASP A 61 -9.87 -3.34 -16.98
CA ASP A 61 -10.66 -4.55 -16.97
C ASP A 61 -9.78 -5.70 -16.49
N ARG A 62 -8.55 -5.69 -16.97
CA ARG A 62 -7.56 -6.68 -16.61
C ARG A 62 -7.17 -6.53 -15.15
N MET A 63 -7.14 -5.28 -14.68
CA MET A 63 -6.85 -5.02 -13.27
C MET A 63 -7.93 -5.63 -12.42
N MET A 64 -9.15 -5.17 -12.65
CA MET A 64 -10.31 -5.57 -11.87
C MET A 64 -10.43 -7.08 -11.80
N LYS A 65 -10.41 -7.75 -12.94
CA LYS A 65 -10.58 -9.20 -12.97
C LYS A 65 -9.44 -9.93 -12.24
N LYS A 66 -8.23 -9.38 -12.31
CA LYS A 66 -7.09 -9.95 -11.60
C LYS A 66 -7.29 -9.80 -10.10
N LEU A 67 -7.72 -8.62 -9.69
CA LEU A 67 -7.85 -8.28 -8.30
C LEU A 67 -9.10 -8.88 -7.69
N ASP A 68 -10.15 -9.00 -8.52
CA ASP A 68 -11.43 -9.57 -8.10
C ASP A 68 -11.25 -11.06 -7.81
N THR A 69 -10.59 -11.30 -6.71
CA THR A 69 -10.27 -12.62 -6.24
C THR A 69 -11.47 -13.20 -5.50
N ASN A 70 -12.34 -12.30 -5.05
CA ASN A 70 -13.57 -12.69 -4.40
C ASN A 70 -14.61 -13.05 -5.44
N SER A 71 -14.28 -12.65 -6.67
CA SER A 71 -15.07 -12.96 -7.85
C SER A 71 -16.50 -12.51 -7.67
N ASP A 72 -16.65 -11.34 -7.07
CA ASP A 72 -17.96 -10.76 -6.80
C ASP A 72 -18.24 -9.67 -7.82
N GLY A 73 -17.18 -9.23 -8.49
CA GLY A 73 -17.32 -8.18 -9.48
C GLY A 73 -16.95 -6.85 -8.89
N GLN A 74 -16.36 -6.91 -7.71
CA GLN A 74 -15.92 -5.72 -7.00
C GLN A 74 -14.57 -5.99 -6.40
N LEU A 75 -13.95 -4.94 -5.91
CA LEU A 75 -12.66 -5.07 -5.26
C LEU A 75 -12.73 -4.62 -3.83
N ASP A 76 -12.57 -5.57 -2.95
CA ASP A 76 -12.54 -5.29 -1.53
C ASP A 76 -11.17 -4.71 -1.19
N PHE A 77 -11.00 -4.26 0.04
CA PHE A 77 -9.79 -3.54 0.43
C PHE A 77 -8.54 -4.35 0.11
N SER A 78 -8.54 -5.62 0.46
CA SER A 78 -7.41 -6.50 0.18
C SER A 78 -7.19 -6.63 -1.33
N GLU A 79 -8.26 -6.61 -2.09
CA GLU A 79 -8.17 -6.75 -3.55
C GLU A 79 -7.66 -5.46 -4.16
N PHE A 80 -8.11 -4.36 -3.59
CA PHE A 80 -7.65 -3.03 -3.94
C PHE A 80 -6.17 -2.87 -3.57
N LEU A 81 -5.78 -3.49 -2.47
CA LEU A 81 -4.39 -3.42 -2.00
C LEU A 81 -3.50 -4.33 -2.81
N ASN A 82 -4.06 -5.43 -3.28
CA ASN A 82 -3.35 -6.32 -4.16
C ASN A 82 -2.93 -5.54 -5.40
N LEU A 83 -3.83 -4.66 -5.82
CA LEU A 83 -3.53 -3.72 -6.90
C LEU A 83 -2.38 -2.83 -6.52
N ILE A 84 -2.47 -2.21 -5.34
CA ILE A 84 -1.42 -1.35 -4.83
C ILE A 84 -0.08 -2.09 -4.84
N GLY A 85 -0.14 -3.40 -4.66
CA GLY A 85 1.04 -4.23 -4.79
C GLY A 85 1.61 -4.17 -6.19
N GLY A 86 0.75 -4.34 -7.19
CA GLY A 86 1.22 -4.36 -8.57
C GLY A 86 1.65 -2.98 -9.02
N LEU A 87 0.91 -1.98 -8.56
CA LEU A 87 1.22 -0.58 -8.83
C LEU A 87 2.55 -0.21 -8.23
N ALA A 88 2.67 -0.45 -6.93
CA ALA A 88 3.88 -0.12 -6.19
C ALA A 88 5.06 -0.84 -6.76
N MET A 89 4.87 -2.10 -7.06
CA MET A 89 5.92 -2.93 -7.61
C MET A 89 6.36 -2.38 -8.96
N ALA A 90 5.43 -1.79 -9.68
CA ALA A 90 5.73 -1.16 -10.96
C ALA A 90 6.53 0.12 -10.75
N CYS A 91 6.14 0.90 -9.74
CA CYS A 91 6.86 2.12 -9.39
C CYS A 91 8.24 1.80 -8.83
N HIS A 92 8.33 0.70 -8.10
CA HIS A 92 9.59 0.21 -7.56
C HIS A 92 10.51 -0.21 -8.70
N ASP A 93 9.95 -1.00 -9.61
CA ASP A 93 10.68 -1.47 -10.75
C ASP A 93 11.12 -0.30 -11.63
N SER A 94 10.24 0.70 -11.72
CA SER A 94 10.54 1.92 -12.46
C SER A 94 11.64 2.71 -11.76
N PHE A 95 11.53 2.82 -10.46
CA PHE A 95 12.47 3.56 -9.63
C PHE A 95 13.88 3.02 -9.84
N LEU A 96 13.96 1.71 -10.05
CA LEU A 96 15.24 1.05 -10.25
C LEU A 96 15.75 1.24 -11.66
N LYS A 97 14.85 1.23 -12.62
CA LYS A 97 15.22 1.42 -14.03
C LYS A 97 15.44 2.91 -14.33
N ALA A 98 14.91 3.75 -13.47
CA ALA A 98 15.01 5.20 -13.66
C ALA A 98 16.20 5.78 -12.89
N VAL A 99 16.09 5.78 -11.57
CA VAL A 99 17.11 6.38 -10.70
C VAL A 99 16.63 6.32 -9.25
N PRO A 100 17.10 5.31 -8.51
CA PRO A 100 16.81 5.20 -7.08
C PRO A 100 17.49 6.30 -6.31
N SER A 101 18.79 6.12 -6.05
CA SER A 101 19.58 7.03 -5.20
C SER A 101 19.07 7.06 -3.75
N GLN A 102 17.75 7.14 -3.59
CA GLN A 102 17.13 7.16 -2.28
C GLN A 102 17.32 5.83 -1.56
N LYS A 103 18.07 5.88 -0.47
CA LYS A 103 18.28 4.71 0.37
C LYS A 103 18.48 5.17 1.81
N ARG A 104 18.06 6.40 2.07
CA ARG A 104 18.24 7.02 3.37
C ARG A 104 17.38 8.27 3.48
N THR A 105 16.38 8.24 4.35
CA THR A 105 15.50 9.38 4.54
C THR A 105 14.98 9.41 5.97
N MET B 1 -7.48 19.60 -18.25
CA MET B 1 -6.86 18.44 -17.58
C MET B 1 -5.48 18.80 -17.05
N ALA B 2 -5.30 18.67 -15.74
CA ALA B 2 -4.04 19.00 -15.11
C ALA B 2 -3.07 17.83 -15.17
N LYS B 3 -2.58 17.53 -16.37
CA LYS B 3 -1.65 16.44 -16.56
C LYS B 3 -0.22 16.96 -16.41
N ILE B 4 0.25 17.00 -15.17
CA ILE B 4 1.57 17.53 -14.86
C ILE B 4 2.41 16.49 -14.12
N SER B 5 2.04 15.23 -14.29
CA SER B 5 2.74 14.11 -13.65
C SER B 5 2.59 14.18 -12.13
N SER B 6 1.43 14.63 -11.68
CA SER B 6 1.13 14.73 -10.27
C SER B 6 0.55 13.41 -9.76
N PRO B 7 1.07 12.91 -8.62
CA PRO B 7 0.59 11.67 -8.01
C PRO B 7 -0.69 11.88 -7.22
N THR B 8 -1.47 10.84 -7.07
CA THR B 8 -2.69 10.92 -6.30
C THR B 8 -2.48 10.32 -4.93
N GLU B 9 -3.57 10.23 -4.17
CA GLU B 9 -3.53 9.74 -2.80
C GLU B 9 -2.91 8.34 -2.72
N THR B 10 -3.32 7.46 -3.62
CA THR B 10 -2.81 6.10 -3.65
C THR B 10 -1.42 6.06 -4.25
N GLU B 11 -1.17 6.86 -5.27
CA GLU B 11 0.11 6.84 -5.93
C GLU B 11 1.19 7.39 -5.00
N ARG B 12 0.86 8.45 -4.28
CA ARG B 12 1.78 9.02 -3.32
C ARG B 12 1.97 8.06 -2.14
N CYS B 13 0.93 7.28 -1.87
CA CYS B 13 1.00 6.25 -0.85
C CYS B 13 2.04 5.24 -1.27
N ILE B 14 2.01 4.93 -2.54
CA ILE B 14 2.88 3.97 -3.14
C ILE B 14 4.32 4.46 -3.17
N GLU B 15 4.49 5.75 -3.41
CA GLU B 15 5.82 6.33 -3.48
C GLU B 15 6.35 6.50 -2.07
N SER B 16 5.43 6.53 -1.12
CA SER B 16 5.79 6.53 0.27
C SER B 16 6.37 5.18 0.65
N LEU B 17 5.75 4.12 0.13
CA LEU B 17 6.25 2.77 0.32
C LEU B 17 7.58 2.63 -0.36
N ILE B 18 7.72 3.27 -1.52
CA ILE B 18 9.00 3.35 -2.20
C ILE B 18 10.02 3.98 -1.27
N ALA B 19 9.67 5.14 -0.74
CA ALA B 19 10.56 5.88 0.14
C ALA B 19 10.97 5.07 1.37
N VAL B 20 9.99 4.59 2.14
CA VAL B 20 10.28 3.82 3.34
C VAL B 20 11.02 2.53 3.02
N PHE B 21 10.58 1.83 1.98
CA PHE B 21 11.25 0.59 1.59
C PHE B 21 12.71 0.88 1.23
N GLN B 22 12.90 1.91 0.42
CA GLN B 22 14.21 2.27 -0.10
C GLN B 22 15.15 2.74 1.00
N LYS B 23 14.60 3.46 1.98
CA LYS B 23 15.44 4.02 3.03
C LYS B 23 15.88 2.96 4.03
N TYR B 24 15.04 1.96 4.28
CA TYR B 24 15.40 0.88 5.19
C TYR B 24 16.12 -0.26 4.50
N ALA B 25 15.56 -0.74 3.40
CA ALA B 25 16.15 -1.82 2.65
C ALA B 25 17.45 -1.37 1.99
N GLY B 26 17.61 -0.06 1.91
CA GLY B 26 18.83 0.51 1.35
C GLY B 26 20.04 0.28 2.23
N LYS B 27 19.80 -0.17 3.46
CA LYS B 27 20.87 -0.42 4.42
C LYS B 27 21.64 -1.70 4.06
N ASP B 28 21.03 -2.55 3.25
CA ASP B 28 21.62 -3.84 2.92
C ASP B 28 22.21 -3.84 1.51
N GLY B 29 22.58 -2.66 1.01
CA GLY B 29 23.15 -2.60 -0.33
C GLY B 29 22.31 -1.84 -1.32
N TYR B 30 21.97 -0.59 -0.96
CA TYR B 30 21.24 0.33 -1.85
C TYR B 30 19.75 0.01 -1.90
N ASN B 31 19.41 -1.20 -2.32
CA ASN B 31 18.02 -1.65 -2.35
C ASN B 31 17.89 -3.05 -2.95
N TYR B 32 16.98 -3.84 -2.39
CA TYR B 32 16.66 -5.18 -2.90
C TYR B 32 15.70 -5.86 -1.94
N THR B 33 16.14 -6.00 -0.70
CA THR B 33 15.36 -6.65 0.34
C THR B 33 15.61 -6.00 1.68
N LEU B 34 14.54 -5.85 2.44
CA LEU B 34 14.60 -5.29 3.78
C LEU B 34 14.87 -6.42 4.75
N SER B 35 16.10 -6.48 5.23
CA SER B 35 16.53 -7.58 6.07
C SER B 35 15.73 -7.59 7.36
N LYS B 36 15.71 -8.74 8.04
CA LYS B 36 14.89 -8.92 9.22
C LYS B 36 15.10 -7.77 10.21
N THR B 37 16.34 -7.55 10.63
CA THR B 37 16.66 -6.49 11.58
C THR B 37 16.32 -5.10 11.03
N GLU B 38 16.44 -4.94 9.72
CA GLU B 38 16.16 -3.67 9.08
C GLU B 38 14.66 -3.44 9.08
N PHE B 39 13.92 -4.53 9.01
CA PHE B 39 12.47 -4.48 9.04
C PHE B 39 12.03 -4.28 10.47
N LEU B 40 12.81 -4.84 11.39
CA LEU B 40 12.60 -4.61 12.81
C LEU B 40 12.72 -3.12 13.08
N SER B 41 13.75 -2.51 12.50
CA SER B 41 13.93 -1.07 12.55
C SER B 41 12.71 -0.38 11.95
N PHE B 42 12.41 -0.69 10.69
CA PHE B 42 11.20 -0.21 10.00
C PHE B 42 9.98 -0.31 10.90
N MET B 43 9.74 -1.50 11.40
CA MET B 43 8.53 -1.78 12.16
C MET B 43 8.46 -1.03 13.49
N ASN B 44 9.59 -0.73 14.12
CA ASN B 44 9.52 -0.05 15.41
C ASN B 44 9.52 1.45 15.23
N THR B 45 9.87 1.91 14.05
CA THR B 45 9.91 3.34 13.78
C THR B 45 8.72 3.76 12.94
N GLU B 46 8.63 3.16 11.77
CA GLU B 46 7.58 3.46 10.82
C GLU B 46 6.29 2.72 11.18
N LEU B 47 6.36 1.71 12.04
CA LEU B 47 5.13 1.05 12.46
C LEU B 47 5.05 0.94 13.98
N ALA B 48 5.76 1.82 14.65
CA ALA B 48 5.67 1.96 16.10
C ALA B 48 4.22 1.97 16.58
N ALA B 49 3.34 2.56 15.79
CA ALA B 49 1.91 2.60 16.12
C ALA B 49 1.34 1.21 16.34
N PHE B 50 1.77 0.28 15.51
CA PHE B 50 1.34 -1.10 15.61
C PHE B 50 2.21 -1.85 16.60
N THR B 51 3.51 -1.77 16.37
CA THR B 51 4.50 -2.52 17.11
C THR B 51 4.47 -2.22 18.61
N LYS B 52 4.53 -0.94 18.96
CA LYS B 52 4.71 -0.55 20.35
C LYS B 52 3.40 -0.65 21.12
N ASN B 53 2.30 -0.65 20.40
CA ASN B 53 0.99 -0.70 21.02
C ASN B 53 0.57 -2.14 21.28
N GLN B 54 1.05 -3.06 20.45
CA GLN B 54 0.79 -4.48 20.68
C GLN B 54 1.89 -5.07 21.56
N LYS B 55 3.10 -4.52 21.41
CA LYS B 55 4.26 -4.90 22.23
C LYS B 55 4.76 -6.30 21.90
N ASP B 56 5.81 -6.72 22.61
CA ASP B 56 6.42 -8.03 22.44
C ASP B 56 7.08 -8.16 21.07
N PRO B 57 8.42 -8.02 21.01
CA PRO B 57 9.17 -7.99 19.74
C PRO B 57 8.95 -9.24 18.89
N GLY B 58 8.41 -10.29 19.49
CA GLY B 58 8.14 -11.52 18.76
C GLY B 58 7.09 -11.32 17.68
N VAL B 59 6.30 -10.27 17.80
CA VAL B 59 5.30 -9.97 16.78
C VAL B 59 5.94 -9.60 15.46
N LEU B 60 7.00 -8.82 15.54
CA LEU B 60 7.72 -8.39 14.35
C LEU B 60 8.35 -9.60 13.69
N ASP B 61 8.57 -10.61 14.51
CA ASP B 61 9.11 -11.87 14.07
C ASP B 61 8.07 -12.61 13.26
N ARG B 62 6.84 -12.54 13.75
CA ARG B 62 5.70 -13.16 13.10
C ARG B 62 5.40 -12.45 11.79
N MET B 63 5.60 -11.13 11.78
CA MET B 63 5.41 -10.36 10.55
C MET B 63 6.39 -10.83 9.51
N MET B 64 7.67 -10.70 9.86
CA MET B 64 8.75 -11.02 8.94
C MET B 64 8.61 -12.41 8.36
N LYS B 65 8.43 -13.41 9.20
CA LYS B 65 8.32 -14.79 8.73
C LYS B 65 7.10 -15.01 7.84
N LYS B 66 6.02 -14.30 8.13
CA LYS B 66 4.82 -14.38 7.30
C LYS B 66 5.08 -13.78 5.93
N LEU B 67 5.74 -12.63 5.94
CA LEU B 67 5.97 -11.85 4.73
C LEU B 67 7.11 -12.44 3.92
N ASP B 68 8.08 -13.01 4.62
CA ASP B 68 9.26 -13.64 4.00
C ASP B 68 8.83 -14.87 3.23
N THR B 69 8.17 -14.60 2.12
CA THR B 69 7.64 -15.60 1.25
C THR B 69 8.74 -16.10 0.32
N ASN B 70 9.76 -15.27 0.18
CA ASN B 70 10.94 -15.62 -0.60
C ASN B 70 11.85 -16.50 0.22
N SER B 71 11.56 -16.50 1.53
CA SER B 71 12.24 -17.32 2.51
C SER B 71 13.74 -17.10 2.46
N ASP B 72 14.11 -15.85 2.27
CA ASP B 72 15.50 -15.45 2.17
C ASP B 72 15.94 -14.86 3.50
N GLY B 73 14.97 -14.48 4.30
CA GLY B 73 15.26 -13.88 5.59
C GLY B 73 15.15 -12.38 5.50
N GLN B 74 14.60 -11.92 4.40
CA GLN B 74 14.41 -10.51 4.14
C GLN B 74 13.05 -10.30 3.53
N LEU B 75 12.64 -9.06 3.44
CA LEU B 75 11.37 -8.73 2.83
C LEU B 75 11.56 -7.84 1.63
N ASP B 76 11.27 -8.38 0.48
CA ASP B 76 11.34 -7.64 -0.75
C ASP B 76 10.11 -6.75 -0.85
N PHE B 77 10.06 -5.87 -1.83
CA PHE B 77 9.02 -4.87 -1.90
C PHE B 77 7.63 -5.50 -1.84
N SER B 78 7.41 -6.54 -2.62
CA SER B 78 6.13 -7.25 -2.61
C SER B 78 5.84 -7.86 -1.24
N GLU B 79 6.88 -8.28 -0.53
CA GLU B 79 6.72 -8.89 0.77
C GLU B 79 6.42 -7.81 1.81
N PHE B 80 7.09 -6.69 1.64
CA PHE B 80 6.85 -5.49 2.43
C PHE B 80 5.45 -4.96 2.19
N LEU B 81 4.98 -5.08 0.95
CA LEU B 81 3.65 -4.61 0.58
C LEU B 81 2.58 -5.57 1.06
N ASN B 82 2.92 -6.84 1.11
CA ASN B 82 2.03 -7.84 1.67
C ASN B 82 1.73 -7.46 3.11
N LEU B 83 2.74 -6.95 3.77
CA LEU B 83 2.59 -6.40 5.10
C LEU B 83 1.62 -5.23 5.09
N ILE B 84 1.87 -4.29 4.19
CA ILE B 84 1.00 -3.14 4.04
C ILE B 84 -0.44 -3.58 3.83
N GLY B 85 -0.62 -4.74 3.21
CA GLY B 85 -1.93 -5.33 3.09
C GLY B 85 -2.52 -5.65 4.45
N GLY B 86 -1.75 -6.30 5.31
CA GLY B 86 -2.26 -6.70 6.61
C GLY B 86 -2.44 -5.50 7.52
N LEU B 87 -1.53 -4.57 7.40
CA LEU B 87 -1.58 -3.31 8.13
C LEU B 87 -2.81 -2.52 7.74
N ALA B 88 -2.93 -2.28 6.44
CA ALA B 88 -4.02 -1.50 5.90
C ALA B 88 -5.34 -2.15 6.22
N MET B 89 -5.39 -3.45 6.06
CA MET B 89 -6.59 -4.21 6.33
C MET B 89 -6.97 -4.10 7.81
N ALA B 90 -5.97 -3.94 8.66
CA ALA B 90 -6.20 -3.75 10.08
C ALA B 90 -6.74 -2.35 10.34
N CYS B 91 -6.20 -1.37 9.64
CA CYS B 91 -6.66 0.01 9.75
C CYS B 91 -8.06 0.16 9.16
N HIS B 92 -8.32 -0.60 8.10
CA HIS B 92 -9.63 -0.64 7.47
C HIS B 92 -10.64 -1.24 8.43
N ASP B 93 -10.27 -2.38 8.99
CA ASP B 93 -11.11 -3.08 9.93
C ASP B 93 -11.35 -2.22 11.16
N SER B 94 -10.32 -1.49 11.57
CA SER B 94 -10.42 -0.55 12.69
C SER B 94 -11.34 0.61 12.34
N PHE B 95 -11.16 1.14 11.14
CA PHE B 95 -11.93 2.28 10.65
C PHE B 95 -13.41 1.95 10.69
N LEU B 96 -13.74 0.70 10.45
CA LEU B 96 -15.12 0.24 10.45
C LEU B 96 -15.64 0.03 11.86
N LYS B 97 -14.78 -0.47 12.74
CA LYS B 97 -15.15 -0.70 14.13
C LYS B 97 -15.12 0.60 14.92
N ALA B 98 -14.43 1.59 14.40
CA ALA B 98 -14.27 2.86 15.06
C ALA B 98 -15.31 3.87 14.57
N VAL B 99 -15.15 4.32 13.34
CA VAL B 99 -16.01 5.34 12.75
C VAL B 99 -15.52 5.69 11.34
N PRO B 100 -16.13 5.10 10.33
CA PRO B 100 -15.82 5.43 8.94
C PRO B 100 -16.28 6.84 8.60
N SER B 101 -17.56 6.99 8.34
CA SER B 101 -18.15 8.26 7.89
C SER B 101 -17.60 8.69 6.51
N GLN B 102 -16.28 8.58 6.35
CA GLN B 102 -15.63 8.93 5.10
C GLN B 102 -16.04 7.98 3.98
N LYS B 103 -16.72 8.53 3.00
CA LYS B 103 -17.11 7.79 1.82
C LYS B 103 -17.17 8.73 0.62
N ARG B 104 -16.53 9.88 0.78
CA ARG B 104 -16.55 10.92 -0.23
C ARG B 104 -15.48 11.96 0.07
N THR B 105 -14.47 12.03 -0.78
CA THR B 105 -13.40 13.01 -0.60
C THR B 105 -12.84 13.42 -1.96
N MET A 1 -0.83 5.62 29.55
CA MET A 1 0.16 6.16 28.59
C MET A 1 -0.37 6.05 27.17
N ALA A 2 -0.54 7.18 26.52
CA ALA A 2 -0.97 7.20 25.12
C ALA A 2 0.14 6.71 24.23
N LYS A 3 0.14 5.42 23.94
CA LYS A 3 1.21 4.78 23.17
C LYS A 3 0.90 4.84 21.68
N ILE A 4 0.11 5.83 21.30
CA ILE A 4 -0.24 6.04 19.90
C ILE A 4 -0.15 7.53 19.58
N SER A 5 0.56 7.87 18.52
CA SER A 5 0.77 9.25 18.14
C SER A 5 0.60 9.44 16.64
N SER A 6 1.15 10.53 16.11
CA SER A 6 1.11 10.80 14.68
C SER A 6 1.71 9.63 13.89
N PRO A 7 1.11 9.30 12.73
CA PRO A 7 1.53 8.18 11.90
C PRO A 7 2.82 8.48 11.14
N THR A 8 3.46 7.44 10.64
CA THR A 8 4.66 7.60 9.85
C THR A 8 4.28 7.69 8.39
N GLU A 9 5.28 7.74 7.53
CA GLU A 9 5.04 7.86 6.10
C GLU A 9 4.14 6.73 5.60
N THR A 10 4.48 5.49 5.95
CA THR A 10 3.74 4.34 5.49
C THR A 10 2.37 4.27 6.15
N GLU A 11 2.29 4.73 7.39
CA GLU A 11 1.06 4.63 8.15
C GLU A 11 0.02 5.61 7.63
N ARG A 12 0.45 6.86 7.44
CA ARG A 12 -0.43 7.88 6.91
C ARG A 12 -0.82 7.50 5.49
N CYS A 13 0.12 6.88 4.79
CA CYS A 13 -0.07 6.47 3.42
C CYS A 13 -1.04 5.31 3.36
N ILE A 14 -0.93 4.45 4.36
CA ILE A 14 -1.85 3.36 4.55
C ILE A 14 -3.28 3.86 4.70
N GLU A 15 -3.45 4.93 5.47
CA GLU A 15 -4.76 5.48 5.76
C GLU A 15 -5.27 6.25 4.58
N SER A 16 -4.34 6.69 3.76
CA SER A 16 -4.69 7.42 2.58
C SER A 16 -5.23 6.46 1.53
N LEU A 17 -4.73 5.23 1.53
CA LEU A 17 -5.32 4.18 0.73
C LEU A 17 -6.72 3.92 1.23
N ILE A 18 -6.85 3.89 2.56
CA ILE A 18 -8.14 3.78 3.21
C ILE A 18 -9.09 4.86 2.71
N ALA A 19 -8.57 6.09 2.63
CA ALA A 19 -9.35 7.24 2.20
C ALA A 19 -9.79 7.11 0.75
N VAL A 20 -8.83 6.90 -0.16
CA VAL A 20 -9.14 6.80 -1.59
C VAL A 20 -10.06 5.62 -1.84
N PHE A 21 -9.78 4.53 -1.16
CA PHE A 21 -10.60 3.34 -1.29
C PHE A 21 -12.02 3.63 -0.83
N GLN A 22 -12.15 4.21 0.36
CA GLN A 22 -13.44 4.38 0.99
C GLN A 22 -14.30 5.41 0.25
N LYS A 23 -13.66 6.37 -0.41
CA LYS A 23 -14.41 7.39 -1.11
C LYS A 23 -15.04 6.85 -2.39
N TYR A 24 -14.32 5.96 -3.08
CA TYR A 24 -14.86 5.37 -4.30
C TYR A 24 -15.70 4.14 -4.01
N ALA A 25 -15.23 3.30 -3.10
CA ALA A 25 -15.96 2.11 -2.71
C ALA A 25 -17.21 2.48 -1.91
N GLY A 26 -17.14 3.63 -1.26
CA GLY A 26 -18.24 4.11 -0.44
C GLY A 26 -19.45 4.50 -1.27
N LYS A 27 -19.28 4.56 -2.59
CA LYS A 27 -20.36 4.90 -3.51
C LYS A 27 -21.46 3.85 -3.49
N ASP A 28 -21.09 2.62 -3.17
CA ASP A 28 -22.03 1.51 -3.21
C ASP A 28 -22.99 1.54 -2.02
N GLY A 29 -22.53 2.15 -0.93
CA GLY A 29 -23.36 2.34 0.24
C GLY A 29 -23.55 1.08 1.08
N TYR A 30 -23.69 -0.06 0.42
CA TYR A 30 -23.95 -1.31 1.12
C TYR A 30 -22.65 -2.08 1.34
N ASN A 31 -21.95 -2.35 0.27
CA ASN A 31 -20.69 -3.08 0.34
C ASN A 31 -19.53 -2.11 0.29
N TYR A 32 -18.60 -2.23 1.24
CA TYR A 32 -17.41 -1.40 1.22
C TYR A 32 -16.35 -2.05 0.33
N THR A 33 -16.78 -2.29 -0.91
CA THR A 33 -15.98 -2.94 -1.92
C THR A 33 -16.07 -2.10 -3.18
N LEU A 34 -14.96 -1.98 -3.87
CA LEU A 34 -14.90 -1.10 -5.02
C LEU A 34 -15.37 -1.84 -6.25
N SER A 35 -16.62 -1.55 -6.61
CA SER A 35 -17.28 -2.22 -7.72
C SER A 35 -16.55 -1.89 -9.01
N LYS A 36 -16.76 -2.72 -10.03
CA LYS A 36 -16.01 -2.60 -11.26
C LYS A 36 -16.06 -1.19 -11.82
N THR A 37 -17.25 -0.67 -12.06
CA THR A 37 -17.40 0.67 -12.61
C THR A 37 -16.84 1.73 -11.66
N GLU A 38 -16.95 1.48 -10.36
CA GLU A 38 -16.42 2.40 -9.36
C GLU A 38 -14.91 2.39 -9.41
N PHE A 39 -14.37 1.23 -9.74
CA PHE A 39 -12.93 1.05 -9.87
C PHE A 39 -12.46 1.62 -11.19
N LEU A 40 -13.31 1.50 -12.20
CA LEU A 40 -13.03 2.09 -13.49
C LEU A 40 -12.89 3.59 -13.34
N SER A 41 -13.85 4.17 -12.64
CA SER A 41 -13.81 5.59 -12.33
C SER A 41 -12.60 5.90 -11.45
N PHE A 42 -12.39 5.07 -10.42
CA PHE A 42 -11.24 5.19 -9.53
C PHE A 42 -9.95 5.20 -10.31
N MET A 43 -9.68 4.13 -11.00
CA MET A 43 -8.38 3.94 -11.60
C MET A 43 -8.14 4.90 -12.77
N ASN A 44 -9.20 5.38 -13.40
CA ASN A 44 -9.02 6.38 -14.44
C ASN A 44 -8.79 7.76 -13.84
N THR A 45 -9.08 7.92 -12.56
CA THR A 45 -8.85 9.21 -11.89
C THR A 45 -7.62 9.16 -11.00
N GLU A 46 -7.71 8.32 -9.98
CA GLU A 46 -6.69 8.24 -8.96
C GLU A 46 -5.49 7.44 -9.44
N LEU A 47 -5.64 6.75 -10.55
CA LEU A 47 -4.52 5.99 -11.11
C LEU A 47 -4.40 6.22 -12.60
N ALA A 48 -4.86 7.38 -13.04
CA ALA A 48 -4.77 7.75 -14.44
C ALA A 48 -3.33 7.75 -14.93
N ALA A 49 -2.40 7.97 -13.99
CA ALA A 49 -0.97 7.89 -14.29
C ALA A 49 -0.63 6.53 -14.86
N PHE A 50 -1.23 5.50 -14.28
CA PHE A 50 -1.04 4.13 -14.72
C PHE A 50 -1.99 3.82 -15.87
N THR A 51 -3.28 4.03 -15.61
CA THR A 51 -4.34 3.66 -16.52
C THR A 51 -4.20 4.28 -17.91
N LYS A 52 -4.13 5.61 -17.96
CA LYS A 52 -4.14 6.31 -19.22
C LYS A 52 -2.86 6.06 -20.00
N ASN A 53 -1.86 5.56 -19.30
CA ASN A 53 -0.55 5.34 -19.89
C ASN A 53 -0.26 3.86 -20.00
N GLN A 54 -1.28 3.03 -19.82
CA GLN A 54 -1.13 1.59 -19.92
C GLN A 54 -1.90 1.06 -21.13
N LYS A 55 -1.70 1.73 -22.26
CA LYS A 55 -2.32 1.36 -23.53
C LYS A 55 -3.82 1.69 -23.56
N ASP A 56 -4.62 0.89 -22.87
CA ASP A 56 -6.07 1.03 -22.91
C ASP A 56 -6.68 0.73 -21.55
N PRO A 57 -7.83 1.37 -21.24
CA PRO A 57 -8.54 1.20 -19.97
C PRO A 57 -9.07 -0.22 -19.78
N GLY A 58 -8.92 -1.04 -20.81
CA GLY A 58 -9.22 -2.46 -20.68
C GLY A 58 -8.30 -3.14 -19.70
N VAL A 59 -7.24 -2.43 -19.34
CA VAL A 59 -6.30 -2.91 -18.35
C VAL A 59 -6.96 -3.03 -16.99
N LEU A 60 -7.82 -2.08 -16.66
CA LEU A 60 -8.50 -2.08 -15.37
C LEU A 60 -9.35 -3.33 -15.25
N ASP A 61 -9.72 -3.83 -16.41
CA ASP A 61 -10.52 -5.04 -16.50
C ASP A 61 -9.66 -6.24 -16.11
N ARG A 62 -8.41 -6.19 -16.56
CA ARG A 62 -7.44 -7.23 -16.25
C ARG A 62 -7.03 -7.13 -14.80
N MET A 63 -6.97 -5.90 -14.28
CA MET A 63 -6.67 -5.64 -12.88
C MET A 63 -7.77 -6.26 -12.03
N MET A 64 -8.99 -5.82 -12.31
CA MET A 64 -10.16 -6.29 -11.58
C MET A 64 -10.17 -7.79 -11.46
N LYS A 65 -10.09 -8.49 -12.58
CA LYS A 65 -10.23 -9.94 -12.59
C LYS A 65 -9.07 -10.63 -11.89
N LYS A 66 -7.94 -9.96 -11.78
CA LYS A 66 -6.79 -10.50 -11.05
C LYS A 66 -7.00 -10.31 -9.55
N LEU A 67 -7.44 -9.12 -9.19
CA LEU A 67 -7.54 -8.71 -7.80
C LEU A 67 -8.82 -9.20 -7.18
N ASP A 68 -9.88 -9.25 -7.98
CA ASP A 68 -11.21 -9.74 -7.57
C ASP A 68 -11.09 -11.18 -7.13
N THR A 69 -10.59 -11.33 -5.93
CA THR A 69 -10.35 -12.61 -5.33
C THR A 69 -11.59 -13.08 -4.59
N ASN A 70 -12.48 -12.13 -4.33
CA ASN A 70 -13.78 -12.45 -3.75
C ASN A 70 -14.70 -12.94 -4.84
N SER A 71 -14.26 -12.67 -6.07
CA SER A 71 -14.94 -13.07 -7.29
C SER A 71 -16.37 -12.56 -7.30
N ASP A 72 -16.53 -11.32 -6.89
CA ASP A 72 -17.84 -10.69 -6.86
C ASP A 72 -17.92 -9.63 -7.94
N GLY A 73 -16.75 -9.22 -8.42
CA GLY A 73 -16.69 -8.17 -9.41
C GLY A 73 -16.38 -6.84 -8.79
N GLN A 74 -15.82 -6.90 -7.58
CA GLN A 74 -15.45 -5.72 -6.85
C GLN A 74 -14.09 -5.94 -6.22
N LEU A 75 -13.49 -4.88 -5.74
CA LEU A 75 -12.22 -4.98 -5.05
C LEU A 75 -12.35 -4.49 -3.63
N ASP A 76 -12.22 -5.42 -2.70
CA ASP A 76 -12.18 -5.07 -1.30
C ASP A 76 -10.81 -4.48 -0.98
N PHE A 77 -10.64 -3.94 0.21
CA PHE A 77 -9.43 -3.22 0.52
C PHE A 77 -8.18 -4.07 0.29
N SER A 78 -8.24 -5.33 0.72
CA SER A 78 -7.15 -6.27 0.48
C SER A 78 -6.90 -6.43 -1.02
N GLU A 79 -7.97 -6.49 -1.78
CA GLU A 79 -7.88 -6.69 -3.23
C GLU A 79 -7.36 -5.41 -3.89
N PHE A 80 -7.75 -4.29 -3.32
CA PHE A 80 -7.28 -2.98 -3.75
C PHE A 80 -5.82 -2.78 -3.37
N LEU A 81 -5.42 -3.34 -2.24
CA LEU A 81 -4.04 -3.23 -1.80
C LEU A 81 -3.17 -4.20 -2.57
N ASN A 82 -3.76 -5.29 -3.04
CA ASN A 82 -3.08 -6.18 -3.94
C ASN A 82 -2.74 -5.42 -5.21
N LEU A 83 -3.69 -4.58 -5.62
CA LEU A 83 -3.50 -3.66 -6.71
C LEU A 83 -2.34 -2.71 -6.42
N ILE A 84 -2.38 -2.08 -5.25
CA ILE A 84 -1.30 -1.21 -4.81
C ILE A 84 0.03 -1.94 -4.85
N GLY A 85 -0.01 -3.24 -4.59
CA GLY A 85 1.16 -4.08 -4.72
C GLY A 85 1.72 -4.03 -6.13
N GLY A 86 0.86 -4.13 -7.12
CA GLY A 86 1.31 -4.13 -8.49
C GLY A 86 1.68 -2.73 -8.97
N LEU A 87 0.87 -1.77 -8.55
CA LEU A 87 1.09 -0.37 -8.86
C LEU A 87 2.44 0.10 -8.33
N ALA A 88 2.59 -0.02 -7.02
CA ALA A 88 3.78 0.45 -6.34
C ALA A 88 5.01 -0.22 -6.90
N MET A 89 4.89 -1.51 -7.11
CA MET A 89 5.99 -2.30 -7.61
C MET A 89 6.41 -1.84 -8.99
N ALA A 90 5.45 -1.42 -9.79
CA ALA A 90 5.74 -0.94 -11.13
C ALA A 90 6.69 0.25 -11.07
N CYS A 91 6.44 1.16 -10.13
CA CYS A 91 7.25 2.37 -10.02
C CYS A 91 8.51 2.10 -9.19
N HIS A 92 8.40 1.26 -8.18
CA HIS A 92 9.57 0.89 -7.36
C HIS A 92 10.59 0.15 -8.19
N ASP A 93 10.12 -0.81 -8.94
CA ASP A 93 10.98 -1.62 -9.80
C ASP A 93 11.59 -0.75 -10.86
N SER A 94 10.76 0.13 -11.40
CA SER A 94 11.22 1.17 -12.32
C SER A 94 12.34 1.99 -11.68
N PHE A 95 12.11 2.45 -10.46
CA PHE A 95 13.08 3.21 -9.69
C PHE A 95 14.39 2.44 -9.60
N LEU A 96 14.27 1.13 -9.44
CA LEU A 96 15.42 0.25 -9.32
C LEU A 96 16.11 0.04 -10.66
N LYS A 97 15.31 -0.05 -11.72
CA LYS A 97 15.85 -0.20 -13.06
C LYS A 97 16.42 1.12 -13.57
N ALA A 98 15.81 2.21 -13.13
CA ALA A 98 16.21 3.53 -13.57
C ALA A 98 17.43 4.04 -12.80
N VAL A 99 17.24 4.34 -11.52
CA VAL A 99 18.30 4.89 -10.70
C VAL A 99 17.88 4.93 -9.23
N PRO A 100 18.16 3.85 -8.50
CA PRO A 100 17.82 3.72 -7.09
C PRO A 100 18.96 4.13 -6.18
N SER A 101 20.07 4.53 -6.78
CA SER A 101 21.24 4.93 -6.02
C SER A 101 21.15 6.42 -5.68
N GLN A 102 20.03 6.82 -5.13
CA GLN A 102 19.83 8.20 -4.71
C GLN A 102 20.69 8.51 -3.51
N LYS A 103 20.65 7.62 -2.50
CA LYS A 103 21.43 7.75 -1.26
C LYS A 103 21.52 9.20 -0.79
N ARG A 104 20.37 9.81 -0.63
CA ARG A 104 20.28 11.22 -0.26
C ARG A 104 20.19 11.36 1.25
N THR A 105 21.04 12.25 1.80
CA THR A 105 21.11 12.50 3.24
C THR A 105 21.19 11.21 4.06
N MET B 1 2.77 15.02 -25.92
CA MET B 1 1.87 15.38 -24.80
C MET B 1 2.33 14.70 -23.53
N ALA B 2 2.67 15.50 -22.53
CA ALA B 2 3.05 14.97 -21.22
C ALA B 2 1.82 14.41 -20.52
N LYS B 3 1.59 13.12 -20.69
CA LYS B 3 0.41 12.47 -20.14
C LYS B 3 0.68 11.95 -18.73
N ILE B 4 1.61 12.60 -18.06
CA ILE B 4 1.95 12.27 -16.69
C ILE B 4 2.12 13.54 -15.87
N SER B 5 1.44 13.62 -14.75
CA SER B 5 1.47 14.81 -13.91
C SER B 5 1.61 14.43 -12.44
N SER B 6 1.26 15.36 -11.56
CA SER B 6 1.31 15.13 -10.12
C SER B 6 0.48 13.89 -9.76
N PRO B 7 0.98 13.09 -8.79
CA PRO B 7 0.33 11.84 -8.39
C PRO B 7 -0.90 12.10 -7.53
N THR B 8 -1.73 11.08 -7.40
CA THR B 8 -2.90 11.17 -6.56
C THR B 8 -2.57 10.70 -5.16
N GLU B 9 -3.56 10.62 -4.31
CA GLU B 9 -3.35 10.21 -2.93
C GLU B 9 -2.69 8.84 -2.87
N THR B 10 -3.24 7.88 -3.60
CA THR B 10 -2.72 6.52 -3.58
C THR B 10 -1.38 6.43 -4.27
N GLU B 11 -1.18 7.26 -5.29
CA GLU B 11 0.05 7.21 -6.06
C GLU B 11 1.22 7.76 -5.28
N ARG B 12 1.03 8.92 -4.67
CA ARG B 12 2.05 9.52 -3.84
C ARG B 12 2.32 8.63 -2.64
N CYS B 13 1.27 7.99 -2.18
CA CYS B 13 1.34 7.11 -1.03
C CYS B 13 2.07 5.84 -1.40
N ILE B 14 1.85 5.42 -2.63
CA ILE B 14 2.56 4.30 -3.21
C ILE B 14 4.07 4.56 -3.22
N GLU B 15 4.45 5.78 -3.59
CA GLU B 15 5.84 6.15 -3.72
C GLU B 15 6.44 6.36 -2.35
N SER B 16 5.58 6.66 -1.42
CA SER B 16 6.01 6.87 -0.07
C SER B 16 6.34 5.54 0.58
N LEU B 17 5.64 4.49 0.18
CA LEU B 17 6.00 3.14 0.57
C LEU B 17 7.35 2.81 -0.05
N ILE B 18 7.51 3.22 -1.31
CA ILE B 18 8.79 3.11 -2.00
C ILE B 18 9.89 3.77 -1.19
N ALA B 19 9.60 4.97 -0.68
CA ALA B 19 10.55 5.75 0.09
C ALA B 19 10.92 5.06 1.40
N VAL B 20 9.92 4.73 2.22
CA VAL B 20 10.16 4.11 3.51
C VAL B 20 10.84 2.76 3.32
N PHE B 21 10.38 2.03 2.32
CA PHE B 21 10.98 0.74 2.01
C PHE B 21 12.45 0.90 1.63
N GLN B 22 12.71 1.82 0.72
CA GLN B 22 14.03 1.97 0.13
C GLN B 22 15.03 2.51 1.15
N LYS B 23 14.56 3.29 2.11
CA LYS B 23 15.47 3.86 3.10
C LYS B 23 15.94 2.82 4.10
N TYR B 24 15.06 1.89 4.47
CA TYR B 24 15.44 0.84 5.39
C TYR B 24 16.06 -0.36 4.68
N ALA B 25 15.47 -0.74 3.56
CA ALA B 25 15.99 -1.85 2.76
C ALA B 25 17.30 -1.45 2.11
N GLY B 26 17.46 -0.16 1.88
CA GLY B 26 18.66 0.36 1.24
C GLY B 26 19.89 0.23 2.11
N LYS B 27 19.69 -0.13 3.37
CA LYS B 27 20.79 -0.32 4.32
C LYS B 27 21.68 -1.48 3.91
N ASP B 28 21.11 -2.45 3.21
CA ASP B 28 21.83 -3.65 2.84
C ASP B 28 22.81 -3.38 1.71
N GLY B 29 22.50 -2.37 0.90
CA GLY B 29 23.40 -1.94 -0.17
C GLY B 29 23.38 -2.86 -1.39
N TYR B 30 23.31 -4.16 -1.16
CA TYR B 30 23.36 -5.13 -2.24
C TYR B 30 21.96 -5.53 -2.67
N ASN B 31 21.18 -6.01 -1.72
CA ASN B 31 19.81 -6.44 -2.01
C ASN B 31 18.83 -5.35 -1.60
N TYR B 32 17.94 -4.97 -2.49
CA TYR B 32 16.90 -4.00 -2.17
C TYR B 32 15.73 -4.73 -1.51
N THR B 33 16.06 -5.44 -0.45
CA THR B 33 15.13 -6.23 0.32
C THR B 33 15.33 -5.91 1.77
N LEU B 34 14.24 -5.83 2.50
CA LEU B 34 14.29 -5.40 3.88
C LEU B 34 14.59 -6.57 4.76
N SER B 35 15.85 -6.66 5.18
CA SER B 35 16.34 -7.77 5.96
C SER B 35 15.65 -7.78 7.32
N LYS B 36 15.68 -8.91 7.99
CA LYS B 36 14.92 -9.09 9.21
C LYS B 36 15.20 -7.98 10.20
N THR B 37 16.46 -7.80 10.58
CA THR B 37 16.83 -6.77 11.54
C THR B 37 16.49 -5.37 11.02
N GLU B 38 16.61 -5.19 9.71
CA GLU B 38 16.28 -3.90 9.10
C GLU B 38 14.79 -3.65 9.19
N PHE B 39 14.04 -4.74 9.13
CA PHE B 39 12.60 -4.70 9.24
C PHE B 39 12.19 -4.54 10.68
N LEU B 40 12.97 -5.14 11.56
CA LEU B 40 12.75 -4.99 12.98
C LEU B 40 12.89 -3.52 13.36
N SER B 41 13.96 -2.91 12.86
CA SER B 41 14.19 -1.50 13.05
C SER B 41 13.07 -0.70 12.37
N PHE B 42 12.75 -1.08 11.13
CA PHE B 42 11.68 -0.45 10.37
C PHE B 42 10.38 -0.48 11.15
N MET B 43 9.90 -1.66 11.44
CA MET B 43 8.57 -1.81 11.99
C MET B 43 8.47 -1.28 13.40
N ASN B 44 9.58 -1.23 14.13
CA ASN B 44 9.55 -0.62 15.46
C ASN B 44 9.59 0.90 15.37
N THR B 45 9.93 1.43 14.21
CA THR B 45 9.96 2.88 14.03
C THR B 45 8.79 3.37 13.21
N GLU B 46 8.74 2.91 11.96
CA GLU B 46 7.77 3.37 11.00
C GLU B 46 6.42 2.69 11.23
N LEU B 47 6.41 1.63 12.02
CA LEU B 47 5.16 0.95 12.33
C LEU B 47 5.04 0.67 13.80
N ALA B 48 5.67 1.51 14.61
CA ALA B 48 5.62 1.39 16.05
C ALA B 48 4.17 1.48 16.55
N ALA B 49 3.33 2.17 15.79
CA ALA B 49 1.90 2.25 16.08
C ALA B 49 1.31 0.85 16.15
N PHE B 50 1.74 0.00 15.24
CA PHE B 50 1.29 -1.37 15.21
C PHE B 50 2.13 -2.22 16.14
N THR B 51 3.44 -2.16 15.94
CA THR B 51 4.39 -3.01 16.64
C THR B 51 4.32 -2.88 18.15
N LYS B 52 4.48 -1.66 18.65
CA LYS B 52 4.59 -1.44 20.09
C LYS B 52 3.26 -1.72 20.77
N ASN B 53 2.21 -1.74 19.97
CA ASN B 53 0.86 -1.92 20.49
C ASN B 53 0.30 -3.28 20.10
N GLN B 54 1.17 -4.17 19.63
CA GLN B 54 0.75 -5.50 19.23
C GLN B 54 1.38 -6.53 20.16
N LYS B 55 1.27 -6.27 21.46
CA LYS B 55 1.78 -7.15 22.51
C LYS B 55 3.31 -7.10 22.59
N ASP B 56 3.97 -7.78 21.66
CA ASP B 56 5.42 -7.91 21.70
C ASP B 56 6.02 -7.83 20.30
N PRO B 57 7.27 -7.34 20.19
CA PRO B 57 7.98 -7.20 18.91
C PRO B 57 8.25 -8.54 18.24
N GLY B 58 7.91 -9.62 18.93
CA GLY B 58 7.97 -10.94 18.33
C GLY B 58 6.97 -11.07 17.20
N VAL B 59 6.06 -10.11 17.13
CA VAL B 59 5.09 -10.05 16.06
C VAL B 59 5.76 -9.82 14.73
N LEU B 60 6.79 -8.99 14.72
CA LEU B 60 7.50 -8.67 13.48
C LEU B 60 8.11 -9.93 12.92
N ASP B 61 8.35 -10.85 13.83
CA ASP B 61 8.91 -12.15 13.49
C ASP B 61 7.87 -12.96 12.74
N ARG B 62 6.65 -12.85 13.20
CA ARG B 62 5.50 -13.53 12.60
C ARG B 62 5.17 -12.87 11.26
N MET B 63 5.35 -11.55 11.21
CA MET B 63 5.15 -10.78 9.99
C MET B 63 6.13 -11.26 8.95
N MET B 64 7.42 -11.17 9.31
CA MET B 64 8.51 -11.56 8.44
C MET B 64 8.24 -12.93 7.81
N LYS B 65 8.01 -13.92 8.64
CA LYS B 65 7.89 -15.29 8.14
C LYS B 65 6.64 -15.48 7.28
N LYS B 66 5.65 -14.63 7.45
CA LYS B 66 4.46 -14.67 6.61
C LYS B 66 4.74 -14.02 5.26
N LEU B 67 5.39 -12.88 5.32
CA LEU B 67 5.62 -12.05 4.14
C LEU B 67 6.81 -12.52 3.35
N ASP B 68 7.82 -13.04 4.06
CA ASP B 68 9.03 -13.58 3.46
C ASP B 68 8.68 -14.75 2.57
N THR B 69 8.22 -14.39 1.41
CA THR B 69 7.75 -15.31 0.42
C THR B 69 8.92 -15.72 -0.48
N ASN B 70 9.97 -14.92 -0.43
CA ASN B 70 11.21 -15.25 -1.11
C ASN B 70 12.00 -16.24 -0.28
N SER B 71 11.57 -16.33 0.98
CA SER B 71 12.13 -17.22 1.96
C SER B 71 13.63 -17.02 2.11
N ASP B 72 14.02 -15.75 2.13
CA ASP B 72 15.42 -15.40 2.27
C ASP B 72 15.65 -14.79 3.65
N GLY B 73 14.56 -14.37 4.28
CA GLY B 73 14.65 -13.73 5.57
C GLY B 73 14.61 -12.24 5.43
N GLN B 74 14.09 -11.79 4.30
CA GLN B 74 13.95 -10.37 4.02
C GLN B 74 12.60 -10.14 3.39
N LEU B 75 12.22 -8.88 3.32
CA LEU B 75 10.98 -8.52 2.68
C LEU B 75 11.22 -7.61 1.50
N ASP B 76 10.95 -8.12 0.32
CA ASP B 76 11.04 -7.32 -0.88
C ASP B 76 9.80 -6.43 -0.94
N PHE B 77 9.77 -5.49 -1.86
CA PHE B 77 8.71 -4.49 -1.88
C PHE B 77 7.33 -5.15 -1.91
N SER B 78 7.18 -6.17 -2.74
CA SER B 78 5.93 -6.92 -2.80
C SER B 78 5.61 -7.53 -1.44
N GLU B 79 6.63 -8.04 -0.77
CA GLU B 79 6.46 -8.69 0.52
C GLU B 79 6.16 -7.65 1.59
N PHE B 80 6.76 -6.48 1.42
CA PHE B 80 6.52 -5.34 2.29
C PHE B 80 5.12 -4.76 2.04
N LEU B 81 4.68 -4.83 0.80
CA LEU B 81 3.34 -4.34 0.46
C LEU B 81 2.28 -5.33 0.89
N ASN B 82 2.66 -6.61 0.94
CA ASN B 82 1.79 -7.62 1.52
C ASN B 82 1.55 -7.28 2.98
N LEU B 83 2.63 -6.82 3.61
CA LEU B 83 2.58 -6.29 4.95
C LEU B 83 1.62 -5.12 5.04
N ILE B 84 1.81 -4.15 4.16
CA ILE B 84 0.91 -2.99 4.07
C ILE B 84 -0.53 -3.46 3.90
N GLY B 85 -0.71 -4.57 3.21
CA GLY B 85 -2.02 -5.18 3.09
C GLY B 85 -2.62 -5.51 4.44
N GLY B 86 -1.80 -6.10 5.32
CA GLY B 86 -2.30 -6.48 6.63
C GLY B 86 -2.43 -5.28 7.54
N LEU B 87 -1.44 -4.40 7.46
CA LEU B 87 -1.42 -3.17 8.23
C LEU B 87 -2.64 -2.32 7.94
N ALA B 88 -2.76 -1.95 6.67
CA ALA B 88 -3.84 -1.08 6.22
C ALA B 88 -5.18 -1.66 6.55
N MET B 89 -5.30 -2.96 6.32
CA MET B 89 -6.54 -3.64 6.56
C MET B 89 -6.91 -3.62 8.02
N ALA B 90 -5.92 -3.67 8.89
CA ALA B 90 -6.17 -3.64 10.32
C ALA B 90 -6.89 -2.34 10.70
N CYS B 91 -6.45 -1.23 10.12
CA CYS B 91 -7.03 0.06 10.43
C CYS B 91 -8.29 0.33 9.61
N HIS B 92 -8.30 -0.12 8.36
CA HIS B 92 -9.48 0.03 7.51
C HIS B 92 -10.65 -0.76 8.07
N ASP B 93 -10.38 -1.99 8.43
CA ASP B 93 -11.40 -2.87 8.99
C ASP B 93 -11.87 -2.32 10.31
N SER B 94 -10.92 -1.84 11.09
CA SER B 94 -11.22 -1.10 12.32
C SER B 94 -12.15 0.07 12.03
N PHE B 95 -11.80 0.86 11.02
CA PHE B 95 -12.61 2.00 10.60
C PHE B 95 -14.03 1.55 10.28
N LEU B 96 -14.13 0.38 9.68
CA LEU B 96 -15.41 -0.18 9.30
C LEU B 96 -16.17 -0.72 10.52
N LYS B 97 -15.45 -1.29 11.46
CA LYS B 97 -16.03 -1.80 12.69
C LYS B 97 -16.39 -0.65 13.61
N ALA B 98 -15.58 0.39 13.58
CA ALA B 98 -15.74 1.55 14.45
C ALA B 98 -16.83 2.48 13.94
N VAL B 99 -16.55 3.17 12.83
CA VAL B 99 -17.47 4.14 12.27
C VAL B 99 -17.00 4.60 10.89
N PRO B 100 -17.45 3.90 9.85
CA PRO B 100 -17.09 4.20 8.47
C PRO B 100 -18.11 5.09 7.79
N SER B 101 -19.15 5.46 8.52
CA SER B 101 -20.20 6.29 7.98
C SER B 101 -19.84 7.77 8.16
N GLN B 102 -18.63 8.12 7.73
CA GLN B 102 -18.18 9.49 7.81
C GLN B 102 -18.93 10.36 6.81
N LYS B 103 -19.04 9.86 5.57
CA LYS B 103 -19.74 10.54 4.47
C LYS B 103 -19.55 12.05 4.52
N ARG B 104 -18.30 12.47 4.53
CA ARG B 104 -17.95 13.89 4.66
C ARG B 104 -17.78 14.52 3.29
N THR B 105 -18.45 15.66 3.09
CA THR B 105 -18.44 16.39 1.82
C THR B 105 -18.71 15.48 0.62
N MET A 1 -2.18 10.64 28.64
CA MET A 1 -0.98 11.44 28.30
C MET A 1 -0.99 11.83 26.83
N ALA A 2 -0.92 10.83 25.96
CA ALA A 2 -0.95 11.06 24.54
C ALA A 2 -1.79 10.01 23.84
N LYS A 3 -3.09 10.27 23.75
CA LYS A 3 -4.00 9.34 23.08
C LYS A 3 -3.80 9.39 21.58
N ILE A 4 -3.20 10.48 21.11
CA ILE A 4 -2.91 10.64 19.70
C ILE A 4 -1.47 10.25 19.40
N SER A 5 -1.22 9.80 18.18
CA SER A 5 0.12 9.44 17.75
C SER A 5 0.32 9.90 16.32
N SER A 6 1.47 10.50 16.06
CA SER A 6 1.81 10.96 14.72
C SER A 6 1.97 9.77 13.79
N PRO A 7 1.48 9.88 12.55
CA PRO A 7 1.57 8.80 11.57
C PRO A 7 2.95 8.73 10.94
N THR A 8 3.18 7.70 10.17
CA THR A 8 4.46 7.49 9.53
C THR A 8 4.28 7.43 8.03
N GLU A 9 5.37 7.30 7.30
CA GLU A 9 5.36 7.31 5.85
C GLU A 9 4.46 6.21 5.29
N THR A 10 4.61 5.02 5.82
CA THR A 10 3.83 3.89 5.35
C THR A 10 2.42 3.96 5.94
N GLU A 11 2.32 4.42 7.16
CA GLU A 11 1.04 4.49 7.83
C GLU A 11 0.13 5.54 7.22
N ARG A 12 0.72 6.67 6.86
CA ARG A 12 -0.03 7.72 6.19
C ARG A 12 -0.41 7.26 4.79
N CYS A 13 0.48 6.46 4.18
CA CYS A 13 0.22 5.83 2.90
C CYS A 13 -1.00 4.96 3.03
N ILE A 14 -1.07 4.25 4.13
CA ILE A 14 -2.12 3.31 4.41
C ILE A 14 -3.45 4.00 4.66
N GLU A 15 -3.41 5.16 5.30
CA GLU A 15 -4.62 5.90 5.59
C GLU A 15 -5.05 6.64 4.36
N SER A 16 -4.11 6.82 3.43
CA SER A 16 -4.45 7.33 2.13
C SER A 16 -5.27 6.30 1.39
N LEU A 17 -4.84 5.05 1.51
CA LEU A 17 -5.55 3.93 0.92
C LEU A 17 -6.93 3.79 1.56
N ILE A 18 -7.02 4.15 2.83
CA ILE A 18 -8.30 4.26 3.50
C ILE A 18 -9.15 5.31 2.80
N ALA A 19 -8.62 6.52 2.74
CA ALA A 19 -9.33 7.65 2.17
C ALA A 19 -9.79 7.38 0.74
N VAL A 20 -8.88 6.92 -0.12
CA VAL A 20 -9.23 6.63 -1.51
C VAL A 20 -10.18 5.45 -1.62
N PHE A 21 -9.88 4.37 -0.91
CA PHE A 21 -10.75 3.20 -0.97
C PHE A 21 -12.16 3.54 -0.51
N GLN A 22 -12.26 4.26 0.59
CA GLN A 22 -13.54 4.56 1.21
C GLN A 22 -14.35 5.57 0.41
N LYS A 23 -13.68 6.40 -0.39
CA LYS A 23 -14.39 7.41 -1.15
C LYS A 23 -14.98 6.81 -2.42
N TYR A 24 -14.29 5.84 -3.00
CA TYR A 24 -14.77 5.15 -4.20
C TYR A 24 -15.67 3.97 -3.85
N ALA A 25 -15.23 3.14 -2.93
CA ALA A 25 -16.03 1.98 -2.51
C ALA A 25 -17.29 2.44 -1.80
N GLY A 26 -17.21 3.61 -1.18
CA GLY A 26 -18.35 4.17 -0.50
C GLY A 26 -19.47 4.56 -1.44
N LYS A 27 -19.13 4.70 -2.73
CA LYS A 27 -20.11 5.05 -3.74
C LYS A 27 -21.06 3.88 -3.99
N ASP A 28 -20.52 2.68 -3.93
CA ASP A 28 -21.31 1.47 -4.16
C ASP A 28 -22.22 1.19 -2.98
N GLY A 29 -21.82 1.71 -1.83
CA GLY A 29 -22.61 1.52 -0.62
C GLY A 29 -21.88 0.66 0.39
N TYR A 30 -21.10 -0.27 -0.10
CA TYR A 30 -20.32 -1.14 0.76
C TYR A 30 -18.88 -0.66 0.81
N ASN A 31 -18.48 -0.11 1.96
CA ASN A 31 -17.15 0.46 2.13
C ASN A 31 -16.10 -0.63 2.31
N TYR A 32 -16.48 -1.87 2.04
CA TYR A 32 -15.57 -2.99 2.12
C TYR A 32 -15.07 -3.38 0.74
N THR A 33 -15.81 -3.01 -0.29
CA THR A 33 -15.48 -3.45 -1.63
C THR A 33 -15.69 -2.34 -2.67
N LEU A 34 -14.63 -2.07 -3.40
CA LEU A 34 -14.63 -1.10 -4.48
C LEU A 34 -15.06 -1.79 -5.75
N SER A 35 -16.31 -1.55 -6.14
CA SER A 35 -16.91 -2.25 -7.25
C SER A 35 -16.24 -1.85 -8.55
N LYS A 36 -16.45 -2.66 -9.60
CA LYS A 36 -15.76 -2.47 -10.86
C LYS A 36 -15.85 -1.03 -11.35
N THR A 37 -17.07 -0.53 -11.55
CA THR A 37 -17.26 0.83 -12.04
C THR A 37 -16.67 1.87 -11.10
N GLU A 38 -16.71 1.58 -9.81
CA GLU A 38 -16.17 2.50 -8.82
C GLU A 38 -14.66 2.50 -8.93
N PHE A 39 -14.13 1.34 -9.32
CA PHE A 39 -12.71 1.15 -9.47
C PHE A 39 -12.28 1.76 -10.79
N LEU A 40 -13.19 1.76 -11.75
CA LEU A 40 -12.96 2.42 -13.01
C LEU A 40 -12.73 3.91 -12.75
N SER A 41 -13.65 4.50 -12.01
CA SER A 41 -13.50 5.88 -11.55
C SER A 41 -12.19 6.04 -10.79
N PHE A 42 -11.95 5.16 -9.81
CA PHE A 42 -10.69 5.09 -9.09
C PHE A 42 -9.50 5.13 -10.06
N MET A 43 -9.43 4.12 -10.90
CA MET A 43 -8.28 3.94 -11.79
C MET A 43 -8.08 5.09 -12.76
N ASN A 44 -9.16 5.63 -13.32
CA ASN A 44 -9.01 6.71 -14.30
C ASN A 44 -8.65 8.03 -13.64
N THR A 45 -8.86 8.14 -12.33
CA THR A 45 -8.55 9.37 -11.61
C THR A 45 -7.28 9.22 -10.78
N GLU A 46 -7.35 8.31 -9.82
CA GLU A 46 -6.28 8.07 -8.88
C GLU A 46 -5.11 7.37 -9.56
N LEU A 47 -5.37 6.64 -10.62
CA LEU A 47 -4.29 5.95 -11.30
C LEU A 47 -4.23 6.33 -12.76
N ALA A 48 -4.67 7.53 -13.07
CA ALA A 48 -4.60 8.04 -14.43
C ALA A 48 -3.17 8.05 -14.93
N ALA A 49 -2.22 8.12 -14.00
CA ALA A 49 -0.80 7.98 -14.32
C ALA A 49 -0.54 6.66 -15.03
N PHE A 50 -1.16 5.61 -14.51
CA PHE A 50 -1.02 4.27 -15.05
C PHE A 50 -2.00 4.01 -16.17
N THR A 51 -3.26 4.33 -15.91
CA THR A 51 -4.35 4.09 -16.84
C THR A 51 -4.06 4.65 -18.23
N LYS A 52 -3.70 5.92 -18.28
CA LYS A 52 -3.47 6.58 -19.55
C LYS A 52 -2.18 6.11 -20.19
N ASN A 53 -1.24 5.71 -19.35
CA ASN A 53 0.06 5.23 -19.80
C ASN A 53 -0.11 3.90 -20.52
N GLN A 54 -1.09 3.12 -20.08
CA GLN A 54 -1.36 1.83 -20.69
C GLN A 54 -2.38 1.96 -21.82
N LYS A 55 -2.62 3.20 -22.21
CA LYS A 55 -3.43 3.54 -23.39
C LYS A 55 -4.92 3.27 -23.19
N ASP A 56 -5.32 2.02 -23.35
CA ASP A 56 -6.73 1.67 -23.40
C ASP A 56 -7.23 1.25 -22.02
N PRO A 57 -8.45 1.71 -21.64
CA PRO A 57 -9.05 1.43 -20.34
C PRO A 57 -9.39 -0.05 -20.14
N GLY A 58 -9.27 -0.83 -21.20
CA GLY A 58 -9.51 -2.26 -21.10
C GLY A 58 -8.53 -2.93 -20.17
N VAL A 59 -7.40 -2.28 -19.94
CA VAL A 59 -6.42 -2.79 -19.00
C VAL A 59 -6.98 -2.75 -17.59
N LEU A 60 -7.75 -1.73 -17.30
CA LEU A 60 -8.35 -1.58 -15.99
C LEU A 60 -9.30 -2.74 -15.75
N ASP A 61 -9.83 -3.23 -16.85
CA ASP A 61 -10.73 -4.39 -16.84
C ASP A 61 -9.95 -5.63 -16.46
N ARG A 62 -8.71 -5.65 -16.90
CA ARG A 62 -7.81 -6.75 -16.61
C ARG A 62 -7.36 -6.67 -15.17
N MET A 63 -7.02 -5.45 -14.73
CA MET A 63 -6.61 -5.22 -13.34
C MET A 63 -7.74 -5.63 -12.42
N MET A 64 -8.92 -5.13 -12.72
CA MET A 64 -10.09 -5.42 -11.93
C MET A 64 -10.26 -6.92 -11.74
N LYS A 65 -10.13 -7.69 -12.82
CA LYS A 65 -10.40 -9.12 -12.77
C LYS A 65 -9.35 -9.93 -12.01
N LYS A 66 -8.06 -9.62 -12.15
CA LYS A 66 -7.04 -10.29 -11.33
C LYS A 66 -7.32 -10.06 -9.86
N LEU A 67 -7.53 -8.79 -9.55
CA LEU A 67 -7.76 -8.34 -8.21
C LEU A 67 -9.09 -8.86 -7.69
N ASP A 68 -10.07 -8.91 -8.59
CA ASP A 68 -11.38 -9.48 -8.26
C ASP A 68 -11.23 -10.99 -8.20
N THR A 69 -10.37 -11.38 -7.30
CA THR A 69 -9.96 -12.75 -7.13
C THR A 69 -11.08 -13.58 -6.52
N ASN A 70 -12.05 -12.88 -5.94
CA ASN A 70 -13.22 -13.51 -5.38
C ASN A 70 -14.28 -13.64 -6.45
N SER A 71 -14.04 -12.93 -7.55
CA SER A 71 -14.91 -12.93 -8.72
C SER A 71 -16.31 -12.46 -8.35
N ASP A 72 -16.36 -11.45 -7.50
CA ASP A 72 -17.61 -10.90 -7.03
C ASP A 72 -17.94 -9.65 -7.83
N GLY A 73 -16.92 -9.11 -8.48
CA GLY A 73 -17.11 -7.94 -9.30
C GLY A 73 -16.67 -6.69 -8.58
N GLN A 74 -16.07 -6.87 -7.42
CA GLN A 74 -15.60 -5.76 -6.60
C GLN A 74 -14.25 -6.12 -6.00
N LEU A 75 -13.51 -5.11 -5.64
CA LEU A 75 -12.19 -5.31 -5.05
C LEU A 75 -12.23 -4.97 -3.59
N ASP A 76 -11.93 -5.95 -2.79
CA ASP A 76 -12.01 -5.79 -1.35
C ASP A 76 -10.73 -5.16 -0.82
N PHE A 77 -10.73 -4.96 0.48
CA PHE A 77 -9.60 -4.41 1.20
C PHE A 77 -8.26 -4.92 0.68
N SER A 78 -8.08 -6.23 0.68
CA SER A 78 -6.82 -6.84 0.31
C SER A 78 -6.60 -6.88 -1.19
N GLU A 79 -7.67 -6.78 -1.98
CA GLU A 79 -7.53 -6.86 -3.43
C GLU A 79 -7.24 -5.49 -4.03
N PHE A 80 -7.78 -4.45 -3.40
CA PHE A 80 -7.39 -3.09 -3.71
C PHE A 80 -5.92 -2.91 -3.41
N LEU A 81 -5.51 -3.50 -2.31
CA LEU A 81 -4.13 -3.45 -1.88
C LEU A 81 -3.28 -4.40 -2.69
N ASN A 82 -3.91 -5.45 -3.19
CA ASN A 82 -3.24 -6.36 -4.11
C ASN A 82 -2.78 -5.57 -5.32
N LEU A 83 -3.64 -4.67 -5.76
CA LEU A 83 -3.34 -3.74 -6.81
C LEU A 83 -2.19 -2.84 -6.42
N ILE A 84 -2.30 -2.21 -5.25
CA ILE A 84 -1.25 -1.37 -4.72
C ILE A 84 0.08 -2.11 -4.73
N GLY A 85 0.00 -3.43 -4.53
CA GLY A 85 1.16 -4.28 -4.69
C GLY A 85 1.78 -4.15 -6.06
N GLY A 86 0.97 -4.36 -7.10
CA GLY A 86 1.51 -4.35 -8.45
C GLY A 86 1.87 -2.96 -8.91
N LEU A 87 1.12 -2.00 -8.39
CA LEU A 87 1.36 -0.59 -8.67
C LEU A 87 2.70 -0.17 -8.11
N ALA A 88 2.88 -0.38 -6.82
CA ALA A 88 4.09 0.01 -6.13
C ALA A 88 5.28 -0.72 -6.69
N MET A 89 5.07 -1.96 -7.09
CA MET A 89 6.16 -2.76 -7.61
C MET A 89 6.68 -2.19 -8.91
N ALA A 90 5.78 -1.56 -9.67
CA ALA A 90 6.14 -0.95 -10.94
C ALA A 90 7.09 0.23 -10.71
N CYS A 91 6.71 1.12 -9.79
CA CYS A 91 7.51 2.30 -9.50
C CYS A 91 8.76 1.94 -8.71
N HIS A 92 8.65 0.96 -7.83
CA HIS A 92 9.82 0.44 -7.11
C HIS A 92 10.83 -0.11 -8.10
N ASP A 93 10.32 -0.87 -9.07
CA ASP A 93 11.14 -1.41 -10.14
C ASP A 93 11.76 -0.30 -10.96
N SER A 94 11.00 0.75 -11.19
CA SER A 94 11.47 1.92 -11.91
C SER A 94 12.71 2.48 -11.22
N PHE A 95 12.62 2.61 -9.90
CA PHE A 95 13.71 3.13 -9.10
C PHE A 95 14.91 2.22 -9.14
N LEU A 96 14.68 0.93 -9.07
CA LEU A 96 15.76 -0.05 -9.09
C LEU A 96 16.42 -0.10 -10.45
N LYS A 97 15.65 0.24 -11.47
CA LYS A 97 16.16 0.28 -12.83
C LYS A 97 16.53 1.71 -13.22
N ALA A 98 16.67 2.57 -12.21
CA ALA A 98 17.01 3.97 -12.44
C ALA A 98 18.01 4.46 -11.39
N VAL A 99 17.51 4.64 -10.17
CA VAL A 99 18.31 5.15 -9.07
C VAL A 99 17.49 5.08 -7.76
N PRO A 100 17.67 4.02 -6.97
CA PRO A 100 16.98 3.85 -5.70
C PRO A 100 17.82 4.30 -4.51
N SER A 101 18.71 5.25 -4.76
CA SER A 101 19.62 5.72 -3.73
C SER A 101 19.11 7.01 -3.09
N GLN A 102 17.81 7.05 -2.79
CA GLN A 102 17.22 8.20 -2.11
C GLN A 102 17.59 8.23 -0.64
N LYS A 103 18.17 9.34 -0.22
CA LYS A 103 18.62 9.52 1.17
C LYS A 103 19.62 8.43 1.56
N ARG A 104 20.81 8.51 0.99
CA ARG A 104 21.87 7.53 1.25
C ARG A 104 22.38 7.67 2.69
N THR A 105 22.34 8.88 3.21
CA THR A 105 22.80 9.14 4.56
C THR A 105 21.65 9.04 5.56
N MET B 1 5.05 19.14 -23.38
CA MET B 1 4.00 19.98 -22.76
C MET B 1 4.02 19.85 -21.25
N ALA B 2 3.75 18.64 -20.76
CA ALA B 2 3.78 18.37 -19.34
C ALA B 2 4.38 17.00 -19.07
N LYS B 3 5.71 16.98 -18.94
CA LYS B 3 6.42 15.74 -18.65
C LYS B 3 6.19 15.32 -17.21
N ILE B 4 5.75 16.27 -16.39
CA ILE B 4 5.45 15.98 -15.00
C ILE B 4 3.95 15.78 -14.82
N SER B 5 3.59 15.00 -13.82
CA SER B 5 2.20 14.76 -13.49
C SER B 5 2.03 14.73 -11.98
N SER B 6 1.00 15.41 -11.50
CA SER B 6 0.70 15.44 -10.09
C SER B 6 0.28 14.05 -9.60
N PRO B 7 0.76 13.64 -8.42
CA PRO B 7 0.44 12.34 -7.86
C PRO B 7 -0.96 12.31 -7.24
N THR B 8 -1.39 11.13 -6.87
CA THR B 8 -2.70 10.94 -6.30
C THR B 8 -2.59 10.34 -4.92
N GLU B 9 -3.71 10.18 -4.26
CA GLU B 9 -3.74 9.70 -2.89
C GLU B 9 -3.09 8.33 -2.75
N THR B 10 -3.43 7.43 -3.65
CA THR B 10 -2.87 6.09 -3.63
C THR B 10 -1.46 6.11 -4.18
N GLU B 11 -1.23 6.93 -5.19
CA GLU B 11 0.07 6.98 -5.82
C GLU B 11 1.12 7.59 -4.92
N ARG B 12 0.74 8.62 -4.17
CA ARG B 12 1.64 9.23 -3.21
C ARG B 12 1.87 8.25 -2.06
N CYS B 13 0.84 7.47 -1.75
CA CYS B 13 0.94 6.41 -0.77
C CYS B 13 2.00 5.42 -1.21
N ILE B 14 1.97 5.14 -2.49
CA ILE B 14 2.84 4.17 -3.09
C ILE B 14 4.29 4.66 -3.13
N GLU B 15 4.47 5.95 -3.35
CA GLU B 15 5.80 6.51 -3.41
C GLU B 15 6.32 6.70 -2.00
N SER B 16 5.40 6.72 -1.05
CA SER B 16 5.78 6.70 0.35
C SER B 16 6.37 5.34 0.67
N LEU B 17 5.73 4.31 0.14
CA LEU B 17 6.21 2.95 0.28
C LEU B 17 7.56 2.80 -0.40
N ILE B 18 7.75 3.54 -1.47
CA ILE B 18 9.06 3.63 -2.10
C ILE B 18 10.06 4.22 -1.10
N ALA B 19 9.74 5.40 -0.62
CA ALA B 19 10.63 6.13 0.28
C ALA B 19 10.99 5.31 1.51
N VAL B 20 9.98 4.76 2.19
CA VAL B 20 10.23 3.96 3.39
C VAL B 20 10.94 2.65 3.07
N PHE B 21 10.49 1.95 2.03
CA PHE B 21 11.12 0.69 1.67
C PHE B 21 12.59 0.92 1.31
N GLN B 22 12.85 1.94 0.52
CA GLN B 22 14.19 2.19 0.01
C GLN B 22 15.13 2.70 1.10
N LYS B 23 14.59 3.32 2.13
CA LYS B 23 15.45 3.87 3.17
C LYS B 23 15.88 2.77 4.14
N TYR B 24 15.00 1.80 4.38
CA TYR B 24 15.32 0.69 5.25
C TYR B 24 16.00 -0.45 4.51
N ALA B 25 15.45 -0.82 3.37
CA ALA B 25 16.04 -1.89 2.56
C ALA B 25 17.39 -1.45 2.02
N GLY B 26 17.54 -0.15 1.83
CA GLY B 26 18.79 0.40 1.34
C GLY B 26 19.93 0.22 2.33
N LYS B 27 19.57 -0.02 3.59
CA LYS B 27 20.57 -0.22 4.64
C LYS B 27 21.28 -1.54 4.45
N ASP B 28 20.53 -2.54 4.00
CA ASP B 28 21.09 -3.88 3.79
C ASP B 28 21.97 -3.90 2.55
N GLY B 29 21.72 -2.96 1.65
CA GLY B 29 22.50 -2.87 0.44
C GLY B 29 21.68 -3.18 -0.79
N TYR B 30 20.71 -4.07 -0.61
CA TYR B 30 19.82 -4.43 -1.70
C TYR B 30 18.49 -3.71 -1.55
N ASN B 31 18.25 -2.75 -2.42
CA ASN B 31 17.04 -1.92 -2.35
C ASN B 31 15.83 -2.69 -2.87
N TYR B 32 15.97 -3.99 -3.04
CA TYR B 32 14.86 -4.82 -3.48
C TYR B 32 14.25 -5.57 -2.29
N THR B 33 15.02 -5.72 -1.21
CA THR B 33 14.57 -6.52 -0.10
C THR B 33 14.94 -5.88 1.25
N LEU B 34 13.91 -5.69 2.06
CA LEU B 34 14.06 -5.15 3.41
C LEU B 34 14.32 -6.31 4.35
N SER B 35 15.57 -6.44 4.76
CA SER B 35 16.00 -7.56 5.55
C SER B 35 15.36 -7.51 6.93
N LYS B 36 15.38 -8.65 7.63
CA LYS B 36 14.70 -8.79 8.91
C LYS B 36 15.04 -7.65 9.85
N THR B 37 16.31 -7.47 10.15
CA THR B 37 16.73 -6.42 11.07
C THR B 37 16.36 -5.03 10.57
N GLU B 38 16.39 -4.87 9.25
CA GLU B 38 16.06 -3.58 8.66
C GLU B 38 14.57 -3.35 8.80
N PHE B 39 13.83 -4.45 8.80
CA PHE B 39 12.39 -4.42 8.92
C PHE B 39 12.03 -4.25 10.38
N LEU B 40 12.89 -4.73 11.25
CA LEU B 40 12.74 -4.49 12.67
C LEU B 40 12.79 -3.00 12.93
N SER B 41 13.83 -2.36 12.41
CA SER B 41 13.94 -0.91 12.46
C SER B 41 12.71 -0.27 11.83
N PHE B 42 12.36 -0.71 10.62
CA PHE B 42 11.11 -0.29 9.95
C PHE B 42 9.93 -0.38 10.90
N MET B 43 9.64 -1.58 11.36
CA MET B 43 8.46 -1.85 12.16
C MET B 43 8.44 -1.08 13.48
N ASN B 44 9.56 -0.97 14.16
CA ASN B 44 9.58 -0.27 15.45
C ASN B 44 9.49 1.23 15.28
N THR B 45 9.76 1.73 14.09
CA THR B 45 9.69 3.18 13.84
C THR B 45 8.45 3.55 13.04
N GLU B 46 8.39 3.02 11.83
CA GLU B 46 7.32 3.31 10.89
C GLU B 46 6.03 2.66 11.33
N LEU B 47 6.11 1.57 12.07
CA LEU B 47 4.91 0.89 12.51
C LEU B 47 4.86 0.76 14.01
N ALA B 48 5.50 1.68 14.69
CA ALA B 48 5.48 1.70 16.14
C ALA B 48 4.05 1.81 16.67
N ALA B 49 3.16 2.35 15.84
CA ALA B 49 1.73 2.37 16.14
C ALA B 49 1.22 0.95 16.37
N PHE B 50 1.65 0.05 15.50
CA PHE B 50 1.26 -1.35 15.55
C PHE B 50 2.14 -2.14 16.49
N THR B 51 3.44 -1.99 16.31
CA THR B 51 4.44 -2.73 17.07
C THR B 51 4.21 -2.62 18.58
N LYS B 52 4.08 -1.41 19.07
CA LYS B 52 3.93 -1.18 20.49
C LYS B 52 2.55 -1.60 20.97
N ASN B 53 1.58 -1.51 20.07
CA ASN B 53 0.21 -1.89 20.37
C ASN B 53 0.12 -3.39 20.59
N GLN B 54 0.95 -4.14 19.89
CA GLN B 54 0.97 -5.59 20.00
C GLN B 54 1.95 -6.03 21.09
N LYS B 55 2.39 -5.06 21.88
CA LYS B 55 3.22 -5.28 23.07
C LYS B 55 4.64 -5.73 22.75
N ASP B 56 4.80 -7.01 22.47
CA ASP B 56 6.13 -7.61 22.34
C ASP B 56 6.59 -7.62 20.89
N PRO B 57 7.88 -7.28 20.67
CA PRO B 57 8.46 -7.21 19.32
C PRO B 57 8.56 -8.56 18.63
N GLY B 58 8.25 -9.63 19.37
CA GLY B 58 8.24 -10.96 18.78
C GLY B 58 7.18 -11.10 17.71
N VAL B 59 6.19 -10.20 17.74
CA VAL B 59 5.18 -10.17 16.72
C VAL B 59 5.78 -9.77 15.38
N LEU B 60 6.73 -8.86 15.43
CA LEU B 60 7.39 -8.38 14.23
C LEU B 60 8.13 -9.55 13.59
N ASP B 61 8.54 -10.46 14.44
CA ASP B 61 9.20 -11.68 14.01
C ASP B 61 8.23 -12.57 13.26
N ARG B 62 6.99 -12.52 13.70
CA ARG B 62 5.92 -13.27 13.08
C ARG B 62 5.54 -12.62 11.76
N MET B 63 5.44 -11.29 11.77
CA MET B 63 5.13 -10.53 10.56
C MET B 63 6.20 -10.80 9.52
N MET B 64 7.43 -10.65 9.94
CA MET B 64 8.56 -10.87 9.06
C MET B 64 8.47 -12.22 8.37
N LYS B 65 8.17 -13.26 9.12
CA LYS B 65 8.19 -14.62 8.58
C LYS B 65 7.03 -14.92 7.62
N LYS B 66 5.81 -14.45 7.89
CA LYS B 66 4.72 -14.61 6.92
C LYS B 66 5.08 -13.95 5.62
N LEU B 67 5.53 -12.72 5.75
CA LEU B 67 5.88 -11.89 4.64
C LEU B 67 7.12 -12.42 3.95
N ASP B 68 8.04 -12.95 4.73
CA ASP B 68 9.23 -13.60 4.20
C ASP B 68 8.82 -14.94 3.64
N THR B 69 7.94 -14.85 2.68
CA THR B 69 7.29 -15.97 2.07
C THR B 69 8.27 -16.74 1.19
N ASN B 70 9.36 -16.06 0.85
CA ASN B 70 10.42 -16.67 0.06
C ASN B 70 11.41 -17.35 1.01
N SER B 71 11.26 -17.02 2.28
CA SER B 71 12.07 -17.57 3.35
C SER B 71 13.54 -17.26 3.13
N ASP B 72 13.80 -16.05 2.67
CA ASP B 72 15.16 -15.61 2.38
C ASP B 72 15.68 -14.79 3.55
N GLY B 73 14.75 -14.33 4.37
CA GLY B 73 15.10 -13.55 5.53
C GLY B 73 14.92 -12.08 5.29
N GLN B 74 14.33 -11.74 4.15
CA GLN B 74 14.10 -10.36 3.78
C GLN B 74 12.74 -10.25 3.13
N LEU B 75 12.20 -9.06 3.16
CA LEU B 75 10.89 -8.80 2.57
C LEU B 75 11.04 -8.00 1.32
N ASP B 76 10.58 -8.58 0.24
CA ASP B 76 10.74 -7.95 -1.06
C ASP B 76 9.62 -6.97 -1.31
N PHE B 77 9.69 -6.34 -2.46
CA PHE B 77 8.71 -5.38 -2.93
C PHE B 77 7.28 -5.79 -2.56
N SER B 78 6.88 -6.97 -3.02
CA SER B 78 5.52 -7.43 -2.83
C SER B 78 5.24 -7.94 -1.42
N GLU B 79 6.28 -8.31 -0.68
CA GLU B 79 6.08 -8.84 0.66
C GLU B 79 6.03 -7.73 1.70
N PHE B 80 6.76 -6.65 1.44
CA PHE B 80 6.61 -5.43 2.22
C PHE B 80 5.20 -4.90 2.04
N LEU B 81 4.74 -5.00 0.81
CA LEU B 81 3.40 -4.56 0.46
C LEU B 81 2.36 -5.57 0.91
N ASN B 82 2.78 -6.81 1.02
CA ASN B 82 1.94 -7.86 1.60
C ASN B 82 1.58 -7.44 3.01
N LEU B 83 2.57 -6.92 3.70
CA LEU B 83 2.40 -6.36 5.02
C LEU B 83 1.44 -5.20 4.99
N ILE B 84 1.70 -4.24 4.10
CA ILE B 84 0.84 -3.09 3.92
C ILE B 84 -0.61 -3.55 3.71
N GLY B 85 -0.75 -4.69 3.07
CA GLY B 85 -2.04 -5.34 2.96
C GLY B 85 -2.67 -5.57 4.32
N GLY B 86 -1.97 -6.27 5.21
CA GLY B 86 -2.53 -6.63 6.50
C GLY B 86 -2.66 -5.42 7.41
N LEU B 87 -1.74 -4.50 7.22
CA LEU B 87 -1.73 -3.25 7.97
C LEU B 87 -2.96 -2.42 7.63
N ALA B 88 -3.11 -2.16 6.34
CA ALA B 88 -4.21 -1.34 5.87
C ALA B 88 -5.53 -1.98 6.18
N MET B 89 -5.56 -3.30 6.12
CA MET B 89 -6.79 -4.02 6.37
C MET B 89 -7.25 -3.85 7.81
N ALA B 90 -6.28 -3.69 8.70
CA ALA B 90 -6.57 -3.48 10.11
C ALA B 90 -7.29 -2.15 10.33
N CYS B 91 -6.73 -1.09 9.76
CA CYS B 91 -7.28 0.24 9.92
C CYS B 91 -8.56 0.40 9.08
N HIS B 92 -8.59 -0.22 7.90
CA HIS B 92 -9.80 -0.24 7.10
C HIS B 92 -10.93 -0.91 7.87
N ASP B 93 -10.60 -2.02 8.51
CA ASP B 93 -11.54 -2.75 9.35
C ASP B 93 -11.98 -1.88 10.52
N SER B 94 -11.05 -1.12 11.07
CA SER B 94 -11.33 -0.20 12.15
C SER B 94 -12.43 0.76 11.74
N PHE B 95 -12.28 1.31 10.54
CA PHE B 95 -13.22 2.26 10.00
C PHE B 95 -14.58 1.61 9.75
N LEU B 96 -14.56 0.40 9.24
CA LEU B 96 -15.79 -0.31 8.95
C LEU B 96 -16.51 -0.70 10.24
N LYS B 97 -15.73 -0.86 11.29
CA LYS B 97 -16.26 -1.20 12.59
C LYS B 97 -16.40 0.05 13.45
N ALA B 98 -16.33 1.22 12.81
CA ALA B 98 -16.44 2.48 13.51
C ALA B 98 -17.29 3.48 12.71
N VAL B 99 -16.73 3.96 11.62
CA VAL B 99 -17.38 4.96 10.77
C VAL B 99 -16.55 5.20 9.50
N PRO B 100 -16.89 4.51 8.40
CA PRO B 100 -16.20 4.65 7.13
C PRO B 100 -16.90 5.63 6.18
N SER B 101 -17.60 6.59 6.77
CA SER B 101 -18.38 7.53 6.00
C SER B 101 -17.63 8.85 5.81
N GLN B 102 -16.34 8.76 5.50
CA GLN B 102 -15.52 9.94 5.25
C GLN B 102 -15.84 10.53 3.88
N LYS B 103 -16.21 11.81 3.88
CA LYS B 103 -16.56 12.52 2.66
C LYS B 103 -17.72 11.83 1.94
N ARG B 104 -18.90 11.92 2.55
CA ARG B 104 -20.10 11.29 1.98
C ARG B 104 -20.53 11.99 0.70
N THR B 105 -20.25 13.29 0.62
CA THR B 105 -20.61 14.07 -0.55
C THR B 105 -19.47 14.11 -1.55
N MET A 1 3.24 19.98 13.82
CA MET A 1 3.51 18.70 13.12
C MET A 1 3.54 18.92 11.62
N ALA A 2 4.73 19.07 11.07
CA ALA A 2 4.89 19.28 9.64
C ALA A 2 4.97 17.95 8.91
N LYS A 3 5.60 16.97 9.55
CA LYS A 3 5.74 15.64 8.97
C LYS A 3 5.77 14.58 10.07
N ILE A 4 5.04 13.50 9.85
CA ILE A 4 4.97 12.41 10.81
C ILE A 4 4.42 12.90 12.16
N SER A 5 3.12 13.15 12.20
CA SER A 5 2.48 13.62 13.41
C SER A 5 2.33 12.48 14.42
N SER A 6 1.36 11.62 14.18
CA SER A 6 1.19 10.41 14.95
C SER A 6 1.60 9.19 14.12
N PRO A 7 1.10 9.04 12.87
CA PRO A 7 1.52 7.95 11.99
C PRO A 7 2.81 8.30 11.24
N THR A 8 3.43 7.32 10.66
CA THR A 8 4.61 7.54 9.85
C THR A 8 4.22 7.68 8.39
N GLU A 9 5.23 7.80 7.53
CA GLU A 9 5.00 7.93 6.09
C GLU A 9 4.11 6.79 5.59
N THR A 10 4.47 5.56 5.91
CA THR A 10 3.73 4.39 5.43
C THR A 10 2.37 4.31 6.09
N GLU A 11 2.30 4.68 7.35
CA GLU A 11 1.04 4.57 8.09
C GLU A 11 0.02 5.57 7.60
N ARG A 12 0.43 6.81 7.45
CA ARG A 12 -0.46 7.84 6.93
C ARG A 12 -0.82 7.51 5.50
N CYS A 13 0.12 6.92 4.79
CA CYS A 13 -0.06 6.52 3.41
C CYS A 13 -1.05 5.37 3.34
N ILE A 14 -0.93 4.48 4.31
CA ILE A 14 -1.84 3.38 4.48
C ILE A 14 -3.29 3.86 4.63
N GLU A 15 -3.46 4.92 5.41
CA GLU A 15 -4.79 5.42 5.71
C GLU A 15 -5.30 6.21 4.55
N SER A 16 -4.39 6.75 3.79
CA SER A 16 -4.75 7.50 2.62
C SER A 16 -5.27 6.55 1.57
N LEU A 17 -4.75 5.33 1.56
CA LEU A 17 -5.31 4.27 0.75
C LEU A 17 -6.72 4.00 1.22
N ILE A 18 -6.86 3.81 2.53
CA ILE A 18 -8.16 3.63 3.16
C ILE A 18 -9.14 4.73 2.73
N ALA A 19 -8.65 5.96 2.71
CA ALA A 19 -9.46 7.11 2.34
C ALA A 19 -9.91 7.05 0.88
N VAL A 20 -8.96 6.88 -0.03
CA VAL A 20 -9.27 6.86 -1.46
C VAL A 20 -10.10 5.65 -1.81
N PHE A 21 -9.79 4.54 -1.16
CA PHE A 21 -10.57 3.32 -1.33
C PHE A 21 -12.00 3.54 -0.88
N GLN A 22 -12.16 4.14 0.28
CA GLN A 22 -13.46 4.29 0.92
C GLN A 22 -14.33 5.26 0.15
N LYS A 23 -13.74 6.32 -0.39
CA LYS A 23 -14.52 7.32 -1.09
C LYS A 23 -15.08 6.76 -2.39
N TYR A 24 -14.31 5.90 -3.06
CA TYR A 24 -14.77 5.31 -4.31
C TYR A 24 -15.61 4.07 -4.08
N ALA A 25 -15.20 3.22 -3.15
CA ALA A 25 -15.96 2.03 -2.80
C ALA A 25 -17.27 2.43 -2.16
N GLY A 26 -17.25 3.57 -1.50
CA GLY A 26 -18.44 4.07 -0.84
C GLY A 26 -19.49 4.58 -1.82
N LYS A 27 -19.12 4.62 -3.10
CA LYS A 27 -20.02 5.13 -4.13
C LYS A 27 -21.12 4.12 -4.45
N ASP A 28 -20.77 2.85 -4.49
CA ASP A 28 -21.77 1.82 -4.77
C ASP A 28 -22.46 1.40 -3.48
N GLY A 29 -21.96 1.91 -2.36
CA GLY A 29 -22.63 1.72 -1.09
C GLY A 29 -21.85 0.87 -0.11
N TYR A 30 -20.95 0.04 -0.62
CA TYR A 30 -20.20 -0.84 0.24
C TYR A 30 -18.82 -0.27 0.55
N ASN A 31 -18.67 0.27 1.76
CA ASN A 31 -17.40 0.86 2.21
C ASN A 31 -16.39 -0.24 2.54
N TYR A 32 -16.28 -1.20 1.63
CA TYR A 32 -15.45 -2.37 1.81
C TYR A 32 -15.04 -2.90 0.44
N THR A 33 -15.94 -2.77 -0.52
CA THR A 33 -15.70 -3.26 -1.86
C THR A 33 -15.99 -2.18 -2.90
N LEU A 34 -15.03 -1.99 -3.77
CA LEU A 34 -15.16 -1.09 -4.90
C LEU A 34 -15.78 -1.84 -6.06
N SER A 35 -16.99 -1.45 -6.43
CA SER A 35 -17.67 -2.10 -7.54
C SER A 35 -16.93 -1.84 -8.85
N LYS A 36 -17.30 -2.60 -9.88
CA LYS A 36 -16.58 -2.61 -11.16
C LYS A 36 -16.27 -1.19 -11.63
N THR A 37 -17.31 -0.43 -11.83
CA THR A 37 -17.19 0.89 -12.43
C THR A 37 -16.50 1.85 -11.46
N GLU A 38 -16.65 1.58 -10.17
CA GLU A 38 -16.10 2.45 -9.15
C GLU A 38 -14.58 2.42 -9.22
N PHE A 39 -13.99 1.24 -9.40
CA PHE A 39 -12.55 1.17 -9.53
C PHE A 39 -12.12 1.51 -10.94
N LEU A 40 -13.00 1.28 -11.90
CA LEU A 40 -12.76 1.73 -13.26
C LEU A 40 -12.52 3.24 -13.25
N SER A 41 -13.42 3.95 -12.60
CA SER A 41 -13.32 5.39 -12.45
C SER A 41 -12.11 5.74 -11.58
N PHE A 42 -11.96 5.02 -10.46
CA PHE A 42 -10.80 5.18 -9.57
C PHE A 42 -9.52 5.08 -10.37
N MET A 43 -9.33 3.98 -11.04
CA MET A 43 -8.11 3.71 -11.78
C MET A 43 -7.87 4.75 -12.88
N ASN A 44 -8.93 5.32 -13.44
CA ASN A 44 -8.75 6.32 -14.48
C ASN A 44 -8.53 7.71 -13.89
N THR A 45 -8.84 7.88 -12.61
CA THR A 45 -8.63 9.18 -11.96
C THR A 45 -7.44 9.15 -11.02
N GLU A 46 -7.57 8.34 -10.01
CA GLU A 46 -6.58 8.22 -8.96
C GLU A 46 -5.37 7.42 -9.44
N LEU A 47 -5.48 6.81 -10.61
CA LEU A 47 -4.35 6.07 -11.18
C LEU A 47 -4.18 6.40 -12.65
N ALA A 48 -4.64 7.57 -13.04
CA ALA A 48 -4.52 8.01 -14.42
C ALA A 48 -3.05 8.14 -14.82
N ALA A 49 -2.17 8.25 -13.83
CA ALA A 49 -0.74 8.27 -14.04
C ALA A 49 -0.29 6.96 -14.67
N PHE A 50 -0.85 5.87 -14.16
CA PHE A 50 -0.55 4.54 -14.67
C PHE A 50 -1.46 4.20 -15.84
N THR A 51 -2.75 4.26 -15.59
CA THR A 51 -3.78 3.80 -16.50
C THR A 51 -3.73 4.54 -17.85
N LYS A 52 -3.85 5.85 -17.81
CA LYS A 52 -3.99 6.63 -19.02
C LYS A 52 -2.65 6.81 -19.72
N ASN A 53 -1.60 6.30 -19.10
CA ASN A 53 -0.27 6.42 -19.67
C ASN A 53 0.16 5.08 -20.30
N GLN A 54 -0.29 3.98 -19.70
CA GLN A 54 0.12 2.66 -20.16
C GLN A 54 -1.08 1.73 -20.29
N LYS A 55 -1.40 1.36 -21.54
CA LYS A 55 -2.44 0.38 -21.83
C LYS A 55 -3.85 0.95 -21.66
N ASP A 56 -4.70 0.67 -22.64
CA ASP A 56 -6.10 1.07 -22.62
C ASP A 56 -6.81 0.50 -21.39
N PRO A 57 -7.92 1.14 -20.96
CA PRO A 57 -8.62 0.83 -19.69
C PRO A 57 -9.13 -0.60 -19.59
N GLY A 58 -8.97 -1.38 -20.67
CA GLY A 58 -9.32 -2.78 -20.62
C GLY A 58 -8.41 -3.52 -19.65
N VAL A 59 -7.28 -2.90 -19.34
CA VAL A 59 -6.36 -3.43 -18.35
C VAL A 59 -7.01 -3.48 -16.99
N LEU A 60 -7.83 -2.49 -16.70
CA LEU A 60 -8.49 -2.38 -15.41
C LEU A 60 -9.40 -3.58 -15.19
N ASP A 61 -9.73 -4.23 -16.30
CA ASP A 61 -10.57 -5.42 -16.29
C ASP A 61 -9.73 -6.63 -15.95
N ARG A 62 -8.48 -6.57 -16.38
CA ARG A 62 -7.50 -7.61 -16.08
C ARG A 62 -7.10 -7.48 -14.61
N MET A 63 -7.03 -6.23 -14.17
CA MET A 63 -6.74 -5.91 -12.78
C MET A 63 -7.88 -6.42 -11.94
N MET A 64 -9.10 -6.08 -12.37
CA MET A 64 -10.33 -6.52 -11.72
C MET A 64 -10.24 -7.96 -11.30
N LYS A 65 -10.09 -8.83 -12.28
CA LYS A 65 -10.20 -10.25 -12.01
C LYS A 65 -8.96 -10.84 -11.35
N LYS A 66 -7.84 -10.14 -11.47
CA LYS A 66 -6.66 -10.50 -10.69
C LYS A 66 -6.90 -10.24 -9.21
N LEU A 67 -7.59 -9.13 -8.94
CA LEU A 67 -7.78 -8.67 -7.58
C LEU A 67 -9.09 -9.16 -6.99
N ASP A 68 -10.10 -9.32 -7.84
CA ASP A 68 -11.43 -9.79 -7.42
C ASP A 68 -11.34 -11.25 -7.05
N THR A 69 -10.63 -11.47 -5.98
CA THR A 69 -10.39 -12.77 -5.43
C THR A 69 -11.68 -13.33 -4.84
N ASN A 70 -12.62 -12.44 -4.61
CA ASN A 70 -13.90 -12.78 -4.04
C ASN A 70 -14.84 -13.24 -5.15
N SER A 71 -14.43 -12.94 -6.38
CA SER A 71 -15.19 -13.30 -7.57
C SER A 71 -16.59 -12.75 -7.49
N ASP A 72 -16.70 -11.57 -6.91
CA ASP A 72 -18.00 -10.96 -6.68
C ASP A 72 -18.19 -9.80 -7.65
N GLY A 73 -17.09 -9.34 -8.24
CA GLY A 73 -17.15 -8.26 -9.18
C GLY A 73 -16.77 -6.95 -8.56
N GLN A 74 -16.27 -7.02 -7.33
CA GLN A 74 -15.81 -5.84 -6.63
C GLN A 74 -14.44 -6.12 -6.06
N LEU A 75 -13.72 -5.06 -5.78
CA LEU A 75 -12.40 -5.18 -5.18
C LEU A 75 -12.43 -4.65 -3.78
N ASP A 76 -12.10 -5.50 -2.84
CA ASP A 76 -12.16 -5.08 -1.46
C ASP A 76 -10.87 -4.40 -1.11
N PHE A 77 -10.91 -3.64 -0.04
CA PHE A 77 -9.78 -2.84 0.41
C PHE A 77 -8.45 -3.61 0.32
N SER A 78 -8.44 -4.84 0.82
CA SER A 78 -7.25 -5.68 0.83
C SER A 78 -6.83 -6.08 -0.59
N GLU A 79 -7.82 -6.33 -1.45
CA GLU A 79 -7.54 -6.71 -2.83
C GLU A 79 -7.17 -5.48 -3.66
N PHE A 80 -7.73 -4.35 -3.26
CA PHE A 80 -7.39 -3.09 -3.88
C PHE A 80 -5.98 -2.69 -3.44
N LEU A 81 -5.54 -3.23 -2.32
CA LEU A 81 -4.14 -3.09 -1.89
C LEU A 81 -3.26 -4.00 -2.69
N ASN A 82 -3.80 -5.12 -3.14
CA ASN A 82 -3.10 -5.99 -4.07
C ASN A 82 -2.86 -5.25 -5.37
N LEU A 83 -3.82 -4.39 -5.69
CA LEU A 83 -3.67 -3.44 -6.78
C LEU A 83 -2.50 -2.52 -6.52
N ILE A 84 -2.51 -1.88 -5.36
CA ILE A 84 -1.43 -1.01 -4.91
C ILE A 84 -0.10 -1.76 -4.95
N GLY A 85 -0.17 -3.07 -4.69
CA GLY A 85 0.99 -3.92 -4.82
C GLY A 85 1.58 -3.89 -6.21
N GLY A 86 0.74 -4.03 -7.22
CA GLY A 86 1.22 -4.07 -8.59
C GLY A 86 1.64 -2.69 -9.06
N LEU A 87 0.90 -1.69 -8.61
CA LEU A 87 1.18 -0.30 -8.92
C LEU A 87 2.53 0.12 -8.35
N ALA A 88 2.62 0.04 -7.03
CA ALA A 88 3.80 0.45 -6.29
C ALA A 88 5.02 -0.21 -6.85
N MET A 89 4.87 -1.47 -7.14
CA MET A 89 5.98 -2.28 -7.53
C MET A 89 6.38 -2.05 -8.96
N ALA A 90 5.43 -1.66 -9.78
CA ALA A 90 5.74 -1.25 -11.13
C ALA A 90 6.62 0.00 -11.11
N CYS A 91 6.29 0.90 -10.19
CA CYS A 91 7.04 2.14 -10.04
C CYS A 91 8.37 1.89 -9.32
N HIS A 92 8.35 1.06 -8.29
CA HIS A 92 9.58 0.67 -7.58
C HIS A 92 10.52 -0.05 -8.55
N ASP A 93 9.96 -0.94 -9.33
CA ASP A 93 10.73 -1.73 -10.27
C ASP A 93 11.34 -0.81 -11.32
N SER A 94 10.60 0.25 -11.65
CA SER A 94 11.11 1.28 -12.54
C SER A 94 12.22 2.06 -11.83
N PHE A 95 11.95 2.39 -10.58
CA PHE A 95 12.88 3.13 -9.74
C PHE A 95 14.22 2.42 -9.67
N LEU A 96 14.16 1.10 -9.58
CA LEU A 96 15.36 0.27 -9.50
C LEU A 96 16.09 0.21 -10.83
N LYS A 97 15.32 0.17 -11.90
CA LYS A 97 15.88 0.10 -13.24
C LYS A 97 16.36 1.47 -13.71
N ALA A 98 15.78 2.51 -13.13
CA ALA A 98 16.10 3.87 -13.49
C ALA A 98 17.22 4.43 -12.63
N VAL A 99 16.93 4.60 -11.34
CA VAL A 99 17.89 5.18 -10.40
C VAL A 99 17.31 5.14 -8.98
N PRO A 100 17.56 4.05 -8.26
CA PRO A 100 16.96 3.81 -6.96
C PRO A 100 17.77 4.40 -5.81
N SER A 101 18.38 5.54 -6.09
CA SER A 101 19.13 6.27 -5.06
C SER A 101 18.28 7.44 -4.56
N GLN A 102 17.10 7.59 -5.17
CA GLN A 102 16.11 8.62 -4.80
C GLN A 102 16.60 10.03 -5.16
N LYS A 103 17.52 10.55 -4.36
CA LYS A 103 18.06 11.88 -4.60
C LYS A 103 19.31 11.77 -5.45
N ARG A 104 19.14 11.87 -6.77
CA ARG A 104 20.23 11.72 -7.72
C ARG A 104 20.78 10.30 -7.66
N THR A 105 21.97 10.10 -8.21
CA THR A 105 22.60 8.80 -8.17
C THR A 105 23.67 8.76 -7.08
N MET B 1 0.84 23.72 -6.11
CA MET B 1 0.32 22.36 -5.88
C MET B 1 0.28 22.05 -4.38
N ALA B 2 -0.88 22.23 -3.77
CA ALA B 2 -1.04 21.95 -2.35
C ALA B 2 -1.37 20.48 -2.13
N LYS B 3 -2.17 19.92 -3.03
CA LYS B 3 -2.56 18.52 -2.94
C LYS B 3 -2.74 17.93 -4.33
N ILE B 4 -2.22 16.72 -4.52
CA ILE B 4 -2.32 16.02 -5.80
C ILE B 4 -1.66 16.83 -6.91
N SER B 5 -0.33 16.84 -6.91
CA SER B 5 0.42 17.58 -7.91
C SER B 5 0.41 16.84 -9.24
N SER B 6 1.20 15.79 -9.33
CA SER B 6 1.17 14.91 -10.47
C SER B 6 0.52 13.57 -10.10
N PRO B 7 0.94 12.92 -8.99
CA PRO B 7 0.30 11.69 -8.53
C PRO B 7 -0.92 11.99 -7.67
N THR B 8 -1.73 11.00 -7.43
CA THR B 8 -2.87 11.14 -6.55
C THR B 8 -2.51 10.71 -5.15
N GLU B 9 -3.50 10.69 -4.26
CA GLU B 9 -3.30 10.28 -2.88
C GLU B 9 -2.64 8.91 -2.82
N THR B 10 -3.22 7.94 -3.52
CA THR B 10 -2.71 6.58 -3.50
C THR B 10 -1.37 6.48 -4.18
N GLU B 11 -1.18 7.24 -5.25
CA GLU B 11 0.04 7.15 -6.03
C GLU B 11 1.22 7.72 -5.25
N ARG B 12 1.03 8.90 -4.68
CA ARG B 12 2.08 9.52 -3.87
C ARG B 12 2.34 8.66 -2.64
N CYS B 13 1.27 8.04 -2.16
CA CYS B 13 1.34 7.17 -1.00
C CYS B 13 2.10 5.91 -1.35
N ILE B 14 1.85 5.44 -2.55
CA ILE B 14 2.55 4.32 -3.12
C ILE B 14 4.06 4.55 -3.13
N GLU B 15 4.45 5.75 -3.52
CA GLU B 15 5.86 6.09 -3.68
C GLU B 15 6.48 6.33 -2.33
N SER B 16 5.64 6.73 -1.41
CA SER B 16 6.10 6.97 -0.07
C SER B 16 6.41 5.64 0.59
N LEU B 17 5.67 4.60 0.20
CA LEU B 17 6.01 3.25 0.59
C LEU B 17 7.37 2.91 0.00
N ILE B 18 7.51 3.15 -1.30
CA ILE B 18 8.77 2.97 -2.00
C ILE B 18 9.92 3.66 -1.24
N ALA B 19 9.65 4.87 -0.79
CA ALA B 19 10.64 5.67 -0.08
C ALA B 19 11.03 5.04 1.26
N VAL B 20 10.04 4.74 2.08
CA VAL B 20 10.29 4.18 3.41
C VAL B 20 10.88 2.79 3.30
N PHE B 21 10.41 2.05 2.32
CA PHE B 21 10.94 0.73 2.04
C PHE B 21 12.41 0.82 1.65
N GLN B 22 12.71 1.75 0.75
CA GLN B 22 14.03 1.86 0.16
C GLN B 22 15.04 2.33 1.20
N LYS B 23 14.64 3.25 2.07
CA LYS B 23 15.55 3.78 3.05
C LYS B 23 15.96 2.72 4.07
N TYR B 24 15.04 1.84 4.43
CA TYR B 24 15.34 0.80 5.40
C TYR B 24 15.94 -0.43 4.72
N ALA B 25 15.42 -0.81 3.57
CA ALA B 25 15.96 -1.93 2.82
C ALA B 25 17.34 -1.58 2.31
N GLY B 26 17.56 -0.30 2.08
CA GLY B 26 18.83 0.17 1.59
C GLY B 26 19.91 0.13 2.65
N LYS B 27 19.53 -0.21 3.88
CA LYS B 27 20.46 -0.25 4.99
C LYS B 27 21.36 -1.48 4.91
N ASP B 28 20.79 -2.62 4.52
CA ASP B 28 21.59 -3.83 4.40
C ASP B 28 22.22 -3.91 3.02
N GLY B 29 21.85 -2.97 2.16
CA GLY B 29 22.53 -2.83 0.88
C GLY B 29 21.65 -3.15 -0.30
N TYR B 30 20.59 -3.91 -0.08
CA TYR B 30 19.70 -4.32 -1.16
C TYR B 30 18.47 -3.43 -1.22
N ASN B 31 18.46 -2.49 -2.16
CA ASN B 31 17.33 -1.57 -2.34
C ASN B 31 16.15 -2.29 -2.99
N TYR B 32 15.84 -3.47 -2.46
CA TYR B 32 14.82 -4.34 -2.99
C TYR B 32 14.27 -5.22 -1.88
N THR B 33 15.16 -5.59 -0.96
CA THR B 33 14.80 -6.45 0.15
C THR B 33 15.24 -5.87 1.48
N LEU B 34 14.30 -5.81 2.40
CA LEU B 34 14.56 -5.39 3.75
C LEU B 34 14.99 -6.58 4.57
N SER B 35 16.23 -6.57 5.02
CA SER B 35 16.76 -7.66 5.81
C SER B 35 16.05 -7.73 7.16
N LYS B 36 16.23 -8.86 7.86
CA LYS B 36 15.48 -9.17 9.08
C LYS B 36 15.42 -7.97 10.01
N THR B 37 16.57 -7.52 10.43
CA THR B 37 16.66 -6.47 11.43
C THR B 37 16.20 -5.14 10.88
N GLU B 38 16.33 -4.98 9.57
CA GLU B 38 15.98 -3.74 8.93
C GLU B 38 14.48 -3.51 9.02
N PHE B 39 13.69 -4.56 8.81
CA PHE B 39 12.24 -4.41 8.97
C PHE B 39 11.85 -4.49 10.42
N LEU B 40 12.64 -5.19 11.21
CA LEU B 40 12.44 -5.19 12.65
C LEU B 40 12.48 -3.76 13.17
N SER B 41 13.51 -3.03 12.76
CA SER B 41 13.66 -1.64 13.12
C SER B 41 12.57 -0.80 12.45
N PHE B 42 12.33 -1.06 11.16
CA PHE B 42 11.25 -0.41 10.42
C PHE B 42 9.94 -0.53 11.17
N MET B 43 9.54 -1.75 11.44
CA MET B 43 8.27 -2.02 12.08
C MET B 43 8.18 -1.40 13.48
N ASN B 44 9.30 -1.26 14.15
CA ASN B 44 9.29 -0.64 15.48
C ASN B 44 9.34 0.88 15.40
N THR B 45 9.70 1.42 14.25
CA THR B 45 9.76 2.87 14.09
C THR B 45 8.62 3.38 13.24
N GLU B 46 8.62 2.95 12.00
CA GLU B 46 7.66 3.37 11.00
C GLU B 46 6.31 2.69 11.23
N LEU B 47 6.28 1.70 12.11
CA LEU B 47 5.02 1.03 12.44
C LEU B 47 4.86 0.86 13.93
N ALA B 48 5.51 1.73 14.69
CA ALA B 48 5.42 1.69 16.14
C ALA B 48 3.99 1.94 16.60
N ALA B 49 3.19 2.54 15.73
CA ALA B 49 1.77 2.73 15.99
C ALA B 49 1.08 1.39 16.15
N PHE B 50 1.44 0.47 15.29
CA PHE B 50 0.89 -0.88 15.32
C PHE B 50 1.69 -1.76 16.28
N THR B 51 2.98 -1.85 16.01
CA THR B 51 3.88 -2.77 16.69
C THR B 51 3.92 -2.53 18.20
N LYS B 52 4.28 -1.33 18.60
CA LYS B 52 4.52 -1.04 20.00
C LYS B 52 3.20 -0.88 20.76
N ASN B 53 2.09 -0.95 20.04
CA ASN B 53 0.79 -0.80 20.66
C ASN B 53 0.11 -2.16 20.82
N GLN B 54 0.37 -3.06 19.87
CA GLN B 54 -0.27 -4.37 19.87
C GLN B 54 0.74 -5.48 19.64
N LYS B 55 0.95 -6.30 20.67
CA LYS B 55 1.78 -7.51 20.58
C LYS B 55 3.27 -7.17 20.57
N ASP B 56 4.03 -7.92 21.37
CA ASP B 56 5.49 -7.78 21.44
C ASP B 56 6.12 -8.02 20.06
N PRO B 57 7.33 -7.48 19.83
CA PRO B 57 8.01 -7.47 18.52
C PRO B 57 8.26 -8.85 17.93
N GLY B 58 7.93 -9.90 18.68
CA GLY B 58 8.01 -11.24 18.15
C GLY B 58 7.02 -11.43 17.02
N VAL B 59 6.03 -10.54 16.97
CA VAL B 59 5.06 -10.54 15.89
C VAL B 59 5.73 -10.23 14.57
N LEU B 60 6.73 -9.36 14.61
CA LEU B 60 7.44 -8.94 13.40
C LEU B 60 8.12 -10.15 12.77
N ASP B 61 8.30 -11.18 13.58
CA ASP B 61 8.91 -12.42 13.14
C ASP B 61 7.87 -13.27 12.44
N ARG B 62 6.64 -13.14 12.90
CA ARG B 62 5.51 -13.82 12.29
C ARG B 62 5.19 -13.13 10.98
N MET B 63 5.34 -11.81 10.98
CA MET B 63 5.17 -11.00 9.80
C MET B 63 6.23 -11.39 8.79
N MET B 64 7.47 -11.43 9.27
CA MET B 64 8.61 -11.84 8.48
C MET B 64 8.28 -13.02 7.61
N LYS B 65 7.94 -14.13 8.22
CA LYS B 65 7.80 -15.37 7.49
C LYS B 65 6.50 -15.46 6.71
N LYS B 66 5.52 -14.66 7.09
CA LYS B 66 4.33 -14.51 6.28
C LYS B 66 4.66 -13.81 4.97
N LEU B 67 5.54 -12.82 5.06
CA LEU B 67 5.86 -11.96 3.93
C LEU B 67 7.08 -12.45 3.17
N ASP B 68 8.02 -13.08 3.89
CA ASP B 68 9.24 -13.61 3.30
C ASP B 68 8.90 -14.82 2.45
N THR B 69 8.21 -14.52 1.39
CA THR B 69 7.75 -15.50 0.44
C THR B 69 8.93 -16.05 -0.36
N ASN B 70 10.03 -15.31 -0.30
CA ASN B 70 11.25 -15.66 -0.98
C ASN B 70 12.06 -16.63 -0.14
N SER B 71 11.67 -16.70 1.15
CA SER B 71 12.30 -17.57 2.12
C SER B 71 13.79 -17.29 2.19
N ASP B 72 14.13 -16.02 2.04
CA ASP B 72 15.52 -15.61 2.00
C ASP B 72 15.88 -14.90 3.30
N GLY B 73 14.87 -14.48 4.03
CA GLY B 73 15.10 -13.82 5.29
C GLY B 73 14.96 -12.32 5.16
N GLN B 74 14.51 -11.88 4.00
CA GLN B 74 14.29 -10.48 3.75
C GLN B 74 12.91 -10.30 3.17
N LEU B 75 12.40 -9.09 3.27
CA LEU B 75 11.10 -8.76 2.71
C LEU B 75 11.27 -7.81 1.58
N ASP B 76 10.83 -8.21 0.42
CA ASP B 76 11.00 -7.37 -0.73
C ASP B 76 9.87 -6.38 -0.80
N PHE B 77 10.08 -5.32 -1.55
CA PHE B 77 9.12 -4.24 -1.65
C PHE B 77 7.67 -4.74 -1.80
N SER B 78 7.46 -5.70 -2.68
CA SER B 78 6.13 -6.26 -2.93
C SER B 78 5.61 -7.03 -1.71
N GLU B 79 6.51 -7.74 -1.03
CA GLU B 79 6.12 -8.50 0.15
C GLU B 79 5.96 -7.59 1.35
N PHE B 80 6.72 -6.51 1.35
CA PHE B 80 6.59 -5.49 2.36
C PHE B 80 5.28 -4.72 2.14
N LEU B 81 4.80 -4.76 0.90
CA LEU B 81 3.47 -4.24 0.61
C LEU B 81 2.40 -5.20 1.07
N ASN B 82 2.72 -6.48 1.10
CA ASN B 82 1.84 -7.47 1.69
C ASN B 82 1.70 -7.18 3.17
N LEU B 83 2.79 -6.66 3.74
CA LEU B 83 2.77 -6.13 5.10
C LEU B 83 1.79 -4.98 5.20
N ILE B 84 1.97 -4.00 4.31
CA ILE B 84 1.07 -2.85 4.24
C ILE B 84 -0.37 -3.33 4.05
N GLY B 85 -0.53 -4.45 3.37
CA GLY B 85 -1.82 -5.08 3.23
C GLY B 85 -2.44 -5.42 4.57
N GLY B 86 -1.67 -6.04 5.45
CA GLY B 86 -2.21 -6.45 6.73
C GLY B 86 -2.39 -5.27 7.65
N LEU B 87 -1.47 -4.32 7.55
CA LEU B 87 -1.50 -3.09 8.33
C LEU B 87 -2.72 -2.27 7.97
N ALA B 88 -2.79 -1.88 6.71
CA ALA B 88 -3.85 -1.04 6.19
C ALA B 88 -5.19 -1.61 6.53
N MET B 89 -5.29 -2.90 6.38
CA MET B 89 -6.53 -3.59 6.50
C MET B 89 -6.93 -3.80 7.93
N ALA B 90 -5.94 -3.87 8.80
CA ALA B 90 -6.22 -3.90 10.23
C ALA B 90 -6.86 -2.58 10.65
N CYS B 91 -6.35 -1.49 10.09
CA CYS B 91 -6.85 -0.16 10.39
C CYS B 91 -8.19 0.09 9.68
N HIS B 92 -8.29 -0.33 8.42
CA HIS B 92 -9.54 -0.24 7.66
C HIS B 92 -10.62 -1.05 8.36
N ASP B 93 -10.26 -2.25 8.78
CA ASP B 93 -11.18 -3.16 9.42
C ASP B 93 -11.65 -2.55 10.74
N SER B 94 -10.76 -1.82 11.39
CA SER B 94 -11.08 -1.07 12.58
C SER B 94 -12.02 0.07 12.22
N PHE B 95 -11.66 0.77 11.15
CA PHE B 95 -12.41 1.90 10.63
C PHE B 95 -13.85 1.51 10.36
N LEU B 96 -14.03 0.31 9.84
CA LEU B 96 -15.35 -0.22 9.51
C LEU B 96 -16.11 -0.59 10.77
N LYS B 97 -15.40 -1.13 11.74
CA LYS B 97 -16.01 -1.56 12.99
C LYS B 97 -16.25 -0.37 13.91
N ALA B 98 -15.48 0.69 13.70
CA ALA B 98 -15.56 1.89 14.51
C ALA B 98 -16.54 2.90 13.92
N VAL B 99 -16.19 3.43 12.76
CA VAL B 99 -16.99 4.46 12.11
C VAL B 99 -16.39 4.81 10.75
N PRO B 100 -16.81 4.09 9.71
CA PRO B 100 -16.22 4.20 8.38
C PRO B 100 -16.86 5.28 7.53
N SER B 101 -17.27 6.36 8.18
CA SER B 101 -17.84 7.49 7.50
C SER B 101 -16.78 8.60 7.38
N GLN B 102 -15.62 8.33 7.99
CA GLN B 102 -14.45 9.23 7.96
C GLN B 102 -14.70 10.48 8.78
N LYS B 103 -15.46 11.41 8.24
CA LYS B 103 -15.77 12.64 8.93
C LYS B 103 -17.05 12.49 9.73
N ARG B 104 -16.90 12.11 11.01
CA ARG B 104 -18.03 11.84 11.88
C ARG B 104 -18.83 10.65 11.36
N THR B 105 -20.05 10.49 11.83
CA THR B 105 -20.90 9.41 11.38
C THR B 105 -21.93 9.93 10.37
N MET A 1 8.02 15.15 23.45
CA MET A 1 9.33 14.78 22.85
C MET A 1 9.62 15.64 21.63
N ALA A 2 8.86 15.44 20.57
CA ALA A 2 9.04 16.16 19.32
C ALA A 2 7.73 16.20 18.54
N LYS A 3 7.63 17.11 17.59
CA LYS A 3 6.42 17.24 16.79
C LYS A 3 6.37 16.17 15.71
N ILE A 4 6.23 14.93 16.15
CA ILE A 4 6.13 13.81 15.24
C ILE A 4 4.66 13.48 15.01
N SER A 5 4.28 13.35 13.74
CA SER A 5 2.91 13.00 13.40
C SER A 5 2.54 11.64 13.99
N SER A 6 1.27 11.46 14.33
CA SER A 6 0.83 10.21 14.94
C SER A 6 1.17 9.01 14.05
N PRO A 7 0.80 9.03 12.75
CA PRO A 7 1.23 7.99 11.81
C PRO A 7 2.57 8.35 11.16
N THR A 8 3.25 7.35 10.66
CA THR A 8 4.47 7.57 9.91
C THR A 8 4.14 7.67 8.43
N GLU A 9 5.17 7.74 7.59
CA GLU A 9 4.96 7.85 6.16
C GLU A 9 4.08 6.72 5.65
N THR A 10 4.43 5.50 6.00
CA THR A 10 3.68 4.34 5.55
C THR A 10 2.32 4.28 6.19
N GLU A 11 2.22 4.67 7.45
CA GLU A 11 0.96 4.58 8.16
C GLU A 11 -0.06 5.55 7.61
N ARG A 12 0.36 6.79 7.44
CA ARG A 12 -0.53 7.82 6.89
C ARG A 12 -0.86 7.47 5.45
N CYS A 13 0.10 6.86 4.78
CA CYS A 13 -0.07 6.45 3.39
C CYS A 13 -1.04 5.29 3.33
N ILE A 14 -0.97 4.45 4.34
CA ILE A 14 -1.90 3.36 4.53
C ILE A 14 -3.32 3.90 4.69
N GLU A 15 -3.46 4.96 5.49
CA GLU A 15 -4.76 5.52 5.80
C GLU A 15 -5.29 6.25 4.60
N SER A 16 -4.38 6.70 3.77
CA SER A 16 -4.75 7.43 2.59
C SER A 16 -5.30 6.47 1.56
N LEU A 17 -4.78 5.25 1.53
CA LEU A 17 -5.38 4.19 0.72
C LEU A 17 -6.77 3.89 1.24
N ILE A 18 -6.90 3.92 2.57
CA ILE A 18 -8.19 3.79 3.23
C ILE A 18 -9.12 4.89 2.75
N ALA A 19 -8.60 6.11 2.71
CA ALA A 19 -9.36 7.27 2.29
C ALA A 19 -9.82 7.15 0.84
N VAL A 20 -8.86 6.93 -0.07
CA VAL A 20 -9.17 6.83 -1.49
C VAL A 20 -10.08 5.65 -1.77
N PHE A 21 -9.81 4.54 -1.08
CA PHE A 21 -10.67 3.38 -1.17
C PHE A 21 -12.09 3.71 -0.71
N GLN A 22 -12.18 4.37 0.42
CA GLN A 22 -13.45 4.64 1.07
C GLN A 22 -14.29 5.66 0.30
N LYS A 23 -13.66 6.50 -0.50
CA LYS A 23 -14.41 7.49 -1.24
C LYS A 23 -14.92 6.94 -2.57
N TYR A 24 -14.22 5.97 -3.15
CA TYR A 24 -14.73 5.30 -4.34
C TYR A 24 -15.64 4.13 -3.99
N ALA A 25 -15.21 3.31 -3.05
CA ALA A 25 -15.99 2.16 -2.63
C ALA A 25 -17.23 2.60 -1.87
N GLY A 26 -17.15 3.78 -1.25
CA GLY A 26 -18.27 4.32 -0.54
C GLY A 26 -19.43 4.68 -1.46
N LYS A 27 -19.13 4.83 -2.75
CA LYS A 27 -20.14 5.14 -3.75
C LYS A 27 -21.10 3.97 -3.92
N ASP A 28 -20.58 2.78 -3.66
CA ASP A 28 -21.35 1.55 -3.81
C ASP A 28 -22.28 1.35 -2.60
N GLY A 29 -22.15 2.23 -1.64
CA GLY A 29 -23.01 2.19 -0.47
C GLY A 29 -22.27 1.75 0.77
N TYR A 30 -21.38 0.79 0.59
CA TYR A 30 -20.61 0.25 1.71
C TYR A 30 -19.13 0.24 1.33
N ASN A 31 -18.32 0.98 2.07
CA ASN A 31 -16.92 1.16 1.72
C ASN A 31 -16.06 -0.04 2.14
N TYR A 32 -16.50 -1.22 1.74
CA TYR A 32 -15.73 -2.43 2.00
C TYR A 32 -15.29 -3.05 0.69
N THR A 33 -15.99 -2.70 -0.38
CA THR A 33 -15.67 -3.21 -1.71
C THR A 33 -15.85 -2.14 -2.78
N LEU A 34 -14.84 -2.02 -3.63
CA LEU A 34 -14.84 -1.11 -4.75
C LEU A 34 -15.49 -1.81 -5.93
N SER A 35 -16.69 -1.36 -6.29
CA SER A 35 -17.43 -1.99 -7.36
C SER A 35 -16.74 -1.76 -8.70
N LYS A 36 -17.12 -2.54 -9.71
CA LYS A 36 -16.42 -2.56 -11.00
C LYS A 36 -16.17 -1.14 -11.51
N THR A 37 -17.25 -0.44 -11.77
CA THR A 37 -17.16 0.90 -12.32
C THR A 37 -16.48 1.86 -11.35
N GLU A 38 -16.59 1.58 -10.06
CA GLU A 38 -16.04 2.45 -9.06
C GLU A 38 -14.52 2.45 -9.10
N PHE A 39 -13.91 1.27 -9.31
CA PHE A 39 -12.47 1.24 -9.45
C PHE A 39 -12.06 1.60 -10.85
N LEU A 40 -12.96 1.41 -11.79
CA LEU A 40 -12.74 1.90 -13.14
C LEU A 40 -12.54 3.40 -13.09
N SER A 41 -13.40 4.06 -12.33
CA SER A 41 -13.27 5.48 -12.06
C SER A 41 -11.96 5.75 -11.34
N PHE A 42 -11.78 5.11 -10.18
CA PHE A 42 -10.57 5.21 -9.37
C PHE A 42 -9.32 5.08 -10.23
N MET A 43 -9.22 3.99 -10.93
CA MET A 43 -8.05 3.69 -11.74
C MET A 43 -7.84 4.73 -12.84
N ASN A 44 -8.89 5.38 -13.30
CA ASN A 44 -8.75 6.36 -14.36
C ASN A 44 -8.62 7.78 -13.80
N THR A 45 -8.87 7.93 -12.52
CA THR A 45 -8.72 9.24 -11.87
C THR A 45 -7.47 9.27 -11.04
N GLU A 46 -7.44 8.40 -10.06
CA GLU A 46 -6.34 8.30 -9.13
C GLU A 46 -5.16 7.59 -9.76
N LEU A 47 -5.40 6.82 -10.80
CA LEU A 47 -4.32 6.06 -11.45
C LEU A 47 -4.27 6.29 -12.93
N ALA A 48 -4.80 7.42 -13.36
CA ALA A 48 -4.72 7.81 -14.76
C ALA A 48 -3.29 7.76 -15.27
N ALA A 49 -2.34 8.02 -14.38
CA ALA A 49 -0.92 7.89 -14.68
C ALA A 49 -0.62 6.51 -15.28
N PHE A 50 -1.13 5.49 -14.61
CA PHE A 50 -0.93 4.12 -15.04
C PHE A 50 -1.88 3.77 -16.18
N THR A 51 -3.16 4.02 -15.95
CA THR A 51 -4.22 3.61 -16.87
C THR A 51 -4.09 4.25 -18.25
N LYS A 52 -3.88 5.55 -18.29
CA LYS A 52 -3.85 6.26 -19.57
C LYS A 52 -2.58 5.95 -20.32
N ASN A 53 -1.51 5.70 -19.58
CA ASN A 53 -0.22 5.37 -20.17
C ASN A 53 -0.21 3.93 -20.68
N GLN A 54 -0.96 3.08 -20.00
CA GLN A 54 -1.00 1.65 -20.33
C GLN A 54 -1.46 1.45 -21.78
N LYS A 55 -2.75 1.68 -22.02
CA LYS A 55 -3.33 1.49 -23.35
C LYS A 55 -4.78 1.92 -23.35
N ASP A 56 -5.65 1.09 -22.79
CA ASP A 56 -7.08 1.33 -22.79
C ASP A 56 -7.67 0.92 -21.44
N PRO A 57 -8.92 1.32 -21.15
CA PRO A 57 -9.61 0.94 -19.91
C PRO A 57 -9.76 -0.58 -19.74
N GLY A 58 -9.49 -1.31 -20.82
CA GLY A 58 -9.56 -2.76 -20.78
C GLY A 58 -8.56 -3.36 -19.81
N VAL A 59 -7.46 -2.65 -19.56
CA VAL A 59 -6.47 -3.12 -18.61
C VAL A 59 -7.05 -3.23 -17.23
N LEU A 60 -7.91 -2.28 -16.89
CA LEU A 60 -8.50 -2.25 -15.57
C LEU A 60 -9.41 -3.45 -15.39
N ASP A 61 -9.79 -4.04 -16.50
CA ASP A 61 -10.60 -5.25 -16.49
C ASP A 61 -9.72 -6.46 -16.20
N ARG A 62 -8.49 -6.36 -16.66
CA ARG A 62 -7.49 -7.39 -16.40
C ARG A 62 -7.02 -7.27 -14.96
N MET A 63 -6.94 -6.04 -14.48
CA MET A 63 -6.63 -5.77 -13.07
C MET A 63 -7.77 -6.30 -12.23
N MET A 64 -8.98 -5.96 -12.65
CA MET A 64 -10.20 -6.37 -11.99
C MET A 64 -10.13 -7.80 -11.55
N LYS A 65 -9.93 -8.69 -12.49
CA LYS A 65 -9.95 -10.12 -12.18
C LYS A 65 -8.67 -10.60 -11.52
N LYS A 66 -7.57 -9.86 -11.70
CA LYS A 66 -6.33 -10.17 -10.99
C LYS A 66 -6.53 -9.92 -9.50
N LEU A 67 -7.31 -8.90 -9.21
CA LEU A 67 -7.52 -8.45 -7.85
C LEU A 67 -8.77 -9.06 -7.24
N ASP A 68 -9.84 -9.13 -8.06
CA ASP A 68 -11.11 -9.74 -7.65
C ASP A 68 -10.89 -11.21 -7.40
N THR A 69 -10.30 -11.46 -6.28
CA THR A 69 -9.95 -12.78 -5.84
C THR A 69 -11.13 -13.38 -5.07
N ASN A 70 -12.01 -12.49 -4.64
CA ASN A 70 -13.22 -12.89 -3.96
C ASN A 70 -14.27 -13.29 -4.97
N SER A 71 -13.98 -12.94 -6.22
CA SER A 71 -14.79 -13.28 -7.37
C SER A 71 -16.21 -12.73 -7.20
N ASP A 72 -16.29 -11.54 -6.66
CA ASP A 72 -17.56 -10.90 -6.39
C ASP A 72 -17.81 -9.80 -7.41
N GLY A 73 -16.76 -9.38 -8.07
CA GLY A 73 -16.87 -8.33 -9.08
C GLY A 73 -16.51 -6.99 -8.50
N GLN A 74 -16.05 -7.01 -7.26
CA GLN A 74 -15.62 -5.82 -6.58
C GLN A 74 -14.26 -6.09 -5.98
N LEU A 75 -13.57 -5.03 -5.60
CA LEU A 75 -12.29 -5.17 -4.94
C LEU A 75 -12.39 -4.73 -3.50
N ASP A 76 -12.28 -5.68 -2.62
CA ASP A 76 -12.25 -5.39 -1.20
C ASP A 76 -10.91 -4.75 -0.87
N PHE A 77 -10.72 -4.31 0.35
CA PHE A 77 -9.54 -3.55 0.69
C PHE A 77 -8.25 -4.31 0.35
N SER A 78 -8.20 -5.60 0.68
CA SER A 78 -7.02 -6.40 0.36
C SER A 78 -6.86 -6.59 -1.15
N GLU A 79 -7.97 -6.59 -1.87
CA GLU A 79 -7.94 -6.73 -3.32
C GLU A 79 -7.54 -5.41 -3.96
N PHE A 80 -8.00 -4.33 -3.34
CA PHE A 80 -7.61 -2.98 -3.71
C PHE A 80 -6.13 -2.76 -3.45
N LEU A 81 -5.68 -3.18 -2.27
CA LEU A 81 -4.29 -3.05 -1.90
C LEU A 81 -3.43 -4.00 -2.69
N ASN A 82 -4.03 -5.07 -3.17
CA ASN A 82 -3.36 -5.99 -4.07
C ASN A 82 -2.94 -5.22 -5.31
N LEU A 83 -3.86 -4.36 -5.76
CA LEU A 83 -3.60 -3.45 -6.86
C LEU A 83 -2.48 -2.48 -6.51
N ILE A 84 -2.62 -1.83 -5.36
CA ILE A 84 -1.61 -0.90 -4.87
C ILE A 84 -0.24 -1.58 -4.85
N GLY A 85 -0.25 -2.88 -4.58
CA GLY A 85 0.95 -3.66 -4.67
C GLY A 85 1.53 -3.65 -6.06
N GLY A 86 0.71 -3.96 -7.06
CA GLY A 86 1.20 -4.07 -8.43
C GLY A 86 1.61 -2.72 -8.96
N LEU A 87 0.87 -1.70 -8.55
CA LEU A 87 1.17 -0.32 -8.87
C LEU A 87 2.51 0.09 -8.29
N ALA A 88 2.61 -0.03 -6.97
CA ALA A 88 3.82 0.34 -6.26
C ALA A 88 5.01 -0.40 -6.79
N MET A 89 4.81 -1.69 -7.02
CA MET A 89 5.85 -2.54 -7.51
C MET A 89 6.34 -2.09 -8.87
N ALA A 90 5.43 -1.59 -9.69
CA ALA A 90 5.79 -1.12 -11.02
C ALA A 90 6.58 0.18 -10.94
N CYS A 91 6.24 1.01 -9.94
CA CYS A 91 6.93 2.28 -9.74
C CYS A 91 8.28 2.06 -9.06
N HIS A 92 8.34 1.09 -8.14
CA HIS A 92 9.59 0.72 -7.50
C HIS A 92 10.50 0.08 -8.52
N ASP A 93 9.91 -0.71 -9.39
CA ASP A 93 10.61 -1.31 -10.51
C ASP A 93 11.14 -0.22 -11.43
N SER A 94 10.33 0.81 -11.61
CA SER A 94 10.71 1.99 -12.38
C SER A 94 11.94 2.63 -11.74
N PHE A 95 11.87 2.81 -10.43
CA PHE A 95 12.97 3.37 -9.66
C PHE A 95 14.25 2.56 -9.90
N LEU A 96 14.10 1.25 -9.89
CA LEU A 96 15.22 0.34 -10.06
C LEU A 96 15.76 0.38 -11.48
N LYS A 97 14.87 0.61 -12.43
CA LYS A 97 15.25 0.70 -13.83
C LYS A 97 15.81 2.08 -14.16
N ALA A 98 15.32 3.08 -13.44
CA ALA A 98 15.70 4.46 -13.67
C ALA A 98 16.93 4.84 -12.85
N VAL A 99 16.75 4.88 -11.53
CA VAL A 99 17.79 5.32 -10.61
C VAL A 99 17.28 5.17 -9.17
N PRO A 100 17.55 4.02 -8.55
CA PRO A 100 17.01 3.69 -7.24
C PRO A 100 17.88 4.20 -6.10
N SER A 101 18.25 5.47 -6.18
CA SER A 101 19.00 6.12 -5.12
C SER A 101 18.04 6.68 -4.07
N GLN A 102 16.88 7.13 -4.55
CA GLN A 102 15.86 7.77 -3.71
C GLN A 102 16.36 9.11 -3.18
N LYS A 103 17.43 9.08 -2.40
CA LYS A 103 18.08 10.29 -1.96
C LYS A 103 19.13 10.67 -2.98
N ARG A 104 18.94 11.82 -3.61
CA ARG A 104 19.87 12.28 -4.64
C ARG A 104 21.05 13.01 -4.02
N THR A 105 21.61 12.40 -3.00
CA THR A 105 22.71 12.99 -2.25
C THR A 105 23.68 11.90 -1.79
N MET B 1 -4.43 23.38 -16.67
CA MET B 1 -5.80 23.07 -16.19
C MET B 1 -5.96 23.50 -14.74
N ALA B 2 -5.29 22.82 -13.83
CA ALA B 2 -5.37 23.09 -12.41
C ALA B 2 -4.11 22.62 -11.71
N LYS B 3 -3.86 23.13 -10.51
CA LYS B 3 -2.68 22.77 -9.75
C LYS B 3 -2.86 21.40 -9.10
N ILE B 4 -2.93 20.37 -9.93
CA ILE B 4 -3.06 19.00 -9.47
C ILE B 4 -1.69 18.36 -9.40
N SER B 5 -1.36 17.75 -8.27
CA SER B 5 -0.09 17.07 -8.10
C SER B 5 0.05 15.95 -9.13
N SER B 6 1.27 15.66 -9.55
CA SER B 6 1.51 14.64 -10.56
C SER B 6 0.92 13.29 -10.12
N PRO B 7 1.24 12.79 -8.91
CA PRO B 7 0.60 11.61 -8.36
C PRO B 7 -0.67 11.96 -7.58
N THR B 8 -1.54 10.98 -7.43
CA THR B 8 -2.71 11.15 -6.62
C THR B 8 -2.42 10.68 -5.20
N GLU B 9 -3.45 10.64 -4.35
CA GLU B 9 -3.28 10.23 -2.97
C GLU B 9 -2.62 8.85 -2.91
N THR B 10 -3.17 7.90 -3.64
CA THR B 10 -2.67 6.55 -3.63
C THR B 10 -1.31 6.47 -4.31
N GLU B 11 -1.10 7.23 -5.36
CA GLU B 11 0.15 7.16 -6.10
C GLU B 11 1.30 7.69 -5.27
N ARG B 12 1.11 8.85 -4.68
CA ARG B 12 2.14 9.46 -3.85
C ARG B 12 2.36 8.59 -2.63
N CYS B 13 1.29 7.97 -2.17
CA CYS B 13 1.33 7.09 -1.01
C CYS B 13 2.09 5.83 -1.38
N ILE B 14 1.89 5.40 -2.61
CA ILE B 14 2.62 4.30 -3.17
C ILE B 14 4.12 4.59 -3.20
N GLU B 15 4.47 5.81 -3.59
CA GLU B 15 5.85 6.20 -3.73
C GLU B 15 6.48 6.38 -2.37
N SER B 16 5.63 6.66 -1.41
CA SER B 16 6.08 6.88 -0.07
C SER B 16 6.43 5.54 0.57
N LEU B 17 5.69 4.50 0.18
CA LEU B 17 6.06 3.14 0.57
C LEU B 17 7.40 2.79 -0.07
N ILE B 18 7.57 3.25 -1.31
CA ILE B 18 8.83 3.13 -2.01
C ILE B 18 9.94 3.81 -1.22
N ALA B 19 9.64 5.02 -0.74
CA ALA B 19 10.58 5.80 0.02
C ALA B 19 10.95 5.12 1.33
N VAL B 20 9.95 4.78 2.14
CA VAL B 20 10.20 4.16 3.44
C VAL B 20 10.87 2.81 3.27
N PHE B 21 10.43 2.07 2.25
CA PHE B 21 11.06 0.80 1.92
C PHE B 21 12.52 1.03 1.55
N GLN B 22 12.77 2.00 0.71
CA GLN B 22 14.10 2.23 0.16
C GLN B 22 15.07 2.76 1.19
N LYS B 23 14.58 3.37 2.25
CA LYS B 23 15.47 3.91 3.26
C LYS B 23 15.83 2.86 4.31
N TYR B 24 14.95 1.89 4.54
CA TYR B 24 15.30 0.78 5.43
C TYR B 24 15.99 -0.35 4.67
N ALA B 25 15.45 -0.71 3.52
CA ALA B 25 16.03 -1.77 2.71
C ALA B 25 17.35 -1.32 2.11
N GLY B 26 17.50 -0.02 1.93
CA GLY B 26 18.73 0.53 1.39
C GLY B 26 19.91 0.35 2.35
N LYS B 27 19.58 0.09 3.62
CA LYS B 27 20.61 -0.13 4.63
C LYS B 27 21.33 -1.45 4.37
N ASP B 28 20.62 -2.37 3.74
CA ASP B 28 21.15 -3.70 3.44
C ASP B 28 22.06 -3.64 2.22
N GLY B 29 22.13 -2.47 1.61
CA GLY B 29 23.01 -2.26 0.46
C GLY B 29 22.24 -2.13 -0.83
N TYR B 30 21.18 -2.91 -0.96
CA TYR B 30 20.37 -2.88 -2.15
C TYR B 30 18.91 -2.76 -1.77
N ASN B 31 18.26 -1.67 -2.18
CA ASN B 31 16.90 -1.38 -1.75
C ASN B 31 15.87 -2.19 -2.53
N TYR B 32 16.06 -3.49 -2.58
CA TYR B 32 15.11 -4.38 -3.19
C TYR B 32 14.52 -5.33 -2.15
N THR B 33 15.23 -5.49 -1.04
CA THR B 33 14.78 -6.36 0.03
C THR B 33 15.11 -5.76 1.40
N LEU B 34 14.11 -5.76 2.26
CA LEU B 34 14.25 -5.30 3.63
C LEU B 34 14.72 -6.46 4.48
N SER B 35 15.96 -6.39 4.93
CA SER B 35 16.56 -7.46 5.70
C SER B 35 15.88 -7.58 7.06
N LYS B 36 16.07 -8.72 7.74
CA LYS B 36 15.34 -9.03 8.96
C LYS B 36 15.33 -7.86 9.92
N THR B 37 16.51 -7.50 10.39
CA THR B 37 16.65 -6.43 11.36
C THR B 37 16.18 -5.09 10.79
N GLU B 38 16.28 -4.94 9.48
CA GLU B 38 15.94 -3.67 8.84
C GLU B 38 14.43 -3.43 8.94
N PHE B 39 13.61 -4.47 8.75
CA PHE B 39 12.18 -4.29 8.92
C PHE B 39 11.80 -4.37 10.38
N LEU B 40 12.62 -5.02 11.17
CA LEU B 40 12.45 -4.99 12.61
C LEU B 40 12.52 -3.55 13.07
N SER B 41 13.51 -2.83 12.55
CA SER B 41 13.64 -1.41 12.80
C SER B 41 12.43 -0.67 12.24
N PHE B 42 12.18 -0.85 10.94
CA PHE B 42 11.03 -0.26 10.25
C PHE B 42 9.75 -0.45 11.04
N MET B 43 9.43 -1.68 11.34
CA MET B 43 8.20 -2.01 12.03
C MET B 43 8.14 -1.39 13.43
N ASN B 44 9.29 -1.15 14.05
CA ASN B 44 9.28 -0.57 15.39
C ASN B 44 9.42 0.95 15.34
N THR B 45 9.74 1.48 14.18
CA THR B 45 9.86 2.93 14.02
C THR B 45 8.64 3.48 13.28
N GLU B 46 8.49 3.01 12.06
CA GLU B 46 7.43 3.43 11.19
C GLU B 46 6.12 2.77 11.58
N LEU B 47 6.19 1.66 12.30
CA LEU B 47 4.97 0.94 12.67
C LEU B 47 4.91 0.66 14.16
N ALA B 48 5.62 1.46 14.93
CA ALA B 48 5.57 1.36 16.39
C ALA B 48 4.13 1.40 16.88
N ALA B 49 3.27 2.11 16.16
CA ALA B 49 1.84 2.13 16.45
C ALA B 49 1.28 0.72 16.55
N PHE B 50 1.63 -0.09 15.56
CA PHE B 50 1.17 -1.46 15.50
C PHE B 50 2.00 -2.34 16.43
N THR B 51 3.31 -2.27 16.26
CA THR B 51 4.25 -3.14 16.94
C THR B 51 4.19 -3.00 18.46
N LYS B 52 4.23 -1.78 18.96
CA LYS B 52 4.29 -1.54 20.40
C LYS B 52 2.95 -1.86 21.04
N ASN B 53 1.88 -1.66 20.28
CA ASN B 53 0.53 -1.93 20.78
C ASN B 53 0.25 -3.42 20.76
N GLN B 54 0.85 -4.12 19.82
CA GLN B 54 0.63 -5.55 19.64
C GLN B 54 1.00 -6.32 20.91
N LYS B 55 2.30 -6.41 21.19
CA LYS B 55 2.78 -7.14 22.35
C LYS B 55 4.30 -7.00 22.47
N ASP B 56 5.01 -7.73 21.62
CA ASP B 56 6.47 -7.77 21.66
C ASP B 56 7.02 -7.81 20.23
N PRO B 57 8.34 -7.55 20.04
CA PRO B 57 8.98 -7.61 18.73
C PRO B 57 8.86 -8.98 18.06
N GLY B 58 8.43 -9.97 18.84
CA GLY B 58 8.24 -11.31 18.30
C GLY B 58 7.19 -11.37 17.22
N VAL B 59 6.25 -10.42 17.26
CA VAL B 59 5.21 -10.36 16.24
C VAL B 59 5.81 -10.09 14.88
N LEU B 60 6.83 -9.26 14.85
CA LEU B 60 7.46 -8.89 13.60
C LEU B 60 8.15 -10.10 12.99
N ASP B 61 8.37 -11.10 13.83
CA ASP B 61 8.96 -12.35 13.38
C ASP B 61 7.88 -13.20 12.74
N ARG B 62 6.68 -13.04 13.24
CA ARG B 62 5.52 -13.73 12.68
C ARG B 62 5.12 -13.06 11.38
N MET B 63 5.28 -11.73 11.35
CA MET B 63 5.07 -10.96 10.12
C MET B 63 6.12 -11.37 9.12
N MET B 64 7.36 -11.41 9.60
CA MET B 64 8.51 -11.78 8.79
C MET B 64 8.19 -12.94 7.88
N LYS B 65 7.81 -14.04 8.48
CA LYS B 65 7.58 -15.26 7.72
C LYS B 65 6.25 -15.26 6.97
N LYS B 66 5.31 -14.43 7.42
CA LYS B 66 4.06 -14.26 6.69
C LYS B 66 4.34 -13.55 5.37
N LEU B 67 5.31 -12.66 5.42
CA LEU B 67 5.64 -11.81 4.28
C LEU B 67 6.77 -12.40 3.46
N ASP B 68 7.78 -12.92 4.16
CA ASP B 68 8.94 -13.58 3.55
C ASP B 68 8.47 -14.83 2.81
N THR B 69 7.88 -14.56 1.69
CA THR B 69 7.32 -15.57 0.83
C THR B 69 8.38 -16.06 -0.12
N ASN B 70 9.42 -15.27 -0.25
CA ASN B 70 10.57 -15.61 -1.06
C ASN B 70 11.49 -16.52 -0.28
N SER B 71 11.23 -16.56 1.02
CA SER B 71 11.94 -17.42 1.95
C SER B 71 13.43 -17.12 1.94
N ASP B 72 13.74 -15.84 1.84
CA ASP B 72 15.12 -15.39 1.76
C ASP B 72 15.53 -14.76 3.08
N GLY B 73 14.53 -14.41 3.88
CA GLY B 73 14.80 -13.81 5.18
C GLY B 73 14.71 -12.30 5.11
N GLN B 74 14.30 -11.82 3.95
CA GLN B 74 14.11 -10.41 3.72
C GLN B 74 12.73 -10.20 3.11
N LEU B 75 12.28 -8.97 3.13
CA LEU B 75 11.01 -8.66 2.51
C LEU B 75 11.23 -7.78 1.30
N ASP B 76 10.98 -8.34 0.14
CA ASP B 76 11.05 -7.59 -1.08
C ASP B 76 9.86 -6.64 -1.13
N PHE B 77 9.79 -5.79 -2.14
CA PHE B 77 8.77 -4.76 -2.15
C PHE B 77 7.35 -5.34 -2.06
N SER B 78 7.08 -6.41 -2.80
CA SER B 78 5.77 -7.05 -2.74
C SER B 78 5.54 -7.71 -1.38
N GLU B 79 6.61 -8.16 -0.73
CA GLU B 79 6.51 -8.76 0.59
C GLU B 79 6.32 -7.68 1.64
N PHE B 80 6.99 -6.57 1.42
CA PHE B 80 6.84 -5.38 2.24
C PHE B 80 5.43 -4.82 2.11
N LEU B 81 4.95 -4.73 0.88
CA LEU B 81 3.62 -4.24 0.62
C LEU B 81 2.57 -5.23 1.07
N ASN B 82 2.96 -6.49 1.13
CA ASN B 82 2.11 -7.51 1.68
C ASN B 82 1.79 -7.15 3.12
N LEU B 83 2.82 -6.68 3.81
CA LEU B 83 2.70 -6.17 5.16
C LEU B 83 1.80 -4.95 5.20
N ILE B 84 2.08 -3.98 4.33
CA ILE B 84 1.27 -2.78 4.22
C ILE B 84 -0.19 -3.16 4.01
N GLY B 85 -0.42 -4.27 3.32
CA GLY B 85 -1.74 -4.81 3.16
C GLY B 85 -2.35 -5.16 4.50
N GLY B 86 -1.62 -5.94 5.31
CA GLY B 86 -2.18 -6.40 6.57
C GLY B 86 -2.35 -5.26 7.55
N LEU B 87 -1.43 -4.32 7.47
CA LEU B 87 -1.49 -3.10 8.26
C LEU B 87 -2.71 -2.29 7.89
N ALA B 88 -2.79 -1.94 6.62
CA ALA B 88 -3.89 -1.12 6.11
C ALA B 88 -5.22 -1.78 6.40
N MET B 89 -5.25 -3.07 6.17
CA MET B 89 -6.45 -3.85 6.37
C MET B 89 -6.90 -3.80 7.81
N ALA B 90 -5.94 -3.80 8.73
CA ALA B 90 -6.24 -3.73 10.15
C ALA B 90 -6.79 -2.36 10.53
N CYS B 91 -6.28 -1.33 9.88
CA CYS B 91 -6.72 0.03 10.14
C CYS B 91 -8.06 0.30 9.46
N HIS B 92 -8.26 -0.27 8.28
CA HIS B 92 -9.54 -0.17 7.59
C HIS B 92 -10.58 -0.94 8.36
N ASP B 93 -10.17 -2.08 8.88
CA ASP B 93 -11.01 -2.89 9.76
C ASP B 93 -11.36 -2.09 11.01
N SER B 94 -10.38 -1.35 11.51
CA SER B 94 -10.58 -0.44 12.64
C SER B 94 -11.64 0.58 12.29
N PHE B 95 -11.51 1.17 11.11
CA PHE B 95 -12.47 2.14 10.62
C PHE B 95 -13.86 1.54 10.61
N LEU B 96 -13.95 0.31 10.15
CA LEU B 96 -15.23 -0.38 10.04
C LEU B 96 -15.79 -0.73 11.40
N LYS B 97 -14.92 -0.99 12.35
CA LYS B 97 -15.32 -1.31 13.71
C LYS B 97 -15.63 -0.05 14.50
N ALA B 98 -14.95 1.03 14.14
CA ALA B 98 -15.08 2.29 14.84
C ALA B 98 -16.19 3.15 14.24
N VAL B 99 -15.97 3.60 13.01
CA VAL B 99 -16.89 4.50 12.32
C VAL B 99 -16.37 4.75 10.91
N PRO B 100 -16.81 3.94 9.94
CA PRO B 100 -16.30 3.99 8.58
C PRO B 100 -17.04 5.01 7.72
N SER B 101 -17.16 6.22 8.23
CA SER B 101 -17.75 7.30 7.47
C SER B 101 -16.68 8.00 6.65
N GLN B 102 -15.47 8.07 7.21
CA GLN B 102 -14.32 8.75 6.60
C GLN B 102 -14.55 10.26 6.58
N LYS B 103 -15.59 10.67 5.87
CA LYS B 103 -15.99 12.06 5.87
C LYS B 103 -16.99 12.27 7.02
N ARG B 104 -16.62 13.09 7.99
CA ARG B 104 -17.49 13.32 9.14
C ARG B 104 -18.50 14.42 8.83
N THR B 105 -19.14 14.30 7.68
CA THR B 105 -20.08 15.30 7.21
C THR B 105 -21.21 14.61 6.45
N MET A 1 -5.65 6.75 25.64
CA MET A 1 -4.88 5.60 26.18
C MET A 1 -3.63 5.37 25.34
N ALA A 2 -3.81 4.94 24.10
CA ALA A 2 -2.70 4.70 23.20
C ALA A 2 -2.04 6.02 22.79
N LYS A 3 -0.73 6.08 22.92
CA LYS A 3 0.01 7.27 22.58
C LYS A 3 0.17 7.39 21.06
N ILE A 4 -0.84 7.96 20.42
CA ILE A 4 -0.81 8.19 18.99
C ILE A 4 -0.22 9.55 18.67
N SER A 5 0.24 9.72 17.45
CA SER A 5 0.83 10.97 17.01
C SER A 5 0.68 11.10 15.50
N SER A 6 1.46 11.99 14.89
CA SER A 6 1.53 12.10 13.45
C SER A 6 2.00 10.77 12.88
N PRO A 7 1.37 10.28 11.80
CA PRO A 7 1.70 8.98 11.22
C PRO A 7 3.03 9.01 10.50
N THR A 8 3.55 7.85 10.22
CA THR A 8 4.77 7.74 9.48
C THR A 8 4.51 7.75 8.00
N GLU A 9 5.55 7.62 7.21
CA GLU A 9 5.45 7.65 5.76
C GLU A 9 4.57 6.51 5.24
N THR A 10 4.72 5.33 5.83
CA THR A 10 3.95 4.18 5.40
C THR A 10 2.57 4.20 6.02
N GLU A 11 2.47 4.71 7.23
CA GLU A 11 1.19 4.80 7.91
C GLU A 11 0.26 5.80 7.22
N ARG A 12 0.82 6.94 6.84
CA ARG A 12 0.04 7.95 6.12
C ARG A 12 -0.36 7.41 4.76
N CYS A 13 0.54 6.60 4.19
CA CYS A 13 0.28 5.91 2.94
C CYS A 13 -0.92 4.97 3.11
N ILE A 14 -0.92 4.30 4.24
CA ILE A 14 -1.91 3.32 4.54
C ILE A 14 -3.28 3.94 4.75
N GLU A 15 -3.31 5.11 5.37
CA GLU A 15 -4.56 5.75 5.68
C GLU A 15 -5.09 6.47 4.46
N SER A 16 -4.18 6.81 3.54
CA SER A 16 -4.61 7.41 2.29
C SER A 16 -5.28 6.37 1.41
N LEU A 17 -4.88 5.12 1.57
CA LEU A 17 -5.55 4.02 0.88
C LEU A 17 -6.92 3.81 1.48
N ILE A 18 -6.98 3.89 2.81
CA ILE A 18 -8.23 3.85 3.53
C ILE A 18 -9.15 4.95 3.00
N ALA A 19 -8.56 6.12 2.79
CA ALA A 19 -9.31 7.25 2.29
C ALA A 19 -9.85 7.00 0.89
N VAL A 20 -8.97 6.77 -0.10
CA VAL A 20 -9.43 6.57 -1.48
C VAL A 20 -10.35 5.38 -1.56
N PHE A 21 -10.01 4.32 -0.85
CA PHE A 21 -10.83 3.13 -0.89
C PHE A 21 -12.21 3.40 -0.31
N GLN A 22 -12.25 3.98 0.88
CA GLN A 22 -13.52 4.18 1.57
C GLN A 22 -14.39 5.23 0.88
N LYS A 23 -13.77 6.10 0.11
CA LYS A 23 -14.54 7.14 -0.58
C LYS A 23 -15.05 6.64 -1.92
N TYR A 24 -14.27 5.81 -2.61
CA TYR A 24 -14.68 5.30 -3.90
C TYR A 24 -15.48 4.01 -3.79
N ALA A 25 -15.09 3.14 -2.87
CA ALA A 25 -15.78 1.89 -2.65
C ALA A 25 -17.04 2.11 -1.83
N GLY A 26 -17.09 3.24 -1.14
CA GLY A 26 -18.24 3.57 -0.32
C GLY A 26 -19.40 4.09 -1.15
N LYS A 27 -19.26 3.99 -2.47
CA LYS A 27 -20.28 4.45 -3.40
C LYS A 27 -21.29 3.35 -3.68
N ASP A 28 -20.85 2.11 -3.53
CA ASP A 28 -21.65 0.96 -3.90
C ASP A 28 -22.74 0.68 -2.87
N GLY A 29 -22.51 1.09 -1.63
CA GLY A 29 -23.52 0.98 -0.60
C GLY A 29 -23.71 -0.42 -0.05
N TYR A 30 -23.61 -1.43 -0.92
CA TYR A 30 -23.84 -2.82 -0.53
C TYR A 30 -23.00 -3.21 0.68
N ASN A 31 -21.69 -3.22 0.52
CA ASN A 31 -20.79 -3.52 1.62
C ASN A 31 -19.78 -2.42 1.82
N TYR A 32 -18.64 -2.54 1.15
CA TYR A 32 -17.55 -1.59 1.25
C TYR A 32 -16.57 -1.85 0.12
N THR A 33 -17.10 -2.37 -0.97
CA THR A 33 -16.30 -2.88 -2.06
C THR A 33 -16.35 -1.94 -3.25
N LEU A 34 -15.22 -1.82 -3.93
CA LEU A 34 -15.10 -0.94 -5.07
C LEU A 34 -15.59 -1.67 -6.29
N SER A 35 -16.76 -1.27 -6.76
CA SER A 35 -17.44 -1.96 -7.83
C SER A 35 -16.74 -1.74 -9.15
N LYS A 36 -17.13 -2.51 -10.17
CA LYS A 36 -16.45 -2.54 -11.46
C LYS A 36 -16.22 -1.13 -11.97
N THR A 37 -17.31 -0.43 -12.20
CA THR A 37 -17.24 0.89 -12.77
C THR A 37 -16.58 1.88 -11.82
N GLU A 38 -16.77 1.67 -10.53
CA GLU A 38 -16.14 2.51 -9.53
C GLU A 38 -14.63 2.48 -9.73
N PHE A 39 -14.00 1.31 -9.58
CA PHE A 39 -12.55 1.28 -9.71
C PHE A 39 -12.13 1.65 -11.12
N LEU A 40 -12.98 1.39 -12.09
CA LEU A 40 -12.74 1.83 -13.45
C LEU A 40 -12.44 3.33 -13.50
N SER A 41 -13.32 4.12 -12.93
CA SER A 41 -13.19 5.57 -12.94
C SER A 41 -12.10 6.03 -11.97
N PHE A 42 -11.99 5.35 -10.84
CA PHE A 42 -11.10 5.74 -9.74
C PHE A 42 -9.69 5.24 -9.99
N MET A 43 -9.56 4.24 -10.83
CA MET A 43 -8.27 3.88 -11.39
C MET A 43 -7.88 4.86 -12.49
N ASN A 44 -8.86 5.36 -13.23
CA ASN A 44 -8.57 6.35 -14.29
C ASN A 44 -8.36 7.73 -13.71
N THR A 45 -8.72 7.93 -12.45
CA THR A 45 -8.52 9.22 -11.80
C THR A 45 -7.36 9.15 -10.83
N GLU A 46 -7.52 8.32 -9.81
CA GLU A 46 -6.51 8.19 -8.78
C GLU A 46 -5.28 7.51 -9.34
N LEU A 47 -5.46 6.61 -10.28
CA LEU A 47 -4.32 5.88 -10.80
C LEU A 47 -4.11 6.18 -12.26
N ALA A 48 -4.52 7.37 -12.66
CA ALA A 48 -4.35 7.81 -14.02
C ALA A 48 -2.88 7.84 -14.41
N ALA A 49 -2.02 7.96 -13.40
CA ALA A 49 -0.58 7.86 -13.61
C ALA A 49 -0.24 6.52 -14.27
N PHE A 50 -0.88 5.48 -13.78
CA PHE A 50 -0.69 4.13 -14.30
C PHE A 50 -1.61 3.88 -15.48
N THR A 51 -2.90 4.08 -15.25
CA THR A 51 -3.95 3.73 -16.18
C THR A 51 -3.83 4.47 -17.53
N LYS A 52 -3.45 5.73 -17.49
CA LYS A 52 -3.35 6.52 -18.71
C LYS A 52 -2.03 6.24 -19.40
N ASN A 53 -1.08 5.71 -18.63
CA ASN A 53 0.22 5.33 -19.16
C ASN A 53 0.09 3.99 -19.87
N GLN A 54 -0.79 3.15 -19.33
CA GLN A 54 -1.15 1.89 -19.96
C GLN A 54 -2.53 2.07 -20.61
N LYS A 55 -2.61 3.04 -21.51
CA LYS A 55 -3.89 3.49 -22.07
C LYS A 55 -4.66 2.37 -22.74
N ASP A 56 -5.59 1.80 -21.99
CA ASP A 56 -6.48 0.76 -22.47
C ASP A 56 -7.54 0.48 -21.42
N PRO A 57 -8.83 0.60 -21.77
CA PRO A 57 -9.93 0.40 -20.81
C PRO A 57 -10.01 -1.03 -20.29
N GLY A 58 -9.29 -1.93 -20.95
CA GLY A 58 -9.32 -3.32 -20.57
C GLY A 58 -8.29 -3.65 -19.52
N VAL A 59 -7.37 -2.75 -19.25
CA VAL A 59 -6.32 -3.02 -18.29
C VAL A 59 -6.88 -3.13 -16.89
N LEU A 60 -7.76 -2.21 -16.54
CA LEU A 60 -8.37 -2.21 -15.22
C LEU A 60 -9.23 -3.44 -15.06
N ASP A 61 -9.59 -4.02 -16.20
CA ASP A 61 -10.35 -5.26 -16.23
C ASP A 61 -9.43 -6.41 -15.86
N ARG A 62 -8.23 -6.38 -16.42
CA ARG A 62 -7.21 -7.36 -16.13
C ARG A 62 -6.82 -7.27 -14.66
N MET A 63 -6.66 -6.03 -14.19
CA MET A 63 -6.39 -5.80 -12.78
C MET A 63 -7.53 -6.32 -11.95
N MET A 64 -8.74 -5.92 -12.34
CA MET A 64 -9.97 -6.35 -11.68
C MET A 64 -9.94 -7.82 -11.36
N LYS A 65 -9.73 -8.64 -12.37
CA LYS A 65 -9.88 -10.07 -12.23
C LYS A 65 -8.71 -10.69 -11.47
N LYS A 66 -7.59 -9.99 -11.45
CA LYS A 66 -6.44 -10.42 -10.67
C LYS A 66 -6.68 -10.13 -9.19
N LEU A 67 -7.40 -9.05 -8.94
CA LEU A 67 -7.61 -8.56 -7.59
C LEU A 67 -8.92 -9.06 -7.02
N ASP A 68 -9.95 -9.14 -7.88
CA ASP A 68 -11.27 -9.66 -7.53
C ASP A 68 -11.15 -11.12 -7.16
N THR A 69 -10.59 -11.31 -5.99
CA THR A 69 -10.26 -12.61 -5.46
C THR A 69 -11.49 -13.21 -4.79
N ASN A 70 -12.41 -12.35 -4.42
CA ASN A 70 -13.69 -12.77 -3.88
C ASN A 70 -14.60 -13.13 -5.04
N SER A 71 -14.16 -12.67 -6.21
CA SER A 71 -14.76 -13.01 -7.49
C SER A 71 -16.23 -12.65 -7.56
N ASP A 72 -16.57 -11.49 -7.01
CA ASP A 72 -17.93 -11.01 -7.06
C ASP A 72 -18.03 -9.81 -7.99
N GLY A 73 -16.88 -9.30 -8.42
CA GLY A 73 -16.87 -8.22 -9.38
C GLY A 73 -16.58 -6.88 -8.76
N GLN A 74 -16.03 -6.91 -7.56
CA GLN A 74 -15.64 -5.70 -6.86
C GLN A 74 -14.29 -5.91 -6.22
N LEU A 75 -13.70 -4.83 -5.75
CA LEU A 75 -12.44 -4.92 -5.04
C LEU A 75 -12.59 -4.44 -3.63
N ASP A 76 -12.47 -5.37 -2.70
CA ASP A 76 -12.45 -5.05 -1.29
C ASP A 76 -11.08 -4.50 -0.94
N PHE A 77 -10.90 -4.08 0.30
CA PHE A 77 -9.69 -3.38 0.67
C PHE A 77 -8.45 -4.22 0.37
N SER A 78 -8.46 -5.48 0.77
CA SER A 78 -7.32 -6.36 0.53
C SER A 78 -7.10 -6.56 -0.98
N GLU A 79 -8.19 -6.52 -1.73
CA GLU A 79 -8.14 -6.73 -3.17
C GLU A 79 -7.59 -5.48 -3.87
N PHE A 80 -8.05 -4.32 -3.42
CA PHE A 80 -7.60 -3.05 -3.98
C PHE A 80 -6.19 -2.74 -3.48
N LEU A 81 -5.81 -3.31 -2.34
CA LEU A 81 -4.45 -3.18 -1.84
C LEU A 81 -3.51 -4.09 -2.61
N ASN A 82 -4.01 -5.25 -2.99
CA ASN A 82 -3.26 -6.13 -3.88
C ASN A 82 -2.89 -5.38 -5.15
N LEU A 83 -3.82 -4.53 -5.57
CA LEU A 83 -3.59 -3.62 -6.66
C LEU A 83 -2.43 -2.69 -6.36
N ILE A 84 -2.50 -2.05 -5.19
CA ILE A 84 -1.44 -1.16 -4.74
C ILE A 84 -0.09 -1.88 -4.75
N GLY A 85 -0.12 -3.18 -4.49
CA GLY A 85 1.07 -3.98 -4.60
C GLY A 85 1.66 -3.94 -6.00
N GLY A 86 0.83 -4.20 -7.00
CA GLY A 86 1.30 -4.24 -8.37
C GLY A 86 1.60 -2.85 -8.90
N LEU A 87 0.87 -1.89 -8.38
CA LEU A 87 1.05 -0.49 -8.70
C LEU A 87 2.39 0.01 -8.21
N ALA A 88 2.58 -0.12 -6.91
CA ALA A 88 3.80 0.33 -6.27
C ALA A 88 5.00 -0.32 -6.89
N MET A 89 4.86 -1.60 -7.17
CA MET A 89 5.94 -2.37 -7.75
C MET A 89 6.34 -1.82 -9.10
N ALA A 90 5.36 -1.39 -9.88
CA ALA A 90 5.59 -0.86 -11.22
C ALA A 90 6.37 0.45 -11.16
N CYS A 91 6.13 1.23 -10.12
CA CYS A 91 6.82 2.50 -9.94
C CYS A 91 8.15 2.25 -9.24
N HIS A 92 8.19 1.21 -8.41
CA HIS A 92 9.42 0.80 -7.74
C HIS A 92 10.44 0.36 -8.78
N ASP A 93 10.04 -0.54 -9.66
CA ASP A 93 10.94 -1.04 -10.67
C ASP A 93 11.40 0.10 -11.57
N SER A 94 10.44 0.93 -11.95
CA SER A 94 10.74 2.16 -12.69
C SER A 94 11.79 2.98 -11.97
N PHE A 95 11.56 3.22 -10.68
CA PHE A 95 12.47 4.00 -9.86
C PHE A 95 13.86 3.38 -9.84
N LEU A 96 13.89 2.05 -9.79
CA LEU A 96 15.13 1.30 -9.79
C LEU A 96 15.84 1.40 -11.13
N LYS A 97 15.08 1.27 -12.20
CA LYS A 97 15.62 1.32 -13.55
C LYS A 97 15.92 2.76 -13.97
N ALA A 98 15.37 3.71 -13.23
CA ALA A 98 15.57 5.12 -13.51
C ALA A 98 16.73 5.68 -12.70
N VAL A 99 16.56 5.74 -11.39
CA VAL A 99 17.57 6.26 -10.49
C VAL A 99 17.08 6.18 -9.04
N PRO A 100 17.37 5.06 -8.37
CA PRO A 100 16.92 4.81 -7.01
C PRO A 100 17.93 5.25 -5.97
N SER A 101 19.01 5.84 -6.44
CA SER A 101 20.08 6.28 -5.57
C SER A 101 19.85 7.71 -5.08
N GLN A 102 18.64 7.99 -4.61
CA GLN A 102 18.33 9.29 -4.04
C GLN A 102 18.89 9.36 -2.62
N LYS A 103 20.18 9.59 -2.54
CA LYS A 103 20.88 9.68 -1.27
C LYS A 103 20.59 11.02 -0.57
N ARG A 104 19.49 11.07 0.14
CA ARG A 104 19.11 12.28 0.86
C ARG A 104 20.07 12.50 2.03
N THR A 105 19.96 11.66 3.06
CA THR A 105 20.79 11.76 4.26
C THR A 105 20.93 13.20 4.73
N MET B 1 7.60 13.91 -22.00
CA MET B 1 6.66 13.18 -22.87
C MET B 1 5.35 12.89 -22.12
N ALA B 2 5.42 12.04 -21.10
CA ALA B 2 4.25 11.72 -20.31
C ALA B 2 3.83 12.91 -19.45
N LYS B 3 2.56 13.26 -19.52
CA LYS B 3 2.03 14.37 -18.76
C LYS B 3 1.84 13.99 -17.29
N ILE B 4 2.91 14.13 -16.53
CA ILE B 4 2.88 13.85 -15.11
C ILE B 4 2.55 15.11 -14.33
N SER B 5 2.09 14.93 -13.10
CA SER B 5 1.70 16.04 -12.25
C SER B 5 1.82 15.63 -10.79
N SER B 6 1.20 16.39 -9.89
CA SER B 6 1.11 16.00 -8.50
C SER B 6 0.39 14.66 -8.41
N PRO B 7 0.88 13.74 -7.57
CA PRO B 7 0.31 12.40 -7.46
C PRO B 7 -1.02 12.42 -6.74
N THR B 8 -1.75 11.34 -6.85
CA THR B 8 -3.00 11.22 -6.15
C THR B 8 -2.77 10.67 -4.76
N GLU B 9 -3.85 10.48 -4.04
CA GLU B 9 -3.80 9.99 -2.67
C GLU B 9 -3.16 8.60 -2.60
N THR B 10 -3.49 7.74 -3.54
CA THR B 10 -2.96 6.39 -3.54
C THR B 10 -1.58 6.37 -4.17
N GLU B 11 -1.34 7.24 -5.13
CA GLU B 11 -0.05 7.32 -5.77
C GLU B 11 1.01 7.85 -4.82
N ARG B 12 0.66 8.87 -4.06
CA ARG B 12 1.58 9.43 -3.06
C ARG B 12 1.83 8.39 -1.98
N CYS B 13 0.80 7.61 -1.69
CA CYS B 13 0.89 6.49 -0.75
C CYS B 13 1.89 5.48 -1.28
N ILE B 14 1.83 5.24 -2.56
CA ILE B 14 2.63 4.26 -3.22
C ILE B 14 4.10 4.66 -3.23
N GLU B 15 4.35 5.94 -3.43
CA GLU B 15 5.70 6.42 -3.53
C GLU B 15 6.31 6.57 -2.16
N SER B 16 5.46 6.74 -1.15
CA SER B 16 5.93 6.79 0.21
C SER B 16 6.38 5.40 0.66
N LEU B 17 5.77 4.37 0.11
CA LEU B 17 6.22 3.01 0.35
C LEU B 17 7.53 2.78 -0.33
N ILE B 18 7.65 3.29 -1.54
CA ILE B 18 8.90 3.27 -2.27
C ILE B 18 9.97 3.94 -1.44
N ALA B 19 9.61 5.05 -0.81
CA ALA B 19 10.53 5.81 0.01
C ALA B 19 10.97 5.00 1.23
N VAL B 20 10.03 4.60 2.11
CA VAL B 20 10.41 3.87 3.33
C VAL B 20 11.10 2.58 2.97
N PHE B 21 10.59 1.91 1.95
CA PHE B 21 11.18 0.64 1.56
C PHE B 21 12.60 0.84 1.06
N GLN B 22 12.80 1.78 0.14
CA GLN B 22 14.10 1.97 -0.48
C GLN B 22 15.11 2.53 0.50
N LYS B 23 14.65 3.20 1.54
CA LYS B 23 15.56 3.79 2.51
C LYS B 23 15.94 2.78 3.59
N TYR B 24 14.99 1.93 3.97
CA TYR B 24 15.25 0.93 5.01
C TYR B 24 15.82 -0.37 4.45
N ALA B 25 15.31 -0.78 3.30
CA ALA B 25 15.77 -1.99 2.65
C ALA B 25 17.09 -1.73 1.90
N GLY B 26 17.35 -0.46 1.64
CA GLY B 26 18.57 -0.08 0.95
C GLY B 26 19.77 -0.09 1.88
N LYS B 27 19.57 -0.61 3.08
CA LYS B 27 20.63 -0.69 4.07
C LYS B 27 21.41 -1.98 3.94
N ASP B 28 20.76 -2.99 3.38
CA ASP B 28 21.34 -4.32 3.31
C ASP B 28 22.39 -4.43 2.22
N GLY B 29 22.27 -3.59 1.21
CA GLY B 29 23.30 -3.51 0.17
C GLY B 29 23.25 -4.66 -0.83
N TYR B 30 22.94 -5.86 -0.35
CA TYR B 30 22.93 -7.06 -1.20
C TYR B 30 22.07 -6.86 -2.44
N ASN B 31 20.77 -6.70 -2.24
CA ASN B 31 19.87 -6.44 -3.36
C ASN B 31 19.07 -5.15 -3.14
N TYR B 32 17.92 -5.31 -2.52
CA TYR B 32 17.02 -4.19 -2.26
C TYR B 32 15.98 -4.64 -1.25
N THR B 33 16.37 -5.58 -0.42
CA THR B 33 15.45 -6.28 0.45
C THR B 33 15.63 -5.83 1.89
N LEU B 34 14.52 -5.74 2.60
CA LEU B 34 14.52 -5.29 3.98
C LEU B 34 14.83 -6.48 4.87
N SER B 35 16.05 -6.47 5.40
CA SER B 35 16.56 -7.59 6.16
C SER B 35 15.85 -7.72 7.49
N LYS B 36 16.08 -8.85 8.18
CA LYS B 36 15.36 -9.18 9.40
C LYS B 36 15.36 -8.01 10.36
N THR B 37 16.54 -7.63 10.79
CA THR B 37 16.71 -6.60 11.77
C THR B 37 16.27 -5.24 11.24
N GLU B 38 16.45 -5.04 9.94
CA GLU B 38 16.02 -3.81 9.31
C GLU B 38 14.52 -3.63 9.53
N PHE B 39 13.69 -4.54 9.02
CA PHE B 39 12.25 -4.36 9.17
C PHE B 39 11.86 -4.42 10.64
N LEU B 40 12.63 -5.15 11.43
CA LEU B 40 12.41 -5.16 12.88
C LEU B 40 12.39 -3.74 13.44
N SER B 41 13.42 -2.97 13.14
CA SER B 41 13.55 -1.62 13.65
C SER B 41 12.59 -0.66 12.91
N PHE B 42 12.41 -0.89 11.63
CA PHE B 42 11.63 0.00 10.76
C PHE B 42 10.14 -0.29 10.87
N MET B 43 9.81 -1.47 11.32
CA MET B 43 8.46 -1.76 11.76
C MET B 43 8.22 -1.16 13.15
N ASN B 44 9.24 -1.12 13.99
CA ASN B 44 9.10 -0.53 15.32
C ASN B 44 9.15 1.00 15.25
N THR B 45 9.60 1.53 14.13
CA THR B 45 9.65 2.98 13.96
C THR B 45 8.53 3.47 13.05
N GLU B 46 8.56 3.00 11.81
CA GLU B 46 7.58 3.41 10.83
C GLU B 46 6.23 2.82 11.17
N LEU B 47 6.22 1.64 11.73
CA LEU B 47 4.95 0.99 12.01
C LEU B 47 4.75 0.81 13.49
N ALA B 48 5.36 1.69 14.25
CA ALA B 48 5.23 1.67 15.69
C ALA B 48 3.77 1.83 16.11
N ALA B 49 2.98 2.43 15.24
CA ALA B 49 1.53 2.52 15.45
C ALA B 49 0.94 1.13 15.62
N PHE B 50 1.40 0.22 14.78
CA PHE B 50 0.95 -1.17 14.82
C PHE B 50 1.78 -1.97 15.82
N THR B 51 3.09 -1.94 15.62
CA THR B 51 4.03 -2.76 16.36
C THR B 51 3.99 -2.51 17.87
N LYS B 52 3.85 -1.25 18.27
CA LYS B 52 3.85 -0.93 19.69
C LYS B 52 2.47 -1.18 20.29
N ASN B 53 1.48 -1.24 19.41
CA ASN B 53 0.11 -1.54 19.83
C ASN B 53 -0.03 -3.05 20.03
N GLN B 54 0.71 -3.79 19.21
CA GLN B 54 0.82 -5.23 19.37
C GLN B 54 2.18 -5.54 19.99
N LYS B 55 2.42 -4.96 21.16
CA LYS B 55 3.73 -4.96 21.80
C LYS B 55 4.27 -6.37 22.03
N ASP B 56 5.11 -6.80 21.11
CA ASP B 56 5.78 -8.08 21.19
C ASP B 56 6.81 -8.18 20.07
N PRO B 57 8.09 -8.42 20.40
CA PRO B 57 9.16 -8.46 19.40
C PRO B 57 9.00 -9.63 18.42
N GLY B 58 8.11 -10.55 18.75
CA GLY B 58 7.90 -11.71 17.92
C GLY B 58 6.87 -11.49 16.85
N VAL B 59 6.14 -10.38 16.93
CA VAL B 59 5.08 -10.13 15.96
C VAL B 59 5.66 -9.85 14.60
N LEU B 60 6.71 -9.05 14.56
CA LEU B 60 7.34 -8.70 13.30
C LEU B 60 7.98 -9.94 12.70
N ASP B 61 8.18 -10.93 13.56
CA ASP B 61 8.71 -12.21 13.14
C ASP B 61 7.62 -13.00 12.44
N ARG B 62 6.43 -12.94 13.02
CA ARG B 62 5.26 -13.57 12.44
C ARG B 62 4.94 -12.91 11.10
N MET B 63 5.01 -11.58 11.08
CA MET B 63 4.82 -10.83 9.85
C MET B 63 5.89 -11.25 8.86
N MET B 64 7.15 -11.22 9.32
CA MET B 64 8.29 -11.62 8.51
C MET B 64 8.01 -12.86 7.72
N LYS B 65 7.62 -13.91 8.40
CA LYS B 65 7.52 -15.23 7.78
C LYS B 65 6.29 -15.32 6.88
N LYS B 66 5.31 -14.47 7.13
CA LYS B 66 4.13 -14.40 6.29
C LYS B 66 4.47 -13.68 4.99
N LEU B 67 5.38 -12.72 5.10
CA LEU B 67 5.72 -11.85 3.99
C LEU B 67 6.94 -12.35 3.24
N ASP B 68 7.90 -12.90 4.00
CA ASP B 68 9.12 -13.50 3.45
C ASP B 68 8.75 -14.70 2.61
N THR B 69 8.20 -14.39 1.46
CA THR B 69 7.67 -15.35 0.54
C THR B 69 8.78 -15.89 -0.33
N ASN B 70 9.86 -15.13 -0.42
CA ASN B 70 11.05 -15.57 -1.11
C ASN B 70 11.85 -16.45 -0.16
N SER B 71 11.47 -16.35 1.10
CA SER B 71 11.95 -17.21 2.17
C SER B 71 13.46 -17.15 2.32
N ASP B 72 14.02 -15.96 2.19
CA ASP B 72 15.45 -15.77 2.35
C ASP B 72 15.72 -14.99 3.62
N GLY B 73 14.67 -14.47 4.24
CA GLY B 73 14.82 -13.80 5.52
C GLY B 73 14.79 -12.30 5.39
N GLN B 74 14.28 -11.82 4.27
CA GLN B 74 14.14 -10.40 4.03
C GLN B 74 12.80 -10.13 3.39
N LEU B 75 12.43 -8.87 3.35
CA LEU B 75 11.20 -8.49 2.68
C LEU B 75 11.48 -7.59 1.51
N ASP B 76 11.22 -8.12 0.34
CA ASP B 76 11.31 -7.34 -0.88
C ASP B 76 10.07 -6.46 -0.98
N PHE B 77 10.00 -5.62 -2.00
CA PHE B 77 8.94 -4.63 -2.08
C PHE B 77 7.57 -5.28 -2.05
N SER B 78 7.37 -6.33 -2.85
CA SER B 78 6.08 -7.00 -2.88
C SER B 78 5.79 -7.67 -1.53
N GLU B 79 6.85 -8.08 -0.84
CA GLU B 79 6.70 -8.75 0.44
C GLU B 79 6.37 -7.74 1.53
N PHE B 80 7.04 -6.59 1.50
CA PHE B 80 6.81 -5.54 2.46
C PHE B 80 5.49 -4.82 2.15
N LEU B 81 5.06 -4.91 0.90
CA LEU B 81 3.75 -4.37 0.51
C LEU B 81 2.64 -5.29 0.94
N ASN B 82 2.91 -6.59 0.90
CA ASN B 82 1.99 -7.56 1.46
C ASN B 82 1.72 -7.23 2.92
N LEU B 83 2.77 -6.76 3.57
CA LEU B 83 2.67 -6.24 4.92
C LEU B 83 1.71 -5.08 4.98
N ILE B 84 1.93 -4.10 4.11
CA ILE B 84 1.05 -2.94 4.00
C ILE B 84 -0.40 -3.37 3.81
N GLY B 85 -0.60 -4.49 3.13
CA GLY B 85 -1.92 -5.06 3.00
C GLY B 85 -2.53 -5.38 4.35
N GLY B 86 -1.79 -6.11 5.18
CA GLY B 86 -2.30 -6.53 6.47
C GLY B 86 -2.37 -5.38 7.44
N LEU B 87 -1.46 -4.43 7.24
CA LEU B 87 -1.40 -3.23 8.04
C LEU B 87 -2.61 -2.36 7.79
N ALA B 88 -2.78 -2.00 6.53
CA ALA B 88 -3.88 -1.15 6.12
C ALA B 88 -5.19 -1.75 6.52
N MET B 89 -5.29 -3.05 6.33
CA MET B 89 -6.50 -3.76 6.65
C MET B 89 -6.85 -3.65 8.13
N ALA B 90 -5.83 -3.69 8.97
CA ALA B 90 -6.02 -3.61 10.42
C ALA B 90 -6.55 -2.24 10.82
N CYS B 91 -6.13 -1.21 10.11
CA CYS B 91 -6.58 0.15 10.40
C CYS B 91 -7.91 0.39 9.69
N HIS B 92 -8.11 -0.27 8.56
CA HIS B 92 -9.36 -0.21 7.83
C HIS B 92 -10.49 -0.78 8.68
N ASP B 93 -10.28 -1.98 9.20
CA ASP B 93 -11.29 -2.62 10.01
C ASP B 93 -11.56 -1.80 11.25
N SER B 94 -10.49 -1.33 11.87
CA SER B 94 -10.57 -0.40 12.98
C SER B 94 -11.45 0.80 12.61
N PHE B 95 -11.14 1.41 11.49
CA PHE B 95 -11.86 2.58 11.00
C PHE B 95 -13.34 2.26 10.82
N LEU B 96 -13.60 1.05 10.33
CA LEU B 96 -14.96 0.58 10.10
C LEU B 96 -15.69 0.35 11.42
N LYS B 97 -15.00 -0.27 12.35
CA LYS B 97 -15.56 -0.58 13.66
C LYS B 97 -15.61 0.66 14.55
N ALA B 98 -14.86 1.69 14.17
CA ALA B 98 -14.82 2.94 14.91
C ALA B 98 -15.85 3.92 14.37
N VAL B 99 -15.62 4.40 13.15
CA VAL B 99 -16.49 5.37 12.51
C VAL B 99 -15.98 5.69 11.10
N PRO B 100 -16.45 4.94 10.11
CA PRO B 100 -15.99 5.08 8.73
C PRO B 100 -16.89 6.02 7.93
N SER B 101 -17.85 6.61 8.62
CA SER B 101 -18.81 7.51 7.98
C SER B 101 -18.30 8.94 8.00
N GLN B 102 -17.04 9.13 7.61
CA GLN B 102 -16.49 10.47 7.50
C GLN B 102 -16.97 11.13 6.21
N LYS B 103 -18.21 11.60 6.25
CA LYS B 103 -18.84 12.24 5.11
C LYS B 103 -18.30 13.65 4.90
N ARG B 104 -17.17 13.74 4.21
CA ARG B 104 -16.57 15.04 3.92
C ARG B 104 -17.45 15.82 2.94
N THR B 105 -17.45 15.37 1.69
CA THR B 105 -18.21 16.02 0.61
C THR B 105 -18.06 17.55 0.67
N MET A 1 10.95 10.35 26.47
CA MET A 1 10.41 9.11 25.88
C MET A 1 9.73 9.39 24.56
N ALA A 2 10.10 8.65 23.53
CA ALA A 2 9.50 8.81 22.21
C ALA A 2 8.17 8.06 22.11
N LYS A 3 7.25 8.40 23.01
CA LYS A 3 5.94 7.77 23.05
C LYS A 3 5.00 8.46 22.07
N ILE A 4 4.99 7.99 20.84
CA ILE A 4 4.17 8.59 19.80
C ILE A 4 3.15 7.59 19.27
N SER A 5 2.15 8.11 18.58
CA SER A 5 1.15 7.29 17.91
C SER A 5 0.86 7.86 16.53
N SER A 6 1.71 8.79 16.11
CA SER A 6 1.59 9.43 14.82
C SER A 6 1.99 8.47 13.71
N PRO A 7 1.35 8.58 12.54
CA PRO A 7 1.66 7.73 11.39
C PRO A 7 2.91 8.18 10.67
N THR A 8 3.70 7.24 10.21
CA THR A 8 4.86 7.58 9.43
C THR A 8 4.51 7.54 7.95
N GLU A 9 5.52 7.59 7.10
CA GLU A 9 5.32 7.62 5.65
C GLU A 9 4.51 6.41 5.16
N THR A 10 4.66 5.27 5.82
CA THR A 10 3.94 4.07 5.44
C THR A 10 2.55 4.05 6.04
N GLU A 11 2.43 4.47 7.29
CA GLU A 11 1.13 4.52 7.94
C GLU A 11 0.21 5.52 7.25
N ARG A 12 0.78 6.67 6.90
CA ARG A 12 0.02 7.70 6.21
C ARG A 12 -0.36 7.21 4.82
N CYS A 13 0.53 6.44 4.20
CA CYS A 13 0.27 5.79 2.94
C CYS A 13 -0.94 4.89 3.08
N ILE A 14 -0.98 4.19 4.20
CA ILE A 14 -2.00 3.23 4.46
C ILE A 14 -3.34 3.89 4.69
N GLU A 15 -3.34 5.00 5.41
CA GLU A 15 -4.57 5.70 5.70
C GLU A 15 -5.03 6.41 4.46
N SER A 16 -4.08 6.65 3.56
CA SER A 16 -4.41 7.17 2.25
C SER A 16 -5.23 6.14 1.50
N LEU A 17 -4.85 4.88 1.62
CA LEU A 17 -5.58 3.79 1.00
C LEU A 17 -6.93 3.61 1.66
N ILE A 18 -6.98 3.78 2.98
CA ILE A 18 -8.26 3.79 3.68
C ILE A 18 -9.12 4.90 3.12
N ALA A 19 -8.52 6.07 2.98
CA ALA A 19 -9.22 7.25 2.49
C ALA A 19 -9.77 7.03 1.08
N VAL A 20 -8.89 6.75 0.12
CA VAL A 20 -9.32 6.60 -1.27
C VAL A 20 -10.27 5.44 -1.41
N PHE A 21 -9.97 4.35 -0.72
CA PHE A 21 -10.84 3.18 -0.78
C PHE A 21 -12.22 3.53 -0.26
N GLN A 22 -12.26 4.20 0.87
CA GLN A 22 -13.52 4.53 1.54
C GLN A 22 -14.31 5.56 0.74
N LYS A 23 -13.61 6.45 0.06
CA LYS A 23 -14.30 7.51 -0.67
C LYS A 23 -14.75 7.03 -2.06
N TYR A 24 -13.99 6.13 -2.67
CA TYR A 24 -14.35 5.62 -3.99
C TYR A 24 -15.29 4.43 -3.89
N ALA A 25 -14.89 3.43 -3.12
CA ALA A 25 -15.70 2.24 -2.88
C ALA A 25 -16.93 2.59 -2.04
N GLY A 26 -16.90 3.77 -1.44
CA GLY A 26 -17.99 4.21 -0.58
C GLY A 26 -19.32 4.32 -1.30
N LYS A 27 -19.29 4.32 -2.64
CA LYS A 27 -20.51 4.36 -3.44
C LYS A 27 -21.46 3.22 -3.06
N ASP A 28 -20.87 2.08 -2.71
CA ASP A 28 -21.64 0.88 -2.41
C ASP A 28 -22.49 1.07 -1.15
N GLY A 29 -22.03 1.94 -0.26
CA GLY A 29 -22.79 2.30 0.92
C GLY A 29 -22.83 1.23 2.01
N TYR A 30 -22.91 -0.04 1.62
CA TYR A 30 -23.08 -1.11 2.60
C TYR A 30 -21.84 -2.00 2.68
N ASN A 31 -21.42 -2.53 1.55
CA ASN A 31 -20.27 -3.43 1.50
C ASN A 31 -18.97 -2.65 1.52
N TYR A 32 -19.01 -1.42 1.02
CA TYR A 32 -17.82 -0.59 0.89
C TYR A 32 -16.78 -1.32 0.05
N THR A 33 -17.13 -1.52 -1.22
CA THR A 33 -16.32 -2.29 -2.14
C THR A 33 -16.36 -1.58 -3.49
N LEU A 34 -15.20 -1.49 -4.14
CA LEU A 34 -15.05 -0.68 -5.33
C LEU A 34 -15.49 -1.45 -6.54
N SER A 35 -16.69 -1.14 -6.99
CA SER A 35 -17.31 -1.87 -8.07
C SER A 35 -16.57 -1.63 -9.37
N LYS A 36 -16.75 -2.53 -10.32
CA LYS A 36 -16.03 -2.48 -11.58
C LYS A 36 -16.04 -1.07 -12.18
N THR A 37 -17.23 -0.55 -12.43
CA THR A 37 -17.35 0.75 -13.07
C THR A 37 -16.77 1.86 -12.20
N GLU A 38 -16.90 1.71 -10.90
CA GLU A 38 -16.34 2.68 -9.98
C GLU A 38 -14.84 2.62 -10.08
N PHE A 39 -14.32 1.41 -10.14
CA PHE A 39 -12.90 1.18 -10.24
C PHE A 39 -12.39 1.67 -11.57
N LEU A 40 -13.25 1.63 -12.58
CA LEU A 40 -12.90 2.12 -13.89
C LEU A 40 -12.64 3.63 -13.84
N SER A 41 -13.59 4.36 -13.30
CA SER A 41 -13.48 5.81 -13.21
C SER A 41 -12.42 6.20 -12.19
N PHE A 42 -12.40 5.48 -11.07
CA PHE A 42 -11.45 5.75 -9.99
C PHE A 42 -10.05 5.37 -10.41
N MET A 43 -9.83 4.17 -10.92
CA MET A 43 -8.46 3.82 -11.33
C MET A 43 -8.01 4.69 -12.50
N ASN A 44 -8.96 5.30 -13.20
CA ASN A 44 -8.62 6.22 -14.27
C ASN A 44 -8.49 7.67 -13.76
N THR A 45 -8.83 7.88 -12.50
CA THR A 45 -8.64 9.19 -11.87
C THR A 45 -7.49 9.15 -10.89
N GLU A 46 -7.64 8.31 -9.88
CA GLU A 46 -6.68 8.21 -8.81
C GLU A 46 -5.46 7.42 -9.24
N LEU A 47 -5.63 6.53 -10.20
CA LEU A 47 -4.50 5.80 -10.74
C LEU A 47 -4.33 6.09 -12.22
N ALA A 48 -4.87 7.22 -12.63
CA ALA A 48 -4.67 7.74 -13.97
C ALA A 48 -3.20 7.72 -14.37
N ALA A 49 -2.32 7.97 -13.41
CA ALA A 49 -0.89 7.93 -13.65
C ALA A 49 -0.47 6.59 -14.25
N PHE A 50 -1.10 5.53 -13.77
CA PHE A 50 -0.84 4.18 -14.25
C PHE A 50 -1.70 3.89 -15.49
N THR A 51 -2.99 4.20 -15.35
CA THR A 51 -3.98 3.90 -16.37
C THR A 51 -3.70 4.61 -17.70
N LYS A 52 -3.11 5.80 -17.63
CA LYS A 52 -2.79 6.55 -18.84
C LYS A 52 -1.46 6.13 -19.40
N ASN A 53 -0.70 5.41 -18.59
CA ASN A 53 0.61 4.93 -19.00
C ASN A 53 0.46 3.64 -19.78
N GLN A 54 -0.53 2.84 -19.40
CA GLN A 54 -0.92 1.67 -20.16
C GLN A 54 -2.21 1.98 -20.90
N LYS A 55 -2.06 2.46 -22.12
CA LYS A 55 -3.16 3.06 -22.86
C LYS A 55 -4.10 2.01 -23.44
N ASP A 56 -5.06 1.58 -22.63
CA ASP A 56 -6.12 0.67 -23.05
C ASP A 56 -7.11 0.51 -21.91
N PRO A 57 -8.38 0.91 -22.12
CA PRO A 57 -9.41 0.86 -21.07
C PRO A 57 -9.68 -0.56 -20.56
N GLY A 58 -9.17 -1.55 -21.28
CA GLY A 58 -9.34 -2.92 -20.89
C GLY A 58 -8.43 -3.33 -19.76
N VAL A 59 -7.46 -2.49 -19.44
CA VAL A 59 -6.52 -2.82 -18.38
C VAL A 59 -7.19 -2.85 -17.02
N LEU A 60 -8.02 -1.86 -16.75
CA LEU A 60 -8.71 -1.79 -15.48
C LEU A 60 -9.65 -2.97 -15.37
N ASP A 61 -10.04 -3.46 -16.54
CA ASP A 61 -10.89 -4.64 -16.66
C ASP A 61 -10.11 -5.87 -16.20
N ARG A 62 -8.85 -5.91 -16.62
CA ARG A 62 -7.95 -6.98 -16.25
C ARG A 62 -7.65 -6.93 -14.76
N MET A 63 -7.35 -5.72 -14.27
CA MET A 63 -7.02 -5.53 -12.86
C MET A 63 -8.21 -5.92 -12.01
N MET A 64 -9.37 -5.42 -12.40
CA MET A 64 -10.60 -5.71 -11.68
C MET A 64 -10.72 -7.21 -11.46
N LYS A 65 -10.74 -7.97 -12.53
CA LYS A 65 -10.88 -9.43 -12.42
C LYS A 65 -9.72 -10.07 -11.66
N LYS A 66 -8.53 -9.51 -11.86
CA LYS A 66 -7.33 -9.97 -11.17
C LYS A 66 -7.47 -9.85 -9.67
N LEU A 67 -8.02 -8.73 -9.23
CA LEU A 67 -8.11 -8.39 -7.82
C LEU A 67 -9.43 -8.86 -7.23
N ASP A 68 -10.48 -8.83 -8.07
CA ASP A 68 -11.82 -9.29 -7.71
C ASP A 68 -11.78 -10.78 -7.44
N THR A 69 -11.19 -11.10 -6.33
CA THR A 69 -10.95 -12.46 -5.93
C THR A 69 -12.19 -13.00 -5.24
N ASN A 70 -13.04 -12.08 -4.79
CA ASN A 70 -14.35 -12.42 -4.27
C ASN A 70 -15.30 -12.71 -5.42
N SER A 71 -14.85 -12.28 -6.60
CA SER A 71 -15.54 -12.50 -7.85
C SER A 71 -16.96 -11.95 -7.79
N ASP A 72 -17.12 -10.79 -7.19
CA ASP A 72 -18.41 -10.16 -7.08
C ASP A 72 -18.52 -9.05 -8.11
N GLY A 73 -17.36 -8.63 -8.61
CA GLY A 73 -17.31 -7.56 -9.57
C GLY A 73 -16.99 -6.26 -8.89
N GLN A 74 -16.39 -6.39 -7.72
CA GLN A 74 -16.02 -5.26 -6.89
C GLN A 74 -14.67 -5.55 -6.26
N LEU A 75 -14.03 -4.54 -5.73
CA LEU A 75 -12.75 -4.71 -5.07
C LEU A 75 -12.80 -4.24 -3.65
N ASP A 76 -12.62 -5.19 -2.75
CA ASP A 76 -12.64 -4.90 -1.34
C ASP A 76 -11.28 -4.45 -0.88
N PHE A 77 -11.23 -4.12 0.40
CA PHE A 77 -10.04 -3.57 1.03
C PHE A 77 -8.76 -4.33 0.66
N SER A 78 -8.80 -5.64 0.79
CA SER A 78 -7.64 -6.48 0.50
C SER A 78 -7.39 -6.56 -1.00
N GLU A 79 -8.46 -6.50 -1.77
CA GLU A 79 -8.37 -6.65 -3.22
C GLU A 79 -7.81 -5.38 -3.83
N PHE A 80 -8.21 -4.24 -3.28
CA PHE A 80 -7.70 -2.95 -3.69
C PHE A 80 -6.25 -2.81 -3.27
N LEU A 81 -5.88 -3.51 -2.20
CA LEU A 81 -4.50 -3.50 -1.72
C LEU A 81 -3.64 -4.45 -2.51
N ASN A 82 -4.25 -5.53 -3.00
CA ASN A 82 -3.58 -6.40 -3.95
C ASN A 82 -3.15 -5.58 -5.15
N LEU A 83 -4.03 -4.68 -5.52
CA LEU A 83 -3.78 -3.69 -6.55
C LEU A 83 -2.57 -2.85 -6.20
N ILE A 84 -2.60 -2.24 -5.02
CA ILE A 84 -1.49 -1.43 -4.53
C ILE A 84 -0.17 -2.21 -4.60
N GLY A 85 -0.25 -3.51 -4.39
CA GLY A 85 0.90 -4.36 -4.57
C GLY A 85 1.47 -4.23 -5.97
N GLY A 86 0.62 -4.46 -6.98
CA GLY A 86 1.10 -4.44 -8.36
C GLY A 86 1.46 -3.04 -8.80
N LEU A 87 0.73 -2.08 -8.26
CA LEU A 87 0.96 -0.68 -8.52
C LEU A 87 2.34 -0.27 -8.04
N ALA A 88 2.54 -0.45 -6.74
CA ALA A 88 3.78 -0.06 -6.11
C ALA A 88 4.95 -0.78 -6.70
N MET A 89 4.75 -2.05 -7.02
CA MET A 89 5.82 -2.87 -7.54
C MET A 89 6.35 -2.32 -8.85
N ALA A 90 5.48 -1.72 -9.64
CA ALA A 90 5.88 -1.12 -10.89
C ALA A 90 6.78 0.09 -10.64
N CYS A 91 6.43 0.87 -9.62
CA CYS A 91 7.21 2.05 -9.25
C CYS A 91 8.53 1.61 -8.61
N HIS A 92 8.47 0.57 -7.77
CA HIS A 92 9.67 -0.01 -7.18
C HIS A 92 10.62 -0.45 -8.29
N ASP A 93 10.08 -1.24 -9.20
CA ASP A 93 10.85 -1.76 -10.33
C ASP A 93 11.46 -0.63 -11.15
N SER A 94 10.67 0.44 -11.30
CA SER A 94 11.14 1.63 -12.00
C SER A 94 12.36 2.20 -11.30
N PHE A 95 12.24 2.39 -9.99
CA PHE A 95 13.30 2.96 -9.19
C PHE A 95 14.53 2.06 -9.19
N LEU A 96 14.28 0.77 -9.12
CA LEU A 96 15.34 -0.23 -9.07
C LEU A 96 16.17 -0.20 -10.35
N LYS A 97 15.51 0.16 -11.44
CA LYS A 97 16.18 0.22 -12.73
C LYS A 97 16.54 1.67 -13.09
N ALA A 98 16.26 2.57 -12.17
CA ALA A 98 16.51 3.99 -12.40
C ALA A 98 17.54 4.52 -11.41
N VAL A 99 17.17 4.53 -10.13
CA VAL A 99 18.02 5.08 -9.08
C VAL A 99 17.39 4.84 -7.70
N PRO A 100 17.65 3.66 -7.12
CA PRO A 100 17.09 3.27 -5.84
C PRO A 100 17.99 3.67 -4.68
N SER A 101 18.49 4.89 -4.75
CA SER A 101 19.32 5.45 -3.70
C SER A 101 19.09 6.95 -3.62
N GLN A 102 17.83 7.34 -3.85
CA GLN A 102 17.40 8.74 -3.84
C GLN A 102 18.01 9.51 -5.02
N LYS A 103 19.28 9.87 -4.89
CA LYS A 103 19.97 10.60 -5.94
C LYS A 103 21.41 10.09 -6.07
N ARG A 104 21.53 8.91 -6.68
CA ARG A 104 22.82 8.24 -6.88
C ARG A 104 23.44 7.80 -5.55
N THR A 105 24.06 8.73 -4.84
CA THR A 105 24.72 8.42 -3.59
C THR A 105 24.43 9.49 -2.54
N MET B 1 -8.07 20.52 -21.03
CA MET B 1 -7.79 19.07 -20.91
C MET B 1 -7.11 18.76 -19.60
N ALA B 2 -7.63 17.78 -18.87
CA ALA B 2 -7.06 17.39 -17.59
C ALA B 2 -5.89 16.43 -17.80
N LYS B 3 -4.90 16.88 -18.55
CA LYS B 3 -3.73 16.07 -18.84
C LYS B 3 -2.71 16.21 -17.71
N ILE B 4 -2.82 15.35 -16.72
CA ILE B 4 -1.94 15.41 -15.57
C ILE B 4 -1.13 14.11 -15.43
N SER B 5 -0.08 14.19 -14.64
CA SER B 5 0.73 13.02 -14.33
C SER B 5 1.08 13.04 -12.84
N SER B 6 0.39 13.90 -12.11
CA SER B 6 0.60 14.03 -10.68
C SER B 6 -0.01 12.84 -9.94
N PRO B 7 0.61 12.42 -8.83
CA PRO B 7 0.11 11.30 -8.03
C PRO B 7 -1.06 11.71 -7.16
N THR B 8 -2.02 10.82 -7.02
CA THR B 8 -3.13 11.08 -6.13
C THR B 8 -2.83 10.46 -4.77
N GLU B 9 -3.84 10.41 -3.92
CA GLU B 9 -3.69 9.91 -2.55
C GLU B 9 -3.13 8.48 -2.53
N THR B 10 -3.45 7.69 -3.53
CA THR B 10 -2.97 6.31 -3.61
C THR B 10 -1.59 6.26 -4.22
N GLU B 11 -1.36 7.04 -5.26
CA GLU B 11 -0.06 7.08 -5.89
C GLU B 11 1.01 7.61 -4.94
N ARG B 12 0.66 8.65 -4.20
CA ARG B 12 1.56 9.24 -3.21
C ARG B 12 1.81 8.23 -2.10
N CYS B 13 0.76 7.48 -1.76
CA CYS B 13 0.87 6.39 -0.79
C CYS B 13 1.91 5.40 -1.26
N ILE B 14 1.85 5.13 -2.55
CA ILE B 14 2.68 4.14 -3.16
C ILE B 14 4.13 4.59 -3.19
N GLU B 15 4.35 5.86 -3.49
CA GLU B 15 5.69 6.39 -3.57
C GLU B 15 6.24 6.55 -2.17
N SER B 16 5.32 6.62 -1.21
CA SER B 16 5.69 6.60 0.18
C SER B 16 6.30 5.24 0.51
N LEU B 17 5.69 4.20 -0.03
CA LEU B 17 6.20 2.85 0.16
C LEU B 17 7.52 2.67 -0.55
N ILE B 18 7.64 3.25 -1.74
CA ILE B 18 8.91 3.27 -2.43
C ILE B 18 9.95 3.96 -1.56
N ALA B 19 9.56 5.09 -1.01
CA ALA B 19 10.44 5.89 -0.17
C ALA B 19 10.90 5.11 1.06
N VAL B 20 9.95 4.69 1.90
CA VAL B 20 10.30 4.00 3.15
C VAL B 20 11.03 2.71 2.84
N PHE B 21 10.56 1.99 1.83
CA PHE B 21 11.21 0.74 1.47
C PHE B 21 12.64 0.98 1.06
N GLN B 22 12.84 1.98 0.21
CA GLN B 22 14.15 2.27 -0.34
C GLN B 22 15.10 2.82 0.73
N LYS B 23 14.55 3.53 1.70
CA LYS B 23 15.38 4.14 2.73
C LYS B 23 15.69 3.15 3.85
N TYR B 24 14.76 2.24 4.15
CA TYR B 24 14.99 1.27 5.20
C TYR B 24 15.71 0.03 4.67
N ALA B 25 15.15 -0.56 3.64
CA ALA B 25 15.75 -1.72 2.97
C ALA B 25 17.05 -1.35 2.26
N GLY B 26 17.25 -0.04 2.09
CA GLY B 26 18.42 0.47 1.41
C GLY B 26 19.74 0.09 2.08
N LYS B 27 19.67 -0.36 3.33
CA LYS B 27 20.85 -0.83 4.06
C LYS B 27 21.58 -1.92 3.29
N ASP B 28 20.80 -2.74 2.59
CA ASP B 28 21.36 -3.89 1.87
C ASP B 28 22.27 -3.43 0.73
N GLY B 29 22.00 -2.24 0.21
CA GLY B 29 22.85 -1.65 -0.81
C GLY B 29 22.73 -2.27 -2.20
N TYR B 30 22.58 -3.59 -2.27
CA TYR B 30 22.57 -4.27 -3.56
C TYR B 30 21.19 -4.85 -3.88
N ASN B 31 20.65 -5.66 -2.98
CA ASN B 31 19.36 -6.30 -3.21
C ASN B 31 18.22 -5.32 -2.94
N TYR B 32 18.48 -4.37 -2.04
CA TYR B 32 17.44 -3.43 -1.60
C TYR B 32 16.27 -4.22 -1.02
N THR B 33 16.53 -4.89 0.08
CA THR B 33 15.57 -5.76 0.71
C THR B 33 15.68 -5.58 2.23
N LEU B 34 14.55 -5.50 2.89
CA LEU B 34 14.52 -5.13 4.30
C LEU B 34 14.77 -6.33 5.16
N SER B 35 15.98 -6.41 5.67
CA SER B 35 16.43 -7.58 6.40
C SER B 35 15.71 -7.66 7.73
N LYS B 36 15.69 -8.84 8.31
CA LYS B 36 14.95 -9.09 9.54
C LYS B 36 15.20 -8.00 10.57
N THR B 37 16.44 -7.82 10.95
CA THR B 37 16.79 -6.86 11.99
C THR B 37 16.45 -5.43 11.57
N GLU B 38 16.58 -5.15 10.29
CA GLU B 38 16.23 -3.85 9.77
C GLU B 38 14.74 -3.67 9.90
N PHE B 39 14.02 -4.72 9.56
CA PHE B 39 12.57 -4.70 9.61
C PHE B 39 12.12 -4.60 11.06
N LEU B 40 12.92 -5.13 11.96
CA LEU B 40 12.63 -5.07 13.38
C LEU B 40 12.66 -3.62 13.84
N SER B 41 13.73 -2.92 13.54
CA SER B 41 13.88 -1.53 13.95
C SER B 41 12.93 -0.64 13.16
N PHE B 42 12.83 -0.91 11.87
CA PHE B 42 11.98 -0.13 10.99
C PHE B 42 10.52 -0.37 11.28
N MET B 43 10.07 -1.61 11.36
CA MET B 43 8.65 -1.84 11.68
C MET B 43 8.32 -1.33 13.08
N ASN B 44 9.34 -1.18 13.92
CA ASN B 44 9.14 -0.64 15.25
C ASN B 44 9.29 0.89 15.27
N THR B 45 9.71 1.45 14.15
CA THR B 45 9.78 2.91 14.01
C THR B 45 8.67 3.41 13.11
N GLU B 46 8.69 2.95 11.88
CA GLU B 46 7.76 3.39 10.86
C GLU B 46 6.41 2.74 11.04
N LEU B 47 6.40 1.56 11.63
CA LEU B 47 5.13 0.92 11.93
C LEU B 47 4.97 0.71 13.42
N ALA B 48 5.69 1.52 14.18
CA ALA B 48 5.54 1.57 15.61
C ALA B 48 4.08 1.68 16.03
N ALA B 49 3.29 2.41 15.24
CA ALA B 49 1.86 2.55 15.50
C ALA B 49 1.20 1.17 15.62
N PHE B 50 1.63 0.25 14.80
CA PHE B 50 1.12 -1.12 14.80
C PHE B 50 1.88 -1.96 15.83
N THR B 51 3.20 -1.87 15.76
CA THR B 51 4.10 -2.66 16.58
C THR B 51 3.90 -2.41 18.08
N LYS B 52 3.55 -1.18 18.45
CA LYS B 52 3.34 -0.83 19.85
C LYS B 52 1.93 -1.18 20.28
N ASN B 53 1.07 -1.44 19.29
CA ASN B 53 -0.31 -1.78 19.56
C ASN B 53 -0.42 -3.27 19.85
N GLN B 54 0.43 -4.05 19.19
CA GLN B 54 0.57 -5.46 19.48
C GLN B 54 1.86 -5.67 20.25
N LYS B 55 1.77 -5.59 21.57
CA LYS B 55 2.94 -5.50 22.43
C LYS B 55 3.65 -6.85 22.59
N ASP B 56 4.55 -7.12 21.65
CA ASP B 56 5.41 -8.30 21.70
C ASP B 56 6.39 -8.24 20.55
N PRO B 57 7.71 -8.16 20.83
CA PRO B 57 8.74 -8.05 19.79
C PRO B 57 8.76 -9.22 18.82
N GLY B 58 8.06 -10.29 19.19
CA GLY B 58 8.00 -11.46 18.36
C GLY B 58 7.07 -11.30 17.18
N VAL B 59 6.28 -10.23 17.20
CA VAL B 59 5.32 -10.01 16.12
C VAL B 59 6.03 -9.70 14.81
N LEU B 60 7.03 -8.83 14.86
CA LEU B 60 7.77 -8.47 13.66
C LEU B 60 8.48 -9.70 13.14
N ASP B 61 8.73 -10.61 14.06
CA ASP B 61 9.36 -11.88 13.74
C ASP B 61 8.39 -12.73 12.92
N ARG B 62 7.13 -12.69 13.34
CA ARG B 62 6.05 -13.39 12.65
C ARG B 62 5.82 -12.77 11.28
N MET B 63 5.74 -11.45 11.24
CA MET B 63 5.51 -10.72 9.99
C MET B 63 6.62 -11.00 9.03
N MET B 64 7.86 -10.88 9.51
CA MET B 64 9.02 -11.14 8.70
C MET B 64 8.88 -12.46 7.99
N LYS B 65 8.74 -13.54 8.73
CA LYS B 65 8.61 -14.88 8.13
C LYS B 65 7.37 -15.00 7.24
N LYS B 66 6.31 -14.33 7.66
CA LYS B 66 5.06 -14.31 6.89
C LYS B 66 5.28 -13.71 5.50
N LEU B 67 6.03 -12.63 5.47
CA LEU B 67 6.22 -11.86 4.25
C LEU B 67 7.45 -12.33 3.49
N ASP B 68 8.45 -12.77 4.26
CA ASP B 68 9.71 -13.32 3.72
C ASP B 68 9.41 -14.59 2.97
N THR B 69 8.80 -14.40 1.83
CA THR B 69 8.35 -15.48 1.00
C THR B 69 9.49 -15.96 0.11
N ASN B 70 10.50 -15.13 0.00
CA ASN B 70 11.74 -15.50 -0.66
C ASN B 70 12.59 -16.31 0.30
N SER B 71 12.18 -16.24 1.55
CA SER B 71 12.79 -16.98 2.64
C SER B 71 14.29 -16.72 2.73
N ASP B 72 14.66 -15.47 2.55
CA ASP B 72 16.06 -15.08 2.62
C ASP B 72 16.32 -14.42 3.97
N GLY B 73 15.25 -14.01 4.62
CA GLY B 73 15.37 -13.33 5.88
C GLY B 73 15.30 -11.84 5.68
N GLN B 74 14.73 -11.45 4.57
CA GLN B 74 14.59 -10.07 4.18
C GLN B 74 13.23 -9.89 3.53
N LEU B 75 12.81 -8.65 3.41
CA LEU B 75 11.53 -8.35 2.77
C LEU B 75 11.71 -7.45 1.59
N ASP B 76 11.39 -7.98 0.43
CA ASP B 76 11.50 -7.25 -0.79
C ASP B 76 10.27 -6.43 -1.05
N PHE B 77 10.31 -5.69 -2.13
CA PHE B 77 9.26 -4.75 -2.49
C PHE B 77 7.86 -5.34 -2.37
N SER B 78 7.66 -6.52 -2.94
CA SER B 78 6.36 -7.17 -2.91
C SER B 78 6.05 -7.72 -1.53
N GLU B 79 7.10 -8.12 -0.81
CA GLU B 79 6.94 -8.73 0.51
C GLU B 79 6.60 -7.67 1.54
N PHE B 80 7.22 -6.51 1.38
CA PHE B 80 6.92 -5.35 2.23
C PHE B 80 5.54 -4.81 1.92
N LEU B 81 5.07 -5.05 0.70
CA LEU B 81 3.74 -4.62 0.29
C LEU B 81 2.70 -5.61 0.73
N ASN B 82 3.09 -6.87 0.81
CA ASN B 82 2.25 -7.89 1.44
C ASN B 82 1.93 -7.45 2.84
N LEU B 83 2.95 -6.91 3.48
CA LEU B 83 2.85 -6.31 4.79
C LEU B 83 1.82 -5.18 4.79
N ILE B 84 1.99 -4.24 3.87
CA ILE B 84 1.07 -3.12 3.72
C ILE B 84 -0.36 -3.62 3.56
N GLY B 85 -0.51 -4.77 2.94
CA GLY B 85 -1.81 -5.41 2.85
C GLY B 85 -2.39 -5.67 4.22
N GLY B 86 -1.64 -6.37 5.07
CA GLY B 86 -2.14 -6.73 6.39
C GLY B 86 -2.25 -5.52 7.29
N LEU B 87 -1.35 -4.59 7.09
CA LEU B 87 -1.33 -3.33 7.82
C LEU B 87 -2.60 -2.55 7.55
N ALA B 88 -2.80 -2.24 6.27
CA ALA B 88 -3.92 -1.44 5.85
C ALA B 88 -5.22 -2.10 6.20
N MET B 89 -5.26 -3.41 6.06
CA MET B 89 -6.47 -4.16 6.31
C MET B 89 -6.94 -4.00 7.74
N ALA B 90 -6.00 -3.88 8.66
CA ALA B 90 -6.32 -3.67 10.06
C ALA B 90 -6.98 -2.30 10.26
N CYS B 91 -6.47 -1.30 9.55
CA CYS B 91 -7.02 0.04 9.62
C CYS B 91 -8.36 0.10 8.91
N HIS B 92 -8.47 -0.59 7.78
CA HIS B 92 -9.74 -0.71 7.05
C HIS B 92 -10.78 -1.32 7.98
N ASP B 93 -10.43 -2.46 8.55
CA ASP B 93 -11.31 -3.19 9.46
C ASP B 93 -11.73 -2.30 10.63
N SER B 94 -10.78 -1.51 11.12
CA SER B 94 -11.05 -0.57 12.20
C SER B 94 -12.11 0.43 11.78
N PHE B 95 -11.92 1.02 10.61
CA PHE B 95 -12.84 2.01 10.07
C PHE B 95 -14.20 1.40 9.80
N LEU B 96 -14.19 0.19 9.30
CA LEU B 96 -15.41 -0.53 8.94
C LEU B 96 -16.25 -0.80 10.18
N LYS B 97 -15.59 -0.94 11.31
CA LYS B 97 -16.26 -1.20 12.57
C LYS B 97 -16.38 0.06 13.40
N ALA B 98 -15.91 1.18 12.84
CA ALA B 98 -15.91 2.45 13.54
C ALA B 98 -16.79 3.46 12.83
N VAL B 99 -16.39 3.82 11.61
CA VAL B 99 -17.09 4.84 10.84
C VAL B 99 -16.47 4.97 9.44
N PRO B 100 -16.92 4.14 8.50
CA PRO B 100 -16.40 4.12 7.15
C PRO B 100 -17.17 5.04 6.23
N SER B 101 -17.46 6.23 6.72
CA SER B 101 -18.14 7.25 5.95
C SER B 101 -17.64 8.62 6.38
N GLN B 102 -16.34 8.67 6.69
CA GLN B 102 -15.67 9.89 7.14
C GLN B 102 -16.17 10.31 8.53
N LYS B 103 -17.34 10.93 8.57
CA LYS B 103 -17.93 11.36 9.83
C LYS B 103 -19.43 11.11 9.82
N ARG B 104 -19.78 9.84 9.99
CA ARG B 104 -21.18 9.38 9.99
C ARG B 104 -21.83 9.53 8.62
N THR B 105 -22.24 10.75 8.28
CA THR B 105 -22.91 11.00 7.02
C THR B 105 -22.40 12.29 6.41
N MET A 1 -2.62 7.57 27.05
CA MET A 1 -1.51 6.60 27.11
C MET A 1 -1.17 6.06 25.72
N ALA A 2 -2.04 6.34 24.75
CA ALA A 2 -1.82 5.89 23.39
C ALA A 2 -0.85 6.81 22.66
N LYS A 3 0.42 6.48 22.73
CA LYS A 3 1.47 7.31 22.13
C LYS A 3 1.58 7.07 20.63
N ILE A 4 0.46 7.18 19.94
CA ILE A 4 0.46 7.11 18.48
C ILE A 4 0.86 8.47 17.93
N SER A 5 0.12 9.49 18.38
CA SER A 5 0.43 10.90 18.11
C SER A 5 0.23 11.25 16.63
N SER A 6 1.09 10.74 15.78
CA SER A 6 1.07 11.04 14.36
C SER A 6 1.59 9.85 13.58
N PRO A 7 1.02 9.60 12.40
CA PRO A 7 1.42 8.46 11.56
C PRO A 7 2.70 8.74 10.80
N THR A 8 3.42 7.68 10.48
CA THR A 8 4.64 7.79 9.69
C THR A 8 4.26 7.83 8.22
N GLU A 9 5.26 7.80 7.35
CA GLU A 9 4.99 7.84 5.92
C GLU A 9 4.13 6.67 5.48
N THR A 10 4.44 5.47 5.98
CA THR A 10 3.68 4.27 5.61
C THR A 10 2.33 4.28 6.28
N GLU A 11 2.29 4.70 7.53
CA GLU A 11 1.06 4.67 8.30
C GLU A 11 0.01 5.61 7.71
N ARG A 12 0.46 6.82 7.37
CA ARG A 12 -0.44 7.78 6.76
C ARG A 12 -0.86 7.29 5.39
N CYS A 13 0.08 6.63 4.73
CA CYS A 13 -0.12 6.15 3.37
C CYS A 13 -1.08 4.98 3.37
N ILE A 14 -1.01 4.21 4.43
CA ILE A 14 -1.93 3.13 4.67
C ILE A 14 -3.36 3.64 4.81
N GLU A 15 -3.52 4.71 5.59
CA GLU A 15 -4.84 5.27 5.86
C GLU A 15 -5.31 6.02 4.66
N SER A 16 -4.36 6.44 3.86
CA SER A 16 -4.65 7.11 2.63
C SER A 16 -5.27 6.13 1.63
N LEU A 17 -4.77 4.89 1.61
CA LEU A 17 -5.38 3.85 0.80
C LEU A 17 -6.79 3.62 1.29
N ILE A 18 -6.93 3.58 2.61
CA ILE A 18 -8.23 3.48 3.25
C ILE A 18 -9.14 4.62 2.79
N ALA A 19 -8.57 5.82 2.74
CA ALA A 19 -9.32 7.01 2.37
C ALA A 19 -9.76 6.98 0.91
N VAL A 20 -8.82 6.74 0.00
CA VAL A 20 -9.12 6.72 -1.43
C VAL A 20 -10.05 5.56 -1.75
N PHE A 21 -9.78 4.43 -1.11
CA PHE A 21 -10.66 3.28 -1.26
C PHE A 21 -12.08 3.63 -0.82
N GLN A 22 -12.18 4.22 0.35
CA GLN A 22 -13.48 4.48 0.97
C GLN A 22 -14.29 5.47 0.14
N LYS A 23 -13.64 6.47 -0.43
CA LYS A 23 -14.36 7.49 -1.14
C LYS A 23 -14.98 6.95 -2.43
N TYR A 24 -14.28 6.05 -3.10
CA TYR A 24 -14.83 5.45 -4.33
C TYR A 24 -15.69 4.22 -4.02
N ALA A 25 -15.23 3.38 -3.11
CA ALA A 25 -15.99 2.19 -2.72
C ALA A 25 -17.22 2.59 -1.92
N GLY A 26 -17.17 3.79 -1.37
CA GLY A 26 -18.30 4.32 -0.63
C GLY A 26 -19.48 4.59 -1.52
N LYS A 27 -19.23 4.68 -2.81
CA LYS A 27 -20.28 4.89 -3.80
C LYS A 27 -21.19 3.67 -3.87
N ASP A 28 -20.69 2.54 -3.38
CA ASP A 28 -21.45 1.30 -3.39
C ASP A 28 -22.14 1.07 -2.04
N GLY A 29 -22.18 2.12 -1.22
CA GLY A 29 -22.85 2.04 0.05
C GLY A 29 -21.91 2.15 1.24
N TYR A 30 -20.93 3.04 1.13
CA TYR A 30 -20.00 3.37 2.21
C TYR A 30 -19.09 2.21 2.61
N ASN A 31 -17.78 2.44 2.45
CA ASN A 31 -16.72 1.53 2.91
C ASN A 31 -17.04 0.04 2.71
N TYR A 32 -17.60 -0.31 1.57
CA TYR A 32 -17.94 -1.69 1.32
C TYR A 32 -16.98 -2.31 0.31
N THR A 33 -17.25 -2.11 -0.97
CA THR A 33 -16.43 -2.67 -2.03
C THR A 33 -16.45 -1.74 -3.24
N LEU A 34 -15.33 -1.68 -3.92
CA LEU A 34 -15.17 -0.82 -5.07
C LEU A 34 -15.70 -1.54 -6.30
N SER A 35 -16.87 -1.11 -6.74
CA SER A 35 -17.57 -1.76 -7.83
C SER A 35 -16.84 -1.58 -9.15
N LYS A 36 -17.25 -2.35 -10.16
CA LYS A 36 -16.53 -2.42 -11.43
C LYS A 36 -16.20 -1.04 -11.97
N THR A 37 -17.22 -0.28 -12.27
CA THR A 37 -17.05 1.04 -12.86
C THR A 37 -16.44 2.01 -11.86
N GLU A 38 -16.57 1.69 -10.59
CA GLU A 38 -16.11 2.57 -9.54
C GLU A 38 -14.60 2.53 -9.42
N PHE A 39 -13.99 1.37 -9.68
CA PHE A 39 -12.54 1.32 -9.69
C PHE A 39 -12.02 1.71 -11.04
N LEU A 40 -12.85 1.52 -12.05
CA LEU A 40 -12.51 1.99 -13.38
C LEU A 40 -12.28 3.49 -13.36
N SER A 41 -13.24 4.20 -12.80
CA SER A 41 -13.13 5.65 -12.65
C SER A 41 -12.00 5.99 -11.70
N PHE A 42 -11.96 5.32 -10.56
CA PHE A 42 -10.86 5.44 -9.59
C PHE A 42 -9.52 5.33 -10.28
N MET A 43 -9.31 4.22 -10.95
CA MET A 43 -8.05 3.94 -11.60
C MET A 43 -7.72 4.98 -12.67
N ASN A 44 -8.72 5.56 -13.28
CA ASN A 44 -8.46 6.54 -14.35
C ASN A 44 -8.31 7.96 -13.78
N THR A 45 -8.68 8.15 -12.53
CA THR A 45 -8.51 9.44 -11.88
C THR A 45 -7.34 9.40 -10.91
N GLU A 46 -7.50 8.55 -9.92
CA GLU A 46 -6.55 8.42 -8.84
C GLU A 46 -5.36 7.56 -9.25
N LEU A 47 -5.45 6.91 -10.41
CA LEU A 47 -4.33 6.15 -10.93
C LEU A 47 -4.09 6.46 -12.40
N ALA A 48 -4.61 7.60 -12.83
CA ALA A 48 -4.38 8.09 -14.17
C ALA A 48 -2.90 8.06 -14.56
N ALA A 49 -2.01 8.16 -13.58
CA ALA A 49 -0.58 8.05 -13.82
C ALA A 49 -0.26 6.72 -14.47
N PHE A 50 -0.88 5.68 -13.97
CA PHE A 50 -0.67 4.34 -14.46
C PHE A 50 -1.60 4.06 -15.64
N THR A 51 -2.89 4.27 -15.41
CA THR A 51 -3.93 3.89 -16.34
C THR A 51 -3.77 4.55 -17.70
N LYS A 52 -3.59 5.86 -17.71
CA LYS A 52 -3.54 6.61 -18.96
C LYS A 52 -2.21 6.41 -19.66
N ASN A 53 -1.23 5.98 -18.90
CA ASN A 53 0.08 5.69 -19.45
C ASN A 53 0.09 4.30 -20.07
N GLN A 54 -0.73 3.42 -19.51
CA GLN A 54 -0.88 2.07 -20.02
C GLN A 54 -1.84 2.05 -21.22
N LYS A 55 -2.94 2.80 -21.07
CA LYS A 55 -3.99 2.90 -22.09
C LYS A 55 -4.81 1.62 -22.19
N ASP A 56 -5.98 1.73 -22.81
CA ASP A 56 -6.92 0.61 -22.97
C ASP A 56 -7.56 0.24 -21.64
N PRO A 57 -8.84 0.59 -21.44
CA PRO A 57 -9.55 0.35 -20.17
C PRO A 57 -9.67 -1.13 -19.82
N GLY A 58 -9.33 -1.98 -20.79
CA GLY A 58 -9.34 -3.42 -20.56
C GLY A 58 -8.33 -3.84 -19.53
N VAL A 59 -7.35 -2.98 -19.26
CA VAL A 59 -6.32 -3.28 -18.28
C VAL A 59 -6.91 -3.31 -16.87
N LEU A 60 -7.79 -2.36 -16.59
CA LEU A 60 -8.41 -2.29 -15.29
C LEU A 60 -9.35 -3.48 -15.11
N ASP A 61 -9.70 -4.07 -16.24
CA ASP A 61 -10.53 -5.27 -16.29
C ASP A 61 -9.70 -6.47 -15.88
N ARG A 62 -8.47 -6.47 -16.32
CA ARG A 62 -7.52 -7.50 -15.96
C ARG A 62 -7.16 -7.36 -14.49
N MET A 63 -7.09 -6.11 -14.03
CA MET A 63 -6.91 -5.82 -12.62
C MET A 63 -8.08 -6.37 -11.84
N MET A 64 -9.27 -5.99 -12.28
CA MET A 64 -10.52 -6.43 -11.67
C MET A 64 -10.44 -7.89 -11.32
N LYS A 65 -10.27 -8.73 -12.31
CA LYS A 65 -10.39 -10.16 -12.10
C LYS A 65 -9.16 -10.78 -11.44
N LYS A 66 -8.03 -10.10 -11.54
CA LYS A 66 -6.84 -10.50 -10.79
C LYS A 66 -7.06 -10.26 -9.31
N LEU A 67 -7.69 -9.13 -9.00
CA LEU A 67 -7.84 -8.67 -7.63
C LEU A 67 -9.13 -9.16 -7.01
N ASP A 68 -10.18 -9.22 -7.82
CA ASP A 68 -11.49 -9.72 -7.41
C ASP A 68 -11.38 -11.18 -7.01
N THR A 69 -10.84 -11.34 -5.83
CA THR A 69 -10.55 -12.63 -5.27
C THR A 69 -11.79 -13.18 -4.58
N ASN A 70 -12.72 -12.29 -4.30
CA ASN A 70 -13.98 -12.67 -3.71
C ASN A 70 -14.95 -13.14 -4.79
N SER A 71 -14.55 -12.83 -6.03
CA SER A 71 -15.30 -13.22 -7.22
C SER A 71 -16.69 -12.62 -7.20
N ASP A 72 -16.77 -11.36 -6.82
CA ASP A 72 -18.04 -10.67 -6.71
C ASP A 72 -18.14 -9.59 -7.76
N GLY A 73 -16.99 -9.21 -8.33
CA GLY A 73 -16.97 -8.22 -9.39
C GLY A 73 -16.65 -6.84 -8.85
N GLN A 74 -16.12 -6.82 -7.64
CA GLN A 74 -15.74 -5.59 -7.00
C GLN A 74 -14.38 -5.78 -6.36
N LEU A 75 -13.82 -4.73 -5.80
CA LEU A 75 -12.58 -4.85 -5.07
C LEU A 75 -12.73 -4.30 -3.67
N ASP A 76 -12.53 -5.18 -2.72
CA ASP A 76 -12.60 -4.81 -1.32
C ASP A 76 -11.28 -4.22 -0.88
N PHE A 77 -11.24 -3.80 0.37
CA PHE A 77 -10.06 -3.25 0.98
C PHE A 77 -8.78 -4.03 0.62
N SER A 78 -8.77 -5.33 0.90
CA SER A 78 -7.61 -6.16 0.62
C SER A 78 -7.37 -6.35 -0.89
N GLU A 79 -8.45 -6.47 -1.66
CA GLU A 79 -8.33 -6.64 -3.11
C GLU A 79 -7.78 -5.35 -3.74
N PHE A 80 -8.17 -4.22 -3.17
CA PHE A 80 -7.66 -2.93 -3.57
C PHE A 80 -6.18 -2.79 -3.19
N LEU A 81 -5.81 -3.40 -2.07
CA LEU A 81 -4.44 -3.36 -1.62
C LEU A 81 -3.57 -4.28 -2.44
N ASN A 82 -4.16 -5.36 -2.92
CA ASN A 82 -3.48 -6.22 -3.87
C ASN A 82 -3.17 -5.42 -5.13
N LEU A 83 -4.13 -4.57 -5.49
CA LEU A 83 -3.95 -3.61 -6.56
C LEU A 83 -2.78 -2.68 -6.25
N ILE A 84 -2.85 -2.05 -5.08
CA ILE A 84 -1.81 -1.14 -4.61
C ILE A 84 -0.44 -1.83 -4.67
N GLY A 85 -0.42 -3.13 -4.41
CA GLY A 85 0.80 -3.90 -4.53
C GLY A 85 1.33 -3.90 -5.94
N GLY A 86 0.47 -4.16 -6.91
CA GLY A 86 0.90 -4.23 -8.29
C GLY A 86 1.24 -2.85 -8.84
N LEU A 87 0.52 -1.88 -8.33
CA LEU A 87 0.75 -0.48 -8.66
C LEU A 87 2.12 -0.05 -8.17
N ALA A 88 2.35 -0.26 -6.88
CA ALA A 88 3.62 0.10 -6.26
C ALA A 88 4.74 -0.65 -6.90
N MET A 89 4.45 -1.87 -7.31
CA MET A 89 5.46 -2.71 -7.93
C MET A 89 5.81 -2.19 -9.31
N ALA A 90 4.84 -1.59 -9.98
CA ALA A 90 5.07 -0.97 -11.27
C ALA A 90 5.94 0.28 -11.13
N CYS A 91 5.82 0.91 -9.97
CA CYS A 91 6.62 2.07 -9.64
C CYS A 91 7.97 1.64 -9.10
N HIS A 92 7.97 0.50 -8.43
CA HIS A 92 9.20 -0.11 -7.94
C HIS A 92 10.11 -0.41 -9.12
N ASP A 93 9.56 -1.11 -10.10
CA ASP A 93 10.36 -1.52 -11.23
C ASP A 93 10.77 -0.32 -12.05
N SER A 94 9.83 0.58 -12.24
CA SER A 94 10.09 1.88 -12.86
C SER A 94 11.25 2.58 -12.18
N PHE A 95 11.17 2.71 -10.86
CA PHE A 95 12.18 3.37 -10.06
C PHE A 95 13.52 2.65 -10.18
N LEU A 96 13.45 1.33 -10.19
CA LEU A 96 14.63 0.49 -10.33
C LEU A 96 15.27 0.66 -11.70
N LYS A 97 14.43 0.84 -12.71
CA LYS A 97 14.90 1.05 -14.07
C LYS A 97 15.36 2.48 -14.27
N ALA A 98 14.84 3.37 -13.44
CA ALA A 98 15.13 4.80 -13.53
C ALA A 98 16.38 5.16 -12.74
N VAL A 99 16.27 5.10 -11.42
CA VAL A 99 17.34 5.49 -10.51
C VAL A 99 16.86 5.31 -9.06
N PRO A 100 16.99 4.08 -8.55
CA PRO A 100 16.36 3.67 -7.30
C PRO A 100 17.19 4.02 -6.06
N SER A 101 18.33 4.64 -6.26
CA SER A 101 19.18 5.02 -5.14
C SER A 101 18.73 6.35 -4.52
N GLN A 102 17.67 6.93 -5.09
CA GLN A 102 17.11 8.21 -4.62
C GLN A 102 18.18 9.31 -4.71
N LYS A 103 19.11 9.12 -5.63
CA LYS A 103 20.20 10.08 -5.81
C LYS A 103 19.81 11.14 -6.82
N ARG A 104 19.85 12.39 -6.39
CA ARG A 104 19.48 13.50 -7.25
C ARG A 104 20.18 14.77 -6.80
N THR A 105 20.83 15.44 -7.73
CA THR A 105 21.52 16.68 -7.43
C THR A 105 20.54 17.85 -7.58
N MET B 1 4.80 15.70 -22.95
CA MET B 1 3.52 15.02 -23.29
C MET B 1 3.07 14.12 -22.16
N ALA B 2 3.94 13.89 -21.18
CA ALA B 2 3.60 13.04 -20.05
C ALA B 2 2.79 13.83 -19.02
N LYS B 3 1.48 13.78 -19.17
CA LYS B 3 0.58 14.52 -18.29
C LYS B 3 0.37 13.80 -16.96
N ILE B 4 1.47 13.48 -16.29
CA ILE B 4 1.41 12.91 -14.95
C ILE B 4 1.25 14.06 -13.96
N SER B 5 2.18 15.02 -14.06
CA SER B 5 2.13 16.28 -13.31
C SER B 5 2.33 16.08 -11.82
N SER B 6 1.36 15.48 -11.16
CA SER B 6 1.39 15.27 -9.73
C SER B 6 0.64 13.99 -9.38
N PRO B 7 1.12 13.25 -8.38
CA PRO B 7 0.49 11.98 -7.96
C PRO B 7 -0.75 12.22 -7.11
N THR B 8 -1.65 11.26 -7.15
CA THR B 8 -2.84 11.32 -6.32
C THR B 8 -2.51 10.79 -4.95
N GLU B 9 -3.53 10.63 -4.10
CA GLU B 9 -3.31 10.15 -2.75
C GLU B 9 -2.68 8.75 -2.77
N THR B 10 -3.19 7.87 -3.62
CA THR B 10 -2.67 6.51 -3.71
C THR B 10 -1.31 6.50 -4.38
N GLU B 11 -1.16 7.31 -5.42
CA GLU B 11 0.07 7.32 -6.19
C GLU B 11 1.24 7.80 -5.34
N ARG B 12 1.02 8.88 -4.61
CA ARG B 12 2.04 9.41 -3.73
C ARG B 12 2.32 8.41 -2.61
N CYS B 13 1.27 7.74 -2.20
CA CYS B 13 1.33 6.79 -1.09
C CYS B 13 2.08 5.55 -1.51
N ILE B 14 1.89 5.21 -2.77
CA ILE B 14 2.61 4.13 -3.39
C ILE B 14 4.12 4.40 -3.39
N GLU B 15 4.49 5.61 -3.78
CA GLU B 15 5.89 5.98 -3.89
C GLU B 15 6.47 6.19 -2.51
N SER B 16 5.57 6.48 -1.58
CA SER B 16 5.94 6.62 -0.21
C SER B 16 6.34 5.27 0.38
N LEU B 17 5.62 4.21 0.00
CA LEU B 17 6.01 2.87 0.38
C LEU B 17 7.37 2.56 -0.20
N ILE B 18 7.54 2.95 -1.45
CA ILE B 18 8.82 2.85 -2.13
C ILE B 18 9.91 3.57 -1.35
N ALA B 19 9.56 4.76 -0.87
CA ALA B 19 10.50 5.61 -0.14
C ALA B 19 10.88 5.00 1.21
N VAL B 20 9.88 4.64 2.02
CA VAL B 20 10.13 4.09 3.33
C VAL B 20 10.82 2.74 3.21
N PHE B 21 10.38 1.96 2.24
CA PHE B 21 11.03 0.69 1.97
C PHE B 21 12.49 0.91 1.64
N GLN B 22 12.76 1.84 0.72
CA GLN B 22 14.10 2.05 0.20
C GLN B 22 15.04 2.54 1.28
N LYS B 23 14.55 3.38 2.17
CA LYS B 23 15.44 3.96 3.17
C LYS B 23 15.90 2.91 4.18
N TYR B 24 15.03 1.97 4.53
CA TYR B 24 15.41 0.90 5.45
C TYR B 24 16.05 -0.28 4.73
N ALA B 25 15.49 -0.67 3.60
CA ALA B 25 16.03 -1.76 2.81
C ALA B 25 17.33 -1.35 2.15
N GLY B 26 17.52 -0.04 2.04
CA GLY B 26 18.74 0.50 1.49
C GLY B 26 19.94 0.24 2.38
N LYS B 27 19.66 -0.07 3.65
CA LYS B 27 20.70 -0.40 4.61
C LYS B 27 21.36 -1.72 4.23
N ASP B 28 20.70 -2.51 3.39
CA ASP B 28 21.21 -3.80 2.96
C ASP B 28 21.90 -3.66 1.59
N GLY B 29 22.15 -2.42 1.19
CA GLY B 29 22.84 -2.19 -0.07
C GLY B 29 21.98 -1.51 -1.12
N TYR B 30 21.17 -0.56 -0.67
CA TYR B 30 20.35 0.28 -1.56
C TYR B 30 19.26 -0.50 -2.28
N ASN B 31 18.01 -0.11 -2.02
CA ASN B 31 16.81 -0.60 -2.73
C ASN B 31 16.85 -2.08 -3.06
N TYR B 32 17.30 -2.90 -2.13
CA TYR B 32 17.39 -4.33 -2.37
C TYR B 32 16.29 -5.07 -1.60
N THR B 33 16.56 -5.36 -0.34
CA THR B 33 15.62 -6.10 0.50
C THR B 33 15.77 -5.66 1.94
N LEU B 34 14.65 -5.63 2.64
CA LEU B 34 14.61 -5.20 4.01
C LEU B 34 14.96 -6.36 4.91
N SER B 35 16.18 -6.33 5.43
CA SER B 35 16.72 -7.43 6.22
C SER B 35 15.98 -7.58 7.54
N LYS B 36 16.22 -8.70 8.22
CA LYS B 36 15.45 -9.08 9.41
C LYS B 36 15.35 -7.92 10.39
N THR B 37 16.50 -7.51 10.90
CA THR B 37 16.54 -6.47 11.91
C THR B 37 16.13 -5.12 11.32
N GLU B 38 16.25 -5.00 10.01
CA GLU B 38 16.00 -3.74 9.35
C GLU B 38 14.50 -3.47 9.27
N PHE B 39 13.69 -4.52 9.13
CA PHE B 39 12.25 -4.31 9.16
C PHE B 39 11.77 -4.32 10.58
N LEU B 40 12.52 -4.99 11.44
CA LEU B 40 12.23 -4.95 12.87
C LEU B 40 12.28 -3.51 13.37
N SER B 41 13.37 -2.83 13.05
CA SER B 41 13.52 -1.43 13.40
C SER B 41 12.49 -0.59 12.66
N PHE B 42 12.37 -0.81 11.35
CA PHE B 42 11.35 -0.18 10.52
C PHE B 42 9.98 -0.28 11.18
N MET B 43 9.56 -1.49 11.43
CA MET B 43 8.24 -1.74 12.00
C MET B 43 8.08 -1.10 13.36
N ASN B 44 9.15 -0.92 14.11
CA ASN B 44 9.03 -0.35 15.44
C ASN B 44 9.14 1.18 15.39
N THR B 45 9.59 1.71 14.27
CA THR B 45 9.68 3.16 14.11
C THR B 45 8.55 3.66 13.21
N GLU B 46 8.58 3.18 11.99
CA GLU B 46 7.67 3.60 10.96
C GLU B 46 6.33 2.89 11.10
N LEU B 47 6.27 1.88 11.96
CA LEU B 47 5.01 1.19 12.22
C LEU B 47 4.79 1.02 13.71
N ALA B 48 5.49 1.83 14.48
CA ALA B 48 5.31 1.88 15.93
C ALA B 48 3.83 1.97 16.33
N ALA B 49 3.00 2.57 15.47
CA ALA B 49 1.57 2.64 15.70
C ALA B 49 0.98 1.25 15.88
N PHE B 50 1.43 0.34 15.02
CA PHE B 50 0.97 -1.03 15.04
C PHE B 50 1.79 -1.85 16.02
N THR B 51 3.10 -1.81 15.84
CA THR B 51 4.03 -2.65 16.56
C THR B 51 3.95 -2.48 18.07
N LYS B 52 4.01 -1.23 18.54
CA LYS B 52 4.07 -0.96 19.96
C LYS B 52 2.69 -1.15 20.59
N ASN B 53 1.67 -1.11 19.76
CA ASN B 53 0.31 -1.33 20.21
C ASN B 53 0.03 -2.82 20.32
N GLN B 54 0.70 -3.59 19.47
CA GLN B 54 0.59 -5.04 19.49
C GLN B 54 1.49 -5.62 20.58
N LYS B 55 2.71 -5.09 20.65
CA LYS B 55 3.74 -5.53 21.61
C LYS B 55 4.31 -6.89 21.25
N ASP B 56 5.46 -7.21 21.84
CA ASP B 56 6.17 -8.46 21.59
C ASP B 56 6.78 -8.48 20.18
N PRO B 57 8.11 -8.31 20.08
CA PRO B 57 8.81 -8.23 18.79
C PRO B 57 8.67 -9.52 17.96
N GLY B 58 8.15 -10.57 18.58
CA GLY B 58 7.91 -11.81 17.88
C GLY B 58 6.87 -11.66 16.79
N VAL B 59 6.07 -10.61 16.87
CA VAL B 59 5.05 -10.37 15.86
C VAL B 59 5.66 -10.02 14.53
N LEU B 60 6.70 -9.21 14.55
CA LEU B 60 7.38 -8.81 13.33
C LEU B 60 8.09 -10.02 12.74
N ASP B 61 8.29 -11.00 13.58
CA ASP B 61 8.89 -12.28 13.19
C ASP B 61 7.88 -13.10 12.42
N ARG B 62 6.65 -13.03 12.88
CA ARG B 62 5.54 -13.69 12.22
C ARG B 62 5.27 -13.00 10.89
N MET B 63 5.42 -11.68 10.89
CA MET B 63 5.35 -10.89 9.66
C MET B 63 6.42 -11.35 8.72
N MET B 64 7.65 -11.36 9.22
CA MET B 64 8.81 -11.78 8.46
C MET B 64 8.49 -12.99 7.63
N LYS B 65 8.13 -14.07 8.28
CA LYS B 65 8.02 -15.36 7.59
C LYS B 65 6.72 -15.47 6.80
N LYS B 66 5.72 -14.68 7.17
CA LYS B 66 4.51 -14.58 6.37
C LYS B 66 4.81 -13.90 5.04
N LEU B 67 5.64 -12.87 5.11
CA LEU B 67 5.91 -12.00 3.98
C LEU B 67 7.12 -12.48 3.18
N ASP B 68 8.11 -13.00 3.90
CA ASP B 68 9.33 -13.56 3.30
C ASP B 68 8.97 -14.74 2.43
N THR B 69 8.44 -14.39 1.29
CA THR B 69 7.94 -15.34 0.33
C THR B 69 9.08 -15.84 -0.54
N ASN B 70 10.17 -15.09 -0.54
CA ASN B 70 11.37 -15.48 -1.26
C ASN B 70 12.19 -16.44 -0.43
N SER B 71 11.83 -16.50 0.85
CA SER B 71 12.45 -17.40 1.81
C SER B 71 13.93 -17.09 1.95
N ASP B 72 14.24 -15.82 2.04
CA ASP B 72 15.62 -15.36 2.13
C ASP B 72 15.88 -14.73 3.49
N GLY B 73 14.80 -14.38 4.18
CA GLY B 73 14.92 -13.82 5.51
C GLY B 73 14.87 -12.31 5.48
N GLN B 74 14.39 -11.78 4.38
CA GLN B 74 14.25 -10.35 4.20
C GLN B 74 12.90 -10.07 3.58
N LEU B 75 12.56 -8.82 3.43
CA LEU B 75 11.34 -8.45 2.73
C LEU B 75 11.63 -7.50 1.60
N ASP B 76 11.31 -7.95 0.41
CA ASP B 76 11.49 -7.15 -0.78
C ASP B 76 10.30 -6.21 -0.95
N PHE B 77 10.39 -5.40 -1.98
CA PHE B 77 9.33 -4.47 -2.33
C PHE B 77 7.94 -5.09 -2.22
N SER B 78 7.70 -6.19 -2.93
CA SER B 78 6.41 -6.85 -2.91
C SER B 78 6.09 -7.49 -1.55
N GLU B 79 7.11 -8.05 -0.91
CA GLU B 79 6.92 -8.68 0.40
C GLU B 79 6.58 -7.61 1.45
N PHE B 80 7.18 -6.44 1.28
CA PHE B 80 6.90 -5.29 2.12
C PHE B 80 5.49 -4.77 1.85
N LEU B 81 5.05 -4.89 0.62
CA LEU B 81 3.73 -4.45 0.24
C LEU B 81 2.67 -5.42 0.74
N ASN B 82 3.04 -6.68 0.80
CA ASN B 82 2.18 -7.67 1.42
C ASN B 82 1.98 -7.31 2.88
N LEU B 83 3.06 -6.82 3.48
CA LEU B 83 3.03 -6.26 4.82
C LEU B 83 2.05 -5.09 4.87
N ILE B 84 2.27 -4.13 3.99
CA ILE B 84 1.43 -2.95 3.89
C ILE B 84 -0.04 -3.36 3.75
N GLY B 85 -0.28 -4.47 3.06
CA GLY B 85 -1.62 -4.99 2.95
C GLY B 85 -2.20 -5.38 4.29
N GLY B 86 -1.43 -6.11 5.09
CA GLY B 86 -1.91 -6.56 6.38
C GLY B 86 -2.01 -5.42 7.37
N LEU B 87 -1.11 -4.46 7.20
CA LEU B 87 -1.10 -3.25 7.99
C LEU B 87 -2.35 -2.44 7.73
N ALA B 88 -2.58 -2.15 6.45
CA ALA B 88 -3.74 -1.39 6.03
C ALA B 88 -4.99 -2.10 6.40
N MET B 89 -4.95 -3.41 6.36
CA MET B 89 -6.10 -4.21 6.70
C MET B 89 -6.41 -4.14 8.18
N ALA B 90 -5.36 -3.98 8.99
CA ALA B 90 -5.52 -3.81 10.42
C ALA B 90 -6.15 -2.46 10.72
N CYS B 91 -5.88 -1.50 9.85
CA CYS B 91 -6.45 -0.17 9.97
C CYS B 91 -7.83 -0.14 9.34
N HIS B 92 -8.02 -0.97 8.33
CA HIS B 92 -9.32 -1.14 7.70
C HIS B 92 -10.31 -1.67 8.73
N ASP B 93 -9.92 -2.74 9.41
CA ASP B 93 -10.82 -3.37 10.36
C ASP B 93 -11.04 -2.45 11.54
N SER B 94 -9.95 -1.86 12.00
CA SER B 94 -9.99 -0.82 13.03
C SER B 94 -10.99 0.27 12.68
N PHE B 95 -10.85 0.81 11.47
CA PHE B 95 -11.70 1.89 10.97
C PHE B 95 -13.14 1.42 10.88
N LEU B 96 -13.32 0.18 10.44
CA LEU B 96 -14.63 -0.44 10.32
C LEU B 96 -15.27 -0.62 11.70
N LYS B 97 -14.44 -0.95 12.67
CA LYS B 97 -14.91 -1.14 14.04
C LYS B 97 -15.11 0.21 14.72
N ALA B 98 -14.42 1.22 14.22
CA ALA B 98 -14.47 2.55 14.82
C ALA B 98 -15.60 3.38 14.23
N VAL B 99 -15.45 3.75 12.96
CA VAL B 99 -16.40 4.61 12.27
C VAL B 99 -15.92 4.84 10.83
N PRO B 100 -16.25 3.91 9.94
CA PRO B 100 -15.67 3.85 8.61
C PRO B 100 -16.37 4.73 7.59
N SER B 101 -17.39 5.46 8.02
CA SER B 101 -18.13 6.33 7.13
C SER B 101 -17.41 7.68 6.97
N GLN B 102 -16.30 7.83 7.68
CA GLN B 102 -15.51 9.07 7.65
C GLN B 102 -16.36 10.25 8.15
N LYS B 103 -17.34 9.94 8.98
CA LYS B 103 -18.24 10.95 9.50
C LYS B 103 -17.69 11.52 10.80
N ARG B 104 -17.51 12.83 10.83
CA ARG B 104 -16.97 13.50 12.00
C ARG B 104 -17.42 14.95 12.02
N THR B 105 -17.97 15.37 13.14
CA THR B 105 -18.42 16.74 13.31
C THR B 105 -17.27 17.61 13.80
N MET A 1 8.12 11.23 29.05
CA MET A 1 7.04 10.48 28.38
C MET A 1 7.19 10.57 26.87
N ALA A 2 7.97 9.67 26.30
CA ALA A 2 8.19 9.64 24.86
C ALA A 2 7.11 8.83 24.17
N LYS A 3 5.90 9.35 24.16
CA LYS A 3 4.77 8.68 23.56
C LYS A 3 4.75 8.95 22.05
N ILE A 4 5.57 8.22 21.32
CA ILE A 4 5.64 8.38 19.89
C ILE A 4 4.66 7.43 19.21
N SER A 5 3.40 7.83 19.18
CA SER A 5 2.37 7.06 18.53
C SER A 5 1.86 7.80 17.30
N SER A 6 2.58 8.86 16.95
CA SER A 6 2.25 9.66 15.79
C SER A 6 2.44 8.84 14.51
N PRO A 7 1.66 9.13 13.46
CA PRO A 7 1.69 8.35 12.22
C PRO A 7 2.92 8.68 11.37
N THR A 8 3.46 7.65 10.76
CA THR A 8 4.61 7.80 9.89
C THR A 8 4.14 7.84 8.45
N GLU A 9 5.09 7.74 7.53
CA GLU A 9 4.76 7.66 6.11
C GLU A 9 3.76 6.52 5.87
N THR A 10 4.13 5.33 6.28
CA THR A 10 3.35 4.15 5.96
C THR A 10 2.00 4.22 6.62
N GLU A 11 1.99 4.69 7.85
CA GLU A 11 0.76 4.78 8.61
C GLU A 11 -0.19 5.78 7.97
N ARG A 12 0.35 6.93 7.59
CA ARG A 12 -0.47 7.97 6.95
C ARG A 12 -0.88 7.52 5.56
N CYS A 13 0.00 6.77 4.92
CA CYS A 13 -0.20 6.31 3.56
C CYS A 13 -1.24 5.20 3.55
N ILE A 14 -1.21 4.40 4.60
CA ILE A 14 -2.20 3.37 4.82
C ILE A 14 -3.59 3.99 5.00
N GLU A 15 -3.65 5.10 5.74
CA GLU A 15 -4.91 5.75 6.03
C GLU A 15 -5.39 6.49 4.81
N SER A 16 -4.44 6.85 3.99
CA SER A 16 -4.73 7.53 2.77
C SER A 16 -5.34 6.54 1.78
N LEU A 17 -4.81 5.32 1.75
CA LEU A 17 -5.45 4.26 0.99
C LEU A 17 -6.83 4.03 1.55
N ILE A 18 -6.95 4.07 2.87
CA ILE A 18 -8.25 4.02 3.51
C ILE A 18 -9.17 5.09 2.95
N ALA A 19 -8.64 6.30 2.83
CA ALA A 19 -9.42 7.44 2.33
C ALA A 19 -9.92 7.19 0.91
N VAL A 20 -8.99 6.97 -0.03
CA VAL A 20 -9.36 6.76 -1.42
C VAL A 20 -10.19 5.50 -1.61
N PHE A 21 -9.76 4.42 -0.99
CA PHE A 21 -10.45 3.15 -1.13
C PHE A 21 -11.90 3.26 -0.65
N GLN A 22 -12.08 3.87 0.50
CA GLN A 22 -13.39 3.93 1.13
C GLN A 22 -14.31 4.94 0.44
N LYS A 23 -13.74 5.94 -0.23
CA LYS A 23 -14.58 6.93 -0.90
C LYS A 23 -15.22 6.33 -2.15
N TYR A 24 -14.47 5.50 -2.86
CA TYR A 24 -14.99 4.85 -4.06
C TYR A 24 -15.73 3.56 -3.72
N ALA A 25 -15.14 2.74 -2.86
CA ALA A 25 -15.77 1.49 -2.44
C ALA A 25 -17.00 1.77 -1.59
N GLY A 26 -17.07 3.01 -1.09
CA GLY A 26 -18.20 3.43 -0.29
C GLY A 26 -19.47 3.59 -1.08
N LYS A 27 -19.33 3.52 -2.41
CA LYS A 27 -20.47 3.63 -3.31
C LYS A 27 -21.22 2.31 -3.41
N ASP A 28 -20.60 1.26 -2.88
CA ASP A 28 -21.16 -0.09 -2.95
C ASP A 28 -21.89 -0.46 -1.67
N GLY A 29 -22.32 0.53 -0.90
CA GLY A 29 -22.99 0.22 0.34
C GLY A 29 -22.21 0.66 1.56
N TYR A 30 -21.85 1.94 1.59
CA TYR A 30 -21.15 2.56 2.73
C TYR A 30 -19.65 2.33 2.63
N ASN A 31 -19.24 1.06 2.51
CA ASN A 31 -17.87 0.69 2.14
C ASN A 31 -17.62 -0.80 2.34
N TYR A 32 -17.04 -1.44 1.32
CA TYR A 32 -16.61 -2.83 1.40
C TYR A 32 -15.85 -3.21 0.14
N THR A 33 -16.56 -3.27 -0.98
CA THR A 33 -15.97 -3.60 -2.27
C THR A 33 -16.05 -2.43 -3.20
N LEU A 34 -14.99 -2.26 -3.95
CA LEU A 34 -14.93 -1.30 -5.00
C LEU A 34 -15.48 -1.95 -6.26
N SER A 35 -16.68 -1.54 -6.63
CA SER A 35 -17.39 -2.15 -7.74
C SER A 35 -16.69 -1.87 -9.06
N LYS A 36 -17.09 -2.61 -10.09
CA LYS A 36 -16.44 -2.56 -11.40
C LYS A 36 -16.20 -1.12 -11.85
N THR A 37 -17.28 -0.37 -11.96
CA THR A 37 -17.23 1.00 -12.44
C THR A 37 -16.55 1.91 -11.42
N GLU A 38 -16.62 1.52 -10.16
CA GLU A 38 -16.12 2.33 -9.08
C GLU A 38 -14.60 2.34 -9.10
N PHE A 39 -13.97 1.22 -9.48
CA PHE A 39 -12.53 1.23 -9.60
C PHE A 39 -12.11 1.74 -10.94
N LEU A 40 -12.99 1.63 -11.90
CA LEU A 40 -12.78 2.30 -13.16
C LEU A 40 -12.61 3.79 -12.91
N SER A 41 -13.52 4.34 -12.13
CA SER A 41 -13.45 5.73 -11.70
C SER A 41 -12.22 5.94 -10.81
N PHE A 42 -12.07 5.09 -9.79
CA PHE A 42 -10.89 5.09 -8.90
C PHE A 42 -9.62 5.21 -9.70
N MET A 43 -9.38 4.21 -10.53
CA MET A 43 -8.10 4.10 -11.21
C MET A 43 -7.94 5.14 -12.30
N ASN A 44 -9.03 5.66 -12.84
CA ASN A 44 -8.90 6.63 -13.92
C ASN A 44 -8.70 8.03 -13.35
N THR A 45 -9.00 8.20 -12.08
CA THR A 45 -8.77 9.49 -11.43
C THR A 45 -7.55 9.43 -10.54
N GLU A 46 -7.55 8.44 -9.67
CA GLU A 46 -6.52 8.26 -8.66
C GLU A 46 -5.31 7.53 -9.25
N LEU A 47 -5.47 6.88 -10.39
CA LEU A 47 -4.36 6.19 -11.01
C LEU A 47 -4.29 6.46 -12.50
N ALA A 48 -4.84 7.59 -12.91
CA ALA A 48 -4.77 8.04 -14.28
C ALA A 48 -3.36 7.93 -14.86
N ALA A 49 -2.33 8.10 -14.02
CA ALA A 49 -0.95 7.92 -14.43
C ALA A 49 -0.72 6.55 -15.03
N PHE A 50 -1.32 5.55 -14.40
CA PHE A 50 -1.21 4.16 -14.82
C PHE A 50 -2.24 3.86 -15.89
N THR A 51 -3.49 4.20 -15.57
CA THR A 51 -4.64 3.87 -16.40
C THR A 51 -4.55 4.45 -17.80
N LYS A 52 -4.27 5.75 -17.88
CA LYS A 52 -4.27 6.44 -19.17
C LYS A 52 -2.98 6.19 -19.93
N ASN A 53 -2.07 5.46 -19.31
CA ASN A 53 -0.80 5.13 -19.93
C ASN A 53 -0.84 3.72 -20.50
N GLN A 54 -1.62 2.87 -19.84
CA GLN A 54 -1.85 1.51 -20.32
C GLN A 54 -3.19 1.43 -21.03
N LYS A 55 -3.30 2.17 -22.13
CA LYS A 55 -4.56 2.35 -22.85
C LYS A 55 -5.53 3.19 -22.02
N ASP A 56 -6.51 2.53 -21.37
CA ASP A 56 -7.44 3.22 -20.48
C ASP A 56 -8.46 2.25 -19.85
N PRO A 57 -9.38 1.64 -20.63
CA PRO A 57 -10.43 0.80 -20.05
C PRO A 57 -9.97 -0.63 -19.69
N GLY A 58 -9.47 -1.35 -20.68
CA GLY A 58 -9.21 -2.78 -20.51
C GLY A 58 -8.19 -3.10 -19.46
N VAL A 59 -7.31 -2.15 -19.18
CA VAL A 59 -6.26 -2.38 -18.19
C VAL A 59 -6.84 -2.55 -16.80
N LEU A 60 -7.82 -1.72 -16.48
CA LEU A 60 -8.45 -1.79 -15.17
C LEU A 60 -9.21 -3.10 -15.05
N ASP A 61 -9.55 -3.65 -16.20
CA ASP A 61 -10.22 -4.94 -16.25
C ASP A 61 -9.20 -6.03 -15.94
N ARG A 62 -8.02 -5.87 -16.51
CA ARG A 62 -6.91 -6.78 -16.29
C ARG A 62 -6.53 -6.79 -14.81
N MET A 63 -6.54 -5.61 -14.21
CA MET A 63 -6.28 -5.49 -12.79
C MET A 63 -7.41 -6.14 -12.02
N MET A 64 -8.62 -5.72 -12.34
CA MET A 64 -9.84 -6.24 -11.74
C MET A 64 -9.83 -7.76 -11.61
N LYS A 65 -9.58 -8.45 -12.70
CA LYS A 65 -9.73 -9.90 -12.73
C LYS A 65 -8.56 -10.59 -12.02
N LYS A 66 -7.44 -9.89 -11.93
CA LYS A 66 -6.30 -10.37 -11.15
C LYS A 66 -6.60 -10.24 -9.67
N LEU A 67 -7.13 -9.09 -9.30
CA LEU A 67 -7.32 -8.73 -7.91
C LEU A 67 -8.60 -9.32 -7.36
N ASP A 68 -9.59 -9.50 -8.22
CA ASP A 68 -10.88 -10.09 -7.82
C ASP A 68 -10.69 -11.55 -7.49
N THR A 69 -10.04 -11.73 -6.37
CA THR A 69 -9.64 -13.03 -5.86
C THR A 69 -10.84 -13.85 -5.42
N ASN A 70 -11.98 -13.19 -5.30
CA ASN A 70 -13.17 -13.84 -4.79
C ASN A 70 -14.17 -14.08 -5.91
N SER A 71 -13.90 -13.43 -7.05
CA SER A 71 -14.78 -13.48 -8.21
C SER A 71 -16.14 -12.92 -7.84
N ASP A 72 -16.11 -11.83 -7.09
CA ASP A 72 -17.33 -11.17 -6.63
C ASP A 72 -17.73 -10.14 -7.65
N GLY A 73 -16.77 -9.79 -8.50
CA GLY A 73 -17.01 -8.81 -9.53
C GLY A 73 -16.61 -7.44 -9.06
N GLN A 74 -15.85 -7.41 -7.98
CA GLN A 74 -15.40 -6.17 -7.37
C GLN A 74 -14.04 -6.39 -6.74
N LEU A 75 -13.45 -5.33 -6.25
CA LEU A 75 -12.19 -5.40 -5.55
C LEU A 75 -12.33 -4.89 -4.15
N ASP A 76 -12.05 -5.74 -3.19
CA ASP A 76 -12.21 -5.36 -1.80
C ASP A 76 -10.93 -4.67 -1.35
N PHE A 77 -10.96 -4.09 -0.15
CA PHE A 77 -9.83 -3.33 0.36
C PHE A 77 -8.53 -4.11 0.23
N SER A 78 -8.57 -5.36 0.70
CA SER A 78 -7.43 -6.25 0.66
C SER A 78 -6.92 -6.44 -0.76
N GLU A 79 -7.85 -6.59 -1.69
CA GLU A 79 -7.49 -6.90 -3.07
C GLU A 79 -7.05 -5.65 -3.80
N PHE A 80 -7.62 -4.53 -3.41
CA PHE A 80 -7.23 -3.24 -3.94
C PHE A 80 -5.83 -2.87 -3.42
N LEU A 81 -5.46 -3.43 -2.29
CA LEU A 81 -4.11 -3.25 -1.77
C LEU A 81 -3.14 -4.16 -2.51
N ASN A 82 -3.63 -5.30 -2.96
CA ASN A 82 -2.86 -6.15 -3.84
C ASN A 82 -2.55 -5.40 -5.12
N LEU A 83 -3.50 -4.57 -5.52
CA LEU A 83 -3.32 -3.64 -6.61
C LEU A 83 -2.21 -2.65 -6.30
N ILE A 84 -2.35 -1.97 -5.17
CA ILE A 84 -1.34 -1.02 -4.71
C ILE A 84 0.02 -1.70 -4.66
N GLY A 85 0.01 -3.02 -4.42
CA GLY A 85 1.22 -3.80 -4.48
C GLY A 85 1.81 -3.78 -5.87
N GLY A 86 1.04 -4.19 -6.87
CA GLY A 86 1.54 -4.28 -8.22
C GLY A 86 1.87 -2.93 -8.78
N LEU A 87 1.16 -1.93 -8.28
CA LEU A 87 1.38 -0.55 -8.63
C LEU A 87 2.72 -0.08 -8.11
N ALA A 88 2.90 -0.17 -6.81
CA ALA A 88 4.14 0.23 -6.16
C ALA A 88 5.31 -0.53 -6.73
N MET A 89 5.06 -1.78 -7.00
CA MET A 89 6.08 -2.66 -7.54
C MET A 89 6.54 -2.17 -8.90
N ALA A 90 5.60 -1.71 -9.70
CA ALA A 90 5.91 -1.20 -11.02
C ALA A 90 6.65 0.13 -10.91
N CYS A 91 6.21 0.95 -9.96
CA CYS A 91 6.81 2.26 -9.74
C CYS A 91 8.22 2.12 -9.14
N HIS A 92 8.38 1.16 -8.24
CA HIS A 92 9.67 0.88 -7.64
C HIS A 92 10.60 0.27 -8.67
N ASP A 93 10.06 -0.61 -9.49
CA ASP A 93 10.82 -1.19 -10.59
C ASP A 93 11.26 -0.10 -11.54
N SER A 94 10.37 0.87 -11.77
CA SER A 94 10.70 2.05 -12.57
C SER A 94 11.82 2.83 -11.89
N PHE A 95 11.72 2.93 -10.57
CA PHE A 95 12.71 3.60 -9.74
C PHE A 95 14.06 2.93 -9.93
N LEU A 96 14.05 1.61 -10.01
CA LEU A 96 15.26 0.82 -10.24
C LEU A 96 15.79 1.07 -11.64
N LYS A 97 14.87 1.17 -12.58
CA LYS A 97 15.21 1.36 -13.98
C LYS A 97 15.45 2.84 -14.27
N ALA A 98 15.41 3.66 -13.23
CA ALA A 98 15.62 5.09 -13.37
C ALA A 98 16.77 5.58 -12.51
N VAL A 99 16.58 5.53 -11.20
CA VAL A 99 17.59 5.98 -10.24
C VAL A 99 17.15 5.65 -8.81
N PRO A 100 17.47 4.45 -8.35
CA PRO A 100 17.04 3.96 -7.05
C PRO A 100 18.01 4.36 -5.94
N SER A 101 18.51 5.58 -6.02
CA SER A 101 19.46 6.10 -5.06
C SER A 101 18.78 7.07 -4.11
N GLN A 102 17.57 6.69 -3.67
CA GLN A 102 16.78 7.48 -2.72
C GLN A 102 16.27 8.78 -3.35
N LYS A 103 14.97 8.83 -3.61
CA LYS A 103 14.36 10.04 -4.15
C LYS A 103 13.94 10.97 -3.02
N ARG A 104 14.94 11.39 -2.26
CA ARG A 104 14.74 12.26 -1.11
C ARG A 104 16.08 12.79 -0.65
N THR A 105 17.01 11.88 -0.46
CA THR A 105 18.36 12.22 -0.05
C THR A 105 19.37 11.57 -1.00
N MET B 1 -5.10 21.68 -23.24
CA MET B 1 -4.19 20.57 -22.89
C MET B 1 -4.37 20.18 -21.43
N ALA B 2 -5.31 19.28 -21.17
CA ALA B 2 -5.57 18.81 -19.82
C ALA B 2 -4.68 17.63 -19.49
N LYS B 3 -3.40 17.90 -19.34
CA LYS B 3 -2.42 16.87 -19.04
C LYS B 3 -2.41 16.59 -17.54
N ILE B 4 -3.37 15.81 -17.07
CA ILE B 4 -3.46 15.48 -15.66
C ILE B 4 -2.68 14.21 -15.38
N SER B 5 -1.37 14.35 -15.26
CA SER B 5 -0.51 13.22 -14.94
C SER B 5 0.08 13.40 -13.55
N SER B 6 -0.43 14.39 -12.83
CA SER B 6 -0.02 14.68 -11.48
C SER B 6 -0.38 13.52 -10.55
N PRO B 7 0.41 13.29 -9.50
CA PRO B 7 0.20 12.16 -8.58
C PRO B 7 -0.98 12.39 -7.64
N THR B 8 -1.71 11.34 -7.40
CA THR B 8 -2.84 11.38 -6.50
C THR B 8 -2.42 10.86 -5.14
N GLU B 9 -3.40 10.60 -4.28
CA GLU B 9 -3.12 10.00 -2.98
C GLU B 9 -2.36 8.69 -3.17
N THR B 10 -2.93 7.79 -3.96
CA THR B 10 -2.37 6.45 -4.08
C THR B 10 -1.02 6.50 -4.73
N GLU B 11 -0.89 7.36 -5.72
CA GLU B 11 0.36 7.47 -6.44
C GLU B 11 1.45 8.00 -5.54
N ARG B 12 1.13 9.04 -4.77
CA ARG B 12 2.09 9.62 -3.84
C ARG B 12 2.38 8.67 -2.70
N CYS B 13 1.35 7.92 -2.33
CA CYS B 13 1.44 7.00 -1.21
C CYS B 13 2.26 5.78 -1.61
N ILE B 14 2.11 5.41 -2.87
CA ILE B 14 2.91 4.36 -3.45
C ILE B 14 4.40 4.74 -3.46
N GLU B 15 4.67 6.00 -3.78
CA GLU B 15 6.04 6.47 -3.88
C GLU B 15 6.60 6.66 -2.50
N SER B 16 5.71 6.89 -1.57
CA SER B 16 6.08 7.04 -0.20
C SER B 16 6.47 5.69 0.38
N LEU B 17 5.73 4.65 0.02
CA LEU B 17 6.15 3.29 0.34
C LEU B 17 7.48 3.02 -0.30
N ILE B 18 7.64 3.49 -1.54
CA ILE B 18 8.93 3.42 -2.21
C ILE B 18 10.01 4.06 -1.35
N ALA B 19 9.71 5.23 -0.79
CA ALA B 19 10.65 5.97 0.03
C ALA B 19 11.06 5.18 1.27
N VAL B 20 10.09 4.81 2.10
CA VAL B 20 10.37 4.09 3.34
C VAL B 20 10.95 2.71 3.05
N PHE B 21 10.35 2.00 2.11
CA PHE B 21 10.80 0.65 1.79
C PHE B 21 12.25 0.66 1.34
N GLN B 22 12.58 1.59 0.45
CA GLN B 22 13.90 1.61 -0.16
C GLN B 22 14.96 2.14 0.79
N LYS B 23 14.57 2.95 1.78
CA LYS B 23 15.55 3.49 2.72
C LYS B 23 16.03 2.39 3.67
N TYR B 24 15.12 1.51 4.08
CA TYR B 24 15.49 0.41 4.97
C TYR B 24 15.98 -0.79 4.19
N ALA B 25 15.28 -1.15 3.12
CA ALA B 25 15.69 -2.28 2.29
C ALA B 25 16.98 -1.94 1.54
N GLY B 26 17.28 -0.66 1.49
CA GLY B 26 18.49 -0.20 0.84
C GLY B 26 19.74 -0.55 1.60
N LYS B 27 19.56 -1.03 2.82
CA LYS B 27 20.67 -1.44 3.67
C LYS B 27 21.17 -2.82 3.28
N ASP B 28 20.39 -3.51 2.46
CA ASP B 28 20.69 -4.88 2.06
C ASP B 28 21.39 -4.92 0.70
N GLY B 29 22.00 -3.82 0.31
CA GLY B 29 22.65 -3.80 -0.99
C GLY B 29 21.99 -2.85 -1.95
N TYR B 30 21.87 -1.58 -1.54
CA TYR B 30 21.35 -0.51 -2.39
C TYR B 30 19.81 -0.48 -2.32
N ASN B 31 19.18 -1.61 -2.63
CA ASN B 31 17.75 -1.84 -2.36
C ASN B 31 17.24 -3.11 -3.05
N TYR B 32 16.52 -3.93 -2.28
CA TYR B 32 15.85 -5.11 -2.81
C TYR B 32 15.00 -5.76 -1.73
N THR B 33 15.66 -6.32 -0.74
CA THR B 33 14.98 -6.96 0.38
C THR B 33 15.23 -6.20 1.66
N LEU B 34 14.20 -6.11 2.46
CA LEU B 34 14.30 -5.58 3.78
C LEU B 34 14.67 -6.70 4.73
N SER B 35 15.92 -6.66 5.17
CA SER B 35 16.48 -7.73 5.98
C SER B 35 15.80 -7.79 7.34
N LYS B 36 16.03 -8.90 8.05
CA LYS B 36 15.35 -9.18 9.32
C LYS B 36 15.37 -7.95 10.22
N THR B 37 16.56 -7.50 10.55
CA THR B 37 16.73 -6.38 11.46
C THR B 37 16.27 -5.08 10.84
N GLU B 38 16.31 -5.03 9.52
CA GLU B 38 15.98 -3.81 8.80
C GLU B 38 14.49 -3.54 8.88
N PHE B 39 13.67 -4.59 8.88
CA PHE B 39 12.25 -4.36 9.04
C PHE B 39 11.88 -4.27 10.49
N LEU B 40 12.70 -4.86 11.33
CA LEU B 40 12.57 -4.64 12.74
C LEU B 40 12.68 -3.14 13.02
N SER B 41 13.70 -2.53 12.43
CA SER B 41 13.89 -1.08 12.51
C SER B 41 12.75 -0.37 11.78
N PHE B 42 12.48 -0.78 10.53
CA PHE B 42 11.35 -0.27 9.74
C PHE B 42 10.10 -0.21 10.58
N MET B 43 9.65 -1.37 11.03
CA MET B 43 8.36 -1.47 11.66
C MET B 43 8.36 -0.85 13.06
N ASN B 44 9.50 -0.75 13.70
CA ASN B 44 9.53 -0.20 15.05
C ASN B 44 9.59 1.33 15.00
N THR B 45 9.94 1.86 13.85
CA THR B 45 9.98 3.31 13.67
C THR B 45 8.79 3.78 12.86
N GLU B 46 8.63 3.16 11.71
CA GLU B 46 7.63 3.53 10.74
C GLU B 46 6.29 2.86 11.08
N LEU B 47 6.29 1.84 11.92
CA LEU B 47 5.05 1.20 12.32
C LEU B 47 4.99 0.96 13.81
N ALA B 48 5.73 1.76 14.56
CA ALA B 48 5.69 1.73 16.01
C ALA B 48 4.26 1.68 16.56
N ALA B 49 3.32 2.29 15.85
CA ALA B 49 1.91 2.26 16.24
C ALA B 49 1.42 0.81 16.34
N PHE B 50 1.85 0.01 15.39
CA PHE B 50 1.48 -1.40 15.31
C PHE B 50 2.42 -2.23 16.18
N THR B 51 3.70 -2.04 15.96
CA THR B 51 4.75 -2.82 16.58
C THR B 51 4.72 -2.74 18.11
N LYS B 52 4.68 -1.53 18.63
CA LYS B 52 4.78 -1.33 20.08
C LYS B 52 3.43 -1.58 20.75
N ASN B 53 2.43 -1.88 19.94
CA ASN B 53 1.10 -2.17 20.45
C ASN B 53 0.88 -3.67 20.51
N GLN B 54 1.50 -4.38 19.58
CA GLN B 54 1.47 -5.84 19.56
C GLN B 54 2.76 -6.39 20.16
N LYS B 55 2.96 -6.09 21.44
CA LYS B 55 4.21 -6.38 22.15
C LYS B 55 5.33 -5.51 21.61
N ASP B 56 6.19 -6.07 20.76
CA ASP B 56 7.26 -5.31 20.11
C ASP B 56 8.11 -6.17 19.16
N PRO B 57 8.89 -7.17 19.65
CA PRO B 57 9.78 -7.93 18.78
C PRO B 57 9.09 -9.05 17.98
N GLY B 58 8.42 -9.97 18.68
CA GLY B 58 7.94 -11.18 18.05
C GLY B 58 6.90 -10.93 16.98
N VAL B 59 6.21 -9.81 17.07
CA VAL B 59 5.17 -9.49 16.10
C VAL B 59 5.75 -9.28 14.72
N LEU B 60 6.87 -8.58 14.66
CA LEU B 60 7.52 -8.32 13.39
C LEU B 60 8.02 -9.61 12.81
N ASP B 61 8.24 -10.58 13.69
CA ASP B 61 8.65 -11.90 13.27
C ASP B 61 7.47 -12.62 12.65
N ARG B 62 6.32 -12.46 13.29
CA ARG B 62 5.07 -13.04 12.80
C ARG B 62 4.75 -12.47 11.43
N MET B 63 4.99 -11.17 11.25
CA MET B 63 4.80 -10.53 9.96
C MET B 63 5.81 -11.08 8.98
N MET B 64 7.07 -11.02 9.39
CA MET B 64 8.19 -11.51 8.60
C MET B 64 7.91 -12.87 7.97
N LYS B 65 7.51 -13.83 8.78
CA LYS B 65 7.39 -15.20 8.30
C LYS B 65 6.14 -15.39 7.43
N LYS B 66 5.17 -14.51 7.62
CA LYS B 66 3.99 -14.49 6.77
C LYS B 66 4.34 -13.92 5.41
N LEU B 67 5.08 -12.82 5.44
CA LEU B 67 5.38 -12.05 4.25
C LEU B 67 6.55 -12.64 3.48
N ASP B 68 7.47 -13.28 4.20
CA ASP B 68 8.64 -13.92 3.59
C ASP B 68 8.20 -15.12 2.78
N THR B 69 7.56 -14.79 1.69
CA THR B 69 6.96 -15.75 0.79
C THR B 69 8.00 -16.57 0.05
N ASN B 70 9.24 -16.13 0.12
CA ASN B 70 10.31 -16.76 -0.61
C ASN B 70 11.21 -17.55 0.33
N SER B 71 11.02 -17.30 1.62
CA SER B 71 11.85 -17.89 2.66
C SER B 71 13.30 -17.49 2.46
N ASP B 72 13.49 -16.22 2.13
CA ASP B 72 14.81 -15.68 1.88
C ASP B 72 15.36 -15.14 3.18
N GLY B 73 14.46 -14.94 4.13
CA GLY B 73 14.84 -14.43 5.41
C GLY B 73 14.70 -12.93 5.47
N GLN B 74 14.01 -12.39 4.47
CA GLN B 74 13.80 -10.97 4.34
C GLN B 74 12.45 -10.71 3.72
N LEU B 75 12.09 -9.45 3.64
CA LEU B 75 10.84 -9.06 3.00
C LEU B 75 11.11 -8.13 1.85
N ASP B 76 10.72 -8.55 0.66
CA ASP B 76 10.98 -7.74 -0.52
C ASP B 76 9.86 -6.73 -0.67
N PHE B 77 10.03 -5.79 -1.59
CA PHE B 77 9.07 -4.71 -1.78
C PHE B 77 7.65 -5.26 -1.89
N SER B 78 7.48 -6.24 -2.75
CA SER B 78 6.20 -6.87 -2.98
C SER B 78 5.62 -7.45 -1.69
N GLU B 79 6.47 -8.07 -0.89
CA GLU B 79 6.02 -8.75 0.31
C GLU B 79 5.79 -7.77 1.44
N PHE B 80 6.57 -6.70 1.42
CA PHE B 80 6.40 -5.63 2.37
C PHE B 80 5.11 -4.86 2.07
N LEU B 81 4.67 -4.92 0.82
CA LEU B 81 3.40 -4.34 0.44
C LEU B 81 2.26 -5.25 0.85
N ASN B 82 2.53 -6.55 0.87
CA ASN B 82 1.58 -7.50 1.44
C ASN B 82 1.37 -7.17 2.91
N LEU B 83 2.45 -6.72 3.52
CA LEU B 83 2.39 -6.20 4.88
C LEU B 83 1.50 -4.98 4.96
N ILE B 84 1.79 -3.99 4.13
CA ILE B 84 0.98 -2.79 4.04
C ILE B 84 -0.48 -3.15 3.81
N GLY B 85 -0.69 -4.29 3.14
CA GLY B 85 -2.02 -4.81 2.98
C GLY B 85 -2.65 -5.16 4.31
N GLY B 86 -1.98 -6.02 5.08
CA GLY B 86 -2.53 -6.47 6.34
C GLY B 86 -2.63 -5.35 7.34
N LEU B 87 -1.75 -4.39 7.17
CA LEU B 87 -1.73 -3.19 7.99
C LEU B 87 -2.95 -2.35 7.71
N ALA B 88 -3.10 -1.95 6.45
CA ALA B 88 -4.22 -1.14 6.02
C ALA B 88 -5.52 -1.82 6.32
N MET B 89 -5.52 -3.12 6.15
CA MET B 89 -6.69 -3.92 6.39
C MET B 89 -7.10 -3.86 7.84
N ALA B 90 -6.11 -3.86 8.73
CA ALA B 90 -6.37 -3.78 10.16
C ALA B 90 -6.85 -2.38 10.53
N CYS B 91 -6.25 -1.38 9.90
CA CYS B 91 -6.60 0.01 10.15
C CYS B 91 -7.98 0.33 9.59
N HIS B 92 -8.29 -0.23 8.43
CA HIS B 92 -9.59 -0.04 7.81
C HIS B 92 -10.64 -0.79 8.60
N ASP B 93 -10.30 -1.98 9.06
CA ASP B 93 -11.18 -2.76 9.91
C ASP B 93 -11.44 -1.98 11.21
N SER B 94 -10.40 -1.33 11.72
CA SER B 94 -10.54 -0.46 12.87
C SER B 94 -11.47 0.70 12.54
N PHE B 95 -11.31 1.22 11.33
CA PHE B 95 -12.16 2.30 10.82
C PHE B 95 -13.62 1.86 10.81
N LEU B 96 -13.84 0.61 10.43
CA LEU B 96 -15.17 0.01 10.42
C LEU B 96 -15.69 -0.14 11.84
N LYS B 97 -14.80 -0.52 12.72
CA LYS B 97 -15.14 -0.76 14.12
C LYS B 97 -15.11 0.55 14.91
N ALA B 98 -14.91 1.65 14.20
CA ALA B 98 -14.85 2.96 14.82
C ALA B 98 -15.88 3.91 14.22
N VAL B 99 -15.66 4.29 12.95
CA VAL B 99 -16.54 5.21 12.25
C VAL B 99 -16.12 5.30 10.78
N PRO B 100 -16.64 4.40 9.94
CA PRO B 100 -16.27 4.31 8.54
C PRO B 100 -17.11 5.23 7.66
N SER B 101 -17.38 6.43 8.18
CA SER B 101 -18.20 7.40 7.48
C SER B 101 -17.32 8.51 6.90
N GLN B 102 -16.19 8.09 6.32
CA GLN B 102 -15.25 9.00 5.66
C GLN B 102 -14.53 9.88 6.67
N LYS B 103 -13.24 9.62 6.89
CA LYS B 103 -12.44 10.43 7.79
C LYS B 103 -11.84 11.60 7.02
N ARG B 104 -12.72 12.44 6.50
CA ARG B 104 -12.32 13.59 5.70
C ARG B 104 -13.54 14.48 5.49
N THR B 105 -14.61 13.85 5.02
CA THR B 105 -15.86 14.56 4.80
C THR B 105 -17.00 13.81 5.52
N MET A 1 -0.08 8.98 30.83
CA MET A 1 -0.48 8.22 29.62
C MET A 1 -0.75 9.18 28.45
N ALA A 2 0.28 9.41 27.65
CA ALA A 2 0.16 10.28 26.49
C ALA A 2 -0.66 9.59 25.40
N LYS A 3 -0.37 8.31 25.18
CA LYS A 3 -1.05 7.50 24.17
C LYS A 3 -1.09 8.23 22.83
N ILE A 4 0.08 8.38 22.22
CA ILE A 4 0.19 9.09 20.96
C ILE A 4 0.63 8.13 19.86
N SER A 5 0.00 8.23 18.71
CA SER A 5 0.34 7.39 17.58
C SER A 5 0.40 8.23 16.30
N SER A 6 1.41 9.09 16.22
CA SER A 6 1.63 9.91 15.03
C SER A 6 2.06 9.01 13.89
N PRO A 7 1.32 9.00 12.78
CA PRO A 7 1.57 8.08 11.67
C PRO A 7 2.77 8.48 10.84
N THR A 8 3.48 7.48 10.34
CA THR A 8 4.58 7.72 9.43
C THR A 8 4.08 7.65 8.00
N GLU A 9 5.00 7.61 7.06
CA GLU A 9 4.63 7.47 5.65
C GLU A 9 3.71 6.29 5.46
N THR A 10 4.12 5.14 5.93
CA THR A 10 3.42 3.90 5.67
C THR A 10 2.11 3.87 6.43
N GLU A 11 2.11 4.43 7.62
CA GLU A 11 0.92 4.45 8.43
C GLU A 11 -0.11 5.38 7.83
N ARG A 12 0.36 6.52 7.33
CA ARG A 12 -0.52 7.48 6.69
C ARG A 12 -0.92 6.96 5.32
N CYS A 13 -0.01 6.24 4.68
CA CYS A 13 -0.23 5.70 3.34
C CYS A 13 -1.42 4.78 3.41
N ILE A 14 -1.41 4.00 4.47
CA ILE A 14 -2.41 3.01 4.72
C ILE A 14 -3.78 3.63 5.00
N GLU A 15 -3.79 4.67 5.82
CA GLU A 15 -5.04 5.28 6.21
C GLU A 15 -5.61 6.06 5.06
N SER A 16 -4.73 6.52 4.19
CA SER A 16 -5.18 7.28 3.06
C SER A 16 -5.69 6.32 1.97
N LEU A 17 -5.17 5.09 1.95
CA LEU A 17 -5.76 4.05 1.10
C LEU A 17 -7.19 3.81 1.57
N ILE A 18 -7.37 3.87 2.89
CA ILE A 18 -8.70 3.80 3.49
C ILE A 18 -9.53 4.98 2.99
N ALA A 19 -8.91 6.15 2.91
CA ALA A 19 -9.57 7.35 2.45
C ALA A 19 -10.02 7.24 0.99
N VAL A 20 -9.10 6.84 0.13
CA VAL A 20 -9.36 6.76 -1.30
C VAL A 20 -10.28 5.61 -1.62
N PHE A 21 -10.06 4.50 -0.94
CA PHE A 21 -10.89 3.33 -1.14
C PHE A 21 -12.33 3.63 -0.77
N GLN A 22 -12.54 4.13 0.45
CA GLN A 22 -13.86 4.34 0.99
C GLN A 22 -14.59 5.50 0.32
N LYS A 23 -13.87 6.39 -0.33
CA LYS A 23 -14.54 7.48 -1.03
C LYS A 23 -15.11 7.01 -2.36
N TYR A 24 -14.40 6.13 -3.05
CA TYR A 24 -14.86 5.61 -4.32
C TYR A 24 -15.78 4.41 -4.13
N ALA A 25 -15.43 3.53 -3.21
CA ALA A 25 -16.28 2.39 -2.89
C ALA A 25 -17.54 2.89 -2.19
N GLY A 26 -17.44 4.09 -1.64
CA GLY A 26 -18.56 4.69 -0.97
C GLY A 26 -19.51 5.43 -1.91
N LYS A 27 -19.12 5.51 -3.18
CA LYS A 27 -19.95 6.17 -4.19
C LYS A 27 -21.23 5.38 -4.44
N ASP A 28 -21.07 4.11 -4.82
CA ASP A 28 -22.23 3.25 -5.07
C ASP A 28 -22.90 2.90 -3.75
N GLY A 29 -22.11 2.95 -2.67
CA GLY A 29 -22.66 2.74 -1.35
C GLY A 29 -22.56 1.30 -0.88
N TYR A 30 -21.41 0.68 -1.07
CA TYR A 30 -21.20 -0.69 -0.63
C TYR A 30 -20.53 -0.72 0.74
N ASN A 31 -20.32 -1.92 1.26
CA ASN A 31 -19.67 -2.10 2.55
C ASN A 31 -18.20 -1.69 2.45
N TYR A 32 -17.42 -2.50 1.77
CA TYR A 32 -16.01 -2.20 1.58
C TYR A 32 -15.48 -2.86 0.30
N THR A 33 -16.21 -2.65 -0.78
CA THR A 33 -15.77 -3.09 -2.11
C THR A 33 -15.97 -1.99 -3.13
N LEU A 34 -14.96 -1.79 -3.94
CA LEU A 34 -14.96 -0.81 -5.01
C LEU A 34 -15.55 -1.45 -6.25
N SER A 35 -16.79 -1.10 -6.54
CA SER A 35 -17.55 -1.77 -7.58
C SER A 35 -16.98 -1.47 -8.97
N LYS A 36 -17.49 -2.20 -9.97
CA LYS A 36 -16.94 -2.20 -11.32
C LYS A 36 -16.65 -0.79 -11.81
N THR A 37 -17.70 0.00 -11.94
CA THR A 37 -17.60 1.34 -12.47
C THR A 37 -16.84 2.25 -11.51
N GLU A 38 -16.85 1.87 -10.24
CA GLU A 38 -16.29 2.71 -9.21
C GLU A 38 -14.78 2.73 -9.31
N PHE A 39 -14.17 1.60 -9.67
CA PHE A 39 -12.73 1.57 -9.83
C PHE A 39 -12.36 2.03 -11.21
N LEU A 40 -13.29 1.92 -12.13
CA LEU A 40 -13.10 2.47 -13.44
C LEU A 40 -12.84 3.97 -13.31
N SER A 41 -13.67 4.62 -12.51
CA SER A 41 -13.51 6.04 -12.22
C SER A 41 -12.24 6.25 -11.39
N PHE A 42 -12.08 5.42 -10.35
CA PHE A 42 -10.92 5.50 -9.48
C PHE A 42 -9.63 5.41 -10.27
N MET A 43 -9.44 4.31 -10.95
CA MET A 43 -8.20 4.06 -11.67
C MET A 43 -7.90 5.15 -12.71
N ASN A 44 -8.92 5.68 -13.37
CA ASN A 44 -8.69 6.72 -14.37
C ASN A 44 -8.37 8.05 -13.72
N THR A 45 -8.70 8.22 -12.45
CA THR A 45 -8.44 9.48 -11.76
C THR A 45 -7.25 9.37 -10.83
N GLU A 46 -7.39 8.50 -9.85
CA GLU A 46 -6.42 8.34 -8.79
C GLU A 46 -5.25 7.47 -9.23
N LEU A 47 -5.37 6.82 -10.39
CA LEU A 47 -4.29 6.01 -10.92
C LEU A 47 -4.07 6.27 -12.39
N ALA A 48 -4.41 7.47 -12.83
CA ALA A 48 -4.25 7.86 -14.21
C ALA A 48 -2.79 7.79 -14.66
N ALA A 49 -1.86 7.85 -13.71
CA ALA A 49 -0.44 7.69 -14.02
C ALA A 49 -0.19 6.32 -14.61
N PHE A 50 -0.87 5.32 -14.07
CA PHE A 50 -0.76 3.95 -14.54
C PHE A 50 -1.72 3.71 -15.69
N THR A 51 -2.98 4.02 -15.44
CA THR A 51 -4.06 3.72 -16.35
C THR A 51 -3.87 4.39 -17.72
N LYS A 52 -3.74 5.71 -17.71
CA LYS A 52 -3.70 6.48 -18.94
C LYS A 52 -2.39 6.27 -19.70
N ASN A 53 -1.51 5.49 -19.10
CA ASN A 53 -0.24 5.18 -19.71
C ASN A 53 -0.35 3.87 -20.51
N GLN A 54 -1.53 3.27 -20.47
CA GLN A 54 -1.79 2.03 -21.19
C GLN A 54 -3.08 2.12 -22.01
N LYS A 55 -4.21 2.02 -21.34
CA LYS A 55 -5.52 2.09 -22.00
C LYS A 55 -6.51 2.82 -21.10
N ASP A 56 -7.80 2.62 -21.32
CA ASP A 56 -8.79 3.22 -20.44
C ASP A 56 -9.60 2.16 -19.67
N PRO A 57 -10.63 1.50 -20.26
CA PRO A 57 -11.45 0.57 -19.50
C PRO A 57 -10.96 -0.88 -19.53
N GLY A 58 -10.49 -1.34 -20.68
CA GLY A 58 -10.10 -2.73 -20.84
C GLY A 58 -8.99 -3.12 -19.90
N VAL A 59 -8.14 -2.17 -19.56
CA VAL A 59 -7.06 -2.45 -18.65
C VAL A 59 -7.56 -2.62 -17.23
N LEU A 60 -8.49 -1.76 -16.84
CA LEU A 60 -9.06 -1.84 -15.51
C LEU A 60 -9.88 -3.11 -15.38
N ASP A 61 -10.25 -3.63 -16.55
CA ASP A 61 -10.96 -4.90 -16.63
C ASP A 61 -10.02 -6.04 -16.28
N ARG A 62 -8.78 -5.90 -16.72
CA ARG A 62 -7.75 -6.88 -16.42
C ARG A 62 -7.36 -6.79 -14.96
N MET A 63 -7.30 -5.56 -14.46
CA MET A 63 -7.02 -5.33 -13.05
C MET A 63 -8.14 -5.94 -12.22
N MET A 64 -9.37 -5.60 -12.59
CA MET A 64 -10.57 -6.11 -11.94
C MET A 64 -10.46 -7.58 -11.65
N LYS A 65 -10.32 -8.35 -12.71
CA LYS A 65 -10.44 -9.79 -12.58
C LYS A 65 -9.21 -10.43 -11.93
N LYS A 66 -8.09 -9.73 -11.96
CA LYS A 66 -6.91 -10.17 -11.24
C LYS A 66 -7.12 -9.96 -9.74
N LEU A 67 -7.72 -8.83 -9.40
CA LEU A 67 -7.83 -8.42 -8.00
C LEU A 67 -9.11 -8.94 -7.37
N ASP A 68 -10.21 -8.93 -8.13
CA ASP A 68 -11.52 -9.42 -7.68
C ASP A 68 -11.41 -10.87 -7.26
N THR A 69 -10.87 -11.03 -6.08
CA THR A 69 -10.58 -12.34 -5.54
C THR A 69 -11.79 -12.87 -4.79
N ASN A 70 -12.65 -11.96 -4.39
CA ASN A 70 -13.92 -12.30 -3.77
C ASN A 70 -14.91 -12.73 -4.83
N SER A 71 -14.53 -12.42 -6.07
CA SER A 71 -15.28 -12.82 -7.26
C SER A 71 -16.69 -12.26 -7.22
N ASP A 72 -16.80 -11.03 -6.74
CA ASP A 72 -18.09 -10.38 -6.60
C ASP A 72 -18.26 -9.34 -7.70
N GLY A 73 -17.15 -8.99 -8.34
CA GLY A 73 -17.19 -8.01 -9.40
C GLY A 73 -16.81 -6.66 -8.89
N GLN A 74 -16.16 -6.66 -7.75
CA GLN A 74 -15.74 -5.45 -7.08
C GLN A 74 -14.34 -5.66 -6.56
N LEU A 75 -13.71 -4.60 -6.13
CA LEU A 75 -12.40 -4.71 -5.54
C LEU A 75 -12.45 -4.33 -4.08
N ASP A 76 -12.35 -5.34 -3.27
CA ASP A 76 -12.37 -5.21 -1.84
C ASP A 76 -11.06 -4.61 -1.35
N PHE A 77 -11.04 -4.16 -0.10
CA PHE A 77 -9.86 -3.53 0.48
C PHE A 77 -8.58 -4.29 0.16
N SER A 78 -8.55 -5.58 0.50
CA SER A 78 -7.37 -6.40 0.26
C SER A 78 -7.06 -6.50 -1.23
N GLU A 79 -8.09 -6.48 -2.05
CA GLU A 79 -7.94 -6.58 -3.49
C GLU A 79 -7.41 -5.27 -4.05
N PHE A 80 -7.88 -4.19 -3.45
CA PHE A 80 -7.40 -2.84 -3.77
C PHE A 80 -5.94 -2.71 -3.34
N LEU A 81 -5.59 -3.41 -2.28
CA LEU A 81 -4.22 -3.39 -1.79
C LEU A 81 -3.36 -4.33 -2.61
N ASN A 82 -3.96 -5.38 -3.12
CA ASN A 82 -3.31 -6.22 -4.10
C ASN A 82 -2.97 -5.38 -5.31
N LEU A 83 -3.92 -4.54 -5.67
CA LEU A 83 -3.74 -3.53 -6.70
C LEU A 83 -2.55 -2.65 -6.37
N ILE A 84 -2.63 -2.00 -5.21
CA ILE A 84 -1.56 -1.15 -4.71
C ILE A 84 -0.21 -1.88 -4.77
N GLY A 85 -0.25 -3.17 -4.48
CA GLY A 85 0.93 -4.00 -4.58
C GLY A 85 1.47 -4.05 -6.00
N GLY A 86 0.61 -4.35 -6.96
CA GLY A 86 1.05 -4.51 -8.34
C GLY A 86 1.47 -3.17 -8.92
N LEU A 87 0.81 -2.13 -8.45
CA LEU A 87 1.13 -0.78 -8.82
C LEU A 87 2.52 -0.41 -8.33
N ALA A 88 2.70 -0.53 -7.02
CA ALA A 88 3.96 -0.19 -6.39
C ALA A 88 5.08 -1.03 -6.95
N MET A 89 4.75 -2.25 -7.31
CA MET A 89 5.74 -3.16 -7.83
C MET A 89 6.21 -2.71 -9.19
N ALA A 90 5.30 -2.15 -9.97
CA ALA A 90 5.67 -1.58 -11.26
C ALA A 90 6.40 -0.25 -11.05
N CYS A 91 6.01 0.46 -10.00
CA CYS A 91 6.60 1.74 -9.67
C CYS A 91 8.05 1.59 -9.20
N HIS A 92 8.30 0.66 -8.29
CA HIS A 92 9.66 0.45 -7.81
C HIS A 92 10.50 -0.14 -8.94
N ASP A 93 9.85 -0.95 -9.77
CA ASP A 93 10.50 -1.52 -10.93
C ASP A 93 10.93 -0.39 -11.87
N SER A 94 10.13 0.66 -11.88
CA SER A 94 10.44 1.86 -12.63
C SER A 94 11.62 2.59 -12.00
N PHE A 95 11.58 2.74 -10.68
CA PHE A 95 12.61 3.44 -9.92
C PHE A 95 13.96 2.75 -10.08
N LEU A 96 13.94 1.44 -10.02
CA LEU A 96 15.16 0.64 -10.12
C LEU A 96 15.74 0.71 -11.52
N LYS A 97 14.92 1.11 -12.47
CA LYS A 97 15.35 1.26 -13.85
C LYS A 97 15.44 2.73 -14.22
N ALA A 98 15.35 3.59 -13.21
CA ALA A 98 15.38 5.02 -13.42
C ALA A 98 16.42 5.68 -12.52
N VAL A 99 16.18 5.63 -11.22
CA VAL A 99 17.07 6.21 -10.23
C VAL A 99 16.55 5.94 -8.82
N PRO A 100 16.97 4.83 -8.21
CA PRO A 100 16.57 4.45 -6.87
C PRO A 100 17.57 4.90 -5.82
N SER A 101 18.48 5.78 -6.22
CA SER A 101 19.53 6.27 -5.34
C SER A 101 19.02 7.43 -4.48
N GLN A 102 17.85 7.24 -3.89
CA GLN A 102 17.27 8.24 -3.01
C GLN A 102 18.14 8.44 -1.77
N LYS A 103 18.51 9.69 -1.51
CA LYS A 103 19.36 10.07 -0.38
C LYS A 103 20.80 9.62 -0.62
N ARG A 104 20.98 8.33 -0.88
CA ARG A 104 22.29 7.76 -1.22
C ARG A 104 23.30 8.01 -0.09
N THR A 105 23.21 7.20 0.95
CA THR A 105 24.13 7.30 2.06
C THR A 105 25.12 6.12 2.04
N MET B 1 2.66 18.72 -25.94
CA MET B 1 2.88 17.54 -25.07
C MET B 1 3.27 17.98 -23.67
N ALA B 2 2.29 18.10 -22.80
CA ALA B 2 2.53 18.48 -21.41
C ALA B 2 3.17 17.34 -20.65
N LYS B 3 2.63 16.13 -20.86
CA LYS B 3 3.13 14.92 -20.22
C LYS B 3 3.27 15.13 -18.72
N ILE B 4 2.13 15.27 -18.06
CA ILE B 4 2.09 15.52 -16.62
C ILE B 4 1.46 14.34 -15.90
N SER B 5 2.07 13.92 -14.80
CA SER B 5 1.54 12.84 -14.01
C SER B 5 1.59 13.19 -12.53
N SER B 6 0.75 14.13 -12.13
CA SER B 6 0.64 14.53 -10.73
C SER B 6 0.01 13.40 -9.93
N PRO B 7 0.71 12.88 -8.92
CA PRO B 7 0.27 11.69 -8.18
C PRO B 7 -0.87 11.99 -7.23
N THR B 8 -1.75 11.04 -7.07
CA THR B 8 -2.83 11.13 -6.12
C THR B 8 -2.39 10.51 -4.81
N GLU B 9 -3.33 10.31 -3.89
CA GLU B 9 -3.04 9.64 -2.64
C GLU B 9 -2.34 8.31 -2.89
N THR B 10 -2.95 7.48 -3.71
CA THR B 10 -2.48 6.13 -3.90
C THR B 10 -1.18 6.12 -4.66
N GLU B 11 -1.04 7.03 -5.59
CA GLU B 11 0.16 7.12 -6.40
C GLU B 11 1.32 7.60 -5.54
N ARG B 12 1.05 8.55 -4.68
CA ARG B 12 2.06 9.07 -3.77
C ARG B 12 2.32 8.06 -2.66
N CYS B 13 1.27 7.34 -2.28
CA CYS B 13 1.35 6.34 -1.22
C CYS B 13 2.36 5.31 -1.64
N ILE B 14 2.25 4.95 -2.90
CA ILE B 14 3.06 3.94 -3.50
C ILE B 14 4.51 4.36 -3.59
N GLU B 15 4.74 5.59 -4.01
CA GLU B 15 6.10 6.07 -4.21
C GLU B 15 6.76 6.30 -2.88
N SER B 16 5.95 6.58 -1.87
CA SER B 16 6.50 6.81 -0.58
C SER B 16 6.79 5.48 0.11
N LEU B 17 6.06 4.43 -0.27
CA LEU B 17 6.43 3.07 0.15
C LEU B 17 7.80 2.75 -0.41
N ILE B 18 8.03 3.22 -1.64
CA ILE B 18 9.35 3.13 -2.27
C ILE B 18 10.36 3.90 -1.43
N ALA B 19 9.95 5.06 -0.94
CA ALA B 19 10.80 5.90 -0.12
C ALA B 19 11.17 5.21 1.20
N VAL B 20 10.17 4.73 1.91
CA VAL B 20 10.38 4.12 3.22
C VAL B 20 11.06 2.78 3.10
N PHE B 21 10.66 2.03 2.10
CA PHE B 21 11.27 0.74 1.86
C PHE B 21 12.75 0.87 1.56
N GLN B 22 13.07 1.72 0.59
CA GLN B 22 14.44 1.84 0.10
C GLN B 22 15.33 2.57 1.09
N LYS B 23 14.77 3.29 2.04
CA LYS B 23 15.59 3.95 3.03
C LYS B 23 16.04 2.96 4.11
N TYR B 24 15.15 2.04 4.48
CA TYR B 24 15.48 1.04 5.50
C TYR B 24 16.18 -0.17 4.89
N ALA B 25 15.70 -0.61 3.74
CA ALA B 25 16.34 -1.69 3.01
C ALA B 25 17.70 -1.22 2.49
N GLY B 26 17.84 0.10 2.38
CA GLY B 26 19.07 0.68 1.91
C GLY B 26 20.09 0.87 3.02
N LYS B 27 19.70 0.57 4.26
CA LYS B 27 20.60 0.71 5.40
C LYS B 27 21.70 -0.34 5.34
N ASP B 28 21.31 -1.61 5.27
CA ASP B 28 22.27 -2.70 5.17
C ASP B 28 22.92 -2.71 3.79
N GLY B 29 22.18 -2.16 2.82
CA GLY B 29 22.73 -1.99 1.48
C GLY B 29 22.39 -3.14 0.56
N TYR B 30 21.14 -3.56 0.57
CA TYR B 30 20.71 -4.65 -0.31
C TYR B 30 20.08 -4.10 -1.58
N ASN B 31 19.68 -5.00 -2.48
CA ASN B 31 19.05 -4.61 -3.73
C ASN B 31 17.69 -3.99 -3.45
N TYR B 32 16.74 -4.83 -3.06
CA TYR B 32 15.40 -4.37 -2.74
C TYR B 32 14.72 -5.32 -1.74
N THR B 33 15.44 -5.63 -0.68
CA THR B 33 14.89 -6.41 0.43
C THR B 33 15.25 -5.76 1.76
N LEU B 34 14.25 -5.68 2.63
CA LEU B 34 14.41 -5.13 3.95
C LEU B 34 14.84 -6.25 4.89
N SER B 35 16.11 -6.25 5.24
CA SER B 35 16.70 -7.35 5.98
C SER B 35 16.15 -7.45 7.39
N LYS B 36 16.49 -8.55 8.08
CA LYS B 36 15.90 -8.90 9.36
C LYS B 36 15.86 -7.72 10.32
N THR B 37 17.03 -7.23 10.67
CA THR B 37 17.16 -6.14 11.63
C THR B 37 16.60 -4.84 11.06
N GLU B 38 16.59 -4.76 9.74
CA GLU B 38 16.22 -3.53 9.07
C GLU B 38 14.72 -3.29 9.22
N PHE B 39 13.91 -4.35 9.19
CA PHE B 39 12.48 -4.17 9.37
C PHE B 39 12.16 -4.15 10.84
N LEU B 40 13.02 -4.74 11.63
CA LEU B 40 12.90 -4.63 13.06
C LEU B 40 12.92 -3.15 13.46
N SER B 41 13.87 -2.42 12.90
CA SER B 41 13.98 -0.99 13.10
C SER B 41 12.80 -0.29 12.44
N PHE B 42 12.52 -0.66 11.19
CA PHE B 42 11.41 -0.10 10.43
C PHE B 42 10.11 -0.21 11.19
N MET B 43 9.70 -1.43 11.46
CA MET B 43 8.42 -1.68 12.09
C MET B 43 8.29 -0.97 13.44
N ASN B 44 9.37 -0.90 14.20
CA ASN B 44 9.29 -0.23 15.50
C ASN B 44 9.24 1.28 15.37
N THR B 45 9.63 1.80 14.22
CA THR B 45 9.62 3.25 14.01
C THR B 45 8.46 3.67 13.12
N GLU B 46 8.48 3.18 11.91
CA GLU B 46 7.53 3.57 10.90
C GLU B 46 6.21 2.82 11.05
N LEU B 47 6.18 1.80 11.91
CA LEU B 47 4.94 1.07 12.17
C LEU B 47 4.72 0.85 13.64
N ALA B 48 5.27 1.76 14.45
CA ALA B 48 5.14 1.67 15.89
C ALA B 48 3.67 1.72 16.33
N ALA B 49 2.79 2.26 15.48
CA ALA B 49 1.36 2.26 15.76
C ALA B 49 0.85 0.83 15.87
N PHE B 50 1.36 -0.02 15.00
CA PHE B 50 0.99 -1.43 14.98
C PHE B 50 1.86 -2.21 15.95
N THR B 51 3.16 -2.06 15.78
CA THR B 51 4.15 -2.85 16.51
C THR B 51 4.04 -2.65 18.02
N LYS B 52 4.14 -1.40 18.47
CA LYS B 52 4.20 -1.11 19.90
C LYS B 52 2.85 -1.33 20.56
N ASN B 53 1.86 -1.69 19.76
CA ASN B 53 0.54 -1.96 20.27
C ASN B 53 0.39 -3.45 20.58
N GLN B 54 1.45 -4.20 20.31
CA GLN B 54 1.44 -5.64 20.56
C GLN B 54 2.71 -6.06 21.32
N LYS B 55 3.83 -6.12 20.61
CA LYS B 55 5.10 -6.52 21.21
C LYS B 55 6.24 -5.72 20.59
N ASP B 56 7.47 -6.22 20.68
CA ASP B 56 8.57 -5.54 20.02
C ASP B 56 9.20 -6.40 18.92
N PRO B 57 10.09 -7.39 19.21
CA PRO B 57 10.75 -8.15 18.17
C PRO B 57 10.01 -9.40 17.72
N GLY B 58 9.42 -10.13 18.66
CA GLY B 58 8.79 -11.40 18.34
C GLY B 58 7.65 -11.25 17.36
N VAL B 59 6.99 -10.11 17.39
CA VAL B 59 5.91 -9.85 16.47
C VAL B 59 6.43 -9.62 15.07
N LEU B 60 7.49 -8.85 14.96
CA LEU B 60 8.09 -8.58 13.67
C LEU B 60 8.67 -9.87 13.10
N ASP B 61 8.91 -10.81 14.00
CA ASP B 61 9.37 -12.14 13.63
C ASP B 61 8.26 -12.90 12.94
N ARG B 62 7.05 -12.70 13.44
CA ARG B 62 5.87 -13.33 12.86
C ARG B 62 5.55 -12.67 11.54
N MET B 63 5.72 -11.35 11.48
CA MET B 63 5.54 -10.61 10.24
C MET B 63 6.55 -11.10 9.22
N MET B 64 7.81 -11.12 9.65
CA MET B 64 8.92 -11.58 8.82
C MET B 64 8.56 -12.83 8.05
N LYS B 65 8.25 -13.88 8.78
CA LYS B 65 8.12 -15.19 8.18
C LYS B 65 6.82 -15.33 7.39
N LYS B 66 5.84 -14.49 7.70
CA LYS B 66 4.62 -14.44 6.90
C LYS B 66 4.91 -13.79 5.55
N LEU B 67 5.71 -12.74 5.59
CA LEU B 67 5.94 -11.91 4.43
C LEU B 67 7.12 -12.38 3.61
N ASP B 68 8.18 -12.85 4.30
CA ASP B 68 9.41 -13.37 3.66
C ASP B 68 9.04 -14.55 2.77
N THR B 69 8.52 -14.21 1.62
CA THR B 69 8.03 -15.17 0.69
C THR B 69 9.14 -15.62 -0.25
N ASN B 70 10.17 -14.81 -0.32
CA ASN B 70 11.36 -15.14 -1.07
C ASN B 70 12.23 -16.08 -0.24
N SER B 71 11.88 -16.15 1.04
CA SER B 71 12.50 -17.04 2.00
C SER B 71 13.99 -16.77 2.11
N ASP B 72 14.34 -15.49 2.07
CA ASP B 72 15.73 -15.08 2.12
C ASP B 72 16.04 -14.52 3.49
N GLY B 73 14.99 -14.21 4.24
CA GLY B 73 15.17 -13.68 5.58
C GLY B 73 15.06 -12.18 5.57
N GLN B 74 14.45 -11.67 4.52
CA GLN B 74 14.28 -10.26 4.32
C GLN B 74 12.87 -10.03 3.80
N LEU B 75 12.46 -8.79 3.78
CA LEU B 75 11.18 -8.45 3.22
C LEU B 75 11.34 -7.62 1.98
N ASP B 76 11.08 -8.27 0.88
CA ASP B 76 11.17 -7.65 -0.44
C ASP B 76 10.01 -6.70 -0.65
N PHE B 77 10.11 -5.87 -1.66
CA PHE B 77 9.08 -4.87 -1.96
C PHE B 77 7.67 -5.46 -1.88
N SER B 78 7.42 -6.52 -2.63
CA SER B 78 6.12 -7.16 -2.65
C SER B 78 5.73 -7.69 -1.27
N GLU B 79 6.72 -8.14 -0.53
CA GLU B 79 6.51 -8.69 0.80
C GLU B 79 6.22 -7.57 1.80
N PHE B 80 6.89 -6.45 1.58
CA PHE B 80 6.64 -5.24 2.35
C PHE B 80 5.25 -4.71 2.03
N LEU B 81 4.81 -4.92 0.81
CA LEU B 81 3.48 -4.51 0.40
C LEU B 81 2.45 -5.50 0.87
N ASN B 82 2.83 -6.75 0.99
CA ASN B 82 2.01 -7.74 1.63
C ASN B 82 1.78 -7.32 3.08
N LEU B 83 2.86 -6.83 3.66
CA LEU B 83 2.83 -6.21 4.97
C LEU B 83 1.84 -5.07 5.01
N ILE B 84 2.06 -4.10 4.13
CA ILE B 84 1.17 -2.95 3.99
C ILE B 84 -0.28 -3.40 3.84
N GLY B 85 -0.46 -4.50 3.12
CA GLY B 85 -1.78 -5.10 2.98
C GLY B 85 -2.36 -5.52 4.31
N GLY B 86 -1.59 -6.27 5.09
CA GLY B 86 -2.10 -6.81 6.35
C GLY B 86 -2.30 -5.70 7.36
N LEU B 87 -1.45 -4.70 7.25
CA LEU B 87 -1.53 -3.51 8.07
C LEU B 87 -2.81 -2.76 7.77
N ALA B 88 -2.97 -2.38 6.51
CA ALA B 88 -4.14 -1.65 6.06
C ALA B 88 -5.41 -2.41 6.34
N MET B 89 -5.31 -3.71 6.25
CA MET B 89 -6.44 -4.55 6.47
C MET B 89 -6.88 -4.52 7.92
N ALA B 90 -5.91 -4.42 8.81
CA ALA B 90 -6.21 -4.27 10.22
C ALA B 90 -6.68 -2.85 10.52
N CYS B 91 -6.15 -1.90 9.75
CA CYS B 91 -6.49 -0.50 9.90
C CYS B 91 -7.92 -0.23 9.44
N HIS B 92 -8.31 -0.73 8.27
CA HIS B 92 -9.67 -0.52 7.80
C HIS B 92 -10.63 -1.30 8.68
N ASP B 93 -10.17 -2.44 9.17
CA ASP B 93 -10.95 -3.24 10.10
C ASP B 93 -11.20 -2.44 11.37
N SER B 94 -10.22 -1.61 11.70
CA SER B 94 -10.33 -0.70 12.83
C SER B 94 -11.34 0.40 12.51
N PHE B 95 -11.23 0.98 11.33
CA PHE B 95 -12.10 2.06 10.90
C PHE B 95 -13.55 1.61 10.84
N LEU B 96 -13.76 0.41 10.35
CA LEU B 96 -15.11 -0.14 10.21
C LEU B 96 -15.72 -0.44 11.57
N LYS B 97 -14.87 -0.54 12.56
CA LYS B 97 -15.31 -0.79 13.93
C LYS B 97 -15.13 0.46 14.78
N ALA B 98 -14.87 1.57 14.12
CA ALA B 98 -14.65 2.84 14.80
C ALA B 98 -15.53 3.93 14.22
N VAL B 99 -15.26 4.28 12.96
CA VAL B 99 -16.00 5.32 12.26
C VAL B 99 -15.48 5.45 10.82
N PRO B 100 -16.09 4.71 9.89
CA PRO B 100 -15.71 4.74 8.49
C PRO B 100 -16.58 5.69 7.68
N SER B 101 -17.33 6.53 8.39
CA SER B 101 -18.25 7.46 7.77
C SER B 101 -17.52 8.73 7.34
N GLN B 102 -16.38 8.55 6.68
CA GLN B 102 -15.60 9.67 6.16
C GLN B 102 -16.39 10.43 5.10
N LYS B 103 -16.50 11.74 5.29
CA LYS B 103 -17.25 12.62 4.39
C LYS B 103 -18.75 12.39 4.49
N ARG B 104 -19.16 11.14 4.31
CA ARG B 104 -20.56 10.74 4.47
C ARG B 104 -21.47 11.53 3.53
N THR B 105 -21.51 11.12 2.28
CA THR B 105 -22.36 11.75 1.30
C THR B 105 -23.53 10.84 0.96
N MET A 1 3.47 10.65 29.05
CA MET A 1 4.36 11.26 28.03
C MET A 1 4.93 10.19 27.12
N ALA A 2 5.56 10.63 26.02
CA ALA A 2 6.16 9.71 25.05
C ALA A 2 5.12 8.72 24.52
N LYS A 3 3.95 9.24 24.19
CA LYS A 3 2.86 8.42 23.68
C LYS A 3 3.18 7.92 22.28
N ILE A 4 3.54 8.85 21.40
CA ILE A 4 3.91 8.53 20.02
C ILE A 4 2.80 7.75 19.33
N SER A 5 1.67 8.42 19.11
CA SER A 5 0.57 7.85 18.39
C SER A 5 0.48 8.47 17.00
N SER A 6 1.58 9.09 16.59
CA SER A 6 1.68 9.72 15.30
C SER A 6 2.14 8.71 14.26
N PRO A 7 1.50 8.69 13.08
CA PRO A 7 1.83 7.75 12.01
C PRO A 7 3.06 8.20 11.23
N THR A 8 3.70 7.26 10.56
CA THR A 8 4.84 7.58 9.74
C THR A 8 4.42 7.67 8.29
N GLU A 9 5.40 7.76 7.40
CA GLU A 9 5.15 7.84 5.98
C GLU A 9 4.23 6.70 5.52
N THR A 10 4.60 5.48 5.86
CA THR A 10 3.83 4.31 5.44
C THR A 10 2.46 4.30 6.09
N GLU A 11 2.42 4.64 7.38
CA GLU A 11 1.17 4.55 8.13
C GLU A 11 0.16 5.57 7.63
N ARG A 12 0.61 6.79 7.43
CA ARG A 12 -0.26 7.84 6.93
C ARG A 12 -0.67 7.52 5.49
N CYS A 13 0.24 6.89 4.78
CA CYS A 13 0.04 6.52 3.40
C CYS A 13 -0.94 5.37 3.32
N ILE A 14 -0.86 4.51 4.31
CA ILE A 14 -1.80 3.43 4.49
C ILE A 14 -3.21 3.96 4.67
N GLU A 15 -3.34 4.97 5.54
CA GLU A 15 -4.63 5.52 5.88
C GLU A 15 -5.20 6.27 4.71
N SER A 16 -4.30 6.71 3.85
CA SER A 16 -4.68 7.43 2.69
C SER A 16 -5.21 6.47 1.63
N LEU A 17 -4.77 5.22 1.69
CA LEU A 17 -5.38 4.17 0.89
C LEU A 17 -6.77 3.91 1.43
N ILE A 18 -6.89 3.92 2.77
CA ILE A 18 -8.19 3.87 3.41
C ILE A 18 -9.06 5.01 2.90
N ALA A 19 -8.46 6.18 2.75
CA ALA A 19 -9.17 7.35 2.28
C ALA A 19 -9.74 7.14 0.87
N VAL A 20 -8.86 6.89 -0.10
CA VAL A 20 -9.30 6.75 -1.48
C VAL A 20 -10.20 5.53 -1.65
N PHE A 21 -9.85 4.46 -0.95
CA PHE A 21 -10.65 3.24 -1.04
C PHE A 21 -12.04 3.45 -0.48
N GLN A 22 -12.12 3.99 0.73
CA GLN A 22 -13.39 4.07 1.44
C GLN A 22 -14.37 5.00 0.74
N LYS A 23 -13.85 6.01 0.08
CA LYS A 23 -14.72 6.97 -0.59
C LYS A 23 -15.28 6.41 -1.89
N TYR A 24 -14.46 5.66 -2.63
CA TYR A 24 -14.90 5.11 -3.91
C TYR A 24 -15.57 3.74 -3.77
N ALA A 25 -15.01 2.90 -2.92
CA ALA A 25 -15.55 1.57 -2.69
C ALA A 25 -16.77 1.62 -1.78
N GLY A 26 -16.92 2.73 -1.08
CA GLY A 26 -18.07 2.91 -0.22
C GLY A 26 -19.33 3.23 -1.02
N LYS A 27 -19.18 3.34 -2.32
CA LYS A 27 -20.30 3.67 -3.20
C LYS A 27 -21.25 2.50 -3.33
N ASP A 28 -20.71 1.30 -3.55
CA ASP A 28 -21.55 0.11 -3.64
C ASP A 28 -22.01 -0.31 -2.25
N GLY A 29 -21.18 0.03 -1.26
CA GLY A 29 -21.56 -0.10 0.15
C GLY A 29 -21.97 -1.49 0.60
N TYR A 30 -21.73 -2.51 -0.21
CA TYR A 30 -22.16 -3.86 0.14
C TYR A 30 -21.25 -4.43 1.22
N ASN A 31 -20.02 -4.74 0.86
CA ASN A 31 -19.04 -5.23 1.83
C ASN A 31 -17.78 -4.39 1.75
N TYR A 32 -17.96 -3.12 1.36
CA TYR A 32 -16.86 -2.19 1.17
C TYR A 32 -15.94 -2.69 0.06
N THR A 33 -16.46 -2.64 -1.15
CA THR A 33 -15.77 -3.12 -2.33
C THR A 33 -15.90 -2.11 -3.44
N LEU A 34 -14.83 -1.92 -4.18
CA LEU A 34 -14.81 -1.02 -5.32
C LEU A 34 -15.31 -1.76 -6.53
N SER A 35 -16.54 -1.46 -6.90
CA SER A 35 -17.23 -2.19 -7.95
C SER A 35 -16.60 -1.89 -9.30
N LYS A 36 -17.06 -2.61 -10.32
CA LYS A 36 -16.42 -2.56 -11.63
C LYS A 36 -16.30 -1.13 -12.13
N THR A 37 -17.43 -0.48 -12.33
CA THR A 37 -17.44 0.86 -12.88
C THR A 37 -16.81 1.87 -11.94
N GLU A 38 -16.94 1.64 -10.66
CA GLU A 38 -16.32 2.50 -9.66
C GLU A 38 -14.83 2.43 -9.87
N PHE A 39 -14.31 1.21 -9.91
CA PHE A 39 -12.90 0.99 -10.08
C PHE A 39 -12.41 1.61 -11.38
N LEU A 40 -13.21 1.43 -12.42
CA LEU A 40 -12.89 1.97 -13.72
C LEU A 40 -12.69 3.48 -13.65
N SER A 41 -13.63 4.15 -13.02
CA SER A 41 -13.60 5.59 -12.93
C SER A 41 -12.49 6.07 -12.00
N PHE A 42 -12.34 5.38 -10.88
CA PHE A 42 -11.46 5.80 -9.79
C PHE A 42 -10.04 5.32 -9.97
N MET A 43 -9.86 4.30 -10.79
CA MET A 43 -8.53 3.95 -11.22
C MET A 43 -8.12 4.84 -12.38
N ASN A 44 -9.10 5.40 -13.07
CA ASN A 44 -8.81 6.35 -14.14
C ASN A 44 -8.74 7.77 -13.59
N THR A 45 -9.08 7.93 -12.33
CA THR A 45 -8.90 9.22 -11.67
C THR A 45 -7.71 9.18 -10.75
N GLU A 46 -7.76 8.28 -9.77
CA GLU A 46 -6.74 8.20 -8.76
C GLU A 46 -5.54 7.42 -9.28
N LEU A 47 -5.72 6.66 -10.34
CA LEU A 47 -4.60 5.93 -10.91
C LEU A 47 -4.44 6.22 -12.39
N ALA A 48 -4.95 7.36 -12.81
CA ALA A 48 -4.80 7.84 -14.17
C ALA A 48 -3.34 7.82 -14.63
N ALA A 49 -2.42 8.05 -13.71
CA ALA A 49 -0.99 8.00 -14.01
C ALA A 49 -0.60 6.65 -14.56
N PHE A 50 -1.16 5.61 -13.98
CA PHE A 50 -0.87 4.24 -14.38
C PHE A 50 -1.77 3.83 -15.53
N THR A 51 -3.05 4.13 -15.38
CA THR A 51 -4.07 3.77 -16.34
C THR A 51 -3.75 4.31 -17.73
N LYS A 52 -3.57 5.63 -17.83
CA LYS A 52 -3.40 6.28 -19.12
C LYS A 52 -2.08 5.88 -19.77
N ASN A 53 -1.22 5.24 -19.00
CA ASN A 53 0.08 4.86 -19.48
C ASN A 53 -0.01 3.59 -20.32
N GLN A 54 -1.08 2.82 -20.11
CA GLN A 54 -1.30 1.58 -20.84
C GLN A 54 -2.79 1.31 -21.03
N LYS A 55 -3.28 1.65 -22.23
CA LYS A 55 -4.70 1.49 -22.57
C LYS A 55 -5.57 2.41 -21.72
N ASP A 56 -6.89 2.21 -21.78
CA ASP A 56 -7.80 3.04 -20.99
C ASP A 56 -8.74 2.18 -20.13
N PRO A 57 -9.83 1.55 -20.67
CA PRO A 57 -10.74 0.79 -19.86
C PRO A 57 -10.35 -0.68 -19.68
N GLY A 58 -9.96 -1.33 -20.77
CA GLY A 58 -9.74 -2.77 -20.75
C GLY A 58 -8.62 -3.18 -19.81
N VAL A 59 -7.73 -2.25 -19.51
CA VAL A 59 -6.62 -2.53 -18.62
C VAL A 59 -7.11 -2.67 -17.18
N LEU A 60 -8.01 -1.78 -16.79
CA LEU A 60 -8.56 -1.82 -15.46
C LEU A 60 -9.44 -3.05 -15.33
N ASP A 61 -9.89 -3.52 -16.49
CA ASP A 61 -10.67 -4.74 -16.56
C ASP A 61 -9.81 -5.92 -16.19
N ARG A 62 -8.59 -5.90 -16.70
CA ARG A 62 -7.61 -6.93 -16.41
C ARG A 62 -7.26 -6.90 -14.93
N MET A 63 -7.09 -5.69 -14.40
CA MET A 63 -6.81 -5.50 -12.99
C MET A 63 -7.92 -6.08 -12.16
N MET A 64 -9.14 -5.62 -12.43
CA MET A 64 -10.32 -6.09 -11.73
C MET A 64 -10.31 -7.62 -11.60
N LYS A 65 -10.24 -8.31 -12.73
CA LYS A 65 -10.37 -9.76 -12.71
C LYS A 65 -9.14 -10.43 -12.10
N LYS A 66 -8.01 -9.75 -12.12
CA LYS A 66 -6.80 -10.24 -11.47
C LYS A 66 -6.95 -10.13 -9.95
N LEU A 67 -7.45 -9.00 -9.51
CA LEU A 67 -7.49 -8.66 -8.10
C LEU A 67 -8.76 -9.17 -7.43
N ASP A 68 -9.84 -9.22 -8.21
CA ASP A 68 -11.14 -9.71 -7.76
C ASP A 68 -11.05 -11.15 -7.31
N THR A 69 -10.46 -11.30 -6.15
CA THR A 69 -10.24 -12.58 -5.54
C THR A 69 -11.45 -12.96 -4.71
N ASN A 70 -12.28 -11.95 -4.45
CA ASN A 70 -13.56 -12.15 -3.80
C ASN A 70 -14.53 -12.72 -4.82
N SER A 71 -14.09 -12.60 -6.07
CA SER A 71 -14.76 -13.16 -7.23
C SER A 71 -16.21 -12.69 -7.31
N ASP A 72 -16.41 -11.42 -7.01
CA ASP A 72 -17.73 -10.83 -7.06
C ASP A 72 -17.80 -9.80 -8.17
N GLY A 73 -16.63 -9.39 -8.64
CA GLY A 73 -16.56 -8.39 -9.67
C GLY A 73 -16.28 -7.03 -9.07
N GLN A 74 -15.71 -7.04 -7.87
CA GLN A 74 -15.40 -5.85 -7.14
C GLN A 74 -14.05 -6.02 -6.48
N LEU A 75 -13.46 -4.93 -6.06
CA LEU A 75 -12.19 -5.00 -5.37
C LEU A 75 -12.32 -4.53 -3.94
N ASP A 76 -12.22 -5.48 -3.03
CA ASP A 76 -12.28 -5.19 -1.62
C ASP A 76 -10.92 -4.63 -1.22
N PHE A 77 -10.74 -4.26 0.03
CA PHE A 77 -9.56 -3.50 0.42
C PHE A 77 -8.28 -4.30 0.17
N SER A 78 -8.28 -5.56 0.58
CA SER A 78 -7.13 -6.43 0.34
C SER A 78 -6.85 -6.55 -1.15
N GLU A 79 -7.91 -6.49 -1.95
CA GLU A 79 -7.80 -6.67 -3.39
C GLU A 79 -7.36 -5.37 -4.05
N PHE A 80 -7.81 -4.25 -3.50
CA PHE A 80 -7.37 -2.94 -3.92
C PHE A 80 -5.92 -2.74 -3.49
N LEU A 81 -5.55 -3.38 -2.39
CA LEU A 81 -4.18 -3.32 -1.90
C LEU A 81 -3.29 -4.30 -2.63
N ASN A 82 -3.89 -5.34 -3.19
CA ASN A 82 -3.17 -6.20 -4.11
C ASN A 82 -2.79 -5.37 -5.32
N LEU A 83 -3.76 -4.58 -5.75
CA LEU A 83 -3.56 -3.58 -6.77
C LEU A 83 -2.44 -2.64 -6.39
N ILE A 84 -2.59 -2.01 -5.24
CA ILE A 84 -1.59 -1.10 -4.70
C ILE A 84 -0.22 -1.76 -4.68
N GLY A 85 -0.21 -3.08 -4.48
CA GLY A 85 1.01 -3.84 -4.53
C GLY A 85 1.63 -3.81 -5.92
N GLY A 86 0.82 -4.12 -6.93
CA GLY A 86 1.33 -4.17 -8.29
C GLY A 86 1.69 -2.79 -8.78
N LEU A 87 0.92 -1.82 -8.31
CA LEU A 87 1.15 -0.43 -8.61
C LEU A 87 2.47 0.02 -8.05
N ALA A 88 2.60 -0.11 -6.73
CA ALA A 88 3.81 0.29 -6.04
C ALA A 88 5.01 -0.42 -6.60
N MET A 89 4.83 -1.70 -6.88
CA MET A 89 5.89 -2.52 -7.42
C MET A 89 6.35 -1.98 -8.76
N ALA A 90 5.40 -1.49 -9.55
CA ALA A 90 5.71 -0.91 -10.83
C ALA A 90 6.37 0.46 -10.65
N CYS A 91 5.93 1.19 -9.65
CA CYS A 91 6.48 2.51 -9.36
C CYS A 91 7.89 2.40 -8.80
N HIS A 92 8.12 1.37 -8.00
CA HIS A 92 9.46 1.08 -7.47
C HIS A 92 10.35 0.62 -8.60
N ASP A 93 9.80 -0.25 -9.43
CA ASP A 93 10.51 -0.77 -10.58
C ASP A 93 10.90 0.36 -11.53
N SER A 94 9.99 1.32 -11.68
CA SER A 94 10.22 2.50 -12.49
C SER A 94 11.25 3.39 -11.85
N PHE A 95 11.13 3.57 -10.54
CA PHE A 95 11.99 4.46 -9.78
C PHE A 95 13.45 4.02 -9.93
N LEU A 96 13.65 2.71 -10.02
CA LEU A 96 14.98 2.15 -10.16
C LEU A 96 15.49 2.30 -11.60
N LYS A 97 14.58 2.24 -12.55
CA LYS A 97 14.94 2.37 -13.96
C LYS A 97 15.06 3.84 -14.35
N ALA A 98 14.38 4.68 -13.59
CA ALA A 98 14.35 6.10 -13.85
C ALA A 98 15.45 6.83 -13.09
N VAL A 99 15.31 6.89 -11.78
CA VAL A 99 16.25 7.61 -10.93
C VAL A 99 15.94 7.35 -9.45
N PRO A 100 16.65 6.40 -8.85
CA PRO A 100 16.48 6.08 -7.45
C PRO A 100 17.19 7.09 -6.55
N SER A 101 16.74 8.33 -6.62
CA SER A 101 17.27 9.41 -5.81
C SER A 101 16.98 9.16 -4.34
N GLN A 102 15.78 8.69 -4.07
CA GLN A 102 15.42 8.28 -2.73
C GLN A 102 15.94 6.88 -2.44
N LYS A 103 17.09 6.81 -1.80
CA LYS A 103 17.67 5.55 -1.41
C LYS A 103 18.06 5.59 0.07
N ARG A 104 19.34 5.52 0.39
CA ARG A 104 19.78 5.57 1.79
C ARG A 104 19.50 6.96 2.37
N THR A 105 18.41 7.06 3.13
CA THR A 105 18.02 8.31 3.76
C THR A 105 17.53 9.33 2.71
N MET B 1 -0.64 20.25 -23.60
CA MET B 1 -1.43 20.64 -22.41
C MET B 1 -2.21 19.45 -21.90
N ALA B 2 -2.78 19.59 -20.69
CA ALA B 2 -3.56 18.53 -20.07
C ALA B 2 -2.74 17.26 -19.94
N LYS B 3 -1.51 17.41 -19.49
CA LYS B 3 -0.60 16.29 -19.32
C LYS B 3 -1.04 15.40 -18.17
N ILE B 4 -1.26 16.03 -17.02
CA ILE B 4 -1.72 15.33 -15.82
C ILE B 4 -0.78 14.17 -15.47
N SER B 5 0.43 14.52 -15.07
CA SER B 5 1.40 13.55 -14.61
C SER B 5 1.55 13.65 -13.10
N SER B 6 0.57 14.28 -12.48
CA SER B 6 0.54 14.44 -11.04
C SER B 6 -0.12 13.23 -10.39
N PRO B 7 0.47 12.71 -9.31
CA PRO B 7 -0.06 11.54 -8.62
C PRO B 7 -1.20 11.90 -7.69
N THR B 8 -2.03 10.93 -7.36
CA THR B 8 -3.11 11.14 -6.43
C THR B 8 -2.73 10.65 -5.06
N GLU B 9 -3.70 10.61 -4.16
CA GLU B 9 -3.48 10.16 -2.80
C GLU B 9 -2.80 8.80 -2.78
N THR B 10 -3.37 7.84 -3.50
CA THR B 10 -2.84 6.49 -3.53
C THR B 10 -1.48 6.45 -4.20
N GLU B 11 -1.33 7.19 -5.28
CA GLU B 11 -0.11 7.14 -6.06
C GLU B 11 1.06 7.73 -5.29
N ARG B 12 0.83 8.87 -4.67
CA ARG B 12 1.87 9.52 -3.87
C ARG B 12 2.16 8.68 -2.65
N CYS B 13 1.13 8.01 -2.16
CA CYS B 13 1.23 7.16 -0.99
C CYS B 13 1.98 5.89 -1.35
N ILE B 14 1.77 5.44 -2.56
CA ILE B 14 2.51 4.34 -3.12
C ILE B 14 4.00 4.64 -3.15
N GLU B 15 4.34 5.84 -3.63
CA GLU B 15 5.72 6.23 -3.81
C GLU B 15 6.37 6.43 -2.47
N SER B 16 5.53 6.71 -1.49
CA SER B 16 6.01 6.91 -0.16
C SER B 16 6.32 5.57 0.49
N LEU B 17 5.66 4.52 0.03
CA LEU B 17 6.05 3.16 0.40
C LEU B 17 7.39 2.87 -0.24
N ILE B 18 7.56 3.31 -1.50
CA ILE B 18 8.85 3.25 -2.16
C ILE B 18 9.90 3.97 -1.33
N ALA B 19 9.50 5.11 -0.76
CA ALA B 19 10.40 5.91 0.05
C ALA B 19 10.87 5.14 1.28
N VAL B 20 9.94 4.73 2.14
CA VAL B 20 10.30 4.06 3.39
C VAL B 20 10.96 2.71 3.09
N PHE B 21 10.46 2.02 2.08
CA PHE B 21 11.01 0.73 1.74
C PHE B 21 12.44 0.86 1.22
N GLN B 22 12.65 1.74 0.27
CA GLN B 22 13.94 1.84 -0.42
C GLN B 22 15.04 2.28 0.53
N LYS B 23 14.69 3.09 1.52
CA LYS B 23 15.69 3.59 2.44
C LYS B 23 16.10 2.53 3.46
N TYR B 24 15.14 1.74 3.92
CA TYR B 24 15.43 0.72 4.92
C TYR B 24 15.86 -0.62 4.31
N ALA B 25 15.18 -1.00 3.24
CA ALA B 25 15.47 -2.26 2.56
C ALA B 25 16.72 -2.13 1.68
N GLY B 26 17.10 -0.90 1.40
CA GLY B 26 18.28 -0.64 0.61
C GLY B 26 19.55 -0.84 1.42
N LYS B 27 19.38 -1.15 2.69
CA LYS B 27 20.51 -1.35 3.60
C LYS B 27 21.23 -2.65 3.29
N ASP B 28 20.49 -3.73 3.11
CA ASP B 28 21.09 -5.01 2.77
C ASP B 28 21.51 -5.00 1.30
N GLY B 29 20.78 -4.22 0.51
CA GLY B 29 21.17 -3.91 -0.86
C GLY B 29 21.36 -5.12 -1.77
N TYR B 30 20.90 -6.29 -1.35
CA TYR B 30 21.10 -7.49 -2.16
C TYR B 30 20.14 -7.51 -3.34
N ASN B 31 18.86 -7.68 -3.06
CA ASN B 31 17.83 -7.63 -4.10
C ASN B 31 16.74 -6.66 -3.70
N TYR B 32 17.14 -5.65 -2.92
CA TYR B 32 16.22 -4.65 -2.38
C TYR B 32 15.18 -5.32 -1.47
N THR B 33 15.67 -5.79 -0.34
CA THR B 33 14.87 -6.51 0.63
C THR B 33 15.15 -5.98 2.02
N LEU B 34 14.10 -5.86 2.81
CA LEU B 34 14.22 -5.41 4.18
C LEU B 34 14.53 -6.59 5.06
N SER B 35 15.79 -6.66 5.46
CA SER B 35 16.30 -7.80 6.19
C SER B 35 15.69 -7.88 7.57
N LYS B 36 15.98 -8.97 8.28
CA LYS B 36 15.32 -9.26 9.54
C LYS B 36 15.44 -8.08 10.49
N THR B 37 16.66 -7.75 10.87
CA THR B 37 16.91 -6.70 11.85
C THR B 37 16.49 -5.33 11.33
N GLU B 38 16.62 -5.14 10.03
CA GLU B 38 16.20 -3.89 9.41
C GLU B 38 14.71 -3.77 9.63
N PHE B 39 13.99 -4.81 9.27
CA PHE B 39 12.54 -4.81 9.40
C PHE B 39 12.14 -4.60 10.85
N LEU B 40 12.87 -5.26 11.74
CA LEU B 40 12.59 -5.15 13.16
C LEU B 40 12.67 -3.70 13.62
N SER B 41 13.74 -3.03 13.21
CA SER B 41 13.97 -1.65 13.62
C SER B 41 12.99 -0.71 12.94
N PHE B 42 12.76 -0.94 11.65
CA PHE B 42 12.01 -0.02 10.80
C PHE B 42 10.52 -0.28 10.87
N MET B 43 10.13 -1.46 11.28
CA MET B 43 8.74 -1.70 11.62
C MET B 43 8.47 -1.18 13.02
N ASN B 44 9.51 -1.08 13.83
CA ASN B 44 9.36 -0.52 15.16
C ASN B 44 9.56 1.00 15.13
N THR B 45 9.97 1.52 13.98
CA THR B 45 10.04 2.96 13.81
C THR B 45 8.88 3.45 12.97
N GLU B 46 8.81 2.93 11.75
CA GLU B 46 7.81 3.39 10.81
C GLU B 46 6.48 2.72 11.07
N LEU B 47 6.50 1.62 11.79
CA LEU B 47 5.24 0.94 12.12
C LEU B 47 5.09 0.74 13.62
N ALA B 48 5.79 1.56 14.38
CA ALA B 48 5.68 1.57 15.83
C ALA B 48 4.23 1.64 16.30
N ALA B 49 3.39 2.34 15.54
CA ALA B 49 1.97 2.46 15.85
C ALA B 49 1.31 1.08 15.93
N PHE B 50 1.70 0.22 15.00
CA PHE B 50 1.17 -1.13 14.93
C PHE B 50 1.94 -2.06 15.84
N THR B 51 3.26 -1.96 15.76
CA THR B 51 4.17 -2.80 16.52
C THR B 51 3.92 -2.71 18.02
N LYS B 52 3.97 -1.50 18.56
CA LYS B 52 3.87 -1.31 19.99
C LYS B 52 2.50 -1.67 20.51
N ASN B 53 1.55 -1.83 19.60
CA ASN B 53 0.18 -2.12 19.97
C ASN B 53 0.03 -3.59 20.33
N GLN B 54 0.95 -4.42 19.84
CA GLN B 54 0.92 -5.85 20.10
C GLN B 54 2.32 -6.43 20.13
N LYS B 55 2.84 -6.61 21.36
CA LYS B 55 4.19 -7.13 21.58
C LYS B 55 5.24 -6.15 21.07
N ASP B 56 6.50 -6.58 21.01
CA ASP B 56 7.56 -5.71 20.52
C ASP B 56 8.37 -6.38 19.39
N PRO B 57 9.29 -7.34 19.65
CA PRO B 57 10.09 -7.93 18.60
C PRO B 57 9.45 -9.16 17.94
N GLY B 58 8.92 -10.07 18.76
CA GLY B 58 8.44 -11.34 18.26
C GLY B 58 7.31 -11.20 17.28
N VAL B 59 6.60 -10.09 17.34
CA VAL B 59 5.48 -9.85 16.44
C VAL B 59 5.98 -9.57 15.03
N LEU B 60 7.03 -8.78 14.93
CA LEU B 60 7.62 -8.46 13.64
C LEU B 60 8.26 -9.71 13.08
N ASP B 61 8.58 -10.62 13.99
CA ASP B 61 9.14 -11.92 13.64
C ASP B 61 8.09 -12.73 12.91
N ARG B 62 6.87 -12.66 13.43
CA ARG B 62 5.73 -13.33 12.84
C ARG B 62 5.44 -12.75 11.47
N MET B 63 5.52 -11.41 11.39
CA MET B 63 5.31 -10.71 10.13
C MET B 63 6.33 -11.16 9.12
N MET B 64 7.60 -11.06 9.49
CA MET B 64 8.69 -11.47 8.64
C MET B 64 8.41 -12.82 8.01
N LYS B 65 8.18 -13.83 8.83
CA LYS B 65 8.05 -15.19 8.32
C LYS B 65 6.74 -15.40 7.56
N LYS B 66 5.75 -14.55 7.84
CA LYS B 66 4.51 -14.57 7.10
C LYS B 66 4.71 -14.00 5.69
N LEU B 67 5.42 -12.89 5.65
CA LEU B 67 5.56 -12.10 4.44
C LEU B 67 6.74 -12.57 3.61
N ASP B 68 7.77 -13.08 4.29
CA ASP B 68 8.98 -13.61 3.65
C ASP B 68 8.62 -14.78 2.74
N THR B 69 8.08 -14.41 1.62
CA THR B 69 7.65 -15.34 0.63
C THR B 69 8.80 -15.62 -0.32
N ASN B 70 9.79 -14.75 -0.26
CA ASN B 70 11.04 -14.95 -0.97
C ASN B 70 11.86 -16.00 -0.24
N SER B 71 11.42 -16.24 1.00
CA SER B 71 11.95 -17.26 1.87
C SER B 71 13.44 -17.11 2.06
N ASP B 72 13.87 -15.87 2.20
CA ASP B 72 15.28 -15.58 2.40
C ASP B 72 15.50 -15.02 3.80
N GLY B 73 14.40 -14.59 4.41
CA GLY B 73 14.48 -13.99 5.72
C GLY B 73 14.47 -12.49 5.63
N GLN B 74 13.95 -12.00 4.51
CA GLN B 74 13.87 -10.59 4.24
C GLN B 74 12.53 -10.29 3.60
N LEU B 75 12.16 -9.03 3.59
CA LEU B 75 10.92 -8.63 2.96
C LEU B 75 11.18 -7.73 1.78
N ASP B 76 10.95 -8.29 0.61
CA ASP B 76 11.09 -7.55 -0.63
C ASP B 76 9.87 -6.65 -0.77
N PHE B 77 9.79 -5.86 -1.82
CA PHE B 77 8.78 -4.82 -1.89
C PHE B 77 7.37 -5.41 -1.88
N SER B 78 7.16 -6.44 -2.70
CA SER B 78 5.87 -7.11 -2.72
C SER B 78 5.53 -7.68 -1.35
N GLU B 79 6.55 -8.09 -0.61
CA GLU B 79 6.37 -8.73 0.68
C GLU B 79 6.15 -7.67 1.76
N PHE B 80 6.82 -6.53 1.60
CA PHE B 80 6.59 -5.38 2.46
C PHE B 80 5.22 -4.79 2.17
N LEU B 81 4.77 -4.95 0.93
CA LEU B 81 3.46 -4.48 0.53
C LEU B 81 2.37 -5.47 0.92
N ASN B 82 2.75 -6.74 1.07
CA ASN B 82 1.87 -7.71 1.67
C ASN B 82 1.61 -7.29 3.10
N LEU B 83 2.69 -6.87 3.74
CA LEU B 83 2.65 -6.26 5.05
C LEU B 83 1.72 -5.06 5.04
N ILE B 84 2.03 -4.11 4.16
CA ILE B 84 1.22 -2.91 3.99
C ILE B 84 -0.25 -3.28 3.79
N GLY B 85 -0.48 -4.42 3.17
CA GLY B 85 -1.83 -4.92 3.00
C GLY B 85 -2.47 -5.25 4.32
N GLY B 86 -1.76 -6.03 5.14
CA GLY B 86 -2.31 -6.44 6.43
C GLY B 86 -2.44 -5.27 7.37
N LEU B 87 -1.49 -4.36 7.23
CA LEU B 87 -1.48 -3.12 7.99
C LEU B 87 -2.68 -2.28 7.65
N ALA B 88 -2.80 -1.94 6.38
CA ALA B 88 -3.89 -1.12 5.90
C ALA B 88 -5.21 -1.75 6.22
N MET B 89 -5.27 -3.06 6.04
CA MET B 89 -6.48 -3.80 6.32
C MET B 89 -6.88 -3.68 7.77
N ALA B 90 -5.88 -3.66 8.65
CA ALA B 90 -6.12 -3.51 10.07
C ALA B 90 -6.52 -2.07 10.39
N CYS B 91 -5.92 -1.12 9.67
CA CYS B 91 -6.22 0.29 9.86
C CYS B 91 -7.61 0.62 9.34
N HIS B 92 -8.00 -0.02 8.25
CA HIS B 92 -9.34 0.13 7.70
C HIS B 92 -10.34 -0.52 8.63
N ASP B 93 -9.98 -1.70 9.10
CA ASP B 93 -10.81 -2.44 10.04
C ASP B 93 -11.01 -1.65 11.32
N SER B 94 -9.95 -0.98 11.76
CA SER B 94 -10.00 -0.13 12.93
C SER B 94 -10.83 1.11 12.65
N PHE B 95 -10.64 1.70 11.48
CA PHE B 95 -11.31 2.92 11.09
C PHE B 95 -12.82 2.73 11.14
N LEU B 96 -13.25 1.53 10.79
CA LEU B 96 -14.66 1.19 10.78
C LEU B 96 -15.19 0.93 12.19
N LYS B 97 -14.32 0.39 13.04
CA LYS B 97 -14.70 0.10 14.42
C LYS B 97 -14.56 1.35 15.29
N ALA B 98 -13.73 2.27 14.83
CA ALA B 98 -13.44 3.48 15.56
C ALA B 98 -14.38 4.61 15.13
N VAL B 99 -14.20 5.09 13.90
CA VAL B 99 -14.96 6.21 13.38
C VAL B 99 -14.66 6.41 11.90
N PRO B 100 -15.51 5.86 11.03
CA PRO B 100 -15.36 6.02 9.60
C PRO B 100 -15.84 7.38 9.12
N SER B 101 -15.17 8.42 9.60
CA SER B 101 -15.48 9.79 9.22
C SER B 101 -15.20 10.00 7.74
N GLN B 102 -14.10 9.43 7.27
CA GLN B 102 -13.77 9.45 5.87
C GLN B 102 -14.52 8.34 5.15
N LYS B 103 -15.64 8.71 4.55
CA LYS B 103 -16.44 7.79 3.78
C LYS B 103 -16.76 8.39 2.41
N ARG B 104 -18.03 8.65 2.12
CA ARG B 104 -18.40 9.25 0.84
C ARG B 104 -17.87 10.68 0.74
N THR B 105 -16.75 10.84 0.05
CA THR B 105 -16.13 12.14 -0.15
C THR B 105 -15.51 12.64 1.17
N MET A 1 1.37 4.16 26.04
CA MET A 1 1.03 5.59 25.91
C MET A 1 0.91 5.97 24.43
N ALA A 2 -0.12 6.73 24.10
CA ALA A 2 -0.34 7.13 22.71
C ALA A 2 -0.97 8.52 22.65
N LYS A 3 -0.39 9.46 23.39
CA LYS A 3 -0.86 10.84 23.37
C LYS A 3 -0.47 11.49 22.06
N ILE A 4 0.72 11.17 21.58
CA ILE A 4 1.19 11.66 20.30
C ILE A 4 1.24 10.53 19.29
N SER A 5 0.14 10.31 18.60
CA SER A 5 0.05 9.25 17.61
C SER A 5 0.58 9.75 16.27
N SER A 6 1.90 9.78 16.14
CA SER A 6 2.53 10.26 14.92
C SER A 6 2.46 9.21 13.82
N PRO A 7 1.83 9.54 12.69
CA PRO A 7 1.80 8.66 11.53
C PRO A 7 3.10 8.74 10.74
N THR A 8 3.46 7.65 10.13
CA THR A 8 4.67 7.60 9.34
C THR A 8 4.34 7.65 7.86
N GLU A 9 5.36 7.42 7.03
CA GLU A 9 5.18 7.47 5.59
C GLU A 9 4.38 6.26 5.11
N THR A 10 4.57 5.12 5.75
CA THR A 10 3.83 3.93 5.38
C THR A 10 2.46 3.93 6.00
N GLU A 11 2.35 4.38 7.24
CA GLU A 11 1.06 4.45 7.90
C GLU A 11 0.14 5.41 7.16
N ARG A 12 0.68 6.57 6.79
CA ARG A 12 -0.10 7.55 6.07
C ARG A 12 -0.45 7.03 4.69
N CYS A 13 0.45 6.23 4.11
CA CYS A 13 0.19 5.56 2.85
C CYS A 13 -1.01 4.65 3.02
N ILE A 14 -0.98 3.92 4.11
CA ILE A 14 -1.99 2.97 4.45
C ILE A 14 -3.33 3.65 4.68
N GLU A 15 -3.30 4.78 5.35
CA GLU A 15 -4.50 5.52 5.67
C GLU A 15 -5.00 6.21 4.42
N SER A 16 -4.09 6.40 3.48
CA SER A 16 -4.45 6.95 2.19
C SER A 16 -5.29 5.94 1.43
N LEU A 17 -4.86 4.70 1.44
CA LEU A 17 -5.61 3.63 0.82
C LEU A 17 -6.93 3.45 1.53
N ILE A 18 -6.89 3.57 2.85
CA ILE A 18 -8.10 3.57 3.64
C ILE A 18 -9.04 4.67 3.16
N ALA A 19 -8.47 5.84 2.93
CA ALA A 19 -9.24 7.00 2.50
C ALA A 19 -9.83 6.81 1.11
N VAL A 20 -8.97 6.61 0.11
CA VAL A 20 -9.45 6.48 -1.28
C VAL A 20 -10.37 5.29 -1.39
N PHE A 21 -10.04 4.20 -0.71
CA PHE A 21 -10.91 3.03 -0.76
C PHE A 21 -12.25 3.36 -0.13
N GLN A 22 -12.25 4.12 0.94
CA GLN A 22 -13.48 4.45 1.63
C GLN A 22 -14.34 5.34 0.77
N LYS A 23 -13.75 6.42 0.29
CA LYS A 23 -14.49 7.42 -0.45
C LYS A 23 -14.99 6.88 -1.80
N TYR A 24 -14.19 6.03 -2.45
CA TYR A 24 -14.56 5.51 -3.75
C TYR A 24 -15.40 4.24 -3.67
N ALA A 25 -15.02 3.34 -2.79
CA ALA A 25 -15.74 2.08 -2.63
C ALA A 25 -17.01 2.30 -1.83
N GLY A 26 -17.08 3.44 -1.15
CA GLY A 26 -18.24 3.75 -0.33
C GLY A 26 -19.48 4.05 -1.14
N LYS A 27 -19.32 4.14 -2.45
CA LYS A 27 -20.41 4.45 -3.36
C LYS A 27 -21.36 3.27 -3.53
N ASP A 28 -20.84 2.07 -3.35
CA ASP A 28 -21.62 0.86 -3.58
C ASP A 28 -22.31 0.39 -2.30
N GLY A 29 -22.44 1.28 -1.33
CA GLY A 29 -23.07 0.91 -0.09
C GLY A 29 -22.08 0.81 1.05
N TYR A 30 -21.29 1.88 1.22
CA TYR A 30 -20.23 1.95 2.21
C TYR A 30 -18.98 1.24 1.71
N ASN A 31 -17.89 1.45 2.42
CA ASN A 31 -16.55 1.11 1.97
C ASN A 31 -16.23 -0.38 2.07
N TYR A 32 -17.05 -1.24 1.48
CA TYR A 32 -16.78 -2.67 1.53
C TYR A 32 -16.05 -3.13 0.27
N THR A 33 -16.50 -2.65 -0.89
CA THR A 33 -15.92 -3.05 -2.16
C THR A 33 -16.00 -1.93 -3.19
N LEU A 34 -14.91 -1.73 -3.90
CA LEU A 34 -14.83 -0.77 -5.00
C LEU A 34 -15.32 -1.45 -6.26
N SER A 35 -16.54 -1.11 -6.65
CA SER A 35 -17.22 -1.74 -7.76
C SER A 35 -16.46 -1.48 -9.05
N LYS A 36 -16.80 -2.21 -10.11
CA LYS A 36 -16.08 -2.12 -11.35
C LYS A 36 -16.01 -0.70 -11.85
N THR A 37 -17.17 -0.10 -12.12
CA THR A 37 -17.22 1.25 -12.66
C THR A 37 -16.56 2.25 -11.71
N GLU A 38 -16.69 2.00 -10.41
CA GLU A 38 -16.03 2.82 -9.42
C GLU A 38 -14.53 2.69 -9.66
N PHE A 39 -14.05 1.47 -9.64
CA PHE A 39 -12.64 1.20 -9.84
C PHE A 39 -12.17 1.78 -11.15
N LEU A 40 -13.04 1.72 -12.15
CA LEU A 40 -12.73 2.25 -13.46
C LEU A 40 -12.43 3.75 -13.40
N SER A 41 -13.38 4.52 -12.89
CA SER A 41 -13.23 5.97 -12.85
C SER A 41 -12.15 6.37 -11.85
N PHE A 42 -12.06 5.64 -10.75
CA PHE A 42 -11.15 5.98 -9.66
C PHE A 42 -9.76 5.47 -9.96
N MET A 43 -9.67 4.51 -10.87
CA MET A 43 -8.41 4.17 -11.51
C MET A 43 -7.97 5.31 -12.42
N ASN A 44 -8.88 5.83 -13.22
CA ASN A 44 -8.55 6.91 -14.14
C ASN A 44 -8.26 8.21 -13.41
N THR A 45 -8.69 8.32 -12.17
CA THR A 45 -8.46 9.54 -11.41
C THR A 45 -7.34 9.35 -10.39
N GLU A 46 -7.50 8.37 -9.53
CA GLU A 46 -6.54 8.13 -8.46
C GLU A 46 -5.37 7.29 -8.93
N LEU A 47 -5.49 6.66 -10.09
CA LEU A 47 -4.36 5.95 -10.64
C LEU A 47 -4.12 6.32 -12.08
N ALA A 48 -4.40 7.57 -12.39
CA ALA A 48 -4.22 8.09 -13.73
C ALA A 48 -2.76 8.02 -14.16
N ALA A 49 -1.86 8.00 -13.19
CA ALA A 49 -0.44 7.81 -13.49
C ALA A 49 -0.22 6.51 -14.24
N PHE A 50 -0.94 5.48 -13.79
CA PHE A 50 -0.87 4.17 -14.38
C PHE A 50 -1.82 4.06 -15.57
N THR A 51 -3.08 4.38 -15.30
CA THR A 51 -4.16 4.21 -16.27
C THR A 51 -3.91 4.99 -17.56
N LYS A 52 -3.60 6.26 -17.43
CA LYS A 52 -3.50 7.14 -18.59
C LYS A 52 -2.23 6.85 -19.37
N ASN A 53 -1.29 6.19 -18.72
CA ASN A 53 -0.05 5.82 -19.38
C ASN A 53 -0.28 4.57 -20.22
N GLN A 54 -1.19 3.72 -19.76
CA GLN A 54 -1.58 2.53 -20.52
C GLN A 54 -2.56 2.92 -21.62
N LYS A 55 -3.36 3.93 -21.33
CA LYS A 55 -4.30 4.54 -22.30
C LYS A 55 -5.54 3.66 -22.53
N ASP A 56 -5.33 2.42 -22.90
CA ASP A 56 -6.43 1.50 -23.20
C ASP A 56 -7.21 1.16 -21.93
N PRO A 57 -8.53 1.48 -21.91
CA PRO A 57 -9.38 1.29 -20.73
C PRO A 57 -9.55 -0.17 -20.33
N GLY A 58 -9.23 -1.07 -21.25
CA GLY A 58 -9.36 -2.49 -20.98
C GLY A 58 -8.40 -2.95 -19.91
N VAL A 59 -7.38 -2.14 -19.61
CA VAL A 59 -6.42 -2.50 -18.60
C VAL A 59 -7.05 -2.56 -17.22
N LEU A 60 -7.89 -1.57 -16.92
CA LEU A 60 -8.52 -1.51 -15.62
C LEU A 60 -9.43 -2.72 -15.46
N ASP A 61 -9.85 -3.22 -16.60
CA ASP A 61 -10.67 -4.43 -16.64
C ASP A 61 -9.81 -5.61 -16.27
N ARG A 62 -8.63 -5.66 -16.86
CA ARG A 62 -7.67 -6.72 -16.59
C ARG A 62 -7.27 -6.70 -15.12
N MET A 63 -7.01 -5.50 -14.60
CA MET A 63 -6.68 -5.32 -13.19
C MET A 63 -7.82 -5.85 -12.36
N MET A 64 -9.01 -5.31 -12.61
CA MET A 64 -10.21 -5.72 -11.90
C MET A 64 -10.33 -7.23 -11.84
N LYS A 65 -10.27 -7.89 -12.99
CA LYS A 65 -10.50 -9.34 -13.03
C LYS A 65 -9.42 -10.10 -12.27
N LYS A 66 -8.21 -9.55 -12.26
CA LYS A 66 -7.09 -10.16 -11.54
C LYS A 66 -7.28 -10.01 -10.03
N LEU A 67 -7.75 -8.84 -9.64
CA LEU A 67 -7.88 -8.49 -8.24
C LEU A 67 -9.21 -8.96 -7.67
N ASP A 68 -10.23 -8.92 -8.53
CA ASP A 68 -11.58 -9.39 -8.19
C ASP A 68 -11.53 -10.87 -7.88
N THR A 69 -11.07 -11.13 -6.69
CA THR A 69 -10.91 -12.46 -6.18
C THR A 69 -12.21 -12.88 -5.51
N ASN A 70 -13.07 -11.89 -5.25
CA ASN A 70 -14.39 -12.12 -4.73
C ASN A 70 -15.30 -12.58 -5.87
N SER A 71 -14.79 -12.35 -7.07
CA SER A 71 -15.39 -12.80 -8.31
C SER A 71 -16.80 -12.26 -8.53
N ASP A 72 -17.03 -11.05 -8.08
CA ASP A 72 -18.32 -10.42 -8.28
C ASP A 72 -18.17 -9.10 -9.05
N GLY A 73 -16.93 -8.67 -9.23
CA GLY A 73 -16.68 -7.49 -10.03
C GLY A 73 -16.44 -6.27 -9.18
N GLN A 74 -15.89 -6.47 -7.99
CA GLN A 74 -15.54 -5.37 -7.13
C GLN A 74 -14.22 -5.69 -6.44
N LEU A 75 -13.57 -4.67 -5.94
CA LEU A 75 -12.32 -4.88 -5.22
C LEU A 75 -12.50 -4.55 -3.77
N ASP A 76 -12.36 -5.56 -2.95
CA ASP A 76 -12.46 -5.38 -1.51
C ASP A 76 -11.18 -4.79 -0.97
N PHE A 77 -11.20 -4.60 0.32
CA PHE A 77 -10.07 -4.11 1.08
C PHE A 77 -8.74 -4.67 0.56
N SER A 78 -8.62 -6.00 0.54
CA SER A 78 -7.38 -6.64 0.16
C SER A 78 -7.25 -6.74 -1.36
N GLU A 79 -8.37 -6.75 -2.08
CA GLU A 79 -8.34 -6.86 -3.52
C GLU A 79 -7.80 -5.58 -4.15
N PHE A 80 -8.21 -4.45 -3.61
CA PHE A 80 -7.70 -3.15 -4.06
C PHE A 80 -6.26 -2.97 -3.57
N LEU A 81 -5.95 -3.58 -2.45
CA LEU A 81 -4.60 -3.52 -1.90
C LEU A 81 -3.66 -4.46 -2.62
N ASN A 82 -4.19 -5.58 -3.09
CA ASN A 82 -3.41 -6.48 -3.94
C ASN A 82 -2.98 -5.72 -5.17
N LEU A 83 -3.89 -4.90 -5.64
CA LEU A 83 -3.62 -3.97 -6.72
C LEU A 83 -2.50 -3.02 -6.34
N ILE A 84 -2.69 -2.34 -5.22
CA ILE A 84 -1.72 -1.41 -4.70
C ILE A 84 -0.34 -2.06 -4.63
N GLY A 85 -0.31 -3.33 -4.29
CA GLY A 85 0.93 -4.09 -4.30
C GLY A 85 1.56 -4.15 -5.68
N GLY A 86 0.76 -4.47 -6.70
CA GLY A 86 1.31 -4.61 -8.04
C GLY A 86 1.66 -3.27 -8.63
N LEU A 87 0.88 -2.28 -8.24
CA LEU A 87 1.11 -0.90 -8.64
C LEU A 87 2.44 -0.43 -8.10
N ALA A 88 2.60 -0.55 -6.79
CA ALA A 88 3.82 -0.14 -6.12
C ALA A 88 5.01 -0.85 -6.68
N MET A 89 4.81 -2.10 -7.06
CA MET A 89 5.88 -2.89 -7.61
C MET A 89 6.27 -2.37 -8.97
N ALA A 90 5.29 -1.99 -9.77
CA ALA A 90 5.55 -1.45 -11.10
C ALA A 90 6.19 -0.08 -11.01
N CYS A 91 5.70 0.72 -10.06
CA CYS A 91 6.23 2.05 -9.83
C CYS A 91 7.65 1.98 -9.24
N HIS A 92 7.86 1.04 -8.33
CA HIS A 92 9.17 0.86 -7.73
C HIS A 92 10.13 0.32 -8.77
N ASP A 93 9.60 -0.52 -9.66
CA ASP A 93 10.37 -1.06 -10.77
C ASP A 93 10.74 0.06 -11.74
N SER A 94 9.86 1.03 -11.86
CA SER A 94 10.11 2.21 -12.67
C SER A 94 11.30 2.96 -12.10
N PHE A 95 11.30 3.09 -10.78
CA PHE A 95 12.41 3.70 -10.05
C PHE A 95 13.68 2.90 -10.27
N LEU A 96 13.55 1.59 -10.30
CA LEU A 96 14.68 0.69 -10.48
C LEU A 96 15.24 0.82 -11.89
N LYS A 97 14.35 1.07 -12.83
CA LYS A 97 14.71 1.26 -14.22
C LYS A 97 14.98 2.74 -14.51
N ALA A 98 15.14 3.52 -13.44
CA ALA A 98 15.39 4.94 -13.55
C ALA A 98 16.50 5.37 -12.60
N VAL A 99 16.15 5.45 -11.32
CA VAL A 99 17.07 5.86 -10.26
C VAL A 99 16.33 5.82 -8.91
N PRO A 100 16.42 4.69 -8.21
CA PRO A 100 15.71 4.50 -6.95
C PRO A 100 16.39 5.18 -5.79
N SER A 101 17.71 5.17 -5.79
CA SER A 101 18.47 5.85 -4.79
C SER A 101 18.71 7.28 -5.24
N GLN A 102 17.63 7.94 -5.66
CA GLN A 102 17.68 9.33 -6.12
C GLN A 102 17.92 10.29 -4.95
N LYS A 103 19.09 10.15 -4.36
CA LYS A 103 19.50 10.95 -3.23
C LYS A 103 21.02 10.95 -3.16
N ARG A 104 21.57 9.74 -3.10
CA ARG A 104 23.01 9.53 -3.10
C ARG A 104 23.29 8.04 -3.13
N THR A 105 24.52 7.67 -3.46
CA THR A 105 24.89 6.27 -3.53
C THR A 105 25.94 5.93 -2.48
N MET B 1 0.20 12.92 -23.04
CA MET B 1 0.80 14.13 -22.43
C MET B 1 0.93 13.96 -20.92
N ALA B 2 2.07 14.36 -20.38
CA ALA B 2 2.32 14.23 -18.95
C ALA B 2 3.18 15.37 -18.43
N LYS B 3 2.80 16.60 -18.80
CA LYS B 3 3.52 17.77 -18.33
C LYS B 3 3.21 18.01 -16.85
N ILE B 4 1.97 17.76 -16.48
CA ILE B 4 1.55 17.87 -15.09
C ILE B 4 1.26 16.48 -14.54
N SER B 5 2.28 15.86 -13.98
CA SER B 5 2.15 14.52 -13.41
C SER B 5 1.68 14.62 -11.97
N SER B 6 0.38 14.85 -11.80
CA SER B 6 -0.19 14.99 -10.46
C SER B 6 -0.35 13.63 -9.79
N PRO B 7 0.30 13.43 -8.63
CA PRO B 7 0.14 12.21 -7.85
C PRO B 7 -1.13 12.25 -7.04
N THR B 8 -1.72 11.11 -6.82
CA THR B 8 -2.94 11.02 -6.05
C THR B 8 -2.66 10.50 -4.66
N GLU B 9 -3.72 10.19 -3.92
CA GLU B 9 -3.59 9.72 -2.55
C GLU B 9 -3.03 8.29 -2.54
N THR B 10 -3.39 7.50 -3.51
CA THR B 10 -2.90 6.13 -3.60
C THR B 10 -1.53 6.10 -4.23
N GLU B 11 -1.30 6.92 -5.25
CA GLU B 11 0.00 6.97 -5.88
C GLU B 11 1.05 7.45 -4.89
N ARG B 12 0.71 8.49 -4.14
CA ARG B 12 1.65 9.01 -3.15
C ARG B 12 1.84 7.99 -2.04
N CYS B 13 0.80 7.23 -1.74
CA CYS B 13 0.90 6.13 -0.79
C CYS B 13 1.92 5.13 -1.29
N ILE B 14 1.79 4.84 -2.56
CA ILE B 14 2.63 3.88 -3.23
C ILE B 14 4.07 4.35 -3.27
N GLU B 15 4.26 5.64 -3.52
CA GLU B 15 5.59 6.21 -3.60
C GLU B 15 6.16 6.33 -2.21
N SER B 16 5.27 6.35 -1.23
CA SER B 16 5.68 6.35 0.15
C SER B 16 6.31 5.02 0.50
N LEU B 17 5.66 3.95 0.09
CA LEU B 17 6.18 2.61 0.28
C LEU B 17 7.47 2.46 -0.48
N ILE B 18 7.50 3.03 -1.69
CA ILE B 18 8.72 3.08 -2.47
C ILE B 18 9.82 3.76 -1.68
N ALA B 19 9.47 4.87 -1.05
CA ALA B 19 10.41 5.65 -0.27
C ALA B 19 10.91 4.90 0.95
N VAL B 20 10.01 4.53 1.86
CA VAL B 20 10.40 3.85 3.10
C VAL B 20 11.10 2.55 2.78
N PHE B 21 10.60 1.83 1.78
CA PHE B 21 11.24 0.59 1.39
C PHE B 21 12.64 0.85 0.87
N GLN B 22 12.81 1.93 0.12
CA GLN B 22 14.10 2.24 -0.46
C GLN B 22 15.08 2.61 0.64
N LYS B 23 14.68 3.57 1.47
CA LYS B 23 15.57 4.10 2.47
C LYS B 23 15.91 3.05 3.53
N TYR B 24 14.96 2.19 3.88
CA TYR B 24 15.20 1.21 4.93
C TYR B 24 15.78 -0.09 4.40
N ALA B 25 15.27 -0.56 3.27
CA ALA B 25 15.77 -1.79 2.67
C ALA B 25 17.09 -1.55 1.96
N GLY B 26 17.38 -0.28 1.70
CA GLY B 26 18.58 0.09 1.00
C GLY B 26 19.84 -0.15 1.82
N LYS B 27 19.66 -0.47 3.09
CA LYS B 27 20.76 -0.69 4.01
C LYS B 27 21.48 -2.00 3.75
N ASP B 28 20.76 -2.96 3.18
CA ASP B 28 21.30 -4.30 2.96
C ASP B 28 21.93 -4.43 1.57
N GLY B 29 22.24 -3.30 0.96
CA GLY B 29 22.85 -3.32 -0.35
C GLY B 29 21.89 -2.85 -1.42
N TYR B 30 21.32 -1.66 -1.19
CA TYR B 30 20.30 -1.08 -2.06
C TYR B 30 18.93 -1.68 -1.80
N ASN B 31 17.92 -1.04 -2.36
CA ASN B 31 16.53 -1.28 -2.00
C ASN B 31 15.95 -2.56 -2.60
N TYR B 32 16.58 -3.70 -2.35
CA TYR B 32 16.06 -4.96 -2.87
C TYR B 32 15.23 -5.68 -1.83
N THR B 33 15.71 -5.71 -0.59
CA THR B 33 15.03 -6.42 0.49
C THR B 33 15.28 -5.73 1.83
N LEU B 34 14.22 -5.59 2.61
CA LEU B 34 14.29 -5.08 3.96
C LEU B 34 14.61 -6.21 4.91
N SER B 35 15.86 -6.24 5.35
CA SER B 35 16.37 -7.33 6.15
C SER B 35 15.64 -7.39 7.48
N LYS B 36 15.82 -8.49 8.21
CA LYS B 36 15.07 -8.70 9.44
C LYS B 36 15.26 -7.53 10.39
N THR B 37 16.49 -7.29 10.81
CA THR B 37 16.76 -6.23 11.77
C THR B 37 16.32 -4.86 11.24
N GLU B 38 16.45 -4.67 9.94
CA GLU B 38 15.97 -3.46 9.30
C GLU B 38 14.46 -3.38 9.53
N PHE B 39 13.77 -4.43 9.11
CA PHE B 39 12.33 -4.50 9.25
C PHE B 39 11.94 -4.32 10.70
N LEU B 40 12.75 -4.87 11.59
CA LEU B 40 12.50 -4.77 13.01
C LEU B 40 12.47 -3.32 13.47
N SER B 41 13.56 -2.60 13.21
CA SER B 41 13.68 -1.24 13.69
C SER B 41 12.72 -0.32 12.93
N PHE B 42 12.54 -0.59 11.64
CA PHE B 42 11.73 0.25 10.75
C PHE B 42 10.26 -0.08 10.92
N MET B 43 9.98 -1.25 11.45
CA MET B 43 8.66 -1.56 11.97
C MET B 43 8.40 -0.74 13.22
N ASN B 44 9.37 -0.70 14.12
CA ASN B 44 9.20 0.05 15.37
C ASN B 44 9.17 1.55 15.14
N THR B 45 9.66 1.99 13.99
CA THR B 45 9.68 3.42 13.70
C THR B 45 8.57 3.79 12.72
N GLU B 46 8.57 3.15 11.56
CA GLU B 46 7.62 3.46 10.50
C GLU B 46 6.30 2.74 10.70
N LEU B 47 6.27 1.75 11.56
CA LEU B 47 5.01 1.10 11.88
C LEU B 47 4.81 0.99 13.37
N ALA B 48 5.29 1.99 14.08
CA ALA B 48 5.17 2.05 15.52
C ALA B 48 3.71 2.10 15.94
N ALA B 49 2.84 2.58 15.06
CA ALA B 49 1.40 2.56 15.31
C ALA B 49 0.93 1.14 15.58
N PHE B 50 1.47 0.22 14.79
CA PHE B 50 1.15 -1.19 14.91
C PHE B 50 2.03 -1.85 15.96
N THR B 51 3.33 -1.70 15.78
CA THR B 51 4.33 -2.37 16.59
C THR B 51 4.19 -2.05 18.08
N LYS B 52 4.12 -0.78 18.40
CA LYS B 52 4.15 -0.35 19.79
C LYS B 52 2.82 -0.65 20.46
N ASN B 53 1.79 -0.87 19.67
CA ASN B 53 0.49 -1.21 20.19
C ASN B 53 0.46 -2.70 20.56
N GLN B 54 1.21 -3.49 19.81
CA GLN B 54 1.36 -4.91 20.10
C GLN B 54 2.35 -5.10 21.24
N LYS B 55 3.35 -4.21 21.28
CA LYS B 55 4.34 -4.15 22.36
C LYS B 55 5.40 -5.25 22.25
N ASP B 56 4.96 -6.49 22.19
CA ASP B 56 5.87 -7.64 22.12
C ASP B 56 6.62 -7.66 20.78
N PRO B 57 7.97 -7.59 20.83
CA PRO B 57 8.81 -7.52 19.63
C PRO B 57 8.71 -8.76 18.74
N GLY B 58 8.22 -9.85 19.32
CA GLY B 58 8.09 -11.08 18.57
C GLY B 58 7.10 -10.98 17.44
N VAL B 59 6.26 -9.96 17.47
CA VAL B 59 5.27 -9.77 16.43
C VAL B 59 5.93 -9.47 15.11
N LEU B 60 6.94 -8.60 15.12
CA LEU B 60 7.61 -8.23 13.89
C LEU B 60 8.30 -9.45 13.32
N ASP B 61 8.59 -10.38 14.21
CA ASP B 61 9.17 -11.65 13.82
C ASP B 61 8.14 -12.46 13.08
N ARG B 62 6.94 -12.51 13.66
CA ARG B 62 5.82 -13.21 13.07
C ARG B 62 5.47 -12.62 11.72
N MET B 63 5.45 -11.29 11.65
CA MET B 63 5.20 -10.60 10.39
C MET B 63 6.25 -11.00 9.39
N MET B 64 7.51 -10.79 9.77
CA MET B 64 8.64 -11.15 8.92
C MET B 64 8.49 -12.54 8.36
N LYS B 65 8.29 -13.54 9.21
CA LYS B 65 8.24 -14.93 8.76
C LYS B 65 7.06 -15.17 7.81
N LYS B 66 5.98 -14.46 8.02
CA LYS B 66 4.79 -14.57 7.18
C LYS B 66 5.05 -13.95 5.81
N LEU B 67 5.74 -12.83 5.82
CA LEU B 67 5.97 -12.05 4.61
C LEU B 67 7.21 -12.53 3.88
N ASP B 68 8.20 -12.97 4.67
CA ASP B 68 9.44 -13.52 4.15
C ASP B 68 9.15 -14.77 3.35
N THR B 69 8.68 -14.54 2.16
CA THR B 69 8.31 -15.57 1.24
C THR B 69 9.53 -15.96 0.43
N ASN B 70 10.55 -15.11 0.49
CA ASN B 70 11.83 -15.39 -0.13
C ASN B 70 12.60 -16.35 0.77
N SER B 71 12.11 -16.45 2.00
CA SER B 71 12.57 -17.41 2.99
C SER B 71 14.05 -17.23 3.33
N ASP B 72 14.51 -16.00 3.31
CA ASP B 72 15.90 -15.72 3.67
C ASP B 72 15.95 -14.74 4.84
N GLY B 73 14.81 -14.17 5.18
CA GLY B 73 14.74 -13.31 6.35
C GLY B 73 14.74 -11.85 5.98
N GLN B 74 14.22 -11.54 4.81
CA GLN B 74 14.09 -10.16 4.38
C GLN B 74 12.76 -10.00 3.67
N LEU B 75 12.31 -8.77 3.56
CA LEU B 75 11.08 -8.48 2.87
C LEU B 75 11.35 -7.73 1.60
N ASP B 76 11.07 -8.36 0.49
CA ASP B 76 11.23 -7.72 -0.80
C ASP B 76 10.10 -6.77 -1.07
N PHE B 77 10.19 -6.15 -2.22
CA PHE B 77 9.19 -5.24 -2.73
C PHE B 77 7.77 -5.69 -2.39
N SER B 78 7.42 -6.90 -2.81
CA SER B 78 6.07 -7.40 -2.63
C SER B 78 5.88 -7.99 -1.23
N GLU B 79 6.95 -8.44 -0.60
CA GLU B 79 6.86 -9.03 0.73
C GLU B 79 6.53 -7.96 1.77
N PHE B 80 7.16 -6.80 1.63
CA PHE B 80 6.88 -5.67 2.50
C PHE B 80 5.51 -5.08 2.16
N LEU B 81 5.13 -5.21 0.89
CA LEU B 81 3.83 -4.72 0.45
C LEU B 81 2.71 -5.66 0.84
N ASN B 82 3.01 -6.95 0.89
CA ASN B 82 2.07 -7.93 1.40
C ASN B 82 1.73 -7.58 2.83
N LEU B 83 2.77 -7.14 3.53
CA LEU B 83 2.63 -6.60 4.86
C LEU B 83 1.72 -5.39 4.86
N ILE B 84 2.06 -4.42 4.03
CA ILE B 84 1.29 -3.20 3.89
C ILE B 84 -0.19 -3.53 3.65
N GLY B 85 -0.44 -4.60 2.90
CA GLY B 85 -1.79 -5.08 2.69
C GLY B 85 -2.46 -5.49 3.99
N GLY B 86 -1.77 -6.27 4.81
CA GLY B 86 -2.36 -6.76 6.04
C GLY B 86 -2.48 -5.66 7.06
N LEU B 87 -1.53 -4.74 7.01
CA LEU B 87 -1.53 -3.57 7.85
C LEU B 87 -2.75 -2.71 7.55
N ALA B 88 -2.88 -2.35 6.29
CA ALA B 88 -3.97 -1.52 5.84
C ALA B 88 -5.30 -2.15 6.16
N MET B 89 -5.33 -3.47 6.07
CA MET B 89 -6.54 -4.20 6.37
C MET B 89 -6.88 -4.12 7.83
N ALA B 90 -5.86 -4.20 8.68
CA ALA B 90 -6.06 -4.12 10.12
C ALA B 90 -6.44 -2.70 10.52
N CYS B 91 -5.80 -1.73 9.88
CA CYS B 91 -6.07 -0.33 10.13
C CYS B 91 -7.45 0.05 9.61
N HIS B 92 -7.80 -0.46 8.43
CA HIS B 92 -9.11 -0.19 7.85
C HIS B 92 -10.18 -0.87 8.69
N ASP B 93 -9.84 -2.04 9.22
CA ASP B 93 -10.72 -2.78 10.10
C ASP B 93 -10.92 -2.02 11.40
N SER B 94 -9.88 -1.31 11.82
CA SER B 94 -9.94 -0.45 12.99
C SER B 94 -10.96 0.65 12.74
N PHE B 95 -10.89 1.21 11.55
CA PHE B 95 -11.85 2.22 11.10
C PHE B 95 -13.26 1.63 11.08
N LEU B 96 -13.36 0.39 10.66
CA LEU B 96 -14.65 -0.29 10.57
C LEU B 96 -15.21 -0.55 11.96
N LYS B 97 -14.32 -0.79 12.90
CA LYS B 97 -14.69 -1.02 14.28
C LYS B 97 -14.68 0.29 15.05
N ALA B 98 -14.67 1.40 14.31
CA ALA B 98 -14.66 2.72 14.92
C ALA B 98 -15.65 3.64 14.20
N VAL B 99 -15.25 4.08 13.01
CA VAL B 99 -16.05 4.98 12.19
C VAL B 99 -15.29 5.28 10.88
N PRO B 100 -15.57 4.49 9.83
CA PRO B 100 -14.86 4.61 8.57
C PRO B 100 -15.37 5.75 7.72
N SER B 101 -16.68 5.96 7.76
CA SER B 101 -17.28 7.09 7.08
C SER B 101 -17.27 8.29 8.01
N GLN B 102 -16.09 8.56 8.59
CA GLN B 102 -15.91 9.70 9.49
C GLN B 102 -15.94 11.02 8.72
N LYS B 103 -17.09 11.31 8.15
CA LYS B 103 -17.31 12.51 7.38
C LYS B 103 -18.81 12.80 7.37
N ARG B 104 -19.56 11.82 6.91
CA ARG B 104 -21.01 11.88 6.89
C ARG B 104 -21.55 10.53 6.42
N THR B 105 -22.84 10.30 6.64
CA THR B 105 -23.46 9.04 6.24
C THR B 105 -24.52 9.28 5.17
N MET A 1 2.77 2.29 26.35
CA MET A 1 1.85 3.46 26.24
C MET A 1 0.78 3.20 25.20
N ALA A 2 -0.43 3.68 25.47
CA ALA A 2 -1.53 3.55 24.53
C ALA A 2 -1.55 4.73 23.57
N LYS A 3 -0.54 4.80 22.72
CA LYS A 3 -0.41 5.92 21.78
C LYS A 3 -1.23 5.66 20.53
N ILE A 4 -0.74 4.74 19.69
CA ILE A 4 -1.36 4.42 18.39
C ILE A 4 -1.89 5.67 17.68
N SER A 5 -1.02 6.68 17.59
CA SER A 5 -1.38 7.96 17.01
C SER A 5 -0.14 8.58 16.35
N SER A 6 -0.33 9.72 15.68
CA SER A 6 0.74 10.39 14.92
C SER A 6 1.45 9.39 14.01
N PRO A 7 0.92 9.21 12.78
CA PRO A 7 1.37 8.15 11.87
C PRO A 7 2.66 8.53 11.15
N THR A 8 3.32 7.52 10.62
CA THR A 8 4.50 7.73 9.83
C THR A 8 4.13 7.72 8.36
N GLU A 9 5.13 7.75 7.48
CA GLU A 9 4.90 7.78 6.05
C GLU A 9 4.01 6.61 5.62
N THR A 10 4.35 5.40 6.06
CA THR A 10 3.59 4.21 5.70
C THR A 10 2.22 4.24 6.34
N GLU A 11 2.16 4.62 7.60
CA GLU A 11 0.91 4.58 8.34
C GLU A 11 -0.10 5.55 7.76
N ARG A 12 0.36 6.75 7.48
CA ARG A 12 -0.51 7.76 6.89
C ARG A 12 -0.88 7.34 5.47
N CYS A 13 0.07 6.68 4.81
CA CYS A 13 -0.13 6.23 3.44
C CYS A 13 -1.15 5.11 3.43
N ILE A 14 -1.06 4.27 4.45
CA ILE A 14 -2.00 3.20 4.67
C ILE A 14 -3.41 3.76 4.83
N GLU A 15 -3.53 4.82 5.61
CA GLU A 15 -4.83 5.41 5.88
C GLU A 15 -5.31 6.16 4.67
N SER A 16 -4.36 6.58 3.86
CA SER A 16 -4.67 7.28 2.66
C SER A 16 -5.19 6.30 1.61
N LEU A 17 -4.68 5.08 1.64
CA LEU A 17 -5.25 4.00 0.83
C LEU A 17 -6.66 3.73 1.32
N ILE A 18 -6.83 3.77 2.63
CA ILE A 18 -8.16 3.67 3.24
C ILE A 18 -9.05 4.80 2.72
N ALA A 19 -8.51 6.00 2.71
CA ALA A 19 -9.24 7.18 2.30
C ALA A 19 -9.65 7.10 0.83
N VAL A 20 -8.71 6.77 -0.05
CA VAL A 20 -9.02 6.65 -1.46
C VAL A 20 -9.96 5.47 -1.66
N PHE A 21 -9.63 4.34 -1.05
CA PHE A 21 -10.48 3.15 -1.15
C PHE A 21 -11.92 3.48 -0.75
N GLN A 22 -12.03 4.28 0.30
CA GLN A 22 -13.33 4.63 0.87
C GLN A 22 -14.08 5.63 -0.01
N LYS A 23 -13.36 6.48 -0.72
CA LYS A 23 -14.01 7.44 -1.60
C LYS A 23 -14.36 6.80 -2.94
N TYR A 24 -13.60 5.77 -3.32
CA TYR A 24 -13.91 5.01 -4.54
C TYR A 24 -15.12 4.16 -4.28
N ALA A 25 -15.01 3.32 -3.25
CA ALA A 25 -16.07 2.42 -2.84
C ALA A 25 -17.24 3.22 -2.24
N GLY A 26 -16.98 4.48 -1.95
CA GLY A 26 -17.99 5.34 -1.37
C GLY A 26 -18.92 5.93 -2.41
N LYS A 27 -18.79 5.49 -3.65
CA LYS A 27 -19.67 5.94 -4.72
C LYS A 27 -21.00 5.20 -4.64
N ASP A 28 -20.90 3.88 -4.55
CA ASP A 28 -22.08 3.04 -4.31
C ASP A 28 -22.49 3.20 -2.85
N GLY A 29 -21.53 3.59 -2.03
CA GLY A 29 -21.79 3.86 -0.64
C GLY A 29 -21.55 2.65 0.24
N TYR A 30 -20.78 1.71 -0.27
CA TYR A 30 -20.53 0.48 0.47
C TYR A 30 -19.29 0.61 1.34
N ASN A 31 -18.28 1.31 0.83
CA ASN A 31 -17.06 1.64 1.60
C ASN A 31 -16.19 0.42 1.89
N TYR A 32 -16.72 -0.76 1.64
CA TYR A 32 -16.06 -2.00 2.00
C TYR A 32 -15.51 -2.69 0.76
N THR A 33 -16.17 -2.50 -0.37
CA THR A 33 -15.76 -3.11 -1.62
C THR A 33 -15.99 -2.15 -2.79
N LEU A 34 -14.98 -2.08 -3.64
CA LEU A 34 -14.96 -1.19 -4.79
C LEU A 34 -15.61 -1.86 -5.99
N SER A 35 -16.77 -1.37 -6.37
CA SER A 35 -17.53 -1.94 -7.46
C SER A 35 -16.85 -1.64 -8.81
N LYS A 36 -17.29 -2.33 -9.85
CA LYS A 36 -16.63 -2.30 -11.16
C LYS A 36 -16.34 -0.88 -11.61
N THR A 37 -17.41 -0.11 -11.80
CA THR A 37 -17.28 1.25 -12.27
C THR A 37 -16.55 2.14 -11.28
N GLU A 38 -16.65 1.82 -10.00
CA GLU A 38 -16.03 2.65 -8.97
C GLU A 38 -14.52 2.68 -9.18
N PHE A 39 -13.92 1.53 -9.46
CA PHE A 39 -12.50 1.51 -9.72
C PHE A 39 -12.20 1.92 -11.13
N LEU A 40 -13.06 1.59 -12.05
CA LEU A 40 -12.93 2.05 -13.42
C LEU A 40 -12.71 3.56 -13.45
N SER A 41 -13.46 4.26 -12.63
CA SER A 41 -13.44 5.71 -12.65
C SER A 41 -12.28 6.23 -11.82
N PHE A 42 -12.08 5.60 -10.68
CA PHE A 42 -11.08 6.05 -9.73
C PHE A 42 -9.69 5.54 -10.05
N MET A 43 -9.61 4.48 -10.81
CA MET A 43 -8.33 4.06 -11.39
C MET A 43 -7.94 4.98 -12.53
N ASN A 44 -8.90 5.35 -13.37
CA ASN A 44 -8.61 6.27 -14.47
C ASN A 44 -8.22 7.64 -13.95
N THR A 45 -8.74 8.02 -12.80
CA THR A 45 -8.44 9.34 -12.25
C THR A 45 -7.23 9.28 -11.35
N GLU A 46 -7.36 8.52 -10.28
CA GLU A 46 -6.34 8.49 -9.25
C GLU A 46 -5.16 7.63 -9.67
N LEU A 47 -5.26 6.96 -10.81
CA LEU A 47 -4.18 6.17 -11.34
C LEU A 47 -4.00 6.42 -12.82
N ALA A 48 -4.50 7.57 -13.28
CA ALA A 48 -4.27 8.05 -14.64
C ALA A 48 -2.80 7.93 -15.05
N ALA A 49 -1.89 8.07 -14.08
CA ALA A 49 -0.46 7.92 -14.35
C ALA A 49 -0.16 6.55 -14.91
N PHE A 50 -0.82 5.54 -14.35
CA PHE A 50 -0.65 4.16 -14.77
C PHE A 50 -1.58 3.81 -15.92
N THR A 51 -2.82 4.24 -15.80
CA THR A 51 -3.88 3.85 -16.70
C THR A 51 -3.85 4.60 -18.03
N LYS A 52 -3.90 5.91 -17.96
CA LYS A 52 -4.14 6.74 -19.14
C LYS A 52 -2.88 6.97 -19.95
N ASN A 53 -1.76 6.46 -19.46
CA ASN A 53 -0.48 6.70 -20.11
C ASN A 53 -0.41 6.03 -21.48
N GLN A 54 -1.12 4.91 -21.62
CA GLN A 54 -1.14 4.09 -22.83
C GLN A 54 -1.75 2.73 -22.51
N LYS A 55 -1.76 2.41 -21.22
CA LYS A 55 -2.23 1.12 -20.73
C LYS A 55 -3.68 0.86 -21.15
N ASP A 56 -4.48 1.92 -21.24
CA ASP A 56 -5.89 1.83 -21.65
C ASP A 56 -6.77 1.22 -20.55
N PRO A 57 -7.92 1.84 -20.26
CA PRO A 57 -8.81 1.46 -19.15
C PRO A 57 -9.27 0.01 -19.18
N GLY A 58 -9.07 -0.67 -20.31
CA GLY A 58 -9.40 -2.08 -20.39
C GLY A 58 -8.53 -2.91 -19.46
N VAL A 59 -7.39 -2.36 -19.07
CA VAL A 59 -6.51 -3.03 -18.13
C VAL A 59 -7.18 -3.17 -16.78
N LEU A 60 -7.97 -2.17 -16.41
CA LEU A 60 -8.63 -2.17 -15.11
C LEU A 60 -9.62 -3.32 -15.05
N ASP A 61 -9.99 -3.81 -16.22
CA ASP A 61 -10.87 -4.96 -16.33
C ASP A 61 -10.09 -6.24 -16.07
N ARG A 62 -8.81 -6.18 -16.39
CA ARG A 62 -7.91 -7.28 -16.13
C ARG A 62 -7.54 -7.26 -14.65
N MET A 63 -7.31 -6.06 -14.15
CA MET A 63 -7.06 -5.83 -12.73
C MET A 63 -8.25 -6.30 -11.94
N MET A 64 -9.44 -5.88 -12.38
CA MET A 64 -10.69 -6.30 -11.78
C MET A 64 -10.69 -7.77 -11.47
N LYS A 65 -10.51 -8.58 -12.48
CA LYS A 65 -10.68 -10.02 -12.35
C LYS A 65 -9.51 -10.67 -11.61
N LYS A 66 -8.37 -10.01 -11.64
CA LYS A 66 -7.22 -10.45 -10.87
C LYS A 66 -7.45 -10.23 -9.38
N LEU A 67 -8.08 -9.11 -9.08
CA LEU A 67 -8.24 -8.66 -7.71
C LEU A 67 -9.60 -9.06 -7.14
N ASP A 68 -10.57 -9.24 -8.02
CA ASP A 68 -11.91 -9.65 -7.62
C ASP A 68 -11.89 -11.09 -7.12
N THR A 69 -11.24 -11.24 -6.00
CA THR A 69 -11.11 -12.50 -5.33
C THR A 69 -12.43 -12.84 -4.62
N ASN A 70 -13.28 -11.82 -4.52
CA ASN A 70 -14.58 -11.95 -3.89
C ASN A 70 -15.57 -12.47 -4.92
N SER A 71 -15.09 -12.48 -6.17
CA SER A 71 -15.82 -13.00 -7.32
C SER A 71 -17.22 -12.42 -7.43
N ASP A 72 -17.34 -11.13 -7.16
CA ASP A 72 -18.62 -10.44 -7.26
C ASP A 72 -18.51 -9.32 -8.29
N GLY A 73 -17.28 -8.95 -8.60
CA GLY A 73 -17.06 -7.84 -9.51
C GLY A 73 -16.66 -6.61 -8.75
N GLN A 74 -16.19 -6.81 -7.53
CA GLN A 74 -15.79 -5.72 -6.67
C GLN A 74 -14.42 -6.02 -6.08
N LEU A 75 -13.75 -4.99 -5.64
CA LEU A 75 -12.43 -5.13 -5.05
C LEU A 75 -12.46 -4.72 -3.61
N ASP A 76 -12.15 -5.66 -2.75
CA ASP A 76 -12.21 -5.39 -1.34
C ASP A 76 -10.90 -4.82 -0.88
N PHE A 77 -10.87 -4.41 0.37
CA PHE A 77 -9.73 -3.72 0.94
C PHE A 77 -8.42 -4.44 0.68
N SER A 78 -8.40 -5.73 0.95
CA SER A 78 -7.23 -6.55 0.73
C SER A 78 -6.84 -6.56 -0.75
N GLU A 79 -7.84 -6.54 -1.61
CA GLU A 79 -7.62 -6.72 -3.03
C GLU A 79 -7.30 -5.40 -3.72
N PHE A 80 -7.86 -4.32 -3.20
CA PHE A 80 -7.48 -2.99 -3.64
C PHE A 80 -6.02 -2.76 -3.30
N LEU A 81 -5.60 -3.37 -2.20
CA LEU A 81 -4.22 -3.29 -1.78
C LEU A 81 -3.35 -4.24 -2.57
N ASN A 82 -3.95 -5.29 -3.11
CA ASN A 82 -3.26 -6.15 -4.05
C ASN A 82 -3.03 -5.37 -5.33
N LEU A 83 -3.99 -4.52 -5.65
CA LEU A 83 -3.85 -3.55 -6.72
C LEU A 83 -2.72 -2.58 -6.41
N ILE A 84 -2.81 -1.95 -5.25
CA ILE A 84 -1.79 -1.03 -4.78
C ILE A 84 -0.43 -1.70 -4.82
N GLY A 85 -0.41 -3.00 -4.54
CA GLY A 85 0.78 -3.78 -4.66
C GLY A 85 1.27 -3.84 -6.10
N GLY A 86 0.36 -4.14 -7.03
CA GLY A 86 0.75 -4.27 -8.42
C GLY A 86 1.22 -2.97 -9.00
N LEU A 87 0.63 -1.90 -8.47
CA LEU A 87 1.00 -0.55 -8.83
C LEU A 87 2.39 -0.23 -8.29
N ALA A 88 2.51 -0.31 -6.97
CA ALA A 88 3.74 0.04 -6.29
C ALA A 88 4.91 -0.78 -6.78
N MET A 89 4.63 -2.05 -7.02
CA MET A 89 5.65 -2.97 -7.45
C MET A 89 6.25 -2.55 -8.78
N ALA A 90 5.39 -2.09 -9.68
CA ALA A 90 5.84 -1.65 -10.99
C ALA A 90 6.59 -0.32 -10.87
N CYS A 91 6.15 0.50 -9.93
CA CYS A 91 6.77 1.80 -9.69
C CYS A 91 8.12 1.64 -9.00
N HIS A 92 8.21 0.68 -8.09
CA HIS A 92 9.46 0.37 -7.41
C HIS A 92 10.42 -0.30 -8.38
N ASP A 93 9.86 -1.15 -9.23
CA ASP A 93 10.63 -1.80 -10.27
C ASP A 93 11.21 -0.75 -11.21
N SER A 94 10.38 0.21 -11.59
CA SER A 94 10.81 1.33 -12.40
C SER A 94 11.86 2.14 -11.65
N PHE A 95 11.61 2.34 -10.37
CA PHE A 95 12.48 3.13 -9.51
C PHE A 95 13.91 2.59 -9.54
N LEU A 96 14.02 1.27 -9.55
CA LEU A 96 15.31 0.61 -9.57
C LEU A 96 15.97 0.72 -10.94
N LYS A 97 15.15 0.61 -11.96
CA LYS A 97 15.62 0.60 -13.34
C LYS A 97 15.71 2.03 -13.88
N ALA A 98 15.33 2.99 -13.04
CA ALA A 98 15.40 4.40 -13.41
C ALA A 98 16.47 5.10 -12.60
N VAL A 99 16.24 5.17 -11.28
CA VAL A 99 17.17 5.83 -10.38
C VAL A 99 16.71 5.66 -8.93
N PRO A 100 17.19 4.61 -8.25
CA PRO A 100 16.80 4.31 -6.90
C PRO A 100 17.68 5.01 -5.87
N SER A 101 18.56 5.87 -6.36
CA SER A 101 19.45 6.64 -5.50
C SER A 101 18.74 7.90 -5.03
N GLN A 102 17.52 7.74 -4.52
CA GLN A 102 16.70 8.86 -4.10
C GLN A 102 16.56 8.86 -2.58
N LYS A 103 17.64 9.19 -1.88
CA LYS A 103 17.60 9.31 -0.43
C LYS A 103 17.49 10.77 -0.03
N ARG A 104 17.75 11.05 1.24
CA ARG A 104 17.82 12.43 1.70
C ARG A 104 19.06 13.11 1.13
N THR A 105 20.15 12.35 1.10
CA THR A 105 21.41 12.85 0.55
C THR A 105 21.29 13.09 -0.95
N MET B 1 -1.45 11.61 -23.88
CA MET B 1 -0.34 12.48 -23.43
C MET B 1 0.64 11.69 -22.57
N ALA B 2 1.92 12.02 -22.69
CA ALA B 2 2.95 11.38 -21.89
C ALA B 2 3.16 12.16 -20.58
N LYS B 3 2.14 12.11 -19.73
CA LYS B 3 2.19 12.84 -18.46
C LYS B 3 2.90 12.03 -17.39
N ILE B 4 2.24 10.98 -16.91
CA ILE B 4 2.73 10.12 -15.82
C ILE B 4 3.45 10.93 -14.74
N SER B 5 2.78 11.99 -14.29
CA SER B 5 3.34 12.91 -13.31
C SER B 5 2.22 13.49 -12.46
N SER B 6 2.59 14.28 -11.44
CA SER B 6 1.65 14.83 -10.46
C SER B 6 0.73 13.73 -9.91
N PRO B 7 1.18 13.05 -8.86
CA PRO B 7 0.51 11.84 -8.34
C PRO B 7 -0.71 12.17 -7.50
N THR B 8 -1.56 11.18 -7.32
CA THR B 8 -2.71 11.31 -6.45
C THR B 8 -2.40 10.73 -5.09
N GLU B 9 -3.41 10.66 -4.23
CA GLU B 9 -3.22 10.13 -2.88
C GLU B 9 -2.57 8.76 -2.90
N THR B 10 -3.10 7.86 -3.71
CA THR B 10 -2.58 6.50 -3.81
C THR B 10 -1.21 6.49 -4.45
N GLU B 11 -1.04 7.26 -5.51
CA GLU B 11 0.20 7.25 -6.25
C GLU B 11 1.35 7.77 -5.40
N ARG B 12 1.11 8.87 -4.72
CA ARG B 12 2.12 9.44 -3.85
C ARG B 12 2.37 8.50 -2.68
N CYS B 13 1.31 7.84 -2.24
CA CYS B 13 1.37 6.92 -1.13
C CYS B 13 2.16 5.69 -1.53
N ILE B 14 1.96 5.29 -2.76
CA ILE B 14 2.70 4.21 -3.36
C ILE B 14 4.19 4.51 -3.37
N GLU B 15 4.53 5.74 -3.75
CA GLU B 15 5.92 6.15 -3.83
C GLU B 15 6.48 6.34 -2.46
N SER B 16 5.60 6.62 -1.53
CA SER B 16 5.99 6.80 -0.17
C SER B 16 6.30 5.46 0.47
N LEU B 17 5.57 4.42 0.04
CA LEU B 17 5.92 3.06 0.42
C LEU B 17 7.27 2.72 -0.17
N ILE B 18 7.48 3.17 -1.40
CA ILE B 18 8.79 3.05 -2.04
C ILE B 18 9.86 3.75 -1.21
N ALA B 19 9.54 4.96 -0.77
CA ALA B 19 10.46 5.77 0.00
C ALA B 19 10.80 5.13 1.33
N VAL B 20 9.79 4.69 2.08
CA VAL B 20 10.03 4.03 3.34
C VAL B 20 10.74 2.71 3.11
N PHE B 21 10.23 1.94 2.16
CA PHE B 21 10.84 0.65 1.82
C PHE B 21 12.32 0.85 1.50
N GLN B 22 12.62 1.92 0.80
CA GLN B 22 13.97 2.19 0.35
C GLN B 22 14.86 2.67 1.48
N LYS B 23 14.28 3.36 2.46
CA LYS B 23 15.07 3.82 3.60
C LYS B 23 15.25 2.72 4.63
N TYR B 24 14.31 1.76 4.65
CA TYR B 24 14.43 0.60 5.53
C TYR B 24 15.49 -0.33 4.95
N ALA B 25 15.26 -0.72 3.71
CA ALA B 25 16.15 -1.60 2.98
C ALA B 25 17.46 -0.88 2.66
N GLY B 26 17.44 0.44 2.83
CA GLY B 26 18.62 1.25 2.55
C GLY B 26 19.61 1.26 3.69
N LYS B 27 19.35 0.46 4.72
CA LYS B 27 20.26 0.36 5.85
C LYS B 27 21.44 -0.54 5.47
N ASP B 28 21.11 -1.71 4.94
CA ASP B 28 22.12 -2.61 4.39
C ASP B 28 22.60 -2.04 3.07
N GLY B 29 21.74 -1.23 2.46
CA GLY B 29 22.10 -0.55 1.23
C GLY B 29 21.67 -1.33 0.01
N TYR B 30 20.73 -2.24 0.18
CA TYR B 30 20.29 -3.08 -0.92
C TYR B 30 19.13 -2.44 -1.66
N ASN B 31 18.23 -1.78 -0.91
CA ASN B 31 17.12 -0.99 -1.47
C ASN B 31 16.06 -1.86 -2.14
N TYR B 32 16.36 -3.13 -2.33
CA TYR B 32 15.50 -4.03 -3.06
C TYR B 32 14.79 -4.99 -2.11
N THR B 33 15.44 -5.32 -1.01
CA THR B 33 14.89 -6.24 -0.03
C THR B 33 15.24 -5.79 1.38
N LEU B 34 14.24 -5.84 2.25
CA LEU B 34 14.35 -5.40 3.64
C LEU B 34 14.82 -6.53 4.51
N SER B 35 16.04 -6.43 5.00
CA SER B 35 16.65 -7.47 5.81
C SER B 35 15.99 -7.52 7.19
N LYS B 36 16.26 -8.59 7.92
CA LYS B 36 15.58 -8.89 9.18
C LYS B 36 15.54 -7.67 10.10
N THR B 37 16.71 -7.23 10.51
CA THR B 37 16.82 -6.12 11.42
C THR B 37 16.29 -4.82 10.81
N GLU B 38 16.38 -4.70 9.49
CA GLU B 38 15.95 -3.47 8.83
C GLU B 38 14.47 -3.24 9.08
N PHE B 39 13.67 -4.30 8.98
CA PHE B 39 12.25 -4.14 9.26
C PHE B 39 11.98 -4.18 10.74
N LEU B 40 12.76 -4.97 11.45
CA LEU B 40 12.66 -4.98 12.90
C LEU B 40 12.71 -3.55 13.45
N SER B 41 13.60 -2.76 12.89
CA SER B 41 13.85 -1.42 13.41
C SER B 41 12.83 -0.45 12.85
N PHE B 42 12.55 -0.61 11.57
CA PHE B 42 11.68 0.30 10.86
C PHE B 42 10.20 -0.03 11.03
N MET B 43 9.90 -1.26 11.39
CA MET B 43 8.57 -1.61 11.83
C MET B 43 8.31 -1.07 13.23
N ASN B 44 9.29 -1.19 14.10
CA ASN B 44 9.14 -0.67 15.46
C ASN B 44 9.01 0.84 15.47
N THR B 45 9.63 1.50 14.49
CA THR B 45 9.59 2.95 14.43
C THR B 45 8.42 3.44 13.60
N GLU B 46 8.44 3.07 12.34
CA GLU B 46 7.47 3.57 11.39
C GLU B 46 6.14 2.84 11.52
N LEU B 47 6.10 1.82 12.36
CA LEU B 47 4.85 1.11 12.62
C LEU B 47 4.68 0.88 14.11
N ALA B 48 5.37 1.68 14.92
CA ALA B 48 5.18 1.71 16.35
C ALA B 48 3.70 1.72 16.76
N ALA B 49 2.86 2.35 15.93
CA ALA B 49 1.43 2.38 16.17
C ALA B 49 0.86 0.96 16.25
N PHE B 50 1.34 0.12 15.36
CA PHE B 50 0.91 -1.27 15.27
C PHE B 50 1.73 -2.16 16.21
N THR B 51 3.03 -1.94 16.21
CA THR B 51 3.97 -2.81 16.88
C THR B 51 4.03 -2.55 18.39
N LYS B 52 4.32 -1.32 18.77
CA LYS B 52 4.67 -1.01 20.16
C LYS B 52 3.44 -0.84 21.03
N ASN B 53 2.27 -0.95 20.43
CA ASN B 53 1.04 -0.71 21.17
C ASN B 53 0.80 -1.79 22.23
N GLN B 54 1.29 -2.99 21.95
CA GLN B 54 1.13 -4.17 22.82
C GLN B 54 1.49 -5.42 22.04
N LYS B 55 1.49 -5.28 20.71
CA LYS B 55 1.74 -6.39 19.80
C LYS B 55 3.10 -7.05 20.04
N ASP B 56 4.07 -6.24 20.48
CA ASP B 56 5.43 -6.71 20.79
C ASP B 56 6.21 -7.05 19.51
N PRO B 57 7.47 -6.60 19.42
CA PRO B 57 8.31 -6.73 18.21
C PRO B 57 8.49 -8.17 17.74
N GLY B 58 8.15 -9.14 18.58
CA GLY B 58 8.21 -10.53 18.16
C GLY B 58 7.24 -10.83 17.04
N VAL B 59 6.24 -9.96 16.88
CA VAL B 59 5.28 -10.11 15.81
C VAL B 59 5.95 -9.89 14.46
N LEU B 60 6.92 -9.00 14.44
CA LEU B 60 7.61 -8.68 13.19
C LEU B 60 8.38 -9.88 12.71
N ASP B 61 8.62 -10.80 13.63
CA ASP B 61 9.28 -12.06 13.31
C ASP B 61 8.29 -13.01 12.65
N ARG B 62 7.03 -12.85 13.02
CA ARG B 62 5.94 -13.60 12.43
C ARG B 62 5.64 -13.02 11.06
N MET B 63 5.65 -11.69 11.01
CA MET B 63 5.49 -10.95 9.76
C MET B 63 6.60 -11.34 8.81
N MET B 64 7.82 -11.32 9.34
CA MET B 64 9.00 -11.72 8.59
C MET B 64 8.74 -12.97 7.79
N LYS B 65 8.38 -14.04 8.48
CA LYS B 65 8.31 -15.34 7.86
C LYS B 65 7.06 -15.49 6.99
N LYS B 66 6.06 -14.68 7.27
CA LYS B 66 4.86 -14.63 6.44
C LYS B 66 5.18 -13.94 5.11
N LEU B 67 6.02 -12.92 5.18
CA LEU B 67 6.30 -12.08 4.05
C LEU B 67 7.57 -12.49 3.33
N ASP B 68 8.47 -13.13 4.06
CA ASP B 68 9.74 -13.62 3.50
C ASP B 68 9.48 -14.77 2.55
N THR B 69 8.84 -14.42 1.46
CA THR B 69 8.51 -15.33 0.40
C THR B 69 9.77 -15.63 -0.41
N ASN B 70 10.78 -14.81 -0.19
CA ASN B 70 12.06 -14.95 -0.86
C ASN B 70 12.90 -15.96 -0.10
N SER B 71 12.39 -16.32 1.08
CA SER B 71 12.98 -17.31 1.97
C SER B 71 14.46 -17.07 2.22
N ASP B 72 14.82 -15.81 2.40
CA ASP B 72 16.20 -15.44 2.69
C ASP B 72 16.26 -14.73 4.03
N GLY B 73 15.11 -14.27 4.49
CA GLY B 73 15.06 -13.52 5.73
C GLY B 73 14.92 -12.04 5.45
N GLN B 74 14.45 -11.74 4.25
CA GLN B 74 14.27 -10.36 3.83
C GLN B 74 12.90 -10.20 3.21
N LEU B 75 12.45 -8.97 3.17
CA LEU B 75 11.15 -8.67 2.61
C LEU B 75 11.29 -7.81 1.40
N ASP B 76 10.83 -8.32 0.28
CA ASP B 76 10.99 -7.60 -0.96
C ASP B 76 9.82 -6.69 -1.16
N PHE B 77 9.90 -5.88 -2.19
CA PHE B 77 8.93 -4.83 -2.45
C PHE B 77 7.50 -5.35 -2.42
N SER B 78 7.26 -6.45 -3.11
CA SER B 78 5.94 -7.08 -3.14
C SER B 78 5.52 -7.52 -1.74
N GLU B 79 6.48 -7.96 -0.95
CA GLU B 79 6.18 -8.58 0.33
C GLU B 79 6.09 -7.54 1.43
N PHE B 80 6.85 -6.47 1.29
CA PHE B 80 6.70 -5.32 2.17
C PHE B 80 5.32 -4.74 1.98
N LEU B 81 4.82 -4.84 0.75
CA LEU B 81 3.50 -4.37 0.43
C LEU B 81 2.45 -5.36 0.88
N ASN B 82 2.84 -6.63 1.00
CA ASN B 82 1.98 -7.61 1.62
C ASN B 82 1.84 -7.29 3.09
N LEU B 83 2.93 -6.79 3.65
CA LEU B 83 2.93 -6.23 5.00
C LEU B 83 2.01 -5.03 5.06
N ILE B 84 2.25 -4.06 4.19
CA ILE B 84 1.42 -2.87 4.08
C ILE B 84 -0.04 -3.26 3.94
N GLY B 85 -0.28 -4.36 3.24
CA GLY B 85 -1.59 -4.91 3.13
C GLY B 85 -2.13 -5.36 4.46
N GLY B 86 -1.32 -6.12 5.22
CA GLY B 86 -1.78 -6.64 6.48
C GLY B 86 -2.01 -5.54 7.49
N LEU B 87 -1.23 -4.50 7.34
CA LEU B 87 -1.36 -3.31 8.14
C LEU B 87 -2.64 -2.58 7.79
N ALA B 88 -2.74 -2.17 6.53
CA ALA B 88 -3.88 -1.40 6.04
C ALA B 88 -5.17 -2.12 6.26
N MET B 89 -5.15 -3.42 6.05
CA MET B 89 -6.33 -4.24 6.17
C MET B 89 -6.88 -4.19 7.59
N ALA B 90 -5.98 -4.22 8.56
CA ALA B 90 -6.38 -4.17 9.96
C ALA B 90 -6.88 -2.78 10.31
N CYS B 91 -6.27 -1.78 9.70
CA CYS B 91 -6.64 -0.39 9.93
C CYS B 91 -7.98 -0.06 9.27
N HIS B 92 -8.21 -0.62 8.09
CA HIS B 92 -9.47 -0.45 7.40
C HIS B 92 -10.56 -1.22 8.11
N ASP B 93 -10.19 -2.40 8.60
CA ASP B 93 -11.10 -3.21 9.39
C ASP B 93 -11.52 -2.46 10.64
N SER B 94 -10.53 -1.85 11.29
CA SER B 94 -10.78 -1.00 12.45
C SER B 94 -11.64 0.18 12.06
N PHE B 95 -11.33 0.75 10.91
CA PHE B 95 -12.01 1.93 10.39
C PHE B 95 -13.51 1.69 10.28
N LEU B 96 -13.86 0.49 9.85
CA LEU B 96 -15.25 0.09 9.68
C LEU B 96 -15.92 -0.15 11.03
N LYS B 97 -15.16 -0.75 11.93
CA LYS B 97 -15.67 -1.14 13.24
C LYS B 97 -15.51 0.00 14.24
N ALA B 98 -14.95 1.11 13.77
CA ALA B 98 -14.78 2.30 14.59
C ALA B 98 -15.68 3.42 14.09
N VAL B 99 -15.40 3.89 12.88
CA VAL B 99 -16.16 4.98 12.28
C VAL B 99 -15.69 5.24 10.85
N PRO B 100 -16.33 4.58 9.88
CA PRO B 100 -15.95 4.69 8.48
C PRO B 100 -16.65 5.84 7.79
N SER B 101 -17.39 6.62 8.56
CA SER B 101 -18.09 7.78 8.05
C SER B 101 -17.15 8.99 8.01
N GLN B 102 -15.97 8.78 7.44
CA GLN B 102 -14.95 9.82 7.40
C GLN B 102 -14.76 10.31 5.96
N LYS B 103 -15.73 11.05 5.45
CA LYS B 103 -15.62 11.63 4.12
C LYS B 103 -15.24 13.11 4.24
N ARG B 104 -15.41 13.86 3.16
CA ARG B 104 -15.21 15.29 3.21
C ARG B 104 -16.34 15.94 4.01
N THR B 105 -17.55 15.43 3.81
CA THR B 105 -18.71 15.93 4.52
C THR B 105 -18.60 15.63 6.02
N MET A 1 8.59 10.46 24.93
CA MET A 1 8.07 10.48 26.32
C MET A 1 6.64 9.97 26.37
N ALA A 2 5.72 10.75 25.81
CA ALA A 2 4.31 10.40 25.83
C ALA A 2 3.57 11.06 24.66
N LYS A 3 2.31 10.69 24.49
CA LYS A 3 1.46 11.25 23.44
C LYS A 3 2.09 11.03 22.07
N ILE A 4 2.50 9.80 21.80
CA ILE A 4 3.14 9.46 20.54
C ILE A 4 2.13 9.02 19.49
N SER A 5 1.06 9.80 19.36
CA SER A 5 0.02 9.50 18.39
C SER A 5 0.37 10.09 17.02
N SER A 6 1.65 10.25 16.78
CA SER A 6 2.15 10.77 15.52
C SER A 6 2.31 9.62 14.52
N PRO A 7 1.82 9.79 13.29
CA PRO A 7 1.89 8.75 12.27
C PRO A 7 3.24 8.75 11.56
N THR A 8 3.39 7.84 10.63
CA THR A 8 4.59 7.75 9.83
C THR A 8 4.22 7.82 8.37
N GLU A 9 5.20 7.82 7.50
CA GLU A 9 4.95 7.89 6.07
C GLU A 9 4.05 6.74 5.63
N THR A 10 4.46 5.51 5.94
CA THR A 10 3.70 4.33 5.54
C THR A 10 2.35 4.28 6.24
N GLU A 11 2.31 4.66 7.51
CA GLU A 11 1.08 4.58 8.29
C GLU A 11 0.05 5.61 7.82
N ARG A 12 0.50 6.81 7.53
CA ARG A 12 -0.40 7.84 7.02
C ARG A 12 -0.82 7.47 5.61
N CYS A 13 0.11 6.86 4.88
CA CYS A 13 -0.13 6.42 3.52
C CYS A 13 -1.11 5.26 3.51
N ILE A 14 -1.04 4.47 4.56
CA ILE A 14 -1.99 3.40 4.79
C ILE A 14 -3.39 3.97 4.98
N GLU A 15 -3.47 5.07 5.72
CA GLU A 15 -4.74 5.71 6.02
C GLU A 15 -5.22 6.43 4.80
N SER A 16 -4.28 6.84 3.97
CA SER A 16 -4.59 7.46 2.73
C SER A 16 -5.25 6.46 1.79
N LEU A 17 -4.76 5.24 1.78
CA LEU A 17 -5.39 4.19 1.01
C LEU A 17 -6.78 3.92 1.58
N ILE A 18 -6.89 4.04 2.90
CA ILE A 18 -8.18 3.98 3.56
C ILE A 18 -9.10 5.09 3.04
N ALA A 19 -8.56 6.30 2.96
CA ALA A 19 -9.30 7.46 2.51
C ALA A 19 -9.75 7.33 1.06
N VAL A 20 -8.81 6.97 0.19
CA VAL A 20 -9.11 6.85 -1.22
C VAL A 20 -10.03 5.67 -1.47
N PHE A 21 -9.75 4.56 -0.81
CA PHE A 21 -10.60 3.38 -0.96
C PHE A 21 -12.02 3.69 -0.51
N GLN A 22 -12.12 4.49 0.53
CA GLN A 22 -13.42 4.86 1.10
C GLN A 22 -14.23 5.62 0.08
N LYS A 23 -13.61 6.58 -0.59
CA LYS A 23 -14.34 7.43 -1.49
C LYS A 23 -14.78 6.70 -2.77
N TYR A 24 -14.03 5.68 -3.21
CA TYR A 24 -14.47 4.92 -4.40
C TYR A 24 -15.42 3.80 -3.99
N ALA A 25 -14.98 2.99 -3.03
CA ALA A 25 -15.72 1.80 -2.62
C ALA A 25 -16.92 2.14 -1.76
N GLY A 26 -16.92 3.33 -1.19
CA GLY A 26 -18.00 3.74 -0.32
C GLY A 26 -19.18 4.31 -1.08
N LYS A 27 -19.14 4.19 -2.40
CA LYS A 27 -20.21 4.72 -3.24
C LYS A 27 -21.38 3.76 -3.28
N ASP A 28 -21.14 2.53 -3.70
CA ASP A 28 -22.17 1.50 -3.70
C ASP A 28 -22.47 1.06 -2.27
N GLY A 29 -21.47 1.23 -1.41
CA GLY A 29 -21.65 1.00 0.01
C GLY A 29 -21.75 -0.47 0.37
N TYR A 30 -21.33 -1.33 -0.54
CA TYR A 30 -21.39 -2.77 -0.30
C TYR A 30 -20.27 -3.19 0.64
N ASN A 31 -20.53 -3.02 1.95
CA ASN A 31 -19.57 -3.32 3.01
C ASN A 31 -18.32 -2.45 2.90
N TYR A 32 -17.40 -2.87 2.05
CA TYR A 32 -16.17 -2.14 1.80
C TYR A 32 -15.52 -2.68 0.54
N THR A 33 -16.26 -2.65 -0.56
CA THR A 33 -15.78 -3.23 -1.81
C THR A 33 -15.99 -2.28 -2.97
N LEU A 34 -14.94 -2.11 -3.76
CA LEU A 34 -14.90 -1.22 -4.91
C LEU A 34 -15.42 -1.96 -6.14
N SER A 35 -16.63 -1.62 -6.54
CA SER A 35 -17.30 -2.32 -7.62
C SER A 35 -16.62 -2.02 -8.97
N LYS A 36 -16.97 -2.82 -9.99
CA LYS A 36 -16.29 -2.80 -11.29
C LYS A 36 -16.08 -1.39 -11.79
N THR A 37 -17.17 -0.68 -12.02
CA THR A 37 -17.10 0.64 -12.57
C THR A 37 -16.46 1.63 -11.60
N GLU A 38 -16.68 1.40 -10.31
CA GLU A 38 -16.16 2.29 -9.28
C GLU A 38 -14.63 2.32 -9.36
N PHE A 39 -14.00 1.19 -9.64
CA PHE A 39 -12.54 1.19 -9.78
C PHE A 39 -12.15 1.55 -11.18
N LEU A 40 -12.93 1.14 -12.14
CA LEU A 40 -12.70 1.54 -13.51
C LEU A 40 -12.52 3.05 -13.61
N SER A 41 -13.34 3.76 -12.86
CA SER A 41 -13.35 5.21 -12.95
C SER A 41 -12.28 5.81 -12.06
N PHE A 42 -12.08 5.20 -10.89
CA PHE A 42 -11.15 5.72 -9.91
C PHE A 42 -9.74 5.23 -10.12
N MET A 43 -9.59 4.15 -10.84
CA MET A 43 -8.30 3.77 -11.40
C MET A 43 -7.95 4.71 -12.56
N ASN A 44 -8.96 5.10 -13.32
CA ASN A 44 -8.75 6.03 -14.44
C ASN A 44 -8.53 7.46 -13.97
N THR A 45 -8.84 7.73 -12.71
CA THR A 45 -8.61 9.07 -12.17
C THR A 45 -7.41 9.09 -11.24
N GLU A 46 -7.52 8.33 -10.17
CA GLU A 46 -6.53 8.35 -9.12
C GLU A 46 -5.32 7.51 -9.50
N LEU A 47 -5.43 6.77 -10.59
CA LEU A 47 -4.33 5.96 -11.07
C LEU A 47 -4.14 6.13 -12.55
N ALA A 48 -4.62 7.25 -13.07
CA ALA A 48 -4.47 7.55 -14.49
C ALA A 48 -2.99 7.68 -14.85
N ALA A 49 -2.19 8.00 -13.84
CA ALA A 49 -0.74 8.01 -13.97
C ALA A 49 -0.25 6.65 -14.44
N PHE A 50 -0.83 5.59 -13.89
CA PHE A 50 -0.52 4.23 -14.27
C PHE A 50 -1.35 3.81 -15.48
N THR A 51 -2.67 3.88 -15.29
CA THR A 51 -3.64 3.35 -16.23
C THR A 51 -3.49 3.92 -17.63
N LYS A 52 -3.55 5.24 -17.75
CA LYS A 52 -3.58 5.88 -19.05
C LYS A 52 -2.18 6.01 -19.62
N ASN A 53 -1.20 5.57 -18.86
CA ASN A 53 0.18 5.62 -19.31
C ASN A 53 0.66 4.22 -19.68
N GLN A 54 -0.21 3.24 -19.47
CA GLN A 54 0.15 1.85 -19.73
C GLN A 54 -1.04 1.06 -20.24
N LYS A 55 -1.19 1.03 -21.57
CA LYS A 55 -2.18 0.19 -22.25
C LYS A 55 -3.61 0.70 -22.04
N ASP A 56 -4.55 0.09 -22.74
CA ASP A 56 -5.98 0.43 -22.63
C ASP A 56 -6.51 0.12 -21.24
N PRO A 57 -7.68 0.71 -20.87
CA PRO A 57 -8.32 0.49 -19.57
C PRO A 57 -8.68 -0.97 -19.32
N GLY A 58 -8.51 -1.80 -20.35
CA GLY A 58 -8.66 -3.23 -20.21
C GLY A 58 -7.70 -3.81 -19.19
N VAL A 59 -6.67 -3.04 -18.87
CA VAL A 59 -5.73 -3.43 -17.84
C VAL A 59 -6.42 -3.50 -16.48
N LEU A 60 -7.31 -2.55 -16.23
CA LEU A 60 -8.04 -2.51 -14.98
C LEU A 60 -8.96 -3.72 -14.89
N ASP A 61 -9.23 -4.28 -16.05
CA ASP A 61 -10.06 -5.48 -16.15
C ASP A 61 -9.26 -6.68 -15.71
N ARG A 62 -7.98 -6.65 -16.00
CA ARG A 62 -7.07 -7.70 -15.56
C ARG A 62 -6.87 -7.56 -14.06
N MET A 63 -6.71 -6.32 -13.63
CA MET A 63 -6.59 -6.00 -12.21
C MET A 63 -7.83 -6.48 -11.50
N MET A 64 -8.99 -6.12 -12.07
CA MET A 64 -10.28 -6.56 -11.56
C MET A 64 -10.24 -8.01 -11.18
N LYS A 65 -9.91 -8.85 -12.13
CA LYS A 65 -10.04 -10.28 -11.98
C LYS A 65 -8.97 -10.88 -11.07
N LYS A 66 -7.84 -10.20 -10.97
CA LYS A 66 -6.82 -10.58 -10.01
C LYS A 66 -7.30 -10.29 -8.59
N LEU A 67 -7.85 -9.10 -8.44
CA LEU A 67 -8.15 -8.54 -7.13
C LEU A 67 -9.56 -8.87 -6.68
N ASP A 68 -10.42 -9.22 -7.61
CA ASP A 68 -11.80 -9.57 -7.29
C ASP A 68 -11.85 -10.89 -6.57
N THR A 69 -11.45 -10.82 -5.32
CA THR A 69 -11.45 -11.94 -4.43
C THR A 69 -12.87 -12.20 -3.91
N ASN A 70 -13.72 -11.22 -4.15
CA ASN A 70 -15.12 -11.30 -3.74
C ASN A 70 -15.91 -12.07 -4.79
N SER A 71 -15.25 -12.30 -5.92
CA SER A 71 -15.79 -13.00 -7.07
C SER A 71 -17.14 -12.44 -7.50
N ASP A 72 -17.29 -11.13 -7.35
CA ASP A 72 -18.52 -10.44 -7.70
C ASP A 72 -18.23 -9.36 -8.72
N GLY A 73 -16.95 -9.01 -8.80
CA GLY A 73 -16.54 -7.90 -9.63
C GLY A 73 -16.23 -6.68 -8.79
N GLN A 74 -15.77 -6.91 -7.57
CA GLN A 74 -15.45 -5.83 -6.66
C GLN A 74 -14.12 -6.08 -5.99
N LEU A 75 -13.48 -5.01 -5.59
CA LEU A 75 -12.18 -5.08 -4.95
C LEU A 75 -12.30 -4.69 -3.50
N ASP A 76 -11.94 -5.60 -2.63
CA ASP A 76 -12.02 -5.31 -1.21
C ASP A 76 -10.71 -4.66 -0.80
N PHE A 77 -10.67 -4.07 0.38
CA PHE A 77 -9.53 -3.25 0.78
C PHE A 77 -8.22 -4.01 0.62
N SER A 78 -8.22 -5.24 1.10
CA SER A 78 -7.06 -6.11 1.03
C SER A 78 -6.60 -6.28 -0.41
N GLU A 79 -7.57 -6.33 -1.32
CA GLU A 79 -7.30 -6.55 -2.72
C GLU A 79 -6.99 -5.25 -3.44
N PHE A 80 -7.57 -4.17 -2.95
CA PHE A 80 -7.23 -2.83 -3.40
C PHE A 80 -5.77 -2.54 -3.05
N LEU A 81 -5.32 -3.15 -1.97
CA LEU A 81 -3.93 -3.03 -1.57
C LEU A 81 -3.06 -3.96 -2.39
N ASN A 82 -3.63 -5.09 -2.78
CA ASN A 82 -2.96 -5.97 -3.74
C ASN A 82 -2.77 -5.20 -5.03
N LEU A 83 -3.77 -4.39 -5.34
CA LEU A 83 -3.70 -3.45 -6.44
C LEU A 83 -2.55 -2.47 -6.24
N ILE A 84 -2.50 -1.85 -5.06
CA ILE A 84 -1.40 -0.96 -4.70
C ILE A 84 -0.07 -1.68 -4.86
N GLY A 85 -0.09 -3.00 -4.67
CA GLY A 85 1.06 -3.80 -4.96
C GLY A 85 1.47 -3.72 -6.42
N GLY A 86 0.54 -4.03 -7.32
CA GLY A 86 0.86 -4.09 -8.73
C GLY A 86 1.20 -2.73 -9.29
N LEU A 87 0.67 -1.72 -8.62
CA LEU A 87 0.93 -0.33 -8.94
C LEU A 87 2.33 0.07 -8.47
N ALA A 88 2.53 -0.04 -7.17
CA ALA A 88 3.78 0.36 -6.54
C ALA A 88 4.95 -0.40 -7.11
N MET A 89 4.75 -1.68 -7.30
CA MET A 89 5.79 -2.57 -7.79
C MET A 89 6.33 -2.09 -9.13
N ALA A 90 5.43 -1.56 -9.96
CA ALA A 90 5.81 -1.07 -11.27
C ALA A 90 6.60 0.24 -11.14
N CYS A 91 6.13 1.10 -10.27
CA CYS A 91 6.77 2.40 -10.05
C CYS A 91 8.09 2.26 -9.29
N HIS A 92 8.17 1.24 -8.44
CA HIS A 92 9.39 0.96 -7.71
C HIS A 92 10.39 0.28 -8.61
N ASP A 93 9.89 -0.60 -9.46
CA ASP A 93 10.72 -1.20 -10.50
C ASP A 93 11.28 -0.11 -11.39
N SER A 94 10.42 0.85 -11.71
CA SER A 94 10.80 2.03 -12.47
C SER A 94 11.85 2.82 -11.69
N PHE A 95 11.63 2.91 -10.39
CA PHE A 95 12.55 3.59 -9.48
C PHE A 95 13.93 2.98 -9.57
N LEU A 96 13.96 1.66 -9.69
CA LEU A 96 15.20 0.92 -9.85
C LEU A 96 15.83 1.23 -11.20
N LYS A 97 14.99 1.28 -12.21
CA LYS A 97 15.43 1.54 -13.57
C LYS A 97 15.85 2.99 -13.74
N ALA A 98 15.27 3.85 -12.92
CA ALA A 98 15.52 5.28 -12.98
C ALA A 98 16.71 5.66 -12.10
N VAL A 99 16.52 5.52 -10.79
CA VAL A 99 17.53 5.91 -9.81
C VAL A 99 17.05 5.55 -8.39
N PRO A 100 17.39 4.35 -7.93
CA PRO A 100 16.86 3.82 -6.68
C PRO A 100 17.69 4.24 -5.47
N SER A 101 18.35 5.38 -5.57
CA SER A 101 19.05 5.97 -4.44
C SER A 101 18.17 7.03 -3.79
N GLN A 102 17.02 7.28 -4.43
CA GLN A 102 16.03 8.26 -3.97
C GLN A 102 16.53 9.69 -4.14
N LYS A 103 15.83 10.44 -4.97
CA LYS A 103 16.14 11.85 -5.15
C LYS A 103 15.16 12.69 -4.33
N ARG A 104 15.41 12.77 -3.04
CA ARG A 104 14.56 13.54 -2.14
C ARG A 104 14.71 15.03 -2.43
N THR A 105 13.65 15.63 -2.94
CA THR A 105 13.64 17.04 -3.24
C THR A 105 12.32 17.66 -2.76
N MET B 1 -5.77 19.67 -19.60
CA MET B 1 -5.22 20.06 -20.92
C MET B 1 -3.90 19.35 -21.18
N ALA B 2 -2.87 19.71 -20.44
CA ALA B 2 -1.55 19.14 -20.61
C ALA B 2 -0.75 19.22 -19.32
N LYS B 3 0.43 18.60 -19.32
CA LYS B 3 1.32 18.61 -18.16
C LYS B 3 0.63 18.06 -16.92
N ILE B 4 -0.01 16.91 -17.08
CA ILE B 4 -0.74 16.28 -15.99
C ILE B 4 0.14 15.33 -15.19
N SER B 5 1.33 15.81 -14.84
CA SER B 5 2.28 15.03 -14.06
C SER B 5 1.99 15.18 -12.57
N SER B 6 0.74 15.47 -12.24
CA SER B 6 0.31 15.60 -10.86
C SER B 6 -0.09 14.23 -10.32
N PRO B 7 0.38 13.88 -9.11
CA PRO B 7 0.09 12.59 -8.51
C PRO B 7 -1.25 12.59 -7.78
N THR B 8 -1.59 11.46 -7.22
CA THR B 8 -2.82 11.32 -6.46
C THR B 8 -2.48 10.82 -5.08
N GLU B 9 -3.48 10.71 -4.23
CA GLU B 9 -3.25 10.24 -2.87
C GLU B 9 -2.59 8.86 -2.88
N THR B 10 -3.21 7.90 -3.57
CA THR B 10 -2.68 6.55 -3.63
C THR B 10 -1.34 6.50 -4.35
N GLU B 11 -1.20 7.28 -5.40
CA GLU B 11 0.02 7.25 -6.19
C GLU B 11 1.20 7.84 -5.45
N ARG B 12 0.97 8.94 -4.75
CA ARG B 12 2.03 9.55 -3.95
C ARG B 12 2.33 8.65 -2.76
N CYS B 13 1.28 8.01 -2.25
CA CYS B 13 1.39 7.10 -1.13
C CYS B 13 2.15 5.86 -1.55
N ILE B 14 1.97 5.49 -2.81
CA ILE B 14 2.71 4.42 -3.41
C ILE B 14 4.21 4.75 -3.44
N GLU B 15 4.50 6.01 -3.77
CA GLU B 15 5.88 6.47 -3.87
C GLU B 15 6.44 6.63 -2.49
N SER B 16 5.56 6.89 -1.56
CA SER B 16 5.94 7.00 -0.18
C SER B 16 6.38 5.64 0.35
N LEU B 17 5.67 4.59 -0.04
CA LEU B 17 6.09 3.24 0.30
C LEU B 17 7.42 2.95 -0.36
N ILE B 18 7.60 3.48 -1.57
CA ILE B 18 8.87 3.42 -2.26
C ILE B 18 9.96 4.10 -1.42
N ALA B 19 9.64 5.29 -0.91
CA ALA B 19 10.57 6.08 -0.12
C ALA B 19 10.93 5.38 1.18
N VAL B 20 9.92 4.92 1.91
CA VAL B 20 10.15 4.28 3.19
C VAL B 20 10.83 2.94 2.98
N PHE B 21 10.39 2.19 2.00
CA PHE B 21 11.00 0.89 1.72
C PHE B 21 12.47 1.09 1.35
N GLN B 22 12.75 2.16 0.64
CA GLN B 22 14.10 2.46 0.19
C GLN B 22 15.01 2.67 1.39
N LYS B 23 14.54 3.43 2.35
CA LYS B 23 15.39 3.78 3.48
C LYS B 23 15.65 2.60 4.42
N TYR B 24 14.71 1.64 4.51
CA TYR B 24 14.96 0.46 5.35
C TYR B 24 15.72 -0.61 4.55
N ALA B 25 15.17 -0.95 3.39
CA ALA B 25 15.70 -2.05 2.58
C ALA B 25 16.97 -1.66 1.85
N GLY B 26 17.20 -0.36 1.72
CA GLY B 26 18.36 0.12 1.00
C GLY B 26 19.60 0.18 1.87
N LYS B 27 19.50 -0.38 3.07
CA LYS B 27 20.62 -0.36 4.01
C LYS B 27 21.59 -1.47 3.69
N ASP B 28 21.12 -2.70 3.66
CA ASP B 28 21.96 -3.84 3.29
C ASP B 28 22.21 -3.81 1.79
N GLY B 29 21.29 -3.19 1.07
CA GLY B 29 21.46 -2.95 -0.35
C GLY B 29 21.32 -4.20 -1.18
N TYR B 30 20.72 -5.24 -0.62
CA TYR B 30 20.53 -6.49 -1.33
C TYR B 30 19.38 -6.36 -2.33
N ASN B 31 19.70 -5.81 -3.50
CA ASN B 31 18.74 -5.56 -4.58
C ASN B 31 17.67 -4.57 -4.14
N TYR B 32 16.66 -5.08 -3.45
CA TYR B 32 15.58 -4.27 -2.93
C TYR B 32 14.79 -5.08 -1.90
N THR B 33 15.49 -5.55 -0.89
CA THR B 33 14.88 -6.43 0.10
C THR B 33 15.23 -5.98 1.52
N LEU B 34 14.19 -5.91 2.34
CA LEU B 34 14.28 -5.46 3.73
C LEU B 34 14.61 -6.65 4.61
N SER B 35 15.86 -6.70 5.08
CA SER B 35 16.35 -7.83 5.83
C SER B 35 15.70 -7.89 7.21
N LYS B 36 15.86 -9.03 7.89
CA LYS B 36 15.16 -9.33 9.15
C LYS B 36 15.19 -8.15 10.11
N THR B 37 16.38 -7.78 10.52
CA THR B 37 16.54 -6.74 11.50
C THR B 37 16.11 -5.39 10.93
N GLU B 38 16.33 -5.20 9.64
CA GLU B 38 16.00 -3.93 9.00
C GLU B 38 14.51 -3.65 9.13
N PHE B 39 13.67 -4.68 9.01
CA PHE B 39 12.24 -4.47 9.20
C PHE B 39 11.87 -4.54 10.65
N LEU B 40 12.53 -5.39 11.39
CA LEU B 40 12.34 -5.45 12.83
C LEU B 40 12.42 -4.05 13.43
N SER B 41 13.38 -3.28 12.95
CA SER B 41 13.64 -1.98 13.52
C SER B 41 12.73 -0.93 12.91
N PHE B 42 12.47 -1.06 11.62
CA PHE B 42 11.68 -0.08 10.91
C PHE B 42 10.19 -0.34 10.98
N MET B 43 9.83 -1.57 11.29
CA MET B 43 8.48 -1.87 11.74
C MET B 43 8.27 -1.34 13.15
N ASN B 44 9.31 -1.42 13.98
CA ASN B 44 9.23 -0.90 15.35
C ASN B 44 9.29 0.62 15.39
N THR B 45 9.68 1.24 14.30
CA THR B 45 9.71 2.70 14.24
C THR B 45 8.56 3.25 13.41
N GLU B 46 8.57 2.89 12.15
CA GLU B 46 7.63 3.44 11.20
C GLU B 46 6.28 2.76 11.31
N LEU B 47 6.22 1.69 12.09
CA LEU B 47 4.98 0.98 12.29
C LEU B 47 4.77 0.67 13.76
N ALA B 48 5.43 1.43 14.61
CA ALA B 48 5.29 1.25 16.05
C ALA B 48 3.85 1.52 16.48
N ALA B 49 3.15 2.30 15.66
CA ALA B 49 1.73 2.52 15.83
C ALA B 49 0.97 1.19 15.83
N PHE B 50 1.38 0.31 14.93
CA PHE B 50 0.82 -1.03 14.84
C PHE B 50 1.53 -1.97 15.80
N THR B 51 2.84 -2.09 15.61
CA THR B 51 3.67 -3.07 16.28
C THR B 51 3.58 -2.99 17.80
N LYS B 52 3.87 -1.82 18.35
CA LYS B 52 3.97 -1.67 19.80
C LYS B 52 2.61 -1.50 20.43
N ASN B 53 1.59 -1.47 19.59
CA ASN B 53 0.23 -1.32 20.06
C ASN B 53 -0.50 -2.66 19.97
N GLN B 54 0.17 -3.65 19.39
CA GLN B 54 -0.44 -4.95 19.18
C GLN B 54 0.58 -6.08 19.36
N LYS B 55 0.68 -6.57 20.60
CA LYS B 55 1.47 -7.77 20.92
C LYS B 55 2.98 -7.47 20.85
N ASP B 56 3.78 -8.45 21.27
CA ASP B 56 5.24 -8.34 21.24
C ASP B 56 5.75 -8.26 19.81
N PRO B 57 7.01 -7.81 19.62
CA PRO B 57 7.65 -7.68 18.29
C PRO B 57 7.74 -9.01 17.55
N GLY B 58 7.39 -10.09 18.25
CA GLY B 58 7.30 -11.40 17.63
C GLY B 58 6.28 -11.42 16.50
N VAL B 59 5.42 -10.41 16.49
CA VAL B 59 4.45 -10.24 15.42
C VAL B 59 5.16 -9.98 14.10
N LEU B 60 6.22 -9.18 14.16
CA LEU B 60 6.98 -8.84 12.97
C LEU B 60 7.67 -10.09 12.46
N ASP B 61 7.80 -11.05 13.34
CA ASP B 61 8.39 -12.35 13.01
C ASP B 61 7.41 -13.17 12.22
N ARG B 62 6.14 -13.00 12.53
CA ARG B 62 5.08 -13.65 11.79
C ARG B 62 4.96 -12.99 10.44
N MET B 63 5.02 -11.65 10.46
CA MET B 63 5.01 -10.87 9.24
C MET B 63 6.18 -11.29 8.37
N MET B 64 7.36 -11.35 8.98
CA MET B 64 8.57 -11.82 8.32
C MET B 64 8.28 -13.03 7.46
N LYS B 65 7.76 -14.06 8.10
CA LYS B 65 7.65 -15.36 7.45
C LYS B 65 6.52 -15.41 6.43
N LYS B 66 5.53 -14.55 6.60
CA LYS B 66 4.49 -14.39 5.60
C LYS B 66 5.05 -13.72 4.36
N LEU B 67 5.82 -12.67 4.60
CA LEU B 67 6.26 -11.76 3.55
C LEU B 67 7.60 -12.17 2.96
N ASP B 68 8.35 -12.97 3.70
CA ASP B 68 9.66 -13.42 3.24
C ASP B 68 9.50 -14.41 2.10
N THR B 69 9.15 -13.86 0.97
CA THR B 69 8.98 -14.59 -0.24
C THR B 69 10.34 -14.90 -0.87
N ASN B 70 11.35 -14.24 -0.33
CA ASN B 70 12.72 -14.41 -0.79
C ASN B 70 13.33 -15.61 -0.09
N SER B 71 12.60 -16.09 0.91
CA SER B 71 12.98 -17.24 1.73
C SER B 71 14.39 -17.11 2.28
N ASP B 72 14.77 -15.87 2.57
CA ASP B 72 16.10 -15.58 3.11
C ASP B 72 15.97 -14.87 4.45
N GLY B 73 14.79 -14.34 4.68
CA GLY B 73 14.55 -13.52 5.86
C GLY B 73 14.48 -12.07 5.49
N GLN B 74 14.03 -11.78 4.28
CA GLN B 74 13.94 -10.41 3.80
C GLN B 74 12.60 -10.17 3.13
N LEU B 75 12.18 -8.94 3.14
CA LEU B 75 10.91 -8.55 2.54
C LEU B 75 11.14 -7.73 1.31
N ASP B 76 10.65 -8.20 0.20
CA ASP B 76 10.82 -7.47 -1.05
C ASP B 76 9.67 -6.50 -1.17
N PHE B 77 9.78 -5.54 -2.07
CA PHE B 77 8.81 -4.44 -2.13
C PHE B 77 7.39 -4.97 -2.20
N SER B 78 7.17 -5.94 -3.07
CA SER B 78 5.87 -6.55 -3.26
C SER B 78 5.35 -7.13 -1.95
N GLU B 79 6.26 -7.64 -1.15
CA GLU B 79 5.91 -8.29 0.11
C GLU B 79 5.81 -7.26 1.23
N PHE B 80 6.61 -6.20 1.12
CA PHE B 80 6.48 -5.06 2.01
C PHE B 80 5.12 -4.42 1.83
N LEU B 81 4.60 -4.52 0.62
CA LEU B 81 3.27 -4.04 0.32
C LEU B 81 2.22 -5.02 0.80
N ASN B 82 2.57 -6.29 0.77
CA ASN B 82 1.73 -7.30 1.38
C ASN B 82 1.63 -7.00 2.87
N LEU B 83 2.75 -6.54 3.42
CA LEU B 83 2.80 -6.02 4.77
C LEU B 83 1.85 -4.86 4.95
N ILE B 84 1.97 -3.87 4.06
CA ILE B 84 1.06 -2.73 4.04
C ILE B 84 -0.39 -3.21 4.00
N GLY B 85 -0.59 -4.37 3.37
CA GLY B 85 -1.88 -5.00 3.41
C GLY B 85 -2.31 -5.34 4.82
N GLY B 86 -1.48 -6.10 5.53
CA GLY B 86 -1.85 -6.58 6.85
C GLY B 86 -1.95 -5.45 7.84
N LEU B 87 -1.24 -4.38 7.54
CA LEU B 87 -1.26 -3.16 8.32
C LEU B 87 -2.54 -2.39 8.06
N ALA B 88 -2.73 -2.02 6.81
CA ALA B 88 -3.87 -1.21 6.39
C ALA B 88 -5.17 -1.88 6.71
N MET B 89 -5.20 -3.18 6.44
CA MET B 89 -6.40 -3.96 6.64
C MET B 89 -6.88 -3.89 8.08
N ALA B 90 -5.94 -3.85 9.00
CA ALA B 90 -6.27 -3.77 10.42
C ALA B 90 -6.80 -2.38 10.78
N CYS B 91 -6.16 -1.36 10.22
CA CYS B 91 -6.54 0.03 10.47
C CYS B 91 -7.83 0.39 9.76
N HIS B 92 -8.08 -0.25 8.62
CA HIS B 92 -9.30 -0.03 7.87
C HIS B 92 -10.44 -0.80 8.52
N ASP B 93 -10.13 -1.99 9.01
CA ASP B 93 -11.09 -2.74 9.79
C ASP B 93 -11.47 -1.95 11.04
N SER B 94 -10.46 -1.31 11.63
CA SER B 94 -10.65 -0.41 12.75
C SER B 94 -11.51 0.77 12.33
N PHE B 95 -11.24 1.26 11.13
CA PHE B 95 -11.98 2.35 10.53
C PHE B 95 -13.47 2.01 10.44
N LEU B 96 -13.73 0.76 10.12
CA LEU B 96 -15.10 0.24 10.07
C LEU B 96 -15.71 0.19 11.45
N LYS B 97 -14.91 -0.27 12.40
CA LYS B 97 -15.32 -0.42 13.78
C LYS B 97 -15.49 0.94 14.44
N ALA B 98 -14.72 1.91 13.95
CA ALA B 98 -14.73 3.26 14.49
C ALA B 98 -15.79 4.13 13.82
N VAL B 99 -15.60 4.40 12.54
CA VAL B 99 -16.48 5.28 11.79
C VAL B 99 -16.03 5.34 10.32
N PRO B 100 -16.56 4.44 9.48
CA PRO B 100 -16.11 4.30 8.11
C PRO B 100 -16.81 5.23 7.14
N SER B 101 -17.24 6.38 7.65
CA SER B 101 -17.79 7.42 6.80
C SER B 101 -16.73 8.47 6.52
N GLN B 102 -15.57 8.29 7.17
CA GLN B 102 -14.41 9.15 7.04
C GLN B 102 -14.65 10.51 7.71
N LYS B 103 -13.86 10.80 8.72
CA LYS B 103 -13.90 12.09 9.38
C LYS B 103 -12.76 12.97 8.87
N ARG B 104 -12.95 13.54 7.68
CA ARG B 104 -11.95 14.39 7.08
C ARG B 104 -11.84 15.70 7.86
N THR B 105 -10.70 15.89 8.50
CA THR B 105 -10.45 17.09 9.26
C THR B 105 -9.04 17.59 8.98
#